data_5NF8
#
_entry.id   5NF8
#
_entity_poly.entity_id   1
_entity_poly.type   'polypeptide(L)'
_entity_poly.pdbx_seq_one_letter_code
;MSRMPSSFDVTERDLDDMTFGERIIYHCKKQPLVPIGCLLTTGAVILAAQNVRLGNKWKAQYYFRWRVGLQAATLVALVA
GSFIYGTSGKELKAKEEQLKEKAKMREKLWIQELERREEETEARRKRAELARMKTLENEEEIKNLEKELSDLENKLGKKE
FRVPGSHHHHHHHH
;
_entity_poly.pdbx_strand_id   A,B
#
# COMPACT_ATOMS: atom_id res chain seq x y z
N MET A 1 -7.41 -11.52 29.82
CA MET A 1 -6.87 -12.74 30.48
C MET A 1 -5.49 -13.10 29.95
N SER A 2 -4.62 -13.58 30.85
CA SER A 2 -3.26 -13.96 30.48
C SER A 2 -3.27 -15.12 29.49
N ARG A 3 -4.10 -16.14 29.76
CA ARG A 3 -4.22 -17.29 28.88
C ARG A 3 -5.34 -17.07 27.85
N MET A 4 -5.18 -16.03 27.04
CA MET A 4 -6.17 -15.69 26.01
C MET A 4 -5.50 -14.99 24.83
N PRO A 5 -4.80 -15.76 23.96
CA PRO A 5 -4.11 -15.22 22.79
C PRO A 5 -5.05 -14.48 21.83
N SER A 6 -4.99 -13.16 21.87
CA SER A 6 -5.84 -12.33 21.01
C SER A 6 -5.06 -11.81 19.78
N SER A 7 -3.73 -11.94 19.81
CA SER A 7 -2.86 -11.50 18.72
C SER A 7 -2.73 -9.97 18.72
N PHE A 8 -1.50 -9.50 18.93
CA PHE A 8 -1.20 -8.06 18.96
C PHE A 8 0.04 -7.78 18.11
N ASP A 9 -0.08 -8.02 16.80
CA ASP A 9 1.02 -7.80 15.86
C ASP A 9 1.27 -6.31 15.66
N VAL A 10 2.49 -5.87 15.99
CA VAL A 10 2.88 -4.47 15.82
C VAL A 10 3.34 -4.22 14.39
N THR A 11 2.38 -3.95 13.50
CA THR A 11 2.67 -3.69 12.10
C THR A 11 2.97 -2.21 11.86
N GLU A 12 3.96 -1.96 10.99
CA GLU A 12 4.34 -0.59 10.65
C GLU A 12 3.30 0.08 9.77
N ARG A 13 2.60 -0.71 8.95
CA ARG A 13 1.56 -0.19 8.06
C ARG A 13 0.16 -0.33 8.67
N ASP A 14 0.08 -0.31 10.00
CA ASP A 14 -1.20 -0.42 10.70
C ASP A 14 -2.10 0.77 10.34
N LEU A 15 -1.55 1.98 10.51
CA LEU A 15 -2.29 3.20 10.19
C LEU A 15 -2.41 3.39 8.67
N ASP A 16 -1.41 2.88 7.93
CA ASP A 16 -1.41 2.98 6.47
C ASP A 16 -2.66 2.33 5.87
N ASP A 17 -3.08 1.21 6.46
CA ASP A 17 -4.27 0.50 5.98
C ASP A 17 -5.50 1.42 6.02
N MET A 18 -5.63 2.19 7.11
CA MET A 18 -6.73 3.12 7.26
C MET A 18 -6.60 4.28 6.28
N THR A 19 -5.36 4.70 6.01
CA THR A 19 -5.08 5.81 5.09
C THR A 19 -5.58 5.48 3.68
N PHE A 20 -5.61 4.19 3.34
CA PHE A 20 -6.07 3.74 2.03
C PHE A 20 -7.51 4.15 1.76
N GLY A 21 -8.30 4.32 2.83
CA GLY A 21 -9.70 4.72 2.70
C GLY A 21 -9.85 6.06 1.98
N GLU A 22 -8.82 6.90 2.05
CA GLU A 22 -8.85 8.21 1.40
C GLU A 22 -8.61 8.08 -0.11
N ARG A 23 -7.80 7.11 -0.50
CA ARG A 23 -7.48 6.88 -1.91
C ARG A 23 -8.71 6.42 -2.71
N ILE A 24 -9.54 5.57 -2.08
CA ILE A 24 -10.75 5.07 -2.74
C ILE A 24 -11.80 6.17 -2.96
N ILE A 25 -11.69 7.27 -2.22
CA ILE A 25 -12.63 8.39 -2.35
C ILE A 25 -12.66 8.93 -3.78
N TYR A 26 -11.50 8.90 -4.45
CA TYR A 26 -11.40 9.38 -5.83
C TYR A 26 -12.39 8.66 -6.75
N HIS A 27 -12.59 7.36 -6.51
CA HIS A 27 -13.52 6.57 -7.32
C HIS A 27 -14.95 7.11 -7.18
N CYS A 28 -15.35 7.37 -5.93
CA CYS A 28 -16.68 7.90 -5.65
C CYS A 28 -16.82 9.34 -6.15
N LYS A 29 -15.69 10.06 -6.20
CA LYS A 29 -15.68 11.46 -6.67
C LYS A 29 -16.35 11.60 -8.04
N LYS A 30 -16.22 10.55 -8.88
CA LYS A 30 -16.82 10.57 -10.21
C LYS A 30 -18.33 10.36 -10.12
N GLN A 31 -19.07 11.47 -10.09
CA GLN A 31 -20.53 11.44 -9.99
C GLN A 31 -20.99 10.71 -8.72
N PRO A 32 -20.77 11.33 -7.54
CA PRO A 32 -21.15 10.75 -6.26
C PRO A 32 -22.65 10.85 -5.98
N LEU A 33 -23.26 9.73 -5.59
CA LEU A 33 -24.70 9.69 -5.30
C LEU A 33 -24.96 9.94 -3.82
N VAL A 34 -26.13 10.47 -3.51
CA VAL A 34 -26.51 10.76 -2.13
C VAL A 34 -26.85 9.48 -1.35
N PRO A 35 -27.80 8.66 -1.84
CA PRO A 35 -28.21 7.41 -1.16
C PRO A 35 -27.05 6.42 -1.00
N ILE A 36 -26.37 6.11 -2.10
CA ILE A 36 -25.24 5.17 -2.07
C ILE A 36 -24.02 5.79 -1.39
N GLY A 37 -23.85 7.10 -1.55
CA GLY A 37 -22.71 7.78 -0.95
C GLY A 37 -22.74 7.74 0.58
N CYS A 38 -23.93 7.82 1.15
CA CYS A 38 -24.10 7.79 2.61
C CYS A 38 -23.62 6.45 3.19
N LEU A 39 -24.15 5.36 2.64
CA LEU A 39 -23.79 4.02 3.10
C LEU A 39 -22.36 3.65 2.71
N LEU A 40 -21.86 4.24 1.63
CA LEU A 40 -20.50 3.97 1.16
C LEU A 40 -19.45 4.65 2.05
N THR A 41 -19.68 5.92 2.37
CA THR A 41 -18.74 6.68 3.21
C THR A 41 -18.89 6.28 4.68
N THR A 42 -20.11 6.40 5.22
CA THR A 42 -20.38 6.05 6.62
C THR A 42 -20.12 4.57 6.88
N GLY A 43 -20.52 3.72 5.93
CA GLY A 43 -20.32 2.28 6.09
C GLY A 43 -18.86 1.87 6.07
N ALA A 44 -18.01 2.70 5.44
CA ALA A 44 -16.57 2.41 5.35
C ALA A 44 -15.82 2.96 6.56
N VAL A 45 -16.13 4.20 6.93
CA VAL A 45 -15.48 4.85 8.07
C VAL A 45 -15.85 4.19 9.41
N ILE A 46 -17.07 3.65 9.49
CA ILE A 46 -17.54 2.99 10.70
C ILE A 46 -16.65 1.80 11.09
N LEU A 47 -16.11 1.11 10.09
CA LEU A 47 -15.23 -0.04 10.32
C LEU A 47 -14.01 0.37 11.14
N ALA A 48 -13.32 1.42 10.69
CA ALA A 48 -12.13 1.92 11.39
C ALA A 48 -12.51 2.61 12.70
N ALA A 49 -13.62 3.35 12.68
CA ALA A 49 -14.10 4.06 13.87
C ALA A 49 -14.42 3.09 15.00
N GLN A 50 -14.97 1.92 14.66
CA GLN A 50 -15.31 0.90 15.64
C GLN A 50 -14.09 0.46 16.43
N ASN A 51 -12.96 0.29 15.75
CA ASN A 51 -11.71 -0.12 16.39
C ASN A 51 -11.29 0.88 17.46
N VAL A 52 -11.40 2.18 17.14
CA VAL A 52 -11.05 3.24 18.07
C VAL A 52 -12.04 3.28 19.25
N ARG A 53 -13.32 3.11 18.94
CA ARG A 53 -14.36 3.12 19.96
C ARG A 53 -14.14 2.00 20.98
N LEU A 54 -13.71 0.82 20.49
CA LEU A 54 -13.45 -0.32 21.35
C LEU A 54 -12.39 0.03 22.41
N GLY A 55 -11.30 0.65 21.96
CA GLY A 55 -10.24 1.05 22.88
C GLY A 55 -10.69 2.12 23.85
N ASN A 56 -11.54 3.03 23.37
CA ASN A 56 -12.07 4.12 24.21
C ASN A 56 -12.90 3.57 25.36
N LYS A 57 -13.70 2.53 25.06
CA LYS A 57 -14.55 1.89 26.07
C LYS A 57 -13.71 1.33 27.22
N TRP A 58 -12.70 0.53 26.87
CA TRP A 58 -11.81 -0.06 27.87
C TRP A 58 -10.36 0.33 27.60
N LYS A 59 -9.85 1.26 28.41
CA LYS A 59 -8.47 1.73 28.27
C LYS A 59 -7.81 1.91 29.63
N ALA A 60 -8.13 3.00 30.32
CA ALA A 60 -7.58 3.29 31.65
C ALA A 60 -6.05 3.20 31.66
N GLN A 61 -5.42 3.67 30.58
CA GLN A 61 -3.96 3.63 30.45
C GLN A 61 -3.49 4.53 29.31
N TYR A 62 -2.61 5.49 29.64
CA TYR A 62 -2.06 6.42 28.67
C TYR A 62 -3.12 7.39 28.14
N TYR A 63 -2.72 8.64 27.93
CA TYR A 63 -3.63 9.67 27.43
C TYR A 63 -3.02 10.46 26.26
N PHE A 64 -2.02 9.85 25.60
CA PHE A 64 -1.36 10.50 24.46
C PHE A 64 -2.00 10.06 23.14
N ARG A 65 -2.32 8.77 23.04
CA ARG A 65 -2.94 8.21 21.84
C ARG A 65 -4.30 8.86 21.58
N TRP A 66 -4.99 9.25 22.67
CA TRP A 66 -6.30 9.89 22.57
C TRP A 66 -6.17 11.31 22.01
N ARG A 67 -5.07 11.99 22.37
CA ARG A 67 -4.82 13.36 21.91
C ARG A 67 -4.69 13.38 20.38
N VAL A 68 -3.83 12.52 19.85
CA VAL A 68 -3.63 12.43 18.39
C VAL A 68 -4.88 11.91 17.69
N GLY A 69 -5.63 11.03 18.36
CA GLY A 69 -6.84 10.49 17.80
C GLY A 69 -7.87 11.57 17.48
N LEU A 70 -8.02 12.53 18.41
CA LEU A 70 -8.95 13.64 18.23
C LEU A 70 -8.53 14.50 17.03
N GLN A 71 -7.22 14.71 16.88
CA GLN A 71 -6.69 15.49 15.76
C GLN A 71 -7.02 14.85 14.43
N ALA A 72 -7.00 13.52 14.38
CA ALA A 72 -7.32 12.77 13.17
C ALA A 72 -8.80 12.90 12.83
N ALA A 73 -9.66 12.85 13.86
CA ALA A 73 -11.10 12.97 13.68
C ALA A 73 -11.47 14.33 13.08
N THR A 74 -10.78 15.37 13.54
CA THR A 74 -11.03 16.73 13.04
C THR A 74 -10.44 16.92 11.65
N LEU A 75 -9.33 16.22 11.37
CA LEU A 75 -8.66 16.30 10.07
C LEU A 75 -9.54 15.72 8.96
N VAL A 76 -10.10 14.53 9.21
CA VAL A 76 -10.96 13.88 8.23
C VAL A 76 -12.23 14.71 7.96
N ALA A 77 -12.67 15.46 8.97
CA ALA A 77 -13.85 16.31 8.84
C ALA A 77 -13.50 17.60 8.09
N LEU A 78 -12.28 18.09 8.30
CA LEU A 78 -11.81 19.32 7.64
C LEU A 78 -11.70 19.13 6.13
N VAL A 79 -11.17 17.98 5.71
CA VAL A 79 -11.02 17.67 4.29
C VAL A 79 -12.36 17.68 3.56
N ALA A 80 -13.43 17.29 4.27
CA ALA A 80 -14.78 17.26 3.69
C ALA A 80 -15.17 18.65 3.20
N GLY A 81 -14.92 19.66 4.02
CA GLY A 81 -15.24 21.03 3.64
C GLY A 81 -14.42 21.50 2.45
N SER A 82 -13.18 21.02 2.36
CA SER A 82 -12.29 21.38 1.25
C SER A 82 -12.76 20.75 -0.06
N PHE A 83 -13.28 19.52 0.03
CA PHE A 83 -13.77 18.80 -1.14
C PHE A 83 -14.87 19.58 -1.85
N ILE A 84 -15.90 19.98 -1.11
CA ILE A 84 -17.02 20.73 -1.67
C ILE A 84 -16.59 22.16 -2.05
N TYR A 85 -15.58 22.69 -1.35
CA TYR A 85 -15.08 24.04 -1.62
C TYR A 85 -14.44 24.11 -3.01
N GLY A 86 -13.46 23.25 -3.25
CA GLY A 86 -12.77 23.22 -4.55
C GLY A 86 -12.01 24.51 -4.81
N THR A 87 -11.21 24.94 -3.83
CA THR A 87 -10.43 26.16 -3.94
C THR A 87 -8.95 25.84 -4.24
N SER A 88 -8.34 25.04 -3.37
CA SER A 88 -6.94 24.66 -3.53
C SER A 88 -6.81 23.18 -3.85
N GLY A 89 -6.35 22.88 -5.07
CA GLY A 89 -6.17 21.49 -5.49
C GLY A 89 -4.92 20.88 -4.91
N LYS A 90 -3.79 21.58 -5.02
CA LYS A 90 -2.52 21.10 -4.49
C LYS A 90 -2.55 20.96 -2.96
N GLU A 91 -3.40 21.77 -2.31
CA GLU A 91 -3.54 21.73 -0.85
C GLU A 91 -3.88 20.31 -0.38
N LEU A 92 -4.85 19.68 -1.04
CA LEU A 92 -5.27 18.33 -0.69
C LEU A 92 -4.08 17.36 -0.73
N LYS A 93 -3.26 17.47 -1.77
CA LYS A 93 -2.08 16.61 -1.91
C LYS A 93 -1.11 16.83 -0.77
N ALA A 94 -0.84 18.10 -0.46
CA ALA A 94 0.07 18.47 0.62
C ALA A 94 -0.45 17.97 1.98
N LYS A 95 -1.77 18.04 2.16
CA LYS A 95 -2.40 17.58 3.40
C LYS A 95 -2.06 16.12 3.69
N GLU A 96 -2.22 15.27 2.69
CA GLU A 96 -1.92 13.84 2.83
C GLU A 96 -0.40 13.63 2.94
N GLU A 97 0.37 14.44 2.22
CA GLU A 97 1.84 14.35 2.24
C GLU A 97 2.36 14.55 3.66
N GLN A 98 1.84 15.58 4.35
CA GLN A 98 2.24 15.88 5.72
C GLN A 98 2.02 14.67 6.62
N LEU A 99 0.90 13.96 6.41
CA LEU A 99 0.57 12.77 7.19
C LEU A 99 1.65 11.70 7.02
N LYS A 100 2.09 11.50 5.77
CA LYS A 100 3.13 10.50 5.47
C LYS A 100 4.44 10.88 6.14
N GLU A 101 4.81 12.16 6.07
CA GLU A 101 6.05 12.65 6.67
C GLU A 101 6.01 12.49 8.20
N LYS A 102 4.82 12.70 8.78
CA LYS A 102 4.64 12.58 10.23
C LYS A 102 4.97 11.17 10.71
N ALA A 103 4.52 10.17 9.94
CA ALA A 103 4.78 8.77 10.28
C ALA A 103 6.27 8.47 10.31
N LYS A 104 7.00 8.94 9.29
CA LYS A 104 8.44 8.73 9.20
C LYS A 104 9.16 9.47 10.33
N MET A 105 8.73 10.69 10.61
CA MET A 105 9.33 11.51 11.66
C MET A 105 9.16 10.83 13.03
N ARG A 106 7.97 10.28 13.27
CA ARG A 106 7.68 9.60 14.53
C ARG A 106 8.60 8.39 14.73
N GLU A 107 8.84 7.65 13.65
CA GLU A 107 9.71 6.47 13.70
C GLU A 107 11.14 6.87 14.03
N LYS A 108 11.61 6.48 15.22
CA LYS A 108 12.97 6.80 15.66
C LYS A 108 13.64 5.57 16.28
N LEU A 109 14.97 5.56 16.25
CA LEU A 109 15.75 4.46 16.82
C LEU A 109 15.77 4.52 18.34
N TRP A 110 15.88 5.73 18.89
CA TRP A 110 15.91 5.93 20.35
C TRP A 110 14.62 5.44 20.99
N ILE A 111 13.49 5.97 20.55
CA ILE A 111 12.18 5.59 21.09
C ILE A 111 11.71 4.25 20.50
N GLN A 112 11.50 3.27 21.38
CA GLN A 112 11.05 1.95 20.97
C GLN A 112 10.02 1.38 21.95
N GLU A 113 9.37 0.29 21.54
CA GLU A 113 8.36 -0.36 22.38
C GLU A 113 9.00 -1.03 23.59
N LEU A 114 8.69 -0.53 24.78
CA LEU A 114 9.24 -1.07 26.02
C LEU A 114 8.59 -2.41 26.37
N GLU A 115 9.34 -3.49 26.20
CA GLU A 115 8.84 -4.83 26.49
C GLU A 115 9.04 -5.20 27.96
N ARG A 116 7.93 -5.51 28.63
CA ARG A 116 7.97 -5.88 30.05
C ARG A 116 7.90 -7.41 30.20
N ARG A 117 8.17 -7.88 31.42
CA ARG A 117 8.13 -9.32 31.71
C ARG A 117 6.77 -9.92 31.33
N GLU A 118 5.70 -9.23 31.70
CA GLU A 118 4.34 -9.68 31.40
C GLU A 118 4.08 -9.68 29.89
N GLU A 119 4.61 -8.67 29.20
CA GLU A 119 4.44 -8.56 27.75
C GLU A 119 5.15 -9.71 27.02
N GLU A 120 6.35 -10.07 27.51
CA GLU A 120 7.12 -11.15 26.92
C GLU A 120 6.37 -12.48 27.01
N THR A 121 5.89 -12.79 28.22
CA THR A 121 5.14 -14.04 28.46
C THR A 121 3.85 -14.07 27.64
N GLU A 122 3.19 -12.92 27.54
CA GLU A 122 1.95 -12.80 26.79
C GLU A 122 2.18 -13.03 25.29
N ALA A 123 3.30 -12.49 24.78
CA ALA A 123 3.65 -12.63 23.37
C ALA A 123 3.85 -14.11 22.99
N ARG A 124 4.41 -14.89 23.92
CA ARG A 124 4.64 -16.31 23.68
C ARG A 124 3.33 -17.05 23.40
N ARG A 125 2.33 -16.82 24.26
CA ARG A 125 1.02 -17.45 24.10
C ARG A 125 0.30 -16.91 22.87
N LYS A 126 0.43 -15.59 22.64
CA LYS A 126 -0.19 -14.93 21.50
C LYS A 126 0.24 -15.59 20.18
N ARG A 127 1.56 -15.78 20.04
CA ARG A 127 2.12 -16.40 18.83
C ARG A 127 1.84 -17.90 18.80
N ALA A 128 1.91 -18.55 19.98
CA ALA A 128 1.66 -19.98 20.09
C ALA A 128 0.31 -20.37 19.51
N GLU A 129 -0.73 -19.59 19.82
CA GLU A 129 -2.08 -19.86 19.32
C GLU A 129 -2.20 -19.49 17.84
N LEU A 130 -2.18 -18.18 17.56
CA LEU A 130 -2.29 -17.69 16.17
C LEU A 130 -2.32 -16.17 16.13
N ALA A 131 -2.00 -15.62 14.96
CA ALA A 131 -1.98 -14.17 14.76
C ALA A 131 -2.89 -13.78 13.59
N ARG A 132 -4.13 -13.39 13.91
CA ARG A 132 -5.11 -13.01 12.89
C ARG A 132 -5.00 -11.53 12.54
N MET A 133 -5.30 -11.20 11.29
CA MET A 133 -5.25 -9.82 10.81
C MET A 133 -6.58 -9.42 10.17
N LYS A 134 -7.55 -9.06 11.02
CA LYS A 134 -8.87 -8.67 10.57
C LYS A 134 -8.83 -7.34 9.81
N THR A 135 -8.00 -6.41 10.27
CA THR A 135 -7.86 -5.10 9.63
C THR A 135 -7.46 -5.24 8.16
N LEU A 136 -6.48 -6.12 7.90
CA LEU A 136 -6.01 -6.35 6.53
C LEU A 136 -7.03 -7.12 5.70
N GLU A 137 -7.67 -8.12 6.33
CA GLU A 137 -8.68 -8.93 5.65
C GLU A 137 -9.90 -8.09 5.27
N ASN A 138 -10.33 -7.23 6.19
CA ASN A 138 -11.48 -6.35 5.95
C ASN A 138 -11.19 -5.33 4.85
N GLU A 139 -9.93 -4.93 4.73
CA GLU A 139 -9.51 -3.97 3.71
C GLU A 139 -9.79 -4.51 2.29
N GLU A 140 -9.74 -5.83 2.15
CA GLU A 140 -10.00 -6.48 0.86
C GLU A 140 -11.43 -6.25 0.39
N GLU A 141 -12.35 -6.07 1.34
CA GLU A 141 -13.77 -5.84 1.02
C GLU A 141 -13.95 -4.60 0.15
N ILE A 142 -13.12 -3.58 0.39
CA ILE A 142 -13.19 -2.32 -0.36
C ILE A 142 -12.97 -2.56 -1.87
N LYS A 143 -12.17 -3.57 -2.21
CA LYS A 143 -11.89 -3.89 -3.61
C LYS A 143 -13.18 -4.27 -4.35
N ASN A 144 -13.98 -5.12 -3.72
CA ASN A 144 -15.25 -5.55 -4.31
C ASN A 144 -16.22 -4.38 -4.44
N LEU A 145 -16.27 -3.53 -3.42
CA LEU A 145 -17.15 -2.36 -3.42
C LEU A 145 -16.76 -1.41 -4.56
N GLU A 146 -15.45 -1.24 -4.77
CA GLU A 146 -14.95 -0.36 -5.83
C GLU A 146 -15.33 -0.91 -7.21
N LYS A 147 -15.28 -2.23 -7.35
CA LYS A 147 -15.63 -2.89 -8.63
C LYS A 147 -17.06 -2.53 -9.05
N GLU A 148 -17.96 -2.45 -8.06
CA GLU A 148 -19.35 -2.10 -8.33
C GLU A 148 -19.47 -0.71 -8.95
N LEU A 149 -18.68 0.24 -8.44
CA LEU A 149 -18.67 1.60 -8.94
C LEU A 149 -18.28 1.64 -10.43
N SER A 150 -17.33 0.77 -10.80
CA SER A 150 -16.86 0.69 -12.18
C SER A 150 -18.00 0.29 -13.13
N ASP A 151 -18.88 -0.60 -12.64
CA ASP A 151 -20.03 -1.07 -13.43
C ASP A 151 -20.98 0.07 -13.75
N LEU A 152 -21.10 1.05 -12.84
CA LEU A 152 -21.98 2.20 -13.03
C LEU A 152 -21.61 2.96 -14.30
N GLU A 153 -20.30 3.08 -14.56
CA GLU A 153 -19.81 3.78 -15.75
C GLU A 153 -20.35 3.12 -17.03
N ASN A 154 -20.26 1.79 -17.07
CA ASN A 154 -20.75 1.03 -18.22
C ASN A 154 -22.25 1.22 -18.41
N LYS A 155 -22.99 1.27 -17.30
CA LYS A 155 -24.44 1.46 -17.33
C LYS A 155 -24.80 2.80 -17.98
N LEU A 156 -24.02 3.84 -17.68
CA LEU A 156 -24.26 5.17 -18.24
C LEU A 156 -24.15 5.16 -19.76
N GLY A 157 -23.15 4.42 -20.28
CA GLY A 157 -22.95 4.33 -21.71
C GLY A 157 -21.56 4.75 -22.14
N LYS A 158 -20.54 4.23 -21.44
CA LYS A 158 -19.15 4.54 -21.77
C LYS A 158 -18.44 3.34 -22.37
N LYS A 159 -18.55 2.19 -21.70
CA LYS A 159 -17.91 0.96 -22.18
C LYS A 159 -18.95 -0.14 -22.40
N MET B 1 32.39 -2.15 8.29
CA MET B 1 30.91 -2.22 8.39
C MET B 1 30.33 -0.93 8.98
N SER B 2 29.60 -0.18 8.16
CA SER B 2 28.99 1.07 8.60
C SER B 2 27.49 1.10 8.27
N ARG B 3 27.15 0.96 6.99
CA ARG B 3 25.76 0.97 6.55
C ARG B 3 25.53 -0.04 5.43
N MET B 4 24.66 -1.02 5.68
CA MET B 4 24.33 -2.05 4.70
C MET B 4 22.88 -2.50 4.86
N PRO B 5 22.34 -3.24 3.87
CA PRO B 5 20.95 -3.75 3.89
C PRO B 5 20.54 -4.26 5.27
N SER B 6 19.82 -3.42 6.02
CA SER B 6 19.36 -3.78 7.36
C SER B 6 17.87 -3.46 7.57
N SER B 7 17.22 -2.87 6.56
CA SER B 7 15.80 -2.53 6.65
C SER B 7 14.93 -3.75 6.34
N PHE B 8 14.91 -4.70 7.27
CA PHE B 8 14.12 -5.91 7.09
C PHE B 8 12.93 -5.92 8.04
N ASP B 9 11.80 -5.41 7.58
CA ASP B 9 10.58 -5.35 8.39
C ASP B 9 9.56 -6.39 7.93
N VAL B 10 10.05 -7.48 7.31
CA VAL B 10 9.19 -8.57 6.82
C VAL B 10 7.89 -8.04 6.20
N THR B 11 8.02 -7.01 5.36
CA THR B 11 6.87 -6.40 4.72
C THR B 11 6.69 -6.95 3.30
N GLU B 12 5.50 -7.49 3.02
CA GLU B 12 5.21 -8.05 1.71
C GLU B 12 4.46 -7.03 0.84
N ARG B 13 5.10 -5.89 0.60
CA ARG B 13 4.52 -4.82 -0.20
C ARG B 13 5.35 -4.54 -1.46
N ASP B 14 6.26 -5.46 -1.81
CA ASP B 14 7.09 -5.30 -3.00
C ASP B 14 6.22 -5.32 -4.26
N LEU B 15 5.40 -6.36 -4.40
CA LEU B 15 4.51 -6.49 -5.55
C LEU B 15 3.42 -5.42 -5.51
N ASP B 16 3.05 -4.99 -4.30
CA ASP B 16 2.03 -3.96 -4.12
C ASP B 16 2.46 -2.66 -4.79
N ASP B 17 3.73 -2.28 -4.61
CA ASP B 17 4.28 -1.07 -5.21
C ASP B 17 4.40 -1.23 -6.72
N MET B 18 4.78 -2.43 -7.16
CA MET B 18 4.93 -2.72 -8.58
C MET B 18 3.60 -2.59 -9.31
N THR B 19 2.54 -3.17 -8.72
CA THR B 19 1.20 -3.12 -9.31
C THR B 19 0.68 -1.67 -9.35
N PHE B 20 1.08 -0.87 -8.35
CA PHE B 20 0.67 0.53 -8.28
C PHE B 20 1.17 1.31 -9.50
N GLY B 21 2.35 0.93 -10.01
CA GLY B 21 2.91 1.59 -11.18
C GLY B 21 2.07 1.39 -12.44
N GLU B 22 1.15 0.42 -12.42
CA GLU B 22 0.28 0.15 -13.56
C GLU B 22 -0.99 0.99 -13.49
N ARG B 23 -1.50 1.21 -12.27
CA ARG B 23 -2.70 2.00 -12.05
C ARG B 23 -2.48 3.47 -12.42
N ILE B 24 -1.29 3.98 -12.13
CA ILE B 24 -0.94 5.37 -12.44
C ILE B 24 -0.92 5.62 -13.94
N ILE B 25 -0.71 4.56 -14.74
CA ILE B 25 -0.67 4.67 -16.20
C ILE B 25 -1.97 5.26 -16.75
N TYR B 26 -3.08 5.04 -16.04
CA TYR B 26 -4.39 5.56 -16.45
C TYR B 26 -4.34 7.08 -16.62
N HIS B 27 -3.65 7.76 -15.69
CA HIS B 27 -3.52 9.21 -15.73
C HIS B 27 -2.69 9.64 -16.95
N CYS B 28 -1.68 8.85 -17.28
CA CYS B 28 -0.81 9.14 -18.43
C CYS B 28 -1.62 9.15 -19.73
N LYS B 29 -2.64 8.29 -19.80
CA LYS B 29 -3.49 8.20 -20.98
C LYS B 29 -4.20 9.54 -21.26
N LYS B 30 -4.61 10.23 -20.18
CA LYS B 30 -5.29 11.51 -20.30
C LYS B 30 -4.42 12.52 -21.06
N GLN B 31 -3.17 12.65 -20.64
CA GLN B 31 -2.23 13.58 -21.28
C GLN B 31 -0.91 12.88 -21.60
N PRO B 32 -0.85 12.15 -22.73
CA PRO B 32 0.35 11.43 -23.15
C PRO B 32 1.40 12.36 -23.77
N LEU B 33 2.66 12.15 -23.40
CA LEU B 33 3.76 12.96 -23.91
C LEU B 33 4.67 12.14 -24.82
N VAL B 34 5.38 12.81 -25.72
CA VAL B 34 6.29 12.16 -26.65
C VAL B 34 7.71 12.04 -26.07
N PRO B 35 8.38 13.18 -25.78
CA PRO B 35 9.74 13.17 -25.22
C PRO B 35 9.78 12.71 -23.76
N ILE B 36 8.89 13.28 -22.94
CA ILE B 36 8.82 12.93 -21.52
C ILE B 36 8.05 11.62 -21.30
N GLY B 37 7.01 11.41 -22.10
CA GLY B 37 6.21 10.19 -21.99
C GLY B 37 7.03 8.94 -22.24
N CYS B 38 7.86 8.97 -23.29
CA CYS B 38 8.71 7.84 -23.63
C CYS B 38 9.71 7.55 -22.52
N LEU B 39 10.33 8.60 -21.99
CA LEU B 39 11.30 8.47 -20.90
C LEU B 39 10.64 7.97 -19.61
N LEU B 40 9.37 8.35 -19.41
CA LEU B 40 8.62 7.94 -18.22
C LEU B 40 8.23 6.47 -18.29
N THR B 41 7.78 6.02 -19.46
CA THR B 41 7.37 4.63 -19.66
C THR B 41 8.58 3.70 -19.71
N THR B 42 9.58 4.08 -20.51
CA THR B 42 10.81 3.28 -20.65
C THR B 42 11.62 3.29 -19.36
N GLY B 43 11.74 4.47 -18.73
CA GLY B 43 12.50 4.59 -17.50
C GLY B 43 11.79 4.02 -16.29
N ALA B 44 10.48 3.77 -16.40
CA ALA B 44 9.71 3.21 -15.27
C ALA B 44 10.17 1.78 -14.95
N VAL B 45 10.14 0.91 -15.96
CA VAL B 45 10.57 -0.49 -15.78
C VAL B 45 12.09 -0.63 -15.83
N ILE B 46 12.79 0.40 -16.33
CA ILE B 46 14.25 0.37 -16.41
C ILE B 46 14.89 0.10 -15.05
N LEU B 47 14.33 0.71 -13.99
CA LEU B 47 14.84 0.53 -12.64
C LEU B 47 14.37 -0.80 -12.02
N ALA B 48 13.21 -1.29 -12.47
CA ALA B 48 12.68 -2.57 -11.96
C ALA B 48 13.49 -3.75 -12.52
N ALA B 49 13.92 -3.64 -13.77
CA ALA B 49 14.72 -4.70 -14.40
C ALA B 49 16.13 -4.76 -13.81
N GLN B 50 16.59 -3.63 -13.24
CA GLN B 50 17.92 -3.58 -12.63
C GLN B 50 17.92 -4.31 -11.29
N ASN B 51 16.84 -4.12 -10.53
CA ASN B 51 16.70 -4.78 -9.23
C ASN B 51 16.49 -6.28 -9.38
N VAL B 52 15.85 -6.67 -10.50
CA VAL B 52 15.62 -8.09 -10.78
C VAL B 52 16.90 -8.75 -11.30
N ARG B 53 17.74 -7.96 -11.98
CA ARG B 53 19.02 -8.48 -12.52
C ARG B 53 20.04 -8.67 -11.39
N LEU B 54 19.95 -7.83 -10.36
CA LEU B 54 20.87 -7.93 -9.22
C LEU B 54 20.44 -9.04 -8.26
N GLY B 55 19.13 -9.13 -8.01
CA GLY B 55 18.61 -10.16 -7.13
C GLY B 55 18.68 -11.56 -7.76
N ASN B 56 18.73 -11.64 -9.10
CA ASN B 56 18.79 -12.92 -9.79
C ASN B 56 20.24 -13.41 -9.89
N LYS B 57 21.13 -12.50 -10.30
CA LYS B 57 22.56 -12.83 -10.43
C LYS B 57 23.13 -13.37 -9.12
N TRP B 58 22.63 -12.85 -8.00
CA TRP B 58 23.08 -13.28 -6.68
C TRP B 58 22.11 -14.30 -6.07
N LYS B 59 22.37 -15.57 -6.32
CA LYS B 59 21.58 -16.64 -5.82
C LYS B 59 22.46 -17.64 -5.08
N ALA B 60 21.83 -18.44 -4.26
CA ALA B 60 22.52 -19.45 -3.46
C ALA B 60 22.47 -20.84 -4.11
N GLN B 61 21.41 -21.11 -4.90
CA GLN B 61 21.26 -22.40 -5.57
C GLN B 61 20.43 -22.25 -6.85
N TYR B 62 19.10 -22.29 -6.70
CA TYR B 62 18.19 -22.18 -7.84
C TYR B 62 17.11 -21.13 -7.60
N TYR B 63 16.63 -20.53 -8.68
CA TYR B 63 15.59 -19.50 -8.60
C TYR B 63 14.31 -19.97 -9.29
N PHE B 64 13.35 -20.45 -8.48
CA PHE B 64 12.07 -20.92 -9.00
C PHE B 64 11.20 -19.75 -9.47
N ARG B 65 11.44 -18.55 -8.90
CA ARG B 65 10.69 -17.36 -9.27
C ARG B 65 10.87 -17.04 -10.76
N TRP B 66 12.01 -17.46 -11.33
CA TRP B 66 12.28 -17.22 -12.75
C TRP B 66 11.12 -17.70 -13.62
N ARG B 67 10.50 -18.83 -13.24
CA ARG B 67 9.37 -19.40 -13.97
C ARG B 67 8.25 -18.35 -14.13
N VAL B 68 7.77 -17.82 -13.00
CA VAL B 68 6.72 -16.82 -13.02
C VAL B 68 7.23 -15.48 -13.57
N GLY B 69 8.54 -15.23 -13.39
CA GLY B 69 9.15 -14.00 -13.88
C GLY B 69 8.89 -13.78 -15.36
N LEU B 70 8.92 -14.86 -16.14
CA LEU B 70 8.68 -14.77 -17.59
C LEU B 70 7.17 -14.68 -17.89
N GLN B 71 6.37 -15.45 -17.15
CA GLN B 71 4.91 -15.45 -17.35
C GLN B 71 4.35 -14.04 -17.25
N ALA B 72 4.77 -13.31 -16.22
CA ALA B 72 4.32 -11.92 -16.02
C ALA B 72 5.01 -10.97 -17.01
N ALA B 73 6.28 -11.28 -17.34
CA ALA B 73 7.04 -10.45 -18.29
C ALA B 73 6.32 -10.35 -19.64
N THR B 74 5.75 -11.48 -20.08
CA THR B 74 5.02 -11.52 -21.34
C THR B 74 3.66 -10.83 -21.21
N LEU B 75 3.09 -10.87 -20.01
CA LEU B 75 1.79 -10.24 -19.74
C LEU B 75 1.82 -8.74 -20.02
N VAL B 76 2.95 -8.09 -19.71
CA VAL B 76 3.09 -6.65 -19.94
C VAL B 76 3.10 -6.33 -21.43
N ALA B 77 3.59 -7.28 -22.25
CA ALA B 77 3.64 -7.09 -23.71
C ALA B 77 2.25 -7.31 -24.33
N LEU B 78 1.46 -8.22 -23.75
CA LEU B 78 0.11 -8.51 -24.26
C LEU B 78 -0.86 -7.40 -23.82
N VAL B 79 -0.73 -6.93 -22.58
CA VAL B 79 -1.60 -5.87 -22.07
C VAL B 79 -1.27 -4.52 -22.72
N ALA B 80 -0.04 -4.37 -23.21
CA ALA B 80 0.35 -3.12 -23.88
C ALA B 80 -0.36 -3.00 -25.23
N GLY B 81 -0.46 -4.11 -25.96
CA GLY B 81 -1.15 -4.10 -27.25
C GLY B 81 -2.67 -4.21 -27.11
N SER B 82 -3.14 -4.78 -25.98
CA SER B 82 -4.60 -4.90 -25.76
C SER B 82 -5.20 -3.56 -25.32
N PHE B 83 -4.36 -2.68 -24.77
CA PHE B 83 -4.81 -1.36 -24.32
C PHE B 83 -5.42 -0.56 -25.48
N ILE B 84 -4.68 -0.47 -26.59
CA ILE B 84 -5.13 0.26 -27.77
C ILE B 84 -6.37 -0.41 -28.39
N TYR B 85 -6.44 -1.75 -28.30
CA TYR B 85 -7.56 -2.49 -28.84
C TYR B 85 -8.89 -2.04 -28.23
N GLY B 86 -9.00 -2.14 -26.90
CA GLY B 86 -10.22 -1.73 -26.23
C GLY B 86 -11.22 -2.86 -26.11
N THR B 87 -10.75 -4.02 -25.64
CA THR B 87 -11.60 -5.21 -25.49
C THR B 87 -12.60 -5.03 -24.34
N SER B 88 -12.09 -4.77 -23.14
CA SER B 88 -12.95 -4.60 -21.96
C SER B 88 -12.18 -3.94 -20.82
N GLY B 89 -12.74 -2.85 -20.29
CA GLY B 89 -12.11 -2.14 -19.17
C GLY B 89 -12.29 -2.86 -17.84
N LYS B 90 -13.41 -3.57 -17.70
CA LYS B 90 -13.71 -4.32 -16.48
C LYS B 90 -12.72 -5.47 -16.27
N GLU B 91 -12.18 -6.00 -17.38
CA GLU B 91 -11.22 -7.09 -17.34
C GLU B 91 -10.03 -6.78 -16.41
N LEU B 92 -9.67 -5.49 -16.33
CA LEU B 92 -8.56 -5.06 -15.48
C LEU B 92 -8.78 -5.49 -14.02
N LYS B 93 -10.00 -5.26 -13.52
CA LYS B 93 -10.35 -5.62 -12.16
C LYS B 93 -10.36 -7.14 -11.97
N ALA B 94 -10.86 -7.86 -12.99
CA ALA B 94 -10.92 -9.33 -12.93
C ALA B 94 -9.51 -9.92 -12.94
N LYS B 95 -8.64 -9.37 -13.80
CA LYS B 95 -7.26 -9.83 -13.89
C LYS B 95 -6.50 -9.56 -12.59
N GLU B 96 -6.80 -8.42 -11.97
CA GLU B 96 -6.17 -8.04 -10.70
C GLU B 96 -6.45 -9.07 -9.62
N GLU B 97 -7.68 -9.58 -9.59
CA GLU B 97 -8.07 -10.59 -8.61
C GLU B 97 -7.18 -11.83 -8.72
N GLN B 98 -6.96 -12.28 -9.96
CA GLN B 98 -6.11 -13.45 -10.22
C GLN B 98 -4.75 -13.31 -9.54
N LEU B 99 -4.16 -12.11 -9.67
CA LEU B 99 -2.85 -11.83 -9.05
C LEU B 99 -2.97 -11.85 -7.52
N LYS B 100 -4.10 -11.34 -7.00
CA LYS B 100 -4.34 -11.30 -5.57
C LYS B 100 -4.36 -12.71 -4.98
N GLU B 101 -4.98 -13.65 -5.70
CA GLU B 101 -5.07 -15.03 -5.27
C GLU B 101 -3.69 -15.71 -5.25
N LYS B 102 -2.83 -15.29 -6.18
CA LYS B 102 -1.46 -15.83 -6.27
C LYS B 102 -0.63 -15.39 -5.07
N ALA B 103 -0.85 -14.16 -4.61
CA ALA B 103 -0.12 -13.62 -3.46
C ALA B 103 -0.42 -14.42 -2.19
N LYS B 104 -1.71 -14.69 -1.96
CA LYS B 104 -2.14 -15.45 -0.79
C LYS B 104 -1.67 -16.91 -0.88
N MET B 105 -1.75 -17.49 -2.08
CA MET B 105 -1.33 -18.87 -2.29
C MET B 105 0.16 -19.05 -2.05
N ARG B 106 0.97 -18.14 -2.61
CA ARG B 106 2.42 -18.19 -2.46
C ARG B 106 2.83 -18.00 -0.99
N GLU B 107 2.14 -17.09 -0.30
CA GLU B 107 2.43 -16.81 1.11
C GLU B 107 2.06 -18.00 1.99
N LYS B 108 3.06 -18.58 2.64
CA LYS B 108 2.84 -19.73 3.51
C LYS B 108 3.05 -19.34 4.97
N LEU B 109 1.96 -19.32 5.73
CA LEU B 109 2.02 -18.96 7.15
C LEU B 109 1.97 -20.21 8.05
N TRP B 110 2.13 -21.40 7.43
CA TRP B 110 2.10 -22.65 8.18
C TRP B 110 3.46 -23.34 8.14
N ILE B 111 3.95 -23.61 6.92
CA ILE B 111 5.24 -24.28 6.74
C ILE B 111 6.22 -23.40 5.96
N GLN B 112 7.48 -23.40 6.40
CA GLN B 112 8.53 -22.62 5.74
C GLN B 112 9.83 -23.41 5.65
N GLU B 113 10.48 -23.35 4.49
CA GLU B 113 11.74 -24.07 4.27
C GLU B 113 12.95 -23.18 4.59
N LEU B 114 13.80 -23.66 5.50
CA LEU B 114 14.99 -22.93 5.90
C LEU B 114 16.13 -23.90 6.23
N GLU B 115 16.95 -24.21 5.22
CA GLU B 115 18.07 -25.13 5.40
C GLU B 115 19.41 -24.39 5.33
N ARG B 116 19.56 -23.54 4.32
CA ARG B 116 20.79 -22.77 4.13
C ARG B 116 21.08 -21.89 5.34
N ARG B 117 22.04 -22.32 6.16
CA ARG B 117 22.44 -21.57 7.36
C ARG B 117 23.57 -20.58 7.04
N GLU B 118 24.50 -21.01 6.19
CA GLU B 118 25.64 -20.17 5.80
C GLU B 118 25.15 -18.89 5.12
N GLU B 119 24.13 -19.02 4.27
CA GLU B 119 23.57 -17.87 3.56
C GLU B 119 23.08 -16.81 4.55
N GLU B 120 22.44 -17.26 5.64
CA GLU B 120 21.94 -16.36 6.67
C GLU B 120 23.10 -15.65 7.38
N THR B 121 24.20 -16.37 7.58
CA THR B 121 25.39 -15.82 8.24
C THR B 121 26.04 -14.73 7.39
N GLU B 122 25.75 -14.73 6.09
CA GLU B 122 26.32 -13.73 5.18
C GLU B 122 25.48 -12.45 5.15
N ALA B 123 24.15 -12.61 5.05
CA ALA B 123 23.25 -11.45 5.00
C ALA B 123 23.08 -10.77 6.37
N ARG B 124 23.45 -11.48 7.45
CA ARG B 124 23.32 -10.91 8.80
C ARG B 124 24.30 -9.75 9.01
N ARG B 125 25.47 -9.82 8.34
CA ARG B 125 26.49 -8.77 8.47
C ARG B 125 25.94 -7.43 7.99
N LYS B 126 25.28 -7.44 6.83
CA LYS B 126 24.69 -6.22 6.26
C LYS B 126 23.54 -5.72 7.13
N ARG B 127 22.74 -6.65 7.65
CA ARG B 127 21.61 -6.31 8.50
C ARG B 127 22.05 -5.83 9.90
N ALA B 128 23.34 -5.98 10.19
CA ALA B 128 23.88 -5.56 11.49
C ALA B 128 24.47 -4.15 11.44
N GLU B 129 24.43 -3.49 10.28
CA GLU B 129 24.97 -2.14 10.15
C GLU B 129 23.88 -1.08 10.30
N LEU B 130 23.03 -0.95 9.27
CA LEU B 130 21.93 0.03 9.28
C LEU B 130 21.45 0.32 7.85
N ALA B 131 20.17 0.67 7.70
CA ALA B 131 19.60 0.97 6.40
C ALA B 131 18.72 2.22 6.45
N ARG B 132 18.37 2.75 5.27
CA ARG B 132 17.54 3.94 5.16
C ARG B 132 16.32 3.71 4.26
N MET B 133 15.89 2.43 4.15
CA MET B 133 14.73 2.08 3.31
C MET B 133 14.91 2.59 1.88
N LYS B 134 15.61 1.82 1.06
CA LYS B 134 15.87 2.19 -0.34
C LYS B 134 14.60 2.12 -1.17
N THR B 135 13.85 1.02 -1.05
CA THR B 135 12.60 0.83 -1.80
C THR B 135 11.61 1.96 -1.50
N LEU B 136 11.37 2.21 -0.21
CA LEU B 136 10.45 3.26 0.21
C LEU B 136 10.88 4.62 -0.34
N GLU B 137 12.20 4.88 -0.30
CA GLU B 137 12.75 6.13 -0.80
C GLU B 137 12.40 6.35 -2.28
N ASN B 138 12.53 5.28 -3.08
CA ASN B 138 12.22 5.34 -4.51
C ASN B 138 10.74 5.65 -4.72
N GLU B 139 9.88 5.11 -3.85
CA GLU B 139 8.44 5.34 -3.93
C GLU B 139 8.13 6.84 -3.84
N GLU B 140 8.86 7.54 -2.98
CA GLU B 140 8.68 8.98 -2.81
C GLU B 140 9.28 9.73 -4.00
N GLU B 141 10.37 9.20 -4.56
CA GLU B 141 11.05 9.80 -5.70
C GLU B 141 10.12 9.92 -6.91
N ILE B 142 9.31 8.88 -7.15
CA ILE B 142 8.38 8.89 -8.27
C ILE B 142 7.20 9.83 -7.99
N LYS B 143 6.80 9.91 -6.71
CA LYS B 143 5.70 10.78 -6.30
C LYS B 143 6.01 12.25 -6.61
N ASN B 144 7.29 12.63 -6.43
CA ASN B 144 7.73 14.00 -6.71
C ASN B 144 7.58 14.34 -8.19
N LEU B 145 7.92 13.37 -9.06
CA LEU B 145 7.81 13.56 -10.50
C LEU B 145 6.35 13.79 -10.92
N GLU B 146 5.43 13.12 -10.24
CA GLU B 146 4.00 13.26 -10.53
C GLU B 146 3.52 14.69 -10.24
N LYS B 147 4.11 15.32 -9.22
CA LYS B 147 3.76 16.69 -8.84
C LYS B 147 3.96 17.66 -10.01
N GLU B 148 4.93 17.36 -10.88
CA GLU B 148 5.22 18.22 -12.03
C GLU B 148 4.00 18.36 -12.95
N LEU B 149 3.20 17.28 -13.04
CA LEU B 149 2.00 17.29 -13.87
C LEU B 149 1.01 18.34 -13.38
N SER B 150 0.78 18.38 -12.06
CA SER B 150 -0.13 19.34 -11.46
C SER B 150 0.47 20.75 -11.48
N ASP B 151 1.78 20.83 -11.23
CA ASP B 151 2.50 22.11 -11.22
C ASP B 151 2.55 22.73 -12.62
N LEU B 152 2.45 21.88 -13.66
CA LEU B 152 2.49 22.35 -15.05
C LEU B 152 1.45 23.44 -15.30
N GLU B 153 0.28 23.32 -14.66
CA GLU B 153 -0.80 24.30 -14.81
C GLU B 153 -0.28 25.71 -14.53
N ASN B 154 0.46 25.85 -13.42
CA ASN B 154 1.03 27.14 -13.04
C ASN B 154 2.26 27.47 -13.89
N LYS B 155 3.02 26.44 -14.28
CA LYS B 155 4.20 26.63 -15.11
C LYS B 155 3.88 27.37 -16.40
N LEU B 156 2.84 26.90 -17.10
CA LEU B 156 2.41 27.52 -18.35
C LEU B 156 1.83 28.92 -18.09
N GLY B 157 1.06 29.04 -17.01
CA GLY B 157 0.45 30.31 -16.67
C GLY B 157 -0.92 30.49 -17.29
N LYS B 158 -1.70 29.42 -17.33
CA LYS B 158 -3.05 29.46 -17.91
C LYS B 158 -4.11 29.33 -16.81
N LYS B 159 -3.96 28.32 -15.95
CA LYS B 159 -4.91 28.08 -14.87
C LYS B 159 -4.19 27.91 -13.53
N MET A 1 -6.14 -19.43 33.09
CA MET A 1 -5.97 -20.15 31.80
C MET A 1 -5.30 -19.26 30.76
N SER A 2 -4.05 -19.58 30.42
CA SER A 2 -3.29 -18.82 29.44
C SER A 2 -2.99 -19.69 28.21
N ARG A 3 -4.01 -20.43 27.75
CA ARG A 3 -3.87 -21.30 26.59
C ARG A 3 -4.15 -20.54 25.30
N MET A 4 -5.25 -19.78 25.28
CA MET A 4 -5.62 -19.00 24.10
C MET A 4 -4.69 -17.80 23.92
N PRO A 5 -3.90 -17.80 22.83
CA PRO A 5 -2.96 -16.73 22.53
C PRO A 5 -3.63 -15.56 21.81
N SER A 6 -3.72 -14.41 22.50
CA SER A 6 -4.34 -13.22 21.91
C SER A 6 -3.48 -12.66 20.79
N SER A 7 -4.08 -12.46 19.62
CA SER A 7 -3.36 -11.92 18.46
C SER A 7 -2.93 -10.47 18.70
N PHE A 8 -1.91 -10.04 17.97
CA PHE A 8 -1.39 -8.68 18.10
C PHE A 8 -0.66 -8.24 16.82
N ASP A 9 -1.41 -8.18 15.71
CA ASP A 9 -0.86 -7.79 14.42
C ASP A 9 -0.16 -6.43 14.50
N VAL A 10 1.18 -6.45 14.33
CA VAL A 10 1.97 -5.23 14.37
C VAL A 10 2.52 -4.91 12.98
N THR A 11 1.67 -4.32 12.13
CA THR A 11 2.07 -3.97 10.77
C THR A 11 2.48 -2.51 10.65
N GLU A 12 3.54 -2.26 9.89
CA GLU A 12 4.05 -0.90 9.68
C GLU A 12 3.12 -0.11 8.75
N ARG A 13 2.41 -0.82 7.87
CA ARG A 13 1.50 -0.19 6.92
C ARG A 13 0.06 -0.20 7.45
N ASP A 14 -0.10 -0.12 8.78
CA ASP A 14 -1.42 -0.11 9.39
C ASP A 14 -2.17 1.19 9.05
N LEU A 15 -1.46 2.31 9.18
CA LEU A 15 -2.03 3.62 8.86
C LEU A 15 -2.33 3.73 7.37
N ASP A 16 -1.47 3.13 6.55
CA ASP A 16 -1.65 3.15 5.10
C ASP A 16 -2.95 2.46 4.71
N ASP A 17 -3.30 1.38 5.42
CA ASP A 17 -4.53 0.65 5.16
C ASP A 17 -5.76 1.53 5.43
N MET A 18 -5.68 2.33 6.50
CA MET A 18 -6.78 3.23 6.87
C MET A 18 -6.90 4.38 5.86
N THR A 19 -5.76 4.96 5.48
CA THR A 19 -5.74 6.06 4.51
C THR A 19 -6.22 5.58 3.13
N PHE A 20 -6.08 4.27 2.87
CA PHE A 20 -6.50 3.70 1.59
C PHE A 20 -7.99 3.97 1.32
N GLY A 21 -8.78 4.01 2.39
CA GLY A 21 -10.22 4.27 2.25
C GLY A 21 -10.51 5.62 1.62
N GLU A 22 -9.63 6.60 1.84
CA GLU A 22 -9.79 7.93 1.27
C GLU A 22 -9.36 7.96 -0.20
N ARG A 23 -8.46 7.06 -0.57
CA ARG A 23 -7.96 6.98 -1.95
C ARG A 23 -9.05 6.50 -2.91
N ILE A 24 -9.87 5.55 -2.46
CA ILE A 24 -10.96 5.01 -3.29
C ILE A 24 -12.04 6.05 -3.58
N ILE A 25 -12.07 7.14 -2.80
CA ILE A 25 -13.05 8.21 -2.99
C ILE A 25 -12.99 8.76 -4.42
N TYR A 26 -11.78 8.83 -4.99
CA TYR A 26 -11.60 9.33 -6.35
C TYR A 26 -12.38 8.50 -7.36
N HIS A 27 -12.48 7.18 -7.11
CA HIS A 27 -13.22 6.28 -8.00
C HIS A 27 -14.70 6.68 -8.05
N CYS A 28 -15.28 6.94 -6.87
CA CYS A 28 -16.68 7.35 -6.79
C CYS A 28 -16.88 8.78 -7.30
N LYS A 29 -15.80 9.57 -7.28
CA LYS A 29 -15.84 10.96 -7.75
C LYS A 29 -16.36 11.05 -9.19
N LYS A 30 -16.13 10.00 -9.98
CA LYS A 30 -16.58 9.96 -11.37
C LYS A 30 -18.10 10.05 -11.45
N GLN A 31 -18.79 9.17 -10.73
CA GLN A 31 -20.24 9.15 -10.70
C GLN A 31 -20.75 9.06 -9.26
N PRO A 32 -20.65 10.16 -8.49
CA PRO A 32 -21.10 10.21 -7.10
C PRO A 32 -22.60 10.44 -6.96
N LEU A 33 -23.15 9.97 -5.84
CA LEU A 33 -24.58 10.12 -5.57
C LEU A 33 -24.81 10.55 -4.12
N VAL A 34 -26.01 11.08 -3.84
CA VAL A 34 -26.36 11.53 -2.50
C VAL A 34 -26.61 10.32 -1.57
N PRO A 35 -27.48 9.38 -1.99
CA PRO A 35 -27.80 8.20 -1.18
C PRO A 35 -26.66 7.17 -1.17
N ILE A 36 -26.12 6.88 -2.36
CA ILE A 36 -25.03 5.91 -2.49
C ILE A 36 -23.73 6.46 -1.88
N GLY A 37 -23.40 7.72 -2.22
CA GLY A 37 -22.19 8.34 -1.70
C GLY A 37 -22.16 8.40 -0.19
N CYS A 38 -23.27 8.82 0.41
CA CYS A 38 -23.37 8.91 1.87
C CYS A 38 -23.22 7.54 2.52
N LEU A 39 -23.93 6.55 1.97
CA LEU A 39 -23.88 5.19 2.50
C LEU A 39 -22.47 4.58 2.37
N LEU A 40 -21.78 4.92 1.28
CA LEU A 40 -20.43 4.42 1.03
C LEU A 40 -19.43 5.02 2.01
N THR A 41 -19.53 6.33 2.23
CA THR A 41 -18.63 7.03 3.15
C THR A 41 -18.87 6.59 4.60
N THR A 42 -20.13 6.64 5.03
CA THR A 42 -20.50 6.25 6.39
C THR A 42 -20.23 4.76 6.63
N GLY A 43 -20.53 3.93 5.62
CA GLY A 43 -20.30 2.50 5.74
C GLY A 43 -18.83 2.13 5.82
N ALA A 44 -17.95 2.99 5.29
CA ALA A 44 -16.51 2.73 5.30
C ALA A 44 -15.87 3.26 6.59
N VAL A 45 -16.23 4.49 6.97
CA VAL A 45 -15.69 5.12 8.18
C VAL A 45 -16.14 4.39 9.46
N ILE A 46 -17.36 3.85 9.43
CA ILE A 46 -17.90 3.14 10.60
C ILE A 46 -17.05 1.92 10.96
N LEU A 47 -16.49 1.25 9.94
CA LEU A 47 -15.65 0.08 10.16
C LEU A 47 -14.37 0.47 10.92
N ALA A 48 -13.71 1.53 10.45
CA ALA A 48 -12.49 2.02 11.08
C ALA A 48 -12.77 2.56 12.47
N ALA A 49 -13.88 3.28 12.62
CA ALA A 49 -14.29 3.85 13.89
C ALA A 49 -14.47 2.77 14.96
N GLN A 50 -15.03 1.63 14.55
CA GLN A 50 -15.26 0.51 15.46
C GLN A 50 -13.94 0.01 16.05
N ASN A 51 -12.91 -0.08 15.20
CA ASN A 51 -11.59 -0.54 15.63
C ASN A 51 -11.00 0.42 16.68
N VAL A 52 -11.14 1.72 16.42
CA VAL A 52 -10.63 2.74 17.34
C VAL A 52 -11.40 2.71 18.66
N ARG A 53 -12.71 2.47 18.59
CA ARG A 53 -13.55 2.39 19.79
C ARG A 53 -13.06 1.31 20.74
N LEU A 54 -12.64 0.17 20.19
CA LEU A 54 -12.14 -0.94 20.99
C LEU A 54 -10.94 -0.49 21.84
N GLY A 55 -9.97 0.17 21.21
CA GLY A 55 -8.81 0.65 21.92
C GLY A 55 -9.12 1.84 22.83
N ASN A 56 -10.15 2.61 22.46
CA ASN A 56 -10.57 3.77 23.25
C ASN A 56 -11.17 3.36 24.59
N LYS A 57 -11.58 2.09 24.71
CA LYS A 57 -12.18 1.58 25.95
C LYS A 57 -11.36 1.99 27.17
N TRP A 58 -10.03 1.90 27.06
CA TRP A 58 -9.14 2.27 28.15
C TRP A 58 -8.92 3.78 28.17
N LYS A 59 -9.88 4.51 28.77
CA LYS A 59 -9.82 5.96 28.86
C LYS A 59 -8.61 6.42 29.67
N ALA A 60 -8.43 5.82 30.85
CA ALA A 60 -7.31 6.16 31.72
C ALA A 60 -6.07 5.33 31.39
N GLN A 61 -5.60 5.45 30.15
CA GLN A 61 -4.42 4.71 29.70
C GLN A 61 -3.84 5.32 28.43
N TYR A 62 -2.65 5.92 28.54
CA TYR A 62 -1.98 6.55 27.41
C TYR A 62 -2.75 7.75 26.89
N TYR A 63 -2.27 8.95 27.22
CA TYR A 63 -2.91 10.20 26.79
C TYR A 63 -2.55 10.53 25.33
N PHE A 64 -1.41 10.03 24.87
CA PHE A 64 -0.96 10.27 23.49
C PHE A 64 -2.01 9.80 22.48
N ARG A 65 -2.59 8.62 22.73
CA ARG A 65 -3.62 8.06 21.85
C ARG A 65 -4.82 9.00 21.72
N TRP A 66 -5.19 9.63 22.84
CA TRP A 66 -6.32 10.57 22.86
C TRP A 66 -5.99 11.83 22.07
N ARG A 67 -4.76 12.33 22.22
CA ARG A 67 -4.32 13.53 21.51
C ARG A 67 -4.29 13.32 20.00
N VAL A 68 -3.56 12.29 19.56
CA VAL A 68 -3.46 11.98 18.13
C VAL A 68 -4.83 11.61 17.54
N GLY A 69 -5.66 10.94 18.33
CA GLY A 69 -6.99 10.56 17.89
C GLY A 69 -7.86 11.77 17.56
N LEU A 70 -7.78 12.79 18.40
CA LEU A 70 -8.55 14.02 18.20
C LEU A 70 -8.12 14.73 16.92
N GLN A 71 -6.80 14.76 16.68
CA GLN A 71 -6.25 15.39 15.48
C GLN A 71 -6.76 14.71 14.22
N ALA A 72 -6.83 13.37 14.25
CA ALA A 72 -7.32 12.60 13.10
C ALA A 72 -8.81 12.84 12.87
N ALA A 73 -9.58 12.88 13.96
CA ALA A 73 -11.02 13.09 13.88
C ALA A 73 -11.34 14.46 13.27
N THR A 74 -10.57 15.47 13.65
CA THR A 74 -10.76 16.83 13.13
C THR A 74 -10.27 16.94 11.69
N LEU A 75 -9.23 16.17 11.34
CA LEU A 75 -8.67 16.18 9.99
C LEU A 75 -9.68 15.68 8.97
N VAL A 76 -10.29 14.53 9.24
CA VAL A 76 -11.29 13.93 8.34
C VAL A 76 -12.50 14.85 8.18
N ALA A 77 -12.82 15.61 9.23
CA ALA A 77 -13.95 16.53 9.18
C ALA A 77 -13.60 17.80 8.40
N LEU A 78 -12.35 18.26 8.54
CA LEU A 78 -11.88 19.45 7.85
C LEU A 78 -11.85 19.24 6.33
N VAL A 79 -11.27 18.12 5.90
CA VAL A 79 -11.17 17.79 4.47
C VAL A 79 -12.58 17.67 3.85
N ALA A 80 -13.53 17.13 4.62
CA ALA A 80 -14.90 16.97 4.15
C ALA A 80 -15.55 18.33 3.89
N GLY A 81 -15.35 19.26 4.83
CA GLY A 81 -15.91 20.60 4.69
C GLY A 81 -15.24 21.39 3.58
N SER A 82 -13.96 21.11 3.33
CA SER A 82 -13.20 21.80 2.28
C SER A 82 -13.54 21.27 0.89
N PHE A 83 -14.07 20.04 0.83
CA PHE A 83 -14.44 19.41 -0.44
C PHE A 83 -15.44 20.27 -1.21
N ILE A 84 -16.46 20.77 -0.52
CA ILE A 84 -17.49 21.60 -1.15
C ILE A 84 -16.91 22.91 -1.68
N TYR A 85 -15.89 23.44 -0.98
CA TYR A 85 -15.24 24.69 -1.39
C TYR A 85 -14.53 24.52 -2.73
N GLY A 86 -13.75 23.45 -2.85
CA GLY A 86 -13.02 23.18 -4.08
C GLY A 86 -11.89 24.18 -4.31
N THR A 87 -11.16 24.49 -3.24
CA THR A 87 -10.04 25.43 -3.32
C THR A 87 -8.83 24.89 -2.55
N SER A 88 -8.46 23.63 -2.82
CA SER A 88 -7.33 23.01 -2.16
C SER A 88 -6.64 22.00 -3.09
N GLY A 89 -6.21 22.47 -4.25
CA GLY A 89 -5.54 21.61 -5.21
C GLY A 89 -4.21 21.09 -4.69
N LYS A 90 -3.26 22.00 -4.45
CA LYS A 90 -1.95 21.64 -3.93
C LYS A 90 -2.05 21.23 -2.46
N GLU A 91 -3.01 21.80 -1.74
CA GLU A 91 -3.22 21.51 -0.32
C GLU A 91 -3.56 20.02 -0.12
N LEU A 92 -4.38 19.47 -1.02
CA LEU A 92 -4.77 18.06 -0.94
C LEU A 92 -3.53 17.16 -0.92
N LYS A 93 -2.60 17.42 -1.84
CA LYS A 93 -1.36 16.65 -1.93
C LYS A 93 -0.49 16.89 -0.70
N ALA A 94 -0.44 18.14 -0.23
CA ALA A 94 0.35 18.51 0.94
C ALA A 94 -0.14 17.78 2.19
N LYS A 95 -1.47 17.68 2.33
CA LYS A 95 -2.07 16.99 3.48
C LYS A 95 -1.59 15.55 3.57
N GLU A 96 -1.64 14.84 2.44
CA GLU A 96 -1.20 13.44 2.38
C GLU A 96 0.30 13.33 2.70
N GLU A 97 1.09 14.24 2.13
CA GLU A 97 2.53 14.26 2.34
C GLU A 97 2.86 14.52 3.82
N GLN A 98 2.18 15.51 4.41
CA GLN A 98 2.39 15.87 5.81
C GLN A 98 2.22 14.64 6.71
N LEU A 99 1.21 13.82 6.43
CA LEU A 99 0.95 12.61 7.20
C LEU A 99 2.12 11.63 7.08
N LYS A 100 2.60 11.44 5.86
CA LYS A 100 3.72 10.52 5.60
C LYS A 100 5.01 11.03 6.27
N GLU A 101 5.26 12.34 6.14
CA GLU A 101 6.44 12.96 6.73
C GLU A 101 6.44 12.81 8.26
N LYS A 102 5.25 12.98 8.86
CA LYS A 102 5.10 12.86 10.31
C LYS A 102 5.47 11.44 10.77
N ALA A 103 5.00 10.44 10.03
CA ALA A 103 5.28 9.04 10.36
C ALA A 103 6.77 8.75 10.24
N LYS A 104 7.40 9.26 9.17
CA LYS A 104 8.83 9.06 8.94
C LYS A 104 9.66 9.73 10.03
N MET A 105 9.24 10.94 10.42
CA MET A 105 9.95 11.70 11.47
C MET A 105 9.86 10.98 12.82
N ARG A 106 8.66 10.50 13.15
CA ARG A 106 8.43 9.79 14.41
C ARG A 106 9.29 8.53 14.48
N GLU A 107 9.35 7.78 13.37
CA GLU A 107 10.14 6.55 13.31
C GLU A 107 11.64 6.87 13.30
N LYS A 108 12.35 6.34 14.28
CA LYS A 108 13.80 6.56 14.39
C LYS A 108 14.51 5.33 14.94
N LEU A 109 15.78 5.18 14.57
CA LEU A 109 16.59 4.04 15.01
C LEU A 109 16.97 4.19 16.50
N TRP A 110 17.31 5.41 16.90
CA TRP A 110 17.69 5.68 18.29
C TRP A 110 16.54 5.35 19.24
N ILE A 111 15.36 5.91 18.97
CA ILE A 111 14.19 5.66 19.82
C ILE A 111 13.56 4.31 19.48
N GLN A 112 13.80 3.31 20.33
CA GLN A 112 13.28 1.97 20.14
C GLN A 112 12.38 1.55 21.31
N GLU A 113 12.02 0.27 21.34
CA GLU A 113 11.17 -0.26 22.41
C GLU A 113 11.97 -0.61 23.66
N LEU A 114 13.30 -0.48 23.59
CA LEU A 114 14.19 -0.77 24.72
C LEU A 114 14.11 -2.25 25.10
N GLU A 115 13.38 -2.59 26.17
CA GLU A 115 13.23 -3.97 26.61
C GLU A 115 12.28 -4.08 27.80
N ARG A 116 11.36 -5.03 27.72
CA ARG A 116 10.39 -5.26 28.79
C ARG A 116 10.06 -6.75 28.92
N ARG A 117 10.42 -7.32 30.06
CA ARG A 117 10.18 -8.75 30.32
C ARG A 117 8.70 -9.11 30.18
N GLU A 118 7.83 -8.31 30.78
CA GLU A 118 6.38 -8.55 30.72
C GLU A 118 5.87 -8.51 29.28
N GLU A 119 6.14 -7.39 28.59
CA GLU A 119 5.70 -7.23 27.20
C GLU A 119 6.26 -8.33 26.29
N GLU A 120 7.50 -8.73 26.56
CA GLU A 120 8.16 -9.78 25.77
C GLU A 120 7.43 -11.11 25.91
N THR A 121 7.14 -11.50 27.17
CA THR A 121 6.44 -12.76 27.44
C THR A 121 5.11 -12.83 26.70
N GLU A 122 4.36 -11.73 26.74
CA GLU A 122 3.06 -11.66 26.07
C GLU A 122 3.22 -11.64 24.56
N ALA A 123 4.20 -10.87 24.07
CA ALA A 123 4.47 -10.75 22.63
C ALA A 123 4.70 -12.12 21.99
N ARG A 124 5.55 -12.94 22.61
CA ARG A 124 5.85 -14.28 22.10
C ARG A 124 4.59 -15.15 22.08
N ARG A 125 3.82 -15.09 23.17
CA ARG A 125 2.59 -15.87 23.28
C ARG A 125 1.47 -15.31 22.40
N LYS A 126 1.63 -14.08 21.92
CA LYS A 126 0.61 -13.45 21.07
C LYS A 126 0.70 -13.91 19.61
N ARG A 127 1.91 -14.29 19.17
CA ARG A 127 2.09 -14.76 17.79
C ARG A 127 1.93 -16.28 17.67
N ALA A 128 1.80 -16.98 18.81
CA ALA A 128 1.65 -18.43 18.81
C ALA A 128 0.34 -18.88 18.13
N GLU A 129 -0.71 -18.06 18.23
CA GLU A 129 -2.00 -18.40 17.63
C GLU A 129 -2.03 -18.10 16.13
N LEU A 130 -2.05 -16.81 15.78
CA LEU A 130 -2.10 -16.39 14.38
C LEU A 130 -2.04 -14.87 14.25
N ALA A 131 -2.23 -14.38 13.02
CA ALA A 131 -2.21 -12.94 12.73
C ALA A 131 -3.40 -12.53 11.88
N ARG A 132 -4.47 -12.05 12.54
CA ARG A 132 -5.68 -11.62 11.85
C ARG A 132 -5.48 -10.27 11.15
N MET A 133 -5.56 -10.27 9.82
CA MET A 133 -5.40 -9.05 9.04
C MET A 133 -6.77 -8.49 8.60
N LYS A 134 -7.58 -8.10 9.59
CA LYS A 134 -8.91 -7.56 9.32
C LYS A 134 -8.86 -6.35 8.40
N THR A 135 -7.96 -5.40 8.70
CA THR A 135 -7.81 -4.19 7.90
C THR A 135 -7.56 -4.53 6.43
N LEU A 136 -6.61 -5.42 6.18
CA LEU A 136 -6.28 -5.83 4.81
C LEU A 136 -7.47 -6.52 4.14
N GLU A 137 -8.18 -7.35 4.92
CA GLU A 137 -9.35 -8.07 4.41
C GLU A 137 -10.46 -7.10 4.01
N ASN A 138 -10.64 -6.04 4.80
CA ASN A 138 -11.66 -5.03 4.53
C ASN A 138 -11.46 -4.41 3.14
N GLU A 139 -10.20 -4.23 2.74
CA GLU A 139 -9.88 -3.67 1.43
C GLU A 139 -10.46 -4.53 0.30
N GLU A 140 -10.45 -5.85 0.50
CA GLU A 140 -10.99 -6.78 -0.48
C GLU A 140 -12.52 -6.66 -0.56
N GLU A 141 -13.15 -6.41 0.59
CA GLU A 141 -14.60 -6.26 0.65
C GLU A 141 -15.05 -5.01 -0.09
N ILE A 142 -14.38 -3.88 0.17
CA ILE A 142 -14.70 -2.61 -0.49
C ILE A 142 -14.36 -2.64 -1.98
N LYS A 143 -13.38 -3.49 -2.35
CA LYS A 143 -12.96 -3.61 -3.74
C LYS A 143 -14.13 -4.04 -4.62
N ASN A 144 -14.99 -4.92 -4.09
CA ASN A 144 -16.16 -5.40 -4.82
C ASN A 144 -17.10 -4.24 -5.14
N LEU A 145 -17.28 -3.34 -4.18
CA LEU A 145 -18.14 -2.17 -4.36
C LEU A 145 -17.59 -1.27 -5.47
N GLU A 146 -16.27 -1.06 -5.46
CA GLU A 146 -15.62 -0.24 -6.47
C GLU A 146 -15.78 -0.86 -7.86
N LYS A 147 -15.72 -2.18 -7.92
CA LYS A 147 -15.89 -2.90 -9.19
C LYS A 147 -17.29 -2.68 -9.74
N GLU A 148 -18.29 -2.72 -8.87
CA GLU A 148 -19.68 -2.51 -9.26
C GLU A 148 -19.91 -1.07 -9.73
N LEU A 149 -19.10 -0.13 -9.22
CA LEU A 149 -19.22 1.27 -9.61
C LEU A 149 -19.10 1.42 -11.12
N SER A 150 -18.19 0.65 -11.72
CA SER A 150 -17.99 0.68 -13.17
C SER A 150 -19.21 0.10 -13.90
N ASP A 151 -19.80 -0.94 -13.31
CA ASP A 151 -20.97 -1.60 -13.90
C ASP A 151 -22.16 -0.64 -13.97
N LEU A 152 -22.39 0.11 -12.89
CA LEU A 152 -23.50 1.07 -12.84
C LEU A 152 -23.29 2.20 -13.85
N GLU A 153 -22.03 2.59 -14.06
CA GLU A 153 -21.70 3.65 -15.00
C GLU A 153 -22.03 3.21 -16.43
N ASN A 154 -21.61 1.99 -16.77
CA ASN A 154 -21.87 1.43 -18.11
C ASN A 154 -23.37 1.19 -18.31
N LYS A 155 -24.04 0.69 -17.25
CA LYS A 155 -25.47 0.42 -17.31
C LYS A 155 -26.27 1.69 -17.59
N LEU A 156 -25.86 2.80 -16.97
CA LEU A 156 -26.53 4.08 -17.15
C LEU A 156 -26.46 4.54 -18.61
N GLY A 157 -25.31 4.31 -19.25
CA GLY A 157 -25.14 4.71 -20.63
C GLY A 157 -23.85 5.48 -20.88
N LYS A 158 -22.72 4.88 -20.50
CA LYS A 158 -21.42 5.52 -20.67
C LYS A 158 -20.73 5.01 -21.94
N LYS A 159 -20.67 3.69 -22.09
CA LYS A 159 -20.04 3.08 -23.26
C LYS A 159 -21.06 2.82 -24.37
N MET B 1 30.58 -15.64 7.96
CA MET B 1 31.78 -15.04 7.33
C MET B 1 31.41 -14.32 6.03
N SER B 2 30.86 -15.05 5.07
CA SER B 2 30.47 -14.49 3.79
C SER B 2 29.06 -13.92 3.86
N ARG B 3 28.96 -12.61 4.12
CA ARG B 3 27.67 -11.93 4.23
C ARG B 3 26.88 -12.01 2.91
N MET B 4 25.76 -12.73 2.94
CA MET B 4 24.91 -12.88 1.77
C MET B 4 23.55 -12.22 2.01
N PRO B 5 22.87 -11.80 0.92
CA PRO B 5 21.55 -11.14 1.02
C PRO B 5 20.56 -11.92 1.89
N SER B 6 20.42 -11.49 3.15
CA SER B 6 19.52 -12.14 4.09
C SER B 6 18.72 -11.13 4.94
N SER B 7 18.88 -9.83 4.65
CA SER B 7 18.18 -8.79 5.39
C SER B 7 16.71 -8.72 4.97
N PHE B 8 15.84 -9.39 5.74
CA PHE B 8 14.41 -9.40 5.45
C PHE B 8 13.60 -9.16 6.73
N ASP B 9 12.73 -8.16 6.69
CA ASP B 9 11.91 -7.82 7.86
C ASP B 9 10.48 -8.36 7.71
N VAL B 10 10.32 -9.46 6.98
CA VAL B 10 9.01 -10.09 6.76
C VAL B 10 7.97 -9.06 6.31
N THR B 11 8.23 -8.44 5.16
CA THR B 11 7.33 -7.43 4.60
C THR B 11 6.89 -7.82 3.19
N GLU B 12 5.57 -7.95 3.00
CA GLU B 12 5.02 -8.30 1.70
C GLU B 12 4.56 -7.05 0.95
N ARG B 13 5.49 -6.12 0.73
CA ARG B 13 5.20 -4.87 0.03
C ARG B 13 6.00 -4.74 -1.27
N ASP B 14 6.99 -5.61 -1.48
CA ASP B 14 7.82 -5.56 -2.68
C ASP B 14 6.96 -5.69 -3.94
N LEU B 15 6.24 -6.82 -4.06
CA LEU B 15 5.37 -7.05 -5.21
C LEU B 15 4.21 -6.08 -5.21
N ASP B 16 3.72 -5.71 -4.03
CA ASP B 16 2.61 -4.77 -3.91
C ASP B 16 2.94 -3.43 -4.56
N ASP B 17 4.18 -2.96 -4.34
CA ASP B 17 4.64 -1.70 -4.92
C ASP B 17 4.62 -1.77 -6.45
N MET B 18 4.99 -2.93 -7.00
CA MET B 18 5.01 -3.13 -8.44
C MET B 18 3.60 -3.00 -9.03
N THR B 19 2.61 -3.61 -8.35
CA THR B 19 1.22 -3.55 -8.79
C THR B 19 0.70 -2.11 -8.82
N PHE B 20 1.20 -1.28 -7.89
CA PHE B 20 0.80 0.12 -7.80
C PHE B 20 1.14 0.87 -9.09
N GLY B 21 2.19 0.42 -9.79
CA GLY B 21 2.61 1.06 -11.03
C GLY B 21 1.54 1.02 -12.11
N GLU B 22 0.53 0.15 -11.96
CA GLU B 22 -0.55 0.04 -12.95
C GLU B 22 -1.60 1.12 -12.75
N ARG B 23 -1.91 1.41 -11.48
CA ARG B 23 -2.91 2.44 -11.15
C ARG B 23 -2.47 3.83 -11.62
N ILE B 24 -1.19 4.15 -11.41
CA ILE B 24 -0.65 5.45 -11.82
C ILE B 24 -0.73 5.66 -13.34
N ILE B 25 -0.62 4.56 -14.09
CA ILE B 25 -0.69 4.62 -15.55
C ILE B 25 -2.03 5.20 -16.01
N TYR B 26 -3.11 4.88 -15.28
CA TYR B 26 -4.43 5.38 -15.61
C TYR B 26 -4.45 6.91 -15.63
N HIS B 27 -3.80 7.52 -14.63
CA HIS B 27 -3.70 8.97 -14.54
C HIS B 27 -2.91 9.55 -15.72
N CYS B 28 -1.81 8.88 -16.07
CA CYS B 28 -0.96 9.32 -17.18
C CYS B 28 -1.73 9.27 -18.50
N LYS B 29 -2.70 8.35 -18.59
CA LYS B 29 -3.50 8.20 -19.80
C LYS B 29 -4.29 9.48 -20.10
N LYS B 30 -4.74 10.16 -19.04
CA LYS B 30 -5.50 11.41 -19.18
C LYS B 30 -4.64 12.50 -19.84
N GLN B 31 -3.39 12.62 -19.37
CA GLN B 31 -2.47 13.62 -19.90
C GLN B 31 -1.19 12.95 -20.43
N PRO B 32 -1.29 12.29 -21.60
CA PRO B 32 -0.14 11.59 -22.21
C PRO B 32 0.77 12.54 -22.99
N LEU B 33 2.05 12.19 -23.08
CA LEU B 33 3.03 13.00 -23.80
C LEU B 33 3.99 12.12 -24.61
N VAL B 34 4.69 12.75 -25.56
CA VAL B 34 5.63 12.03 -26.41
C VAL B 34 7.04 12.00 -25.80
N PRO B 35 7.65 13.17 -25.53
CA PRO B 35 9.00 13.24 -24.96
C PRO B 35 9.07 12.74 -23.52
N ILE B 36 8.26 13.33 -22.63
CA ILE B 36 8.23 12.94 -21.22
C ILE B 36 7.39 11.68 -21.00
N GLY B 37 6.31 11.52 -21.78
CA GLY B 37 5.45 10.37 -21.65
C GLY B 37 6.17 9.06 -21.92
N CYS B 38 6.82 8.98 -23.08
CA CYS B 38 7.57 7.78 -23.47
C CYS B 38 8.72 7.50 -22.50
N LEU B 39 9.43 8.57 -22.12
CA LEU B 39 10.56 8.45 -21.19
C LEU B 39 10.10 7.94 -19.82
N LEU B 40 8.90 8.35 -19.40
CA LEU B 40 8.34 7.94 -18.11
C LEU B 40 7.99 6.45 -18.13
N THR B 41 7.47 5.97 -19.27
CA THR B 41 7.10 4.57 -19.42
C THR B 41 8.34 3.68 -19.54
N THR B 42 9.30 4.11 -20.36
CA THR B 42 10.54 3.38 -20.57
C THR B 42 11.38 3.35 -19.29
N GLY B 43 11.46 4.49 -18.61
CA GLY B 43 12.25 4.59 -17.39
C GLY B 43 11.55 3.98 -16.18
N ALA B 44 10.23 3.77 -16.26
CA ALA B 44 9.47 3.20 -15.14
C ALA B 44 9.96 1.78 -14.83
N VAL B 45 10.00 0.94 -15.86
CA VAL B 45 10.44 -0.45 -15.68
C VAL B 45 11.97 -0.57 -15.66
N ILE B 46 12.67 0.40 -16.25
CA ILE B 46 14.13 0.39 -16.27
C ILE B 46 14.70 0.45 -14.86
N LEU B 47 14.05 1.24 -13.99
CA LEU B 47 14.50 1.38 -12.60
C LEU B 47 14.04 0.19 -11.74
N ALA B 48 12.91 -0.44 -12.11
CA ALA B 48 12.40 -1.59 -11.36
C ALA B 48 13.19 -2.85 -11.69
N ALA B 49 13.56 -3.02 -12.96
CA ALA B 49 14.34 -4.18 -13.39
C ALA B 49 15.77 -4.15 -12.85
N GLN B 50 16.24 -2.95 -12.49
CA GLN B 50 17.60 -2.79 -11.93
C GLN B 50 17.71 -3.51 -10.59
N ASN B 51 16.67 -3.38 -9.77
CA ASN B 51 16.64 -4.03 -8.45
C ASN B 51 16.46 -5.53 -8.58
N VAL B 52 15.80 -5.97 -9.65
CA VAL B 52 15.56 -7.40 -9.88
C VAL B 52 16.78 -8.05 -10.55
N ARG B 53 17.53 -7.26 -11.34
CA ARG B 53 18.73 -7.78 -12.01
C ARG B 53 19.90 -7.90 -11.03
N LEU B 54 19.95 -6.99 -10.05
CA LEU B 54 21.02 -7.03 -9.03
C LEU B 54 20.75 -8.17 -8.04
N GLY B 55 19.48 -8.34 -7.66
CA GLY B 55 19.10 -9.39 -6.73
C GLY B 55 19.11 -10.76 -7.38
N ASN B 56 19.01 -10.81 -8.72
CA ASN B 56 19.01 -12.08 -9.45
C ASN B 56 20.43 -12.49 -9.84
N LYS B 57 21.35 -11.53 -9.93
CA LYS B 57 22.74 -11.80 -10.29
C LYS B 57 23.42 -12.72 -9.28
N TRP B 58 23.04 -12.61 -8.01
CA TRP B 58 23.63 -13.44 -6.96
C TRP B 58 22.72 -14.62 -6.62
N LYS B 59 22.92 -15.74 -7.32
CA LYS B 59 22.13 -16.95 -7.12
C LYS B 59 22.93 -17.98 -6.33
N ALA B 60 22.54 -19.24 -6.47
CA ALA B 60 23.23 -20.33 -5.78
C ALA B 60 22.99 -21.69 -6.47
N GLN B 61 21.77 -21.97 -6.95
CA GLN B 61 21.48 -23.24 -7.61
C GLN B 61 20.16 -23.20 -8.37
N TYR B 62 19.05 -23.02 -7.65
CA TYR B 62 17.72 -22.99 -8.25
C TYR B 62 17.49 -21.71 -9.06
N TYR B 63 16.73 -21.85 -10.14
CA TYR B 63 16.40 -20.73 -11.02
C TYR B 63 14.90 -20.49 -11.04
N PHE B 64 14.24 -20.69 -9.89
CA PHE B 64 12.80 -20.51 -9.77
C PHE B 64 12.40 -19.05 -9.97
N ARG B 65 13.21 -18.12 -9.44
CA ARG B 65 12.94 -16.69 -9.57
C ARG B 65 12.92 -16.26 -11.04
N TRP B 66 13.72 -16.93 -11.88
CA TRP B 66 13.77 -16.62 -13.31
C TRP B 66 12.51 -17.14 -14.01
N ARG B 67 12.02 -18.30 -13.57
CA ARG B 67 10.81 -18.89 -14.16
C ARG B 67 9.63 -17.92 -14.05
N VAL B 68 9.38 -17.43 -12.84
CA VAL B 68 8.29 -16.49 -12.58
C VAL B 68 8.57 -15.14 -13.26
N GLY B 69 9.85 -14.75 -13.30
CA GLY B 69 10.24 -13.49 -13.93
C GLY B 69 9.75 -13.38 -15.36
N LEU B 70 9.80 -14.49 -16.10
CA LEU B 70 9.35 -14.51 -17.49
C LEU B 70 7.82 -14.60 -17.60
N GLN B 71 7.20 -15.37 -16.70
CA GLN B 71 5.74 -15.54 -16.68
C GLN B 71 5.03 -14.17 -16.66
N ALA B 72 5.50 -13.28 -15.79
CA ALA B 72 4.92 -11.94 -15.67
C ALA B 72 5.39 -11.02 -16.81
N ALA B 73 6.61 -11.27 -17.33
CA ALA B 73 7.17 -10.46 -18.42
C ALA B 73 6.26 -10.50 -19.66
N THR B 74 5.61 -11.64 -19.90
CA THR B 74 4.71 -11.79 -21.06
C THR B 74 3.40 -11.03 -20.82
N LEU B 75 2.94 -11.02 -19.56
CA LEU B 75 1.70 -10.32 -19.20
C LEU B 75 1.83 -8.81 -19.44
N VAL B 76 3.00 -8.25 -19.10
CA VAL B 76 3.24 -6.81 -19.29
C VAL B 76 3.39 -6.47 -20.77
N ALA B 77 3.75 -7.47 -21.58
CA ALA B 77 3.92 -7.25 -23.04
C ALA B 77 2.58 -7.31 -23.77
N LEU B 78 1.73 -8.27 -23.39
CA LEU B 78 0.41 -8.43 -24.03
C LEU B 78 -0.57 -7.36 -23.54
N VAL B 79 -0.31 -6.77 -22.35
CA VAL B 79 -1.18 -5.73 -21.81
C VAL B 79 -1.04 -4.42 -22.59
N ALA B 80 0.11 -4.23 -23.25
CA ALA B 80 0.35 -3.03 -24.05
C ALA B 80 -0.60 -2.97 -25.24
N GLY B 81 -0.75 -4.11 -25.92
CA GLY B 81 -1.67 -4.18 -27.07
C GLY B 81 -3.12 -4.33 -26.65
N SER B 82 -3.37 -4.82 -25.43
CA SER B 82 -4.74 -4.99 -24.92
C SER B 82 -5.33 -3.64 -24.51
N PHE B 83 -4.50 -2.80 -23.88
CA PHE B 83 -4.93 -1.47 -23.44
C PHE B 83 -5.41 -0.64 -24.63
N ILE B 84 -4.71 -0.76 -25.77
CA ILE B 84 -5.07 -0.02 -26.97
C ILE B 84 -6.41 -0.52 -27.53
N TYR B 85 -6.55 -1.84 -27.61
CA TYR B 85 -7.78 -2.47 -28.11
C TYR B 85 -9.03 -1.91 -27.43
N GLY B 86 -9.03 -1.92 -26.08
CA GLY B 86 -10.16 -1.41 -25.33
C GLY B 86 -11.39 -2.28 -25.47
N THR B 87 -11.22 -3.59 -25.28
CA THR B 87 -12.32 -4.55 -25.40
C THR B 87 -13.19 -4.56 -24.14
N SER B 88 -12.55 -4.69 -22.97
CA SER B 88 -13.27 -4.73 -21.70
C SER B 88 -12.42 -4.19 -20.56
N GLY B 89 -12.87 -3.09 -19.95
CA GLY B 89 -12.14 -2.49 -18.84
C GLY B 89 -12.21 -3.34 -17.56
N LYS B 90 -13.30 -4.10 -17.43
CA LYS B 90 -13.49 -4.96 -16.26
C LYS B 90 -12.39 -6.01 -16.15
N GLU B 91 -11.86 -6.44 -17.32
CA GLU B 91 -10.79 -7.44 -17.36
C GLU B 91 -9.60 -7.03 -16.50
N LEU B 92 -9.30 -5.72 -16.49
CA LEU B 92 -8.18 -5.20 -15.70
C LEU B 92 -8.37 -5.48 -14.21
N LYS B 93 -9.58 -5.22 -13.71
CA LYS B 93 -9.91 -5.46 -12.30
C LYS B 93 -9.92 -6.96 -11.99
N ALA B 94 -10.30 -7.78 -12.96
CA ALA B 94 -10.34 -9.24 -12.78
C ALA B 94 -8.93 -9.81 -12.74
N LYS B 95 -8.06 -9.33 -13.63
CA LYS B 95 -6.67 -9.78 -13.69
C LYS B 95 -5.93 -9.44 -12.40
N GLU B 96 -6.20 -8.25 -11.87
CA GLU B 96 -5.57 -7.80 -10.64
C GLU B 96 -5.99 -8.70 -9.46
N GLU B 97 -7.27 -9.08 -9.44
CA GLU B 97 -7.78 -9.95 -8.39
C GLU B 97 -7.09 -11.31 -8.43
N GLN B 98 -6.84 -11.82 -9.64
CA GLN B 98 -6.16 -13.10 -9.82
C GLN B 98 -4.76 -13.05 -9.22
N LEU B 99 -4.07 -11.91 -9.42
CA LEU B 99 -2.72 -11.72 -8.89
C LEU B 99 -2.73 -11.75 -7.36
N LYS B 100 -3.76 -11.16 -6.76
CA LYS B 100 -3.90 -11.13 -5.30
C LYS B 100 -3.98 -12.55 -4.74
N GLU B 101 -4.79 -13.40 -5.39
CA GLU B 101 -4.96 -14.79 -4.97
C GLU B 101 -3.63 -15.55 -5.10
N LYS B 102 -2.92 -15.30 -6.20
CA LYS B 102 -1.63 -15.95 -6.45
C LYS B 102 -0.63 -15.63 -5.34
N ALA B 103 -0.67 -14.40 -4.83
CA ALA B 103 0.23 -13.98 -3.75
C ALA B 103 -0.12 -14.69 -2.45
N LYS B 104 -1.42 -14.80 -2.16
CA LYS B 104 -1.90 -15.46 -0.94
C LYS B 104 -1.55 -16.94 -0.98
N MET B 105 -1.74 -17.58 -2.14
CA MET B 105 -1.45 -18.99 -2.30
C MET B 105 0.05 -19.26 -2.17
N ARG B 106 0.86 -18.37 -2.76
CA ARG B 106 2.32 -18.50 -2.72
C ARG B 106 2.84 -18.39 -1.28
N GLU B 107 2.25 -17.47 -0.51
CA GLU B 107 2.65 -17.26 0.88
C GLU B 107 1.99 -18.28 1.80
N LYS B 108 2.77 -19.27 2.25
CA LYS B 108 2.26 -20.31 3.14
C LYS B 108 2.54 -19.97 4.60
N LEU B 109 1.63 -20.38 5.48
CA LEU B 109 1.77 -20.11 6.92
C LEU B 109 2.30 -21.33 7.68
N TRP B 110 2.78 -22.34 6.94
CA TRP B 110 3.30 -23.56 7.55
C TRP B 110 4.78 -23.77 7.19
N ILE B 111 5.10 -23.63 5.91
CA ILE B 111 6.47 -23.81 5.44
C ILE B 111 7.22 -22.47 5.44
N GLN B 112 7.41 -21.91 6.64
CA GLN B 112 8.11 -20.64 6.80
C GLN B 112 9.41 -20.81 7.58
N GLU B 113 9.34 -21.54 8.69
CA GLU B 113 10.52 -21.79 9.54
C GLU B 113 11.69 -22.35 8.72
N LEU B 114 12.90 -21.90 9.06
CA LEU B 114 14.10 -22.36 8.37
C LEU B 114 15.27 -22.51 9.35
N GLU B 115 16.07 -23.55 9.14
CA GLU B 115 17.22 -23.81 10.01
C GLU B 115 18.51 -23.31 9.36
N ARG B 116 18.69 -21.99 9.39
CA ARG B 116 19.88 -21.37 8.80
C ARG B 116 20.43 -20.29 9.73
N ARG B 117 21.53 -20.59 10.42
CA ARG B 117 22.16 -19.64 11.33
C ARG B 117 23.22 -18.79 10.63
N GLU B 118 23.84 -19.36 9.58
CA GLU B 118 24.87 -18.66 8.83
C GLU B 118 24.32 -17.37 8.21
N GLU B 119 23.19 -17.48 7.53
CA GLU B 119 22.55 -16.31 6.89
C GLU B 119 21.83 -15.44 7.92
N GLU B 120 21.29 -16.06 8.98
CA GLU B 120 20.58 -15.33 10.02
C GLU B 120 21.54 -14.39 10.77
N THR B 121 22.66 -14.95 11.23
CA THR B 121 23.68 -14.16 11.94
C THR B 121 24.27 -13.08 11.04
N GLU B 122 24.34 -13.37 9.74
CA GLU B 122 24.88 -12.43 8.77
C GLU B 122 23.91 -11.28 8.49
N ALA B 123 22.61 -11.60 8.40
CA ALA B 123 21.58 -10.61 8.13
C ALA B 123 21.56 -9.46 9.15
N ARG B 124 22.06 -9.71 10.37
CA ARG B 124 22.08 -8.66 11.40
C ARG B 124 23.37 -7.82 11.36
N ARG B 125 24.38 -8.26 10.59
CA ARG B 125 25.64 -7.53 10.48
C ARG B 125 25.47 -6.28 9.63
N LYS B 126 25.00 -6.47 8.39
CA LYS B 126 24.79 -5.35 7.47
C LYS B 126 23.58 -4.52 7.88
N ARG B 127 22.54 -5.18 8.38
CA ARG B 127 21.31 -4.49 8.82
C ARG B 127 21.63 -3.52 9.96
N ALA B 128 22.36 -4.00 10.96
CA ALA B 128 22.73 -3.17 12.11
C ALA B 128 23.59 -1.99 11.67
N GLU B 129 24.59 -2.26 10.83
CA GLU B 129 25.49 -1.21 10.33
C GLU B 129 24.69 -0.13 9.59
N LEU B 130 23.99 -0.53 8.54
CA LEU B 130 23.18 0.40 7.76
C LEU B 130 22.04 -0.33 7.05
N ALA B 131 20.82 -0.19 7.58
CA ALA B 131 19.65 -0.83 7.00
C ALA B 131 18.81 0.18 6.22
N ARG B 132 19.31 0.55 5.03
CA ARG B 132 18.62 1.51 4.18
C ARG B 132 17.68 0.80 3.20
N MET B 133 16.60 1.49 2.83
CA MET B 133 15.62 0.94 1.89
C MET B 133 15.63 1.73 0.58
N LYS B 134 16.50 1.31 -0.34
CA LYS B 134 16.62 1.98 -1.64
C LYS B 134 15.32 1.92 -2.42
N THR B 135 14.71 0.73 -2.48
CA THR B 135 13.45 0.54 -3.21
C THR B 135 12.32 1.36 -2.58
N LEU B 136 12.15 1.24 -1.26
CA LEU B 136 11.11 1.97 -0.54
C LEU B 136 11.27 3.48 -0.70
N GLU B 137 12.50 3.97 -0.55
CA GLU B 137 12.80 5.38 -0.68
C GLU B 137 12.56 5.87 -2.12
N ASN B 138 12.82 4.99 -3.09
CA ASN B 138 12.63 5.31 -4.51
C ASN B 138 11.20 5.75 -4.79
N GLU B 139 10.23 5.15 -4.09
CA GLU B 139 8.82 5.50 -4.27
C GLU B 139 8.59 7.00 -4.08
N GLU B 140 9.34 7.61 -3.15
CA GLU B 140 9.22 9.04 -2.88
C GLU B 140 9.68 9.86 -4.09
N GLU B 141 10.72 9.36 -4.78
CA GLU B 141 11.25 10.03 -5.97
C GLU B 141 10.21 10.07 -7.09
N ILE B 142 9.54 8.93 -7.32
CA ILE B 142 8.51 8.85 -8.35
C ILE B 142 7.31 9.72 -7.99
N LYS B 143 7.02 9.83 -6.68
CA LYS B 143 5.91 10.64 -6.20
C LYS B 143 6.10 12.10 -6.59
N ASN B 144 7.34 12.59 -6.48
CA ASN B 144 7.67 13.96 -6.84
C ASN B 144 7.33 14.24 -8.31
N LEU B 145 7.71 13.31 -9.18
CA LEU B 145 7.44 13.44 -10.62
C LEU B 145 5.93 13.50 -10.87
N GLU B 146 5.17 12.67 -10.14
CA GLU B 146 3.71 12.63 -10.26
C GLU B 146 3.10 13.98 -9.87
N LYS B 147 3.65 14.58 -8.80
CA LYS B 147 3.17 15.87 -8.32
C LYS B 147 3.37 16.96 -9.37
N GLU B 148 4.46 16.85 -10.15
CA GLU B 148 4.77 17.83 -11.19
C GLU B 148 3.66 17.86 -12.25
N LEU B 149 3.04 16.71 -12.50
CA LEU B 149 1.96 16.62 -13.48
C LEU B 149 0.78 17.53 -13.08
N SER B 150 0.38 17.43 -11.82
CA SER B 150 -0.72 18.26 -11.30
C SER B 150 -0.33 19.73 -11.27
N ASP B 151 0.92 20.00 -10.86
CA ASP B 151 1.42 21.37 -10.79
C ASP B 151 1.53 21.99 -12.17
N LEU B 152 1.87 21.17 -13.18
CA LEU B 152 2.01 21.63 -14.55
C LEU B 152 0.72 22.32 -15.03
N GLU B 153 -0.43 21.76 -14.63
CA GLU B 153 -1.73 22.33 -15.01
C GLU B 153 -1.81 23.80 -14.60
N ASN B 154 -1.50 24.08 -13.34
CA ASN B 154 -1.51 25.45 -12.82
C ASN B 154 -0.43 26.29 -13.49
N LYS B 155 0.71 25.67 -13.81
CA LYS B 155 1.83 26.36 -14.45
C LYS B 155 1.39 26.99 -15.77
N LEU B 156 0.58 26.25 -16.54
CA LEU B 156 0.09 26.73 -17.84
C LEU B 156 -0.81 27.96 -17.66
N GLY B 157 -1.66 27.94 -16.63
CA GLY B 157 -2.55 29.05 -16.37
C GLY B 157 -3.97 28.80 -16.86
N LYS B 158 -4.11 28.01 -17.93
CA LYS B 158 -5.42 27.70 -18.50
C LYS B 158 -6.35 27.05 -17.46
N LYS B 159 -5.84 26.02 -16.79
CA LYS B 159 -6.62 25.32 -15.76
C LYS B 159 -5.93 25.39 -14.41
N MET A 1 0.53 -26.50 27.78
CA MET A 1 -0.09 -25.98 26.53
C MET A 1 0.23 -24.51 26.32
N SER A 2 0.76 -24.18 25.13
CA SER A 2 1.12 -22.80 24.80
C SER A 2 0.64 -22.45 23.40
N ARG A 3 1.33 -22.96 22.38
CA ARG A 3 0.99 -22.70 20.98
C ARG A 3 0.99 -21.21 20.68
N MET A 4 2.15 -20.69 20.27
CA MET A 4 2.29 -19.27 19.95
C MET A 4 2.30 -19.03 18.45
N PRO A 5 1.18 -18.51 17.90
CA PRO A 5 1.05 -18.22 16.47
C PRO A 5 1.79 -16.94 16.04
N SER A 6 2.30 -16.20 17.02
CA SER A 6 3.03 -14.95 16.77
C SER A 6 2.10 -13.86 16.20
N SER A 7 2.04 -13.74 14.87
CA SER A 7 1.19 -12.73 14.22
C SER A 7 1.37 -11.36 14.86
N PHE A 8 2.63 -10.96 15.08
CA PHE A 8 2.96 -9.67 15.68
C PHE A 8 3.78 -8.79 14.73
N ASP A 9 3.63 -9.03 13.42
CA ASP A 9 4.36 -8.26 12.42
C ASP A 9 3.87 -6.81 12.39
N VAL A 10 4.79 -5.88 12.66
CA VAL A 10 4.46 -4.45 12.68
C VAL A 10 3.94 -4.00 11.32
N THR A 11 2.63 -3.72 11.26
CA THR A 11 1.98 -3.29 10.02
C THR A 11 2.09 -1.77 9.84
N GLU A 12 3.13 -1.33 9.15
CA GLU A 12 3.34 0.10 8.90
C GLU A 12 2.41 0.58 7.78
N ARG A 13 2.07 -0.32 6.85
CA ARG A 13 1.18 0.01 5.73
C ARG A 13 -0.29 0.00 6.16
N ASP A 14 -0.56 -0.39 7.42
CA ASP A 14 -1.93 -0.42 7.93
C ASP A 14 -2.62 0.93 7.75
N LEU A 15 -1.89 2.01 8.01
CA LEU A 15 -2.43 3.36 7.87
C LEU A 15 -2.79 3.65 6.41
N ASP A 16 -1.99 3.12 5.48
CA ASP A 16 -2.22 3.30 4.05
C ASP A 16 -3.59 2.73 3.65
N ASP A 17 -4.00 1.64 4.30
CA ASP A 17 -5.28 1.01 4.01
C ASP A 17 -6.44 1.95 4.37
N MET A 18 -6.32 2.62 5.52
CA MET A 18 -7.34 3.57 5.97
C MET A 18 -7.40 4.79 5.05
N THR A 19 -6.22 5.32 4.69
CA THR A 19 -6.14 6.48 3.81
C THR A 19 -6.58 6.14 2.39
N PHE A 20 -6.52 4.85 2.04
CA PHE A 20 -6.93 4.39 0.70
C PHE A 20 -8.39 4.76 0.42
N GLY A 21 -9.20 4.83 1.48
CA GLY A 21 -10.61 5.18 1.32
C GLY A 21 -10.80 6.54 0.66
N GLU A 22 -9.81 7.43 0.83
CA GLU A 22 -9.88 8.77 0.23
C GLU A 22 -9.53 8.72 -1.26
N ARG A 23 -8.58 7.85 -1.62
CA ARG A 23 -8.14 7.69 -3.00
C ARG A 23 -9.25 7.13 -3.88
N ILE A 24 -10.00 6.15 -3.35
CA ILE A 24 -11.09 5.52 -4.09
C ILE A 24 -12.22 6.51 -4.39
N ILE A 25 -12.30 7.60 -3.62
CA ILE A 25 -13.33 8.62 -3.83
C ILE A 25 -13.30 9.17 -5.26
N TYR A 26 -12.09 9.28 -5.82
CA TYR A 26 -11.92 9.78 -7.19
C TYR A 26 -12.70 8.93 -8.19
N HIS A 27 -12.71 7.61 -7.97
CA HIS A 27 -13.44 6.70 -8.85
C HIS A 27 -14.94 6.97 -8.79
N CYS A 28 -15.45 7.20 -7.58
CA CYS A 28 -16.87 7.50 -7.39
C CYS A 28 -17.24 8.88 -7.94
N LYS A 29 -16.23 9.77 -8.01
CA LYS A 29 -16.43 11.13 -8.53
C LYS A 29 -16.99 11.12 -9.95
N LYS A 30 -16.70 10.05 -10.69
CA LYS A 30 -17.19 9.92 -12.08
C LYS A 30 -18.72 9.87 -12.11
N GLN A 31 -19.29 8.97 -11.31
CA GLN A 31 -20.74 8.82 -11.23
C GLN A 31 -21.20 8.80 -9.76
N PRO A 32 -21.14 9.96 -9.09
CA PRO A 32 -21.53 10.10 -7.69
C PRO A 32 -23.03 10.34 -7.51
N LEU A 33 -23.53 10.01 -6.33
CA LEU A 33 -24.96 10.19 -6.01
C LEU A 33 -25.13 10.69 -4.57
N VAL A 34 -26.30 11.26 -4.29
CA VAL A 34 -26.59 11.77 -2.95
C VAL A 34 -26.81 10.63 -1.95
N PRO A 35 -27.71 9.66 -2.29
CA PRO A 35 -28.00 8.52 -1.41
C PRO A 35 -26.86 7.50 -1.40
N ILE A 36 -26.35 7.15 -2.59
CA ILE A 36 -25.26 6.19 -2.71
C ILE A 36 -23.94 6.75 -2.15
N GLY A 37 -23.63 7.99 -2.52
CA GLY A 37 -22.40 8.62 -2.05
C GLY A 37 -22.34 8.72 -0.54
N CYS A 38 -23.45 9.14 0.09
CA CYS A 38 -23.51 9.26 1.54
C CYS A 38 -23.37 7.90 2.22
N LEU A 39 -24.08 6.89 1.70
CA LEU A 39 -24.04 5.55 2.25
C LEU A 39 -22.65 4.91 2.07
N LEU A 40 -21.96 5.29 0.99
CA LEU A 40 -20.63 4.76 0.71
C LEU A 40 -19.60 5.32 1.69
N THR A 41 -19.66 6.64 1.92
CA THR A 41 -18.72 7.31 2.83
C THR A 41 -19.00 6.92 4.27
N THR A 42 -20.24 7.11 4.72
CA THR A 42 -20.63 6.78 6.09
C THR A 42 -20.52 5.28 6.36
N GLY A 43 -20.91 4.46 5.37
CA GLY A 43 -20.83 3.02 5.52
C GLY A 43 -19.41 2.49 5.60
N ALA A 44 -18.45 3.25 5.07
CA ALA A 44 -17.05 2.85 5.10
C ALA A 44 -16.35 3.32 6.37
N VAL A 45 -16.59 4.59 6.74
CA VAL A 45 -15.98 5.16 7.95
C VAL A 45 -16.50 4.50 9.22
N ILE A 46 -17.74 4.01 9.20
CA ILE A 46 -18.34 3.36 10.37
C ILE A 46 -17.53 2.13 10.80
N LEU A 47 -16.98 1.41 9.82
CA LEU A 47 -16.18 0.22 10.10
C LEU A 47 -14.86 0.61 10.77
N ALA A 48 -14.20 1.63 10.21
CA ALA A 48 -12.92 2.11 10.76
C ALA A 48 -13.12 2.68 12.17
N ALA A 49 -14.25 3.36 12.38
CA ALA A 49 -14.56 3.96 13.68
C ALA A 49 -14.58 2.91 14.78
N GLN A 50 -15.09 1.72 14.48
CA GLN A 50 -15.15 0.62 15.44
C GLN A 50 -13.75 0.24 15.92
N ASN A 51 -12.80 0.15 14.98
CA ASN A 51 -11.42 -0.19 15.31
C ASN A 51 -10.81 0.86 16.23
N VAL A 52 -11.07 2.13 15.95
CA VAL A 52 -10.55 3.24 16.76
C VAL A 52 -11.19 3.24 18.15
N ARG A 53 -12.46 2.86 18.23
CA ARG A 53 -13.19 2.82 19.49
C ARG A 53 -12.57 1.81 20.46
N LEU A 54 -12.00 0.73 19.91
CA LEU A 54 -11.36 -0.31 20.72
C LEU A 54 -10.22 0.27 21.56
N GLY A 55 -9.30 0.98 20.91
CA GLY A 55 -8.17 1.58 21.60
C GLY A 55 -8.58 2.78 22.45
N ASN A 56 -9.53 3.56 21.94
CA ASN A 56 -10.03 4.74 22.65
C ASN A 56 -10.86 4.36 23.89
N LYS A 57 -11.31 3.09 23.92
CA LYS A 57 -12.11 2.58 25.04
C LYS A 57 -11.48 2.89 26.40
N TRP A 58 -10.15 2.80 26.47
CA TRP A 58 -9.43 3.07 27.72
C TRP A 58 -9.80 4.44 28.28
N LYS A 59 -10.11 4.49 29.57
CA LYS A 59 -10.49 5.72 30.24
C LYS A 59 -9.29 6.37 30.94
N ALA A 60 -8.48 5.54 31.61
CA ALA A 60 -7.31 6.03 32.33
C ALA A 60 -6.03 5.30 31.90
N GLN A 61 -5.73 5.38 30.61
CA GLN A 61 -4.53 4.72 30.07
C GLN A 61 -4.29 5.15 28.63
N TYR A 62 -3.74 6.36 28.44
CA TYR A 62 -3.46 6.88 27.10
C TYR A 62 -2.71 8.21 27.18
N TYR A 63 -2.00 8.54 26.10
CA TYR A 63 -1.23 9.79 26.03
C TYR A 63 -1.00 10.19 24.57
N PHE A 64 -0.26 9.35 23.84
CA PHE A 64 0.03 9.60 22.43
C PHE A 64 -1.20 9.30 21.56
N ARG A 65 -1.90 8.21 21.89
CA ARG A 65 -3.09 7.81 21.16
C ARG A 65 -4.18 8.87 21.24
N TRP A 66 -4.31 9.51 22.41
CA TRP A 66 -5.31 10.55 22.62
C TRP A 66 -4.98 11.81 21.82
N ARG A 67 -3.70 12.16 21.77
CA ARG A 67 -3.24 13.34 21.03
C ARG A 67 -3.46 13.15 19.52
N VAL A 68 -2.88 12.09 18.97
CA VAL A 68 -3.02 11.79 17.54
C VAL A 68 -4.47 11.50 17.16
N GLY A 69 -5.22 10.87 18.08
CA GLY A 69 -6.62 10.56 17.83
C GLY A 69 -7.46 11.81 17.63
N LEU A 70 -7.26 12.80 18.49
CA LEU A 70 -8.00 14.07 18.40
C LEU A 70 -7.63 14.81 17.11
N GLN A 71 -6.34 14.83 16.79
CA GLN A 71 -5.85 15.50 15.58
C GLN A 71 -6.44 14.85 14.33
N ALA A 72 -6.51 13.52 14.32
CA ALA A 72 -7.05 12.77 13.19
C ALA A 72 -8.55 13.00 13.05
N ALA A 73 -9.26 13.01 14.19
CA ALA A 73 -10.71 13.22 14.19
C ALA A 73 -11.08 14.59 13.63
N THR A 74 -10.27 15.61 13.95
CA THR A 74 -10.53 16.96 13.46
C THR A 74 -10.12 17.10 11.99
N LEU A 75 -9.11 16.33 11.57
CA LEU A 75 -8.63 16.37 10.19
C LEU A 75 -9.68 15.81 9.23
N VAL A 76 -10.23 14.63 9.56
CA VAL A 76 -11.24 13.99 8.72
C VAL A 76 -12.49 14.86 8.60
N ALA A 77 -12.80 15.63 9.64
CA ALA A 77 -13.96 16.52 9.64
C ALA A 77 -13.67 17.81 8.86
N LEU A 78 -12.44 18.31 9.00
CA LEU A 78 -12.03 19.54 8.32
C LEU A 78 -11.98 19.34 6.80
N VAL A 79 -11.36 18.23 6.37
CA VAL A 79 -11.25 17.92 4.94
C VAL A 79 -12.62 17.79 4.28
N ALA A 80 -13.60 17.25 5.04
CA ALA A 80 -14.96 17.09 4.54
C ALA A 80 -15.59 18.44 4.24
N GLY A 81 -15.43 19.39 5.17
CA GLY A 81 -15.98 20.72 4.98
C GLY A 81 -15.26 21.51 3.89
N SER A 82 -13.96 21.24 3.74
CA SER A 82 -13.15 21.92 2.72
C SER A 82 -13.61 21.55 1.30
N PHE A 83 -14.23 20.38 1.16
CA PHE A 83 -14.70 19.92 -0.15
C PHE A 83 -15.70 20.90 -0.77
N ILE A 84 -16.58 21.48 0.06
CA ILE A 84 -17.58 22.44 -0.42
C ILE A 84 -16.92 23.68 -1.04
N TYR A 85 -15.75 24.06 -0.52
CA TYR A 85 -15.02 25.23 -1.02
C TYR A 85 -14.50 24.98 -2.44
N GLY A 86 -13.95 23.79 -2.67
CA GLY A 86 -13.43 23.45 -3.97
C GLY A 86 -12.11 24.15 -4.28
N THR A 87 -11.26 24.29 -3.25
CA THR A 87 -9.96 24.95 -3.41
C THR A 87 -8.91 24.26 -2.53
N SER A 88 -8.79 22.95 -2.68
CA SER A 88 -7.83 22.17 -1.91
C SER A 88 -7.04 21.22 -2.81
N GLY A 89 -6.56 21.73 -3.96
CA GLY A 89 -5.79 20.93 -4.88
C GLY A 89 -4.41 20.57 -4.35
N LYS A 90 -3.58 21.60 -4.16
CA LYS A 90 -2.23 21.39 -3.64
C LYS A 90 -2.26 20.95 -2.18
N GLU A 91 -3.26 21.42 -1.43
CA GLU A 91 -3.42 21.05 -0.02
C GLU A 91 -3.68 19.56 0.14
N LEU A 92 -4.44 18.98 -0.78
CA LEU A 92 -4.76 17.55 -0.74
C LEU A 92 -3.48 16.71 -0.72
N LYS A 93 -2.57 17.00 -1.65
CA LYS A 93 -1.29 16.27 -1.72
C LYS A 93 -0.41 16.61 -0.53
N ALA A 94 -0.41 17.89 -0.12
CA ALA A 94 0.38 18.34 1.01
C ALA A 94 -0.01 17.60 2.30
N LYS A 95 -1.32 17.42 2.50
CA LYS A 95 -1.84 16.72 3.68
C LYS A 95 -1.26 15.31 3.76
N GLU A 96 -1.28 14.59 2.64
CA GLU A 96 -0.75 13.23 2.58
C GLU A 96 0.76 13.23 2.80
N GLU A 97 1.46 14.19 2.22
CA GLU A 97 2.91 14.32 2.36
C GLU A 97 3.28 14.61 3.82
N GLN A 98 2.50 15.47 4.47
CA GLN A 98 2.74 15.85 5.86
C GLN A 98 2.56 14.63 6.78
N LEU A 99 1.54 13.82 6.50
CA LEU A 99 1.27 12.63 7.29
C LEU A 99 2.41 11.63 7.18
N LYS A 100 2.90 11.41 5.96
CA LYS A 100 4.01 10.49 5.72
C LYS A 100 5.29 11.00 6.39
N GLU A 101 5.53 12.31 6.29
CA GLU A 101 6.71 12.93 6.89
C GLU A 101 6.68 12.80 8.41
N LYS A 102 5.48 12.98 9.00
CA LYS A 102 5.32 12.87 10.45
C LYS A 102 5.68 11.46 10.93
N ALA A 103 5.22 10.45 10.20
CA ALA A 103 5.49 9.06 10.55
C ALA A 103 6.99 8.76 10.45
N LYS A 104 7.63 9.28 9.39
CA LYS A 104 9.06 9.08 9.17
C LYS A 104 9.87 9.76 10.28
N MET A 105 9.45 10.96 10.68
CA MET A 105 10.13 11.71 11.73
C MET A 105 10.02 11.00 13.07
N ARG A 106 8.82 10.51 13.39
CA ARG A 106 8.57 9.80 14.65
C ARG A 106 9.39 8.50 14.70
N GLU A 107 9.31 7.71 13.64
CA GLU A 107 10.04 6.44 13.56
C GLU A 107 11.52 6.71 13.28
N LYS A 108 12.34 6.67 14.33
CA LYS A 108 13.77 6.92 14.21
C LYS A 108 14.59 5.68 14.57
N LEU A 109 15.76 5.56 13.94
CA LEU A 109 16.65 4.42 14.20
C LEU A 109 17.33 4.57 15.55
N TRP A 110 17.69 5.81 15.91
CA TRP A 110 18.35 6.08 17.19
C TRP A 110 17.48 5.65 18.36
N ILE A 111 16.20 6.02 18.33
CA ILE A 111 15.26 5.65 19.39
C ILE A 111 14.71 4.24 19.17
N GLN A 112 15.49 3.24 19.59
CA GLN A 112 15.09 1.84 19.44
C GLN A 112 14.40 1.33 20.73
N GLU A 113 14.03 0.05 20.72
CA GLU A 113 13.38 -0.57 21.88
C GLU A 113 14.36 -0.70 23.05
N LEU A 114 14.07 0.01 24.13
CA LEU A 114 14.92 -0.02 25.32
C LEU A 114 14.63 -1.26 26.17
N GLU A 115 13.38 -1.41 26.61
CA GLU A 115 12.99 -2.56 27.42
C GLU A 115 11.53 -2.93 27.16
N ARG A 116 11.28 -4.24 27.06
CA ARG A 116 9.92 -4.74 26.81
C ARG A 116 9.63 -6.03 27.59
N ARG A 117 10.17 -6.12 28.82
CA ARG A 117 9.97 -7.31 29.66
C ARG A 117 8.51 -7.42 30.10
N GLU A 118 7.98 -6.33 30.67
CA GLU A 118 6.59 -6.31 31.14
C GLU A 118 5.62 -6.42 29.96
N GLU A 119 5.90 -5.68 28.89
CA GLU A 119 5.05 -5.70 27.69
C GLU A 119 5.07 -7.07 27.02
N GLU A 120 6.17 -7.81 27.19
CA GLU A 120 6.30 -9.14 26.59
C GLU A 120 5.21 -10.10 27.07
N THR A 121 4.90 -10.04 28.37
CA THR A 121 3.86 -10.89 28.95
C THR A 121 2.49 -10.62 28.33
N GLU A 122 2.23 -9.36 28.01
CA GLU A 122 0.95 -8.97 27.40
C GLU A 122 0.96 -9.25 25.89
N ALA A 123 2.09 -9.01 25.24
CA ALA A 123 2.23 -9.24 23.81
C ALA A 123 2.11 -10.72 23.46
N ARG A 124 2.77 -11.58 24.25
CA ARG A 124 2.73 -13.03 24.02
C ARG A 124 1.29 -13.55 24.07
N ARG A 125 0.48 -12.98 24.98
CA ARG A 125 -0.91 -13.39 25.11
C ARG A 125 -1.72 -12.99 23.87
N LYS A 126 -1.43 -11.81 23.33
CA LYS A 126 -2.12 -11.30 22.14
C LYS A 126 -1.77 -12.14 20.91
N ARG A 127 -0.54 -12.66 20.85
CA ARG A 127 -0.08 -13.48 19.73
C ARG A 127 -1.07 -14.62 19.45
N ALA A 128 -1.45 -15.34 20.50
CA ALA A 128 -2.38 -16.46 20.38
C ALA A 128 -3.84 -15.98 20.43
N GLU A 129 -4.08 -14.87 21.14
CA GLU A 129 -5.42 -14.31 21.27
C GLU A 129 -6.03 -13.99 19.91
N LEU A 130 -5.34 -13.16 19.12
CA LEU A 130 -5.83 -12.80 17.79
C LEU A 130 -4.71 -12.84 16.75
N ALA A 131 -5.06 -13.23 15.52
CA ALA A 131 -4.11 -13.32 14.43
C ALA A 131 -4.80 -13.16 13.07
N ARG A 132 -5.71 -12.18 12.99
CA ARG A 132 -6.45 -11.92 11.75
C ARG A 132 -5.93 -10.66 11.05
N MET A 133 -6.33 -10.49 9.78
CA MET A 133 -5.93 -9.33 8.99
C MET A 133 -7.14 -8.69 8.32
N LYS A 134 -7.93 -7.96 9.11
CA LYS A 134 -9.13 -7.28 8.59
C LYS A 134 -8.77 -6.07 7.74
N THR A 135 -7.67 -5.38 8.10
CA THR A 135 -7.22 -4.20 7.36
C THR A 135 -7.00 -4.52 5.88
N LEU A 136 -6.42 -5.69 5.60
CA LEU A 136 -6.15 -6.10 4.23
C LEU A 136 -7.35 -6.83 3.61
N GLU A 137 -8.02 -7.66 4.41
CA GLU A 137 -9.18 -8.42 3.93
C GLU A 137 -10.32 -7.49 3.52
N ASN A 138 -10.51 -6.39 4.27
CA ASN A 138 -11.57 -5.43 3.98
C ASN A 138 -11.47 -4.89 2.55
N GLU A 139 -10.24 -4.80 2.03
CA GLU A 139 -9.99 -4.32 0.67
C GLU A 139 -10.74 -5.17 -0.35
N GLU A 140 -10.83 -6.47 -0.10
CA GLU A 140 -11.52 -7.40 -0.99
C GLU A 140 -13.03 -7.14 -0.98
N GLU A 141 -13.58 -6.89 0.21
CA GLU A 141 -15.00 -6.64 0.37
C GLU A 141 -15.42 -5.37 -0.40
N ILE A 142 -14.66 -4.29 -0.22
CA ILE A 142 -14.94 -3.03 -0.90
C ILE A 142 -14.66 -3.13 -2.41
N LYS A 143 -13.77 -4.05 -2.79
CA LYS A 143 -13.42 -4.25 -4.20
C LYS A 143 -14.68 -4.60 -5.02
N ASN A 144 -15.55 -5.43 -4.44
CA ASN A 144 -16.78 -5.83 -5.11
C ASN A 144 -17.67 -4.63 -5.40
N LEU A 145 -17.77 -3.71 -4.43
CA LEU A 145 -18.58 -2.50 -4.59
C LEU A 145 -18.04 -1.63 -5.72
N GLU A 146 -16.72 -1.44 -5.75
CA GLU A 146 -16.08 -0.63 -6.78
C GLU A 146 -16.24 -1.29 -8.16
N LYS A 147 -16.17 -2.62 -8.19
CA LYS A 147 -16.33 -3.37 -9.43
C LYS A 147 -17.73 -3.18 -10.01
N GLU A 148 -18.74 -3.24 -9.13
CA GLU A 148 -20.13 -3.06 -9.53
C GLU A 148 -20.40 -1.63 -9.99
N LEU A 149 -19.61 -0.67 -9.50
CA LEU A 149 -19.77 0.73 -9.88
C LEU A 149 -19.72 0.89 -11.40
N SER A 150 -18.82 0.14 -12.04
CA SER A 150 -18.68 0.17 -13.50
C SER A 150 -19.85 -0.54 -14.17
N ASP A 151 -20.32 -1.63 -13.55
CA ASP A 151 -21.45 -2.40 -14.08
C ASP A 151 -22.71 -1.53 -14.18
N LEU A 152 -23.06 -0.90 -13.05
CA LEU A 152 -24.24 -0.03 -13.01
C LEU A 152 -24.02 1.22 -13.86
N GLU A 153 -22.78 1.68 -13.97
CA GLU A 153 -22.44 2.86 -14.76
C GLU A 153 -22.85 2.66 -16.22
N ASN A 154 -22.45 1.52 -16.80
CA ASN A 154 -22.78 1.20 -18.19
C ASN A 154 -24.26 0.91 -18.35
N LYS A 155 -24.84 0.19 -17.38
CA LYS A 155 -26.26 -0.15 -17.41
C LYS A 155 -27.13 1.11 -17.38
N LEU A 156 -26.69 2.12 -16.63
CA LEU A 156 -27.42 3.39 -16.52
C LEU A 156 -27.58 4.05 -17.89
N GLY A 157 -26.52 3.99 -18.71
CA GLY A 157 -26.57 4.58 -20.04
C GLY A 157 -25.33 5.43 -20.33
N LYS A 158 -24.15 4.83 -20.20
CA LYS A 158 -22.90 5.53 -20.45
C LYS A 158 -22.40 5.25 -21.87
N LYS A 159 -22.33 3.97 -22.23
CA LYS A 159 -21.87 3.57 -23.56
C LYS A 159 -22.98 3.72 -24.60
N MET B 1 30.37 -21.00 5.66
CA MET B 1 31.15 -19.90 5.01
C MET B 1 30.27 -19.02 4.13
N SER B 2 29.44 -19.66 3.29
CA SER B 2 28.53 -18.93 2.40
C SER B 2 27.62 -18.01 3.19
N ARG B 3 27.78 -16.70 2.98
CA ARG B 3 26.98 -15.71 3.69
C ARG B 3 25.74 -15.33 2.89
N MET B 4 24.65 -16.08 3.11
CA MET B 4 23.39 -15.82 2.42
C MET B 4 22.20 -15.95 3.38
N PRO B 5 22.29 -15.37 4.59
CA PRO B 5 21.21 -15.42 5.59
C PRO B 5 20.08 -14.44 5.29
N SER B 6 20.42 -13.29 4.70
CA SER B 6 19.41 -12.27 4.37
C SER B 6 18.75 -12.60 3.03
N SER B 7 17.83 -13.57 3.06
CA SER B 7 17.11 -14.00 1.86
C SER B 7 15.64 -13.61 1.93
N PHE B 8 15.07 -13.61 3.13
CA PHE B 8 13.67 -13.25 3.33
C PHE B 8 13.51 -11.78 3.75
N ASP B 9 14.49 -10.95 3.40
CA ASP B 9 14.44 -9.52 3.74
C ASP B 9 13.64 -8.73 2.69
N VAL B 10 12.34 -8.98 2.66
CA VAL B 10 11.44 -8.30 1.71
C VAL B 10 10.31 -7.57 2.44
N THR B 11 9.78 -8.19 3.50
CA THR B 11 8.69 -7.62 4.29
C THR B 11 7.39 -7.52 3.47
N GLU B 12 7.32 -8.28 2.37
CA GLU B 12 6.13 -8.28 1.51
C GLU B 12 5.72 -6.86 1.11
N ARG B 13 6.70 -6.04 0.76
CA ARG B 13 6.46 -4.65 0.37
C ARG B 13 6.88 -4.41 -1.08
N ASP B 14 8.04 -4.96 -1.47
CA ASP B 14 8.55 -4.80 -2.83
C ASP B 14 7.50 -5.17 -3.87
N LEU B 15 6.86 -6.33 -3.69
CA LEU B 15 5.83 -6.79 -4.61
C LEU B 15 4.65 -5.82 -4.65
N ASP B 16 4.24 -5.34 -3.47
CA ASP B 16 3.13 -4.40 -3.37
C ASP B 16 3.46 -3.09 -4.11
N ASP B 17 4.71 -2.64 -3.99
CA ASP B 17 5.16 -1.42 -4.65
C ASP B 17 4.99 -1.52 -6.16
N MET B 18 5.31 -2.71 -6.72
CA MET B 18 5.17 -2.94 -8.15
C MET B 18 3.72 -2.79 -8.59
N THR B 19 2.80 -3.40 -7.83
CA THR B 19 1.37 -3.34 -8.13
C THR B 19 0.87 -1.89 -8.09
N PHE B 20 1.43 -1.10 -7.15
CA PHE B 20 1.05 0.31 -7.00
C PHE B 20 1.40 1.10 -8.27
N GLY B 21 2.48 0.70 -8.95
CA GLY B 21 2.91 1.38 -10.16
C GLY B 21 1.87 1.31 -11.28
N GLU B 22 0.92 0.36 -11.18
CA GLU B 22 -0.13 0.22 -12.19
C GLU B 22 -1.23 1.25 -11.98
N ARG B 23 -1.51 1.56 -10.72
CA ARG B 23 -2.56 2.53 -10.37
C ARG B 23 -2.21 3.94 -10.87
N ILE B 24 -0.95 4.35 -10.69
CA ILE B 24 -0.51 5.67 -11.14
C ILE B 24 -0.58 5.81 -12.66
N ILE B 25 -0.44 4.69 -13.38
CA ILE B 25 -0.49 4.70 -14.85
C ILE B 25 -1.85 5.23 -15.34
N TYR B 26 -2.92 4.86 -14.64
CA TYR B 26 -4.27 5.30 -14.99
C TYR B 26 -4.37 6.83 -14.91
N HIS B 27 -3.78 7.40 -13.85
CA HIS B 27 -3.80 8.85 -13.66
C HIS B 27 -2.98 9.55 -14.74
N CYS B 28 -1.82 8.98 -15.08
CA CYS B 28 -0.95 9.54 -16.12
C CYS B 28 -1.62 9.46 -17.48
N LYS B 29 -2.46 8.44 -17.68
CA LYS B 29 -3.18 8.25 -18.95
C LYS B 29 -4.07 9.45 -19.26
N LYS B 30 -4.56 10.13 -18.22
CA LYS B 30 -5.41 11.30 -18.38
C LYS B 30 -4.65 12.43 -19.08
N GLN B 31 -3.41 12.66 -18.64
CA GLN B 31 -2.57 13.71 -19.23
C GLN B 31 -1.27 13.10 -19.77
N PRO B 32 -1.34 12.40 -20.92
CA PRO B 32 -0.17 11.76 -21.53
C PRO B 32 0.62 12.72 -22.44
N LEU B 33 1.88 12.35 -22.70
CA LEU B 33 2.75 13.16 -23.55
C LEU B 33 3.61 12.28 -24.45
N VAL B 34 4.28 12.92 -25.41
CA VAL B 34 5.14 12.21 -26.36
C VAL B 34 6.57 12.09 -25.83
N PRO B 35 7.25 13.22 -25.53
CA PRO B 35 8.62 13.21 -25.03
C PRO B 35 8.74 12.69 -23.59
N ILE B 36 7.97 13.29 -22.67
CA ILE B 36 7.99 12.89 -21.27
C ILE B 36 7.14 11.64 -21.02
N GLY B 37 6.03 11.52 -21.76
CA GLY B 37 5.16 10.36 -21.61
C GLY B 37 5.85 9.06 -21.92
N CYS B 38 6.53 9.00 -23.07
CA CYS B 38 7.25 7.80 -23.48
C CYS B 38 8.42 7.51 -22.54
N LEU B 39 9.15 8.55 -22.15
CA LEU B 39 10.29 8.41 -21.24
C LEU B 39 9.84 7.93 -19.86
N LEU B 40 8.62 8.32 -19.46
CA LEU B 40 8.07 7.92 -18.17
C LEU B 40 7.78 6.41 -18.13
N THR B 41 7.28 5.88 -19.25
CA THR B 41 6.96 4.45 -19.34
C THR B 41 8.23 3.62 -19.50
N THR B 42 9.14 4.07 -20.37
CA THR B 42 10.40 3.39 -20.61
C THR B 42 11.29 3.40 -19.37
N GLY B 43 11.36 4.56 -18.71
CA GLY B 43 12.17 4.70 -17.52
C GLY B 43 11.54 4.10 -16.27
N ALA B 44 10.22 3.85 -16.30
CA ALA B 44 9.53 3.27 -15.15
C ALA B 44 10.04 1.87 -14.83
N VAL B 45 10.07 1.01 -15.86
CA VAL B 45 10.55 -0.37 -15.69
C VAL B 45 12.08 -0.45 -15.70
N ILE B 46 12.74 0.52 -16.36
CA ILE B 46 14.20 0.54 -16.43
C ILE B 46 14.82 0.62 -15.04
N LEU B 47 14.18 1.36 -14.13
CA LEU B 47 14.68 1.50 -12.76
C LEU B 47 14.31 0.29 -11.90
N ALA B 48 13.21 -0.39 -12.24
CA ALA B 48 12.77 -1.58 -11.49
C ALA B 48 13.60 -2.81 -11.86
N ALA B 49 13.96 -2.92 -13.14
CA ALA B 49 14.77 -4.06 -13.62
C ALA B 49 16.19 -4.01 -13.05
N GLN B 50 16.64 -2.82 -12.64
CA GLN B 50 17.99 -2.66 -12.07
C GLN B 50 18.12 -3.45 -10.77
N ASN B 51 17.08 -3.41 -9.94
CA ASN B 51 17.07 -4.12 -8.67
C ASN B 51 16.98 -5.64 -8.89
N VAL B 52 16.32 -6.04 -9.98
CA VAL B 52 16.18 -7.47 -10.32
C VAL B 52 17.46 -8.00 -10.97
N ARG B 53 18.19 -7.13 -11.68
CA ARG B 53 19.45 -7.54 -12.34
C ARG B 53 20.58 -7.67 -11.32
N LEU B 54 20.53 -6.86 -10.25
CA LEU B 54 21.55 -6.91 -9.20
C LEU B 54 21.38 -8.19 -8.38
N GLY B 55 20.13 -8.52 -8.07
CA GLY B 55 19.83 -9.72 -7.31
C GLY B 55 20.02 -11.00 -8.14
N ASN B 56 20.01 -10.86 -9.47
CA ASN B 56 20.19 -12.01 -10.36
C ASN B 56 21.67 -12.35 -10.55
N LYS B 57 22.53 -11.33 -10.52
CA LYS B 57 23.97 -11.52 -10.67
C LYS B 57 24.52 -12.51 -9.66
N TRP B 58 24.11 -12.37 -8.39
CA TRP B 58 24.57 -13.26 -7.32
C TRP B 58 23.70 -14.52 -7.26
N LYS B 59 24.02 -15.49 -8.12
CA LYS B 59 23.29 -16.73 -8.17
C LYS B 59 24.09 -17.78 -8.94
N ALA B 60 24.03 -19.00 -8.43
CA ALA B 60 24.72 -20.13 -9.03
C ALA B 60 24.19 -21.47 -8.49
N GLN B 61 22.88 -21.54 -8.29
CA GLN B 61 22.24 -22.76 -7.79
C GLN B 61 20.79 -22.85 -8.24
N TYR B 62 19.94 -21.97 -7.70
CA TYR B 62 18.52 -21.95 -8.05
C TYR B 62 18.24 -20.96 -9.17
N TYR B 63 17.25 -21.29 -9.99
CA TYR B 63 16.86 -20.43 -11.12
C TYR B 63 15.33 -20.26 -11.19
N PHE B 64 14.67 -20.38 -10.02
CA PHE B 64 13.21 -20.24 -9.95
C PHE B 64 12.79 -18.78 -10.09
N ARG B 65 13.58 -17.86 -9.53
CA ARG B 65 13.29 -16.43 -9.61
C ARG B 65 13.25 -15.96 -11.06
N TRP B 66 14.06 -16.58 -11.92
CA TRP B 66 14.10 -16.21 -13.34
C TRP B 66 12.88 -16.76 -14.07
N ARG B 67 12.43 -17.96 -13.68
CA ARG B 67 11.26 -18.59 -14.29
C ARG B 67 10.04 -17.67 -14.19
N VAL B 68 9.75 -17.21 -12.97
CA VAL B 68 8.63 -16.31 -12.73
C VAL B 68 8.87 -14.95 -13.38
N GLY B 69 10.12 -14.49 -13.37
CA GLY B 69 10.46 -13.20 -13.97
C GLY B 69 10.06 -13.12 -15.43
N LEU B 70 10.24 -14.24 -16.15
CA LEU B 70 9.88 -14.29 -17.58
C LEU B 70 8.37 -14.52 -17.75
N GLN B 71 7.79 -15.41 -16.94
CA GLN B 71 6.36 -15.72 -17.01
C GLN B 71 5.52 -14.44 -16.90
N ALA B 72 5.86 -13.58 -15.93
CA ALA B 72 5.14 -12.32 -15.74
C ALA B 72 5.54 -11.27 -16.77
N ALA B 73 6.73 -11.44 -17.38
CA ALA B 73 7.21 -10.49 -18.40
C ALA B 73 6.31 -10.51 -19.64
N THR B 74 5.63 -11.63 -19.87
CA THR B 74 4.72 -11.75 -21.02
C THR B 74 3.43 -10.96 -20.78
N LEU B 75 2.96 -10.95 -19.53
CA LEU B 75 1.75 -10.21 -19.16
C LEU B 75 1.94 -8.71 -19.34
N VAL B 76 3.12 -8.20 -18.94
CA VAL B 76 3.41 -6.78 -19.07
C VAL B 76 3.60 -6.37 -20.53
N ALA B 77 3.94 -7.35 -21.39
CA ALA B 77 4.13 -7.07 -22.82
C ALA B 77 2.80 -7.07 -23.58
N LEU B 78 1.92 -8.02 -23.26
CA LEU B 78 0.61 -8.12 -23.91
C LEU B 78 -0.36 -7.05 -23.40
N VAL B 79 -0.11 -6.56 -22.17
CA VAL B 79 -0.98 -5.52 -21.59
C VAL B 79 -0.78 -4.17 -22.31
N ALA B 80 0.39 -3.98 -22.91
CA ALA B 80 0.68 -2.73 -23.64
C ALA B 80 -0.19 -2.63 -24.88
N GLY B 81 -0.31 -3.73 -25.62
CA GLY B 81 -1.15 -3.74 -26.82
C GLY B 81 -2.63 -3.91 -26.50
N SER B 82 -2.95 -4.43 -25.31
CA SER B 82 -4.34 -4.63 -24.90
C SER B 82 -4.98 -3.30 -24.50
N PHE B 83 -4.22 -2.46 -23.78
CA PHE B 83 -4.70 -1.15 -23.34
C PHE B 83 -5.18 -0.32 -24.52
N ILE B 84 -4.48 -0.44 -25.66
CA ILE B 84 -4.83 0.30 -26.87
C ILE B 84 -6.29 0.02 -27.28
N TYR B 85 -6.65 -1.27 -27.32
CA TYR B 85 -8.01 -1.66 -27.69
C TYR B 85 -9.05 -1.01 -26.78
N GLY B 86 -8.96 -1.27 -25.47
CA GLY B 86 -9.89 -0.68 -24.53
C GLY B 86 -11.29 -1.26 -24.67
N THR B 87 -11.39 -2.58 -24.73
CA THR B 87 -12.68 -3.26 -24.87
C THR B 87 -13.11 -3.90 -23.55
N SER B 88 -12.22 -4.68 -22.95
CA SER B 88 -12.50 -5.36 -21.69
C SER B 88 -11.95 -4.57 -20.51
N GLY B 89 -12.77 -3.67 -19.97
CA GLY B 89 -12.36 -2.86 -18.82
C GLY B 89 -12.40 -3.63 -17.51
N LYS B 90 -13.32 -4.60 -17.41
CA LYS B 90 -13.45 -5.41 -16.21
C LYS B 90 -12.24 -6.33 -16.02
N GLU B 91 -11.61 -6.73 -17.13
CA GLU B 91 -10.45 -7.62 -17.10
C GLU B 91 -9.34 -7.05 -16.20
N LEU B 92 -9.19 -5.71 -16.21
CA LEU B 92 -8.17 -5.05 -15.40
C LEU B 92 -8.36 -5.36 -13.92
N LYS B 93 -9.61 -5.24 -13.44
CA LYS B 93 -9.93 -5.52 -12.04
C LYS B 93 -9.87 -7.02 -11.75
N ALA B 94 -10.24 -7.84 -12.74
CA ALA B 94 -10.20 -9.30 -12.57
C ALA B 94 -8.76 -9.80 -12.44
N LYS B 95 -7.86 -9.22 -13.25
CA LYS B 95 -6.45 -9.59 -13.22
C LYS B 95 -5.80 -9.18 -11.90
N GLU B 96 -6.25 -8.04 -11.36
CA GLU B 96 -5.73 -7.53 -10.09
C GLU B 96 -6.04 -8.50 -8.96
N GLU B 97 -7.29 -9.00 -8.93
CA GLU B 97 -7.71 -9.95 -7.91
C GLU B 97 -6.98 -11.29 -8.08
N GLN B 98 -6.78 -11.69 -9.34
CA GLN B 98 -6.09 -12.95 -9.64
C GLN B 98 -4.66 -12.93 -9.08
N LEU B 99 -3.96 -11.81 -9.29
CA LEU B 99 -2.59 -11.65 -8.79
C LEU B 99 -2.55 -11.74 -7.27
N LYS B 100 -3.52 -11.10 -6.61
CA LYS B 100 -3.61 -11.11 -5.16
C LYS B 100 -3.81 -12.54 -4.63
N GLU B 101 -4.66 -13.30 -5.33
CA GLU B 101 -4.94 -14.69 -4.96
C GLU B 101 -3.69 -15.55 -5.07
N LYS B 102 -2.92 -15.34 -6.14
CA LYS B 102 -1.68 -16.09 -6.38
C LYS B 102 -0.68 -15.86 -5.25
N ALA B 103 -0.54 -14.59 -4.83
CA ALA B 103 0.38 -14.25 -3.74
C ALA B 103 -0.07 -14.89 -2.42
N LYS B 104 -1.39 -14.90 -2.20
CA LYS B 104 -1.96 -15.48 -0.98
C LYS B 104 -1.72 -16.98 -0.94
N MET B 105 -1.91 -17.65 -2.08
CA MET B 105 -1.71 -19.09 -2.19
C MET B 105 -0.24 -19.45 -2.00
N ARG B 106 0.65 -18.63 -2.57
CA ARG B 106 2.09 -18.85 -2.47
C ARG B 106 2.56 -18.84 -1.02
N GLU B 107 2.12 -17.83 -0.26
CA GLU B 107 2.48 -17.70 1.15
C GLU B 107 1.67 -18.67 2.01
N LYS B 108 2.37 -19.56 2.71
CA LYS B 108 1.71 -20.54 3.58
C LYS B 108 2.33 -20.58 4.96
N LEU B 109 1.64 -21.19 5.91
CA LEU B 109 2.13 -21.31 7.30
C LEU B 109 3.20 -22.39 7.42
N TRP B 110 3.20 -23.35 6.50
CA TRP B 110 4.18 -24.44 6.51
C TRP B 110 5.58 -23.93 6.15
N ILE B 111 5.67 -23.12 5.10
CA ILE B 111 6.96 -22.57 4.66
C ILE B 111 7.53 -21.59 5.68
N GLN B 112 6.71 -20.63 6.10
CA GLN B 112 7.14 -19.62 7.07
C GLN B 112 7.63 -20.28 8.38
N GLU B 113 6.97 -21.36 8.79
CA GLU B 113 7.35 -22.06 10.02
C GLU B 113 8.59 -22.93 9.78
N LEU B 114 9.75 -22.41 10.18
CA LEU B 114 11.01 -23.12 10.02
C LEU B 114 11.98 -22.77 11.14
N GLU B 115 12.84 -23.73 11.49
CA GLU B 115 13.83 -23.53 12.56
C GLU B 115 15.23 -23.40 11.98
N ARG B 116 15.65 -22.16 11.73
CA ARG B 116 16.98 -21.89 11.18
C ARG B 116 17.67 -20.76 11.94
N ARG B 117 18.81 -21.08 12.54
CA ARG B 117 19.58 -20.08 13.30
C ARG B 117 20.61 -19.40 12.40
N GLU B 118 21.27 -20.19 11.55
CA GLU B 118 22.29 -19.66 10.64
C GLU B 118 21.69 -18.67 9.64
N GLU B 119 20.40 -18.83 9.32
CA GLU B 119 19.73 -17.95 8.37
C GLU B 119 19.20 -16.66 9.04
N GLU B 120 18.77 -16.75 10.30
CA GLU B 120 18.23 -15.59 11.01
C GLU B 120 19.32 -14.84 11.78
N THR B 121 20.05 -15.57 12.63
CA THR B 121 21.12 -14.96 13.45
C THR B 121 22.12 -14.17 12.60
N GLU B 122 22.39 -14.62 11.38
CA GLU B 122 23.33 -13.94 10.49
C GLU B 122 22.68 -12.84 9.65
N ALA B 123 21.38 -12.97 9.37
CA ALA B 123 20.66 -11.97 8.57
C ALA B 123 20.34 -10.70 9.37
N ARG B 124 20.39 -10.78 10.70
CA ARG B 124 20.11 -9.64 11.56
C ARG B 124 21.30 -8.68 11.60
N ARG B 125 22.52 -9.24 11.53
CA ARG B 125 23.74 -8.44 11.55
C ARG B 125 23.79 -7.50 10.35
N LYS B 126 23.35 -7.99 9.19
CA LYS B 126 23.34 -7.19 7.97
C LYS B 126 22.45 -5.96 8.14
N ARG B 127 21.29 -6.14 8.76
CA ARG B 127 20.35 -5.05 8.99
C ARG B 127 20.95 -4.01 9.95
N ALA B 128 21.50 -4.49 11.06
CA ALA B 128 22.12 -3.62 12.06
C ALA B 128 23.27 -2.81 11.44
N GLU B 129 24.13 -3.49 10.68
CA GLU B 129 25.27 -2.82 10.03
C GLU B 129 24.78 -1.73 9.07
N LEU B 130 23.97 -2.12 8.10
CA LEU B 130 23.44 -1.17 7.11
C LEU B 130 22.10 -1.68 6.56
N ALA B 131 21.02 -0.96 6.89
CA ALA B 131 19.69 -1.32 6.42
C ALA B 131 19.06 -0.18 5.62
N ARG B 132 19.68 0.14 4.48
CA ARG B 132 19.18 1.21 3.61
C ARG B 132 18.25 0.66 2.54
N MET B 133 16.97 1.04 2.61
CA MET B 133 15.98 0.58 1.64
C MET B 133 16.00 1.47 0.39
N LYS B 134 16.81 1.08 -0.59
CA LYS B 134 16.93 1.84 -1.83
C LYS B 134 15.65 1.78 -2.65
N THR B 135 15.10 0.57 -2.81
CA THR B 135 13.86 0.37 -3.56
C THR B 135 12.69 1.11 -2.91
N LEU B 136 12.50 0.89 -1.61
CA LEU B 136 11.41 1.54 -0.86
C LEU B 136 11.50 3.06 -0.98
N GLU B 137 12.71 3.60 -0.78
CA GLU B 137 12.93 5.05 -0.86
C GLU B 137 12.68 5.56 -2.28
N ASN B 138 12.97 4.72 -3.28
CA ASN B 138 12.78 5.08 -4.68
C ASN B 138 11.33 5.50 -4.96
N GLU B 139 10.37 4.84 -4.29
CA GLU B 139 8.96 5.16 -4.47
C GLU B 139 8.68 6.65 -4.21
N GLU B 140 9.41 7.23 -3.25
CA GLU B 140 9.26 8.64 -2.91
C GLU B 140 9.65 9.52 -4.10
N GLU B 141 10.71 9.12 -4.82
CA GLU B 141 11.18 9.87 -5.98
C GLU B 141 10.12 9.88 -7.08
N ILE B 142 9.52 8.71 -7.35
CA ILE B 142 8.48 8.60 -8.38
C ILE B 142 7.22 9.37 -7.95
N LYS B 143 6.98 9.40 -6.63
CA LYS B 143 5.83 10.11 -6.08
C LYS B 143 5.92 11.60 -6.37
N ASN B 144 7.14 12.16 -6.26
CA ASN B 144 7.37 13.57 -6.53
C ASN B 144 6.94 13.95 -7.94
N LEU B 145 7.20 13.05 -8.90
CA LEU B 145 6.84 13.28 -10.29
C LEU B 145 5.31 13.38 -10.44
N GLU B 146 4.59 12.51 -9.73
CA GLU B 146 3.13 12.51 -9.76
C GLU B 146 2.58 13.84 -9.23
N LYS B 147 3.20 14.36 -8.17
CA LYS B 147 2.78 15.63 -7.59
C LYS B 147 2.97 16.78 -8.57
N GLU B 148 4.10 16.76 -9.30
CA GLU B 148 4.39 17.79 -10.29
C GLU B 148 3.46 17.70 -11.50
N LEU B 149 2.89 16.51 -11.74
CA LEU B 149 1.96 16.32 -12.86
C LEU B 149 0.82 17.33 -12.78
N SER B 150 0.19 17.42 -11.61
CA SER B 150 -0.90 18.36 -11.38
C SER B 150 -0.36 19.78 -11.31
N ASP B 151 0.83 19.94 -10.72
CA ASP B 151 1.48 21.24 -10.58
C ASP B 151 1.68 21.89 -11.95
N LEU B 152 2.06 21.08 -12.94
CA LEU B 152 2.28 21.57 -14.30
C LEU B 152 1.00 22.15 -14.88
N GLU B 153 -0.12 21.45 -14.68
CA GLU B 153 -1.43 21.88 -15.18
C GLU B 153 -1.74 23.29 -14.65
N ASN B 154 -1.57 23.49 -13.35
CA ASN B 154 -1.82 24.79 -12.73
C ASN B 154 -0.90 25.86 -13.30
N LYS B 155 0.37 25.48 -13.54
CA LYS B 155 1.36 26.40 -14.10
C LYS B 155 0.92 26.91 -15.47
N LEU B 156 0.31 26.02 -16.27
CA LEU B 156 -0.17 26.38 -17.60
C LEU B 156 -1.18 27.52 -17.55
N GLY B 157 -2.07 27.47 -16.56
CA GLY B 157 -3.08 28.50 -16.40
C GLY B 157 -4.46 28.06 -16.85
N LYS B 158 -4.53 27.15 -17.84
CA LYS B 158 -5.79 26.67 -18.36
C LYS B 158 -6.61 25.96 -17.27
N LYS B 159 -5.98 25.02 -16.56
CA LYS B 159 -6.64 24.29 -15.49
C LYS B 159 -5.81 24.30 -14.21
N MET A 1 1.26 -1.10 35.14
CA MET A 1 2.54 -1.27 34.38
C MET A 1 2.61 -0.29 33.20
N SER A 2 3.72 0.45 33.12
CA SER A 2 3.92 1.41 32.04
C SER A 2 4.11 0.70 30.69
N ARG A 3 4.87 -0.39 30.70
CA ARG A 3 5.13 -1.16 29.48
C ARG A 3 4.04 -2.22 29.28
N MET A 4 2.93 -1.81 28.67
CA MET A 4 1.81 -2.71 28.42
C MET A 4 2.01 -3.47 27.11
N PRO A 5 1.57 -4.75 27.06
CA PRO A 5 1.70 -5.60 25.87
C PRO A 5 0.55 -5.40 24.87
N SER A 6 0.12 -4.16 24.67
CA SER A 6 -0.96 -3.85 23.75
C SER A 6 -0.49 -3.97 22.30
N SER A 7 0.62 -3.29 21.99
CA SER A 7 1.19 -3.33 20.63
C SER A 7 2.33 -4.35 20.56
N PHE A 8 2.02 -5.60 20.93
CA PHE A 8 3.01 -6.68 20.90
C PHE A 8 3.56 -6.91 19.49
N ASP A 9 2.68 -6.80 18.50
CA ASP A 9 3.08 -6.99 17.11
C ASP A 9 3.56 -5.68 16.49
N VAL A 10 4.70 -5.72 15.82
CA VAL A 10 5.27 -4.54 15.18
C VAL A 10 4.85 -4.44 13.72
N THR A 11 3.54 -4.30 13.50
CA THR A 11 2.99 -4.20 12.15
C THR A 11 2.32 -2.85 11.94
N GLU A 12 2.79 -2.09 10.95
CA GLU A 12 2.24 -0.78 10.64
C GLU A 12 1.25 -0.86 9.48
N ARG A 13 0.22 -1.70 9.64
CA ARG A 13 -0.80 -1.88 8.61
C ARG A 13 -2.08 -1.12 8.95
N ASP A 14 -2.46 -1.11 10.24
CA ASP A 14 -3.66 -0.41 10.69
C ASP A 14 -3.64 1.06 10.28
N LEU A 15 -2.49 1.72 10.48
CA LEU A 15 -2.32 3.12 10.12
C LEU A 15 -2.47 3.32 8.61
N ASP A 16 -1.84 2.43 7.84
CA ASP A 16 -1.91 2.49 6.38
C ASP A 16 -3.35 2.27 5.90
N ASP A 17 -4.04 1.33 6.55
CA ASP A 17 -5.43 1.02 6.20
C ASP A 17 -6.33 2.24 6.42
N MET A 18 -6.09 2.97 7.50
CA MET A 18 -6.87 4.17 7.82
C MET A 18 -6.69 5.22 6.72
N THR A 19 -5.43 5.41 6.28
CA THR A 19 -5.12 6.36 5.23
C THR A 19 -5.79 5.96 3.91
N PHE A 20 -5.86 4.64 3.66
CA PHE A 20 -6.48 4.11 2.45
C PHE A 20 -7.96 4.53 2.36
N GLY A 21 -8.62 4.65 3.52
CA GLY A 21 -10.01 5.05 3.56
C GLY A 21 -10.25 6.41 2.92
N GLU A 22 -9.28 7.32 3.04
CA GLU A 22 -9.39 8.66 2.46
C GLU A 22 -9.53 8.61 0.94
N ARG A 23 -8.97 7.56 0.32
CA ARG A 23 -9.04 7.39 -1.13
C ARG A 23 -10.49 7.31 -1.64
N ILE A 24 -11.42 6.93 -0.75
CA ILE A 24 -12.83 6.81 -1.12
C ILE A 24 -13.39 8.13 -1.65
N ILE A 25 -12.83 9.25 -1.20
CA ILE A 25 -13.29 10.58 -1.64
C ILE A 25 -12.99 10.80 -3.13
N TYR A 26 -11.93 10.17 -3.64
CA TYR A 26 -11.55 10.29 -5.05
C TYR A 26 -12.62 9.68 -5.95
N HIS A 27 -13.31 8.64 -5.46
CA HIS A 27 -14.36 7.98 -6.23
C HIS A 27 -15.47 8.97 -6.61
N CYS A 28 -15.78 9.89 -5.69
CA CYS A 28 -16.81 10.90 -5.91
C CYS A 28 -16.39 11.87 -7.02
N LYS A 29 -15.09 12.13 -7.13
CA LYS A 29 -14.56 13.03 -8.17
C LYS A 29 -14.98 12.57 -9.56
N LYS A 30 -14.81 11.27 -9.82
CA LYS A 30 -15.18 10.68 -11.11
C LYS A 30 -16.70 10.52 -11.22
N GLN A 31 -17.30 9.88 -10.21
CA GLN A 31 -18.74 9.67 -10.19
C GLN A 31 -19.32 9.99 -8.82
N PRO A 32 -19.79 11.23 -8.61
CA PRO A 32 -20.36 11.67 -7.33
C PRO A 32 -21.74 11.07 -7.07
N LEU A 33 -21.88 10.39 -5.94
CA LEU A 33 -23.15 9.76 -5.58
C LEU A 33 -23.56 10.14 -4.16
N VAL A 34 -24.85 10.41 -3.97
CA VAL A 34 -25.37 10.80 -2.66
C VAL A 34 -25.63 9.56 -1.78
N PRO A 35 -26.40 8.58 -2.30
CA PRO A 35 -26.71 7.35 -1.55
C PRO A 35 -25.51 6.40 -1.45
N ILE A 36 -24.90 6.10 -2.59
CA ILE A 36 -23.75 5.21 -2.64
C ILE A 36 -22.50 5.88 -2.06
N GLY A 37 -22.28 7.14 -2.43
CA GLY A 37 -21.13 7.88 -1.94
C GLY A 37 -21.08 7.97 -0.43
N CYS A 38 -22.20 8.34 0.19
CA CYS A 38 -22.30 8.45 1.65
C CYS A 38 -22.09 7.09 2.32
N LEU A 39 -22.69 6.05 1.74
CA LEU A 39 -22.56 4.69 2.27
C LEU A 39 -21.12 4.19 2.19
N LEU A 40 -20.41 4.58 1.12
CA LEU A 40 -19.03 4.17 0.93
C LEU A 40 -18.10 4.89 1.91
N THR A 41 -18.28 6.21 2.03
CA THR A 41 -17.45 7.02 2.93
C THR A 41 -17.68 6.62 4.39
N THR A 42 -18.95 6.56 4.79
CA THR A 42 -19.30 6.18 6.16
C THR A 42 -18.93 4.73 6.46
N GLY A 43 -19.14 3.86 5.46
CA GLY A 43 -18.81 2.45 5.62
C GLY A 43 -17.33 2.18 5.80
N ALA A 44 -16.49 3.12 5.33
CA ALA A 44 -15.04 2.98 5.44
C ALA A 44 -14.52 3.57 6.75
N VAL A 45 -15.01 4.76 7.10
CA VAL A 45 -14.59 5.44 8.33
C VAL A 45 -15.10 4.72 9.59
N ILE A 46 -16.25 4.05 9.48
CA ILE A 46 -16.83 3.31 10.61
C ILE A 46 -15.86 2.26 11.16
N LEU A 47 -15.07 1.65 10.27
CA LEU A 47 -14.10 0.63 10.67
C LEU A 47 -13.08 1.22 11.65
N ALA A 48 -12.53 2.38 11.31
CA ALA A 48 -11.56 3.05 12.16
C ALA A 48 -12.18 3.50 13.48
N ALA A 49 -13.43 3.96 13.42
CA ALA A 49 -14.15 4.42 14.61
C ALA A 49 -14.35 3.27 15.60
N GLN A 50 -14.65 2.07 15.08
CA GLN A 50 -14.85 0.89 15.91
C GLN A 50 -13.57 0.53 16.66
N ASN A 51 -12.43 0.70 16.00
CA ASN A 51 -11.13 0.40 16.59
C ASN A 51 -10.89 1.23 17.86
N VAL A 52 -11.04 2.54 17.75
CA VAL A 52 -10.84 3.45 18.88
C VAL A 52 -11.92 3.24 19.95
N ARG A 53 -13.13 2.91 19.52
CA ARG A 53 -14.25 2.68 20.45
C ARG A 53 -13.98 1.44 21.31
N LEU A 54 -13.48 0.37 20.67
CA LEU A 54 -13.16 -0.87 21.38
C LEU A 54 -12.04 -0.65 22.39
N GLY A 55 -11.04 0.15 22.01
CA GLY A 55 -9.92 0.42 22.90
C GLY A 55 -10.34 1.15 24.16
N ASN A 56 -11.24 2.13 24.01
CA ASN A 56 -11.74 2.90 25.14
C ASN A 56 -12.52 2.01 26.11
N LYS A 57 -13.44 1.20 25.56
CA LYS A 57 -14.25 0.29 26.37
C LYS A 57 -13.38 -0.77 27.04
N TRP A 58 -12.45 -1.35 26.28
CA TRP A 58 -11.56 -2.39 26.81
C TRP A 58 -10.29 -1.76 27.39
N LYS A 59 -10.36 -1.39 28.67
CA LYS A 59 -9.23 -0.79 29.37
C LYS A 59 -8.85 0.56 28.75
N ALA A 60 -9.35 1.65 29.33
CA ALA A 60 -9.04 2.99 28.84
C ALA A 60 -7.98 3.67 29.70
N GLN A 61 -6.72 3.56 29.29
CA GLN A 61 -5.61 4.14 30.02
C GLN A 61 -4.63 4.83 29.07
N TYR A 62 -5.16 5.62 28.13
CA TYR A 62 -4.34 6.33 27.16
C TYR A 62 -5.06 7.59 26.64
N TYR A 63 -4.53 8.76 27.00
CA TYR A 63 -5.11 10.02 26.56
C TYR A 63 -4.52 10.48 25.24
N PHE A 64 -3.21 10.26 25.06
CA PHE A 64 -2.52 10.65 23.83
C PHE A 64 -3.06 9.86 22.62
N ARG A 65 -3.48 8.62 22.87
CA ARG A 65 -4.03 7.77 21.80
C ARG A 65 -5.28 8.41 21.20
N TRP A 66 -6.09 9.05 22.05
CA TRP A 66 -7.31 9.71 21.60
C TRP A 66 -7.00 11.05 20.93
N ARG A 67 -5.91 11.70 21.35
CA ARG A 67 -5.50 12.98 20.78
C ARG A 67 -5.29 12.86 19.28
N VAL A 68 -4.48 11.88 18.86
CA VAL A 68 -4.22 11.66 17.45
C VAL A 68 -5.49 11.28 16.69
N GLY A 69 -6.38 10.54 17.36
CA GLY A 69 -7.64 10.13 16.74
C GLY A 69 -8.50 11.32 16.38
N LEU A 70 -8.58 12.30 17.29
CA LEU A 70 -9.36 13.51 17.07
C LEU A 70 -8.75 14.34 15.93
N GLN A 71 -7.42 14.40 15.90
CA GLN A 71 -6.70 15.15 14.86
C GLN A 71 -6.99 14.56 13.47
N ALA A 72 -7.05 13.23 13.40
CA ALA A 72 -7.33 12.54 12.14
C ALA A 72 -8.78 12.79 11.70
N ALA A 73 -9.70 12.75 12.66
CA ALA A 73 -11.12 12.96 12.38
C ALA A 73 -11.35 14.36 11.81
N THR A 74 -10.67 15.36 12.39
CA THR A 74 -10.80 16.74 11.93
C THR A 74 -10.11 16.93 10.58
N LEU A 75 -9.00 16.22 10.37
CA LEU A 75 -8.25 16.30 9.13
C LEU A 75 -9.10 15.86 7.94
N VAL A 76 -9.69 14.66 8.05
CA VAL A 76 -10.54 14.13 6.98
C VAL A 76 -11.78 15.00 6.78
N ALA A 77 -12.30 15.56 7.88
CA ALA A 77 -13.47 16.44 7.81
C ALA A 77 -13.16 17.71 7.02
N LEU A 78 -11.97 18.25 7.24
CA LEU A 78 -11.53 19.47 6.54
C LEU A 78 -11.43 19.22 5.03
N VAL A 79 -10.98 18.02 4.67
CA VAL A 79 -10.84 17.64 3.26
C VAL A 79 -12.20 17.67 2.55
N ALA A 80 -13.23 17.15 3.24
CA ALA A 80 -14.58 17.14 2.68
C ALA A 80 -15.09 18.55 2.42
N GLY A 81 -14.87 19.44 3.40
CA GLY A 81 -15.30 20.83 3.25
C GLY A 81 -14.56 21.54 2.14
N SER A 82 -13.25 21.30 2.04
CA SER A 82 -12.43 21.92 1.01
C SER A 82 -12.80 21.40 -0.38
N PHE A 83 -13.25 20.13 -0.44
CA PHE A 83 -13.65 19.51 -1.70
C PHE A 83 -14.75 20.32 -2.39
N ILE A 84 -15.80 20.63 -1.63
CA ILE A 84 -16.93 21.41 -2.15
C ILE A 84 -16.57 22.89 -2.28
N TYR A 85 -15.66 23.36 -1.42
CA TYR A 85 -15.23 24.76 -1.43
C TYR A 85 -14.49 25.10 -2.72
N GLY A 86 -13.56 24.22 -3.12
CA GLY A 86 -12.79 24.43 -4.34
C GLY A 86 -11.72 25.51 -4.15
N THR A 87 -10.95 25.39 -3.07
CA THR A 87 -9.89 26.36 -2.78
C THR A 87 -8.61 25.65 -2.31
N SER A 88 -7.47 26.07 -2.86
CA SER A 88 -6.18 25.49 -2.51
C SER A 88 -6.11 24.01 -2.89
N GLY A 89 -5.78 23.74 -4.15
CA GLY A 89 -5.68 22.37 -4.62
C GLY A 89 -4.45 21.65 -4.08
N LYS A 90 -3.28 22.24 -4.32
CA LYS A 90 -2.02 21.66 -3.85
C LYS A 90 -1.98 21.57 -2.32
N GLU A 91 -2.62 22.54 -1.66
CA GLU A 91 -2.68 22.58 -0.20
C GLU A 91 -3.32 21.30 0.34
N LEU A 92 -4.42 20.88 -0.28
CA LEU A 92 -5.13 19.67 0.14
C LEU A 92 -4.23 18.44 0.02
N LYS A 93 -3.46 18.37 -1.07
CA LYS A 93 -2.54 17.26 -1.29
C LYS A 93 -1.46 17.22 -0.22
N ALA A 94 -0.88 18.38 0.08
CA ALA A 94 0.16 18.50 1.10
C ALA A 94 -0.29 17.91 2.44
N LYS A 95 -1.56 18.12 2.78
CA LYS A 95 -2.11 17.60 4.03
C LYS A 95 -2.01 16.08 4.09
N GLU A 96 -2.33 15.42 2.96
CA GLU A 96 -2.27 13.96 2.88
C GLU A 96 -0.83 13.47 3.00
N GLU A 97 0.11 14.22 2.42
CA GLU A 97 1.53 13.86 2.47
C GLU A 97 2.02 13.83 3.92
N GLN A 98 1.52 14.76 4.74
CA GLN A 98 1.89 14.83 6.16
C GLN A 98 1.65 13.49 6.86
N LEU A 99 0.55 12.82 6.52
CA LEU A 99 0.21 11.52 7.11
C LEU A 99 1.33 10.51 6.87
N LYS A 100 1.89 10.51 5.66
CA LYS A 100 2.97 9.61 5.30
C LYS A 100 4.21 9.86 6.16
N GLU A 101 4.51 11.15 6.39
CA GLU A 101 5.66 11.54 7.21
C GLU A 101 5.49 11.03 8.64
N LYS A 102 4.27 11.09 9.16
CA LYS A 102 3.97 10.64 10.52
C LYS A 102 4.30 9.15 10.68
N ALA A 103 3.91 8.35 9.69
CA ALA A 103 4.18 6.91 9.70
C ALA A 103 5.68 6.63 9.63
N LYS A 104 6.38 7.39 8.79
CA LYS A 104 7.82 7.25 8.62
C LYS A 104 8.56 7.55 9.93
N MET A 105 8.15 8.63 10.59
CA MET A 105 8.75 9.04 11.86
C MET A 105 8.52 7.98 12.93
N ARG A 106 7.31 7.40 12.95
CA ARG A 106 6.96 6.38 13.92
C ARG A 106 7.87 5.15 13.79
N GLU A 107 8.10 4.71 12.55
CA GLU A 107 8.96 3.56 12.29
C GLU A 107 10.43 3.94 12.45
N LYS A 108 11.06 3.42 13.51
CA LYS A 108 12.47 3.70 13.78
C LYS A 108 13.38 2.73 13.02
N LEU A 109 13.65 3.05 11.76
CA LEU A 109 14.53 2.22 10.92
C LEU A 109 15.94 2.79 10.83
N TRP A 110 16.27 3.76 11.68
CA TRP A 110 17.59 4.38 11.67
C TRP A 110 18.49 3.77 12.75
N ILE A 111 18.08 3.88 14.01
CA ILE A 111 18.86 3.34 15.13
C ILE A 111 17.95 2.94 16.29
N GLN A 112 18.56 2.39 17.35
CA GLN A 112 17.83 1.96 18.55
C GLN A 112 16.88 0.80 18.24
N GLU A 113 17.34 -0.42 18.54
CA GLU A 113 16.53 -1.62 18.29
C GLU A 113 15.33 -1.68 19.24
N LEU A 114 15.55 -1.35 20.51
CA LEU A 114 14.50 -1.36 21.52
C LEU A 114 13.77 -2.71 21.56
N GLU A 115 14.53 -3.79 21.37
CA GLU A 115 13.97 -5.15 21.38
C GLU A 115 15.08 -6.18 21.58
N ARG A 116 15.23 -6.65 22.81
CA ARG A 116 16.25 -7.65 23.15
C ARG A 116 15.89 -9.03 22.60
N ARG A 117 16.84 -9.97 22.71
CA ARG A 117 16.62 -11.34 22.23
C ARG A 117 15.44 -11.99 22.93
N GLU A 118 15.17 -11.57 24.18
CA GLU A 118 14.07 -12.11 24.96
C GLU A 118 12.74 -11.83 24.25
N GLU A 119 12.53 -10.56 23.89
CA GLU A 119 11.32 -10.14 23.20
C GLU A 119 11.22 -10.82 21.82
N GLU A 120 12.37 -11.02 21.18
CA GLU A 120 12.41 -11.68 19.87
C GLU A 120 11.75 -13.06 19.95
N THR A 121 12.08 -13.79 21.02
CA THR A 121 11.50 -15.12 21.23
C THR A 121 9.99 -15.03 21.43
N GLU A 122 9.55 -13.98 22.13
CA GLU A 122 8.13 -13.75 22.37
C GLU A 122 7.40 -13.39 21.07
N ALA A 123 8.11 -12.72 20.16
CA ALA A 123 7.54 -12.32 18.88
C ALA A 123 6.98 -13.51 18.11
N ARG A 124 7.78 -14.58 18.01
CA ARG A 124 7.35 -15.79 17.30
C ARG A 124 6.42 -16.65 18.16
N ARG A 125 6.58 -16.56 19.49
CA ARG A 125 5.75 -17.33 20.41
C ARG A 125 4.31 -16.81 20.43
N LYS A 126 4.14 -15.52 20.72
CA LYS A 126 2.81 -14.90 20.77
C LYS A 126 2.13 -14.97 19.39
N ARG A 127 2.92 -14.90 18.32
CA ARG A 127 2.39 -14.96 16.96
C ARG A 127 1.81 -16.35 16.67
N ALA A 128 2.58 -17.39 17.02
CA ALA A 128 2.15 -18.77 16.80
C ALA A 128 0.88 -19.08 17.59
N GLU A 129 0.80 -18.55 18.82
CA GLU A 129 -0.36 -18.76 19.67
C GLU A 129 -1.57 -17.98 19.16
N LEU A 130 -1.35 -16.71 18.83
CA LEU A 130 -2.42 -15.84 18.33
C LEU A 130 -1.93 -14.95 17.19
N ALA A 131 -2.54 -15.11 16.01
CA ALA A 131 -2.17 -14.31 14.85
C ALA A 131 -3.37 -14.09 13.94
N ARG A 132 -3.94 -12.88 14.00
CA ARG A 132 -5.10 -12.54 13.19
C ARG A 132 -4.93 -11.18 12.51
N MET A 133 -5.35 -11.10 11.24
CA MET A 133 -5.24 -9.86 10.48
C MET A 133 -6.61 -9.44 9.96
N LYS A 134 -7.51 -9.10 10.90
CA LYS A 134 -8.87 -8.68 10.54
C LYS A 134 -8.87 -7.32 9.83
N THR A 135 -8.03 -6.41 10.31
CA THR A 135 -7.93 -5.07 9.71
C THR A 135 -7.53 -5.16 8.24
N LEU A 136 -6.50 -5.94 7.95
CA LEU A 136 -6.02 -6.12 6.57
C LEU A 136 -7.11 -6.72 5.69
N GLU A 137 -7.76 -7.79 6.17
CA GLU A 137 -8.82 -8.45 5.42
C GLU A 137 -10.01 -7.51 5.22
N ASN A 138 -10.28 -6.67 6.22
CA ASN A 138 -11.39 -5.72 6.15
C ASN A 138 -11.17 -4.74 5.00
N GLU A 139 -9.92 -4.27 4.87
CA GLU A 139 -9.56 -3.33 3.81
C GLU A 139 -9.63 -4.01 2.43
N GLU A 140 -9.39 -5.32 2.41
CA GLU A 140 -9.43 -6.10 1.17
C GLU A 140 -10.81 -6.02 0.50
N GLU A 141 -11.85 -5.94 1.32
CA GLU A 141 -13.23 -5.85 0.82
C GLU A 141 -13.46 -4.58 0.00
N ILE A 142 -12.79 -3.49 0.40
CA ILE A 142 -12.93 -2.21 -0.31
C ILE A 142 -12.50 -2.32 -1.78
N LYS A 143 -11.52 -3.21 -2.05
CA LYS A 143 -11.03 -3.42 -3.40
C LYS A 143 -12.15 -3.96 -4.30
N ASN A 144 -12.91 -4.94 -3.78
CA ASN A 144 -14.02 -5.52 -4.52
C ASN A 144 -15.15 -4.52 -4.69
N LEU A 145 -15.33 -3.65 -3.69
CA LEU A 145 -16.37 -2.63 -3.73
C LEU A 145 -16.20 -1.71 -4.93
N GLU A 146 -14.95 -1.44 -5.31
CA GLU A 146 -14.64 -0.59 -6.46
C GLU A 146 -15.23 -1.18 -7.74
N LYS A 147 -15.14 -2.51 -7.88
CA LYS A 147 -15.66 -3.20 -9.06
C LYS A 147 -17.18 -3.01 -9.19
N GLU A 148 -17.86 -2.98 -8.04
CA GLU A 148 -19.32 -2.80 -8.02
C GLU A 148 -19.74 -1.58 -8.84
N LEU A 149 -18.99 -0.48 -8.69
CA LEU A 149 -19.27 0.75 -9.43
C LEU A 149 -19.27 0.50 -10.94
N SER A 150 -18.28 -0.27 -11.40
CA SER A 150 -18.17 -0.61 -12.83
C SER A 150 -19.39 -1.41 -13.29
N ASP A 151 -19.83 -2.36 -12.46
CA ASP A 151 -21.00 -3.18 -12.77
C ASP A 151 -22.26 -2.33 -12.81
N LEU A 152 -22.35 -1.35 -11.91
CA LEU A 152 -23.50 -0.45 -11.84
C LEU A 152 -23.67 0.33 -13.14
N GLU A 153 -22.56 0.84 -13.67
CA GLU A 153 -22.57 1.59 -14.92
C GLU A 153 -22.99 0.69 -16.09
N ASN A 154 -22.45 -0.53 -16.12
CA ASN A 154 -22.78 -1.50 -17.17
C ASN A 154 -24.26 -1.87 -17.13
N LYS A 155 -24.80 -1.97 -15.92
CA LYS A 155 -26.21 -2.32 -15.73
C LYS A 155 -27.13 -1.26 -16.35
N LEU A 156 -26.74 0.01 -16.25
CA LEU A 156 -27.52 1.10 -16.80
C LEU A 156 -27.75 0.93 -18.31
N GLY A 157 -26.72 0.46 -19.02
CA GLY A 157 -26.84 0.23 -20.44
C GLY A 157 -26.32 1.41 -21.26
N LYS A 158 -25.06 1.78 -21.02
CA LYS A 158 -24.45 2.91 -21.73
C LYS A 158 -23.54 2.39 -22.85
N LYS A 159 -22.65 1.45 -22.51
CA LYS A 159 -21.73 0.88 -23.49
C LYS A 159 -22.43 -0.16 -24.37
N MET B 1 15.14 -26.23 19.57
CA MET B 1 16.54 -25.74 19.69
C MET B 1 16.71 -24.37 19.03
N SER B 2 16.44 -24.30 17.73
CA SER B 2 16.56 -23.06 16.98
C SER B 2 15.46 -22.93 15.93
N ARG B 3 14.44 -22.12 16.24
CA ARG B 3 13.32 -21.91 15.33
C ARG B 3 13.57 -20.71 14.43
N MET B 4 12.70 -20.52 13.43
CA MET B 4 12.82 -19.40 12.49
C MET B 4 11.71 -18.38 12.73
N PRO B 5 11.98 -17.37 13.59
CA PRO B 5 11.01 -16.32 13.91
C PRO B 5 10.90 -15.28 12.81
N SER B 6 10.30 -14.12 13.12
CA SER B 6 10.14 -13.04 12.15
C SER B 6 11.47 -12.31 11.93
N SER B 7 12.42 -13.01 11.31
CA SER B 7 13.74 -12.44 11.03
C SER B 7 13.85 -11.97 9.58
N PHE B 8 13.39 -12.83 8.65
CA PHE B 8 13.42 -12.51 7.23
C PHE B 8 12.22 -11.64 6.86
N ASP B 9 12.37 -10.32 7.03
CA ASP B 9 11.29 -9.38 6.72
C ASP B 9 11.02 -9.33 5.22
N VAL B 10 9.82 -9.77 4.83
CA VAL B 10 9.42 -9.78 3.43
C VAL B 10 7.93 -9.44 3.28
N THR B 11 7.64 -8.14 3.18
CA THR B 11 6.26 -7.67 3.04
C THR B 11 5.76 -7.88 1.61
N GLU B 12 4.46 -7.67 1.41
CA GLU B 12 3.84 -7.82 0.09
C GLU B 12 3.67 -6.47 -0.61
N ARG B 13 4.54 -5.51 -0.28
CA ARG B 13 4.50 -4.19 -0.88
C ARG B 13 5.36 -4.11 -2.14
N ASP B 14 6.44 -4.89 -2.18
CA ASP B 14 7.34 -4.91 -3.34
C ASP B 14 6.55 -5.11 -4.64
N LEU B 15 5.71 -6.13 -4.66
CA LEU B 15 4.88 -6.43 -5.84
C LEU B 15 3.79 -5.37 -6.02
N ASP B 16 3.24 -4.90 -4.90
CA ASP B 16 2.20 -3.87 -4.92
C ASP B 16 2.71 -2.58 -5.58
N ASP B 17 3.99 -2.26 -5.34
CA ASP B 17 4.59 -1.06 -5.90
C ASP B 17 4.63 -1.14 -7.43
N MET B 18 4.90 -2.34 -7.95
CA MET B 18 4.96 -2.56 -9.40
C MET B 18 3.60 -2.30 -10.04
N THR B 19 2.56 -2.93 -9.48
CA THR B 19 1.20 -2.77 -9.99
C THR B 19 0.73 -1.32 -9.85
N PHE B 20 1.07 -0.70 -8.73
CA PHE B 20 0.70 0.70 -8.47
C PHE B 20 1.30 1.62 -9.52
N GLY B 21 2.56 1.33 -9.89
CA GLY B 21 3.25 2.13 -10.90
C GLY B 21 2.62 2.01 -12.28
N GLU B 22 1.81 0.95 -12.49
CA GLU B 22 1.14 0.74 -13.77
C GLU B 22 -0.23 1.42 -13.80
N ARG B 23 -0.77 1.70 -12.61
CA ARG B 23 -2.08 2.37 -12.49
C ARG B 23 -2.05 3.77 -13.08
N ILE B 24 -0.86 4.36 -13.20
CA ILE B 24 -0.70 5.71 -13.75
C ILE B 24 -1.28 5.83 -15.16
N ILE B 25 -1.38 4.69 -15.87
CA ILE B 25 -1.93 4.68 -17.22
C ILE B 25 -3.28 5.41 -17.29
N TYR B 26 -4.10 5.24 -16.25
CA TYR B 26 -5.40 5.89 -16.18
C TYR B 26 -5.25 7.41 -16.23
N HIS B 27 -4.33 7.94 -15.42
CA HIS B 27 -4.07 9.38 -15.37
C HIS B 27 -3.44 9.87 -16.66
N CYS B 28 -2.51 9.08 -17.20
CA CYS B 28 -1.82 9.42 -18.45
C CYS B 28 -2.81 9.49 -19.61
N LYS B 29 -3.85 8.66 -19.57
CA LYS B 29 -4.87 8.63 -20.61
C LYS B 29 -5.51 10.02 -20.80
N LYS B 30 -5.70 10.74 -19.68
CA LYS B 30 -6.30 12.07 -19.72
C LYS B 30 -5.43 13.05 -20.52
N GLN B 31 -4.16 13.15 -20.14
CA GLN B 31 -3.22 14.03 -20.83
C GLN B 31 -1.87 13.35 -21.05
N PRO B 32 -1.78 12.50 -22.10
CA PRO B 32 -0.55 11.78 -22.43
C PRO B 32 0.49 12.65 -23.13
N LEU B 33 1.77 12.33 -22.91
CA LEU B 33 2.86 13.07 -23.53
C LEU B 33 3.78 12.15 -24.33
N VAL B 34 4.45 12.70 -25.34
CA VAL B 34 5.34 11.92 -26.18
C VAL B 34 6.75 11.83 -25.58
N PRO B 35 7.42 12.97 -25.32
CA PRO B 35 8.77 12.97 -24.74
C PRO B 35 8.79 12.58 -23.26
N ILE B 36 7.92 13.19 -22.47
CA ILE B 36 7.85 12.91 -21.03
C ILE B 36 7.08 11.63 -20.75
N GLY B 37 5.95 11.43 -21.45
CA GLY B 37 5.14 10.24 -21.24
C GLY B 37 5.90 8.96 -21.50
N CYS B 38 6.56 8.86 -22.66
CA CYS B 38 7.33 7.67 -23.01
C CYS B 38 8.48 7.43 -22.03
N LEU B 39 9.25 8.48 -21.75
CA LEU B 39 10.38 8.38 -20.82
C LEU B 39 9.92 7.96 -19.42
N LEU B 40 8.72 8.42 -19.02
CA LEU B 40 8.17 8.09 -17.71
C LEU B 40 7.91 6.58 -17.58
N THR B 41 7.50 5.96 -18.68
CA THR B 41 7.22 4.52 -18.69
C THR B 41 8.52 3.73 -18.90
N THR B 42 9.40 4.25 -19.76
CA THR B 42 10.67 3.60 -20.06
C THR B 42 11.55 3.52 -18.80
N GLY B 43 11.58 4.60 -18.04
CA GLY B 43 12.38 4.64 -16.82
C GLY B 43 11.72 3.95 -15.64
N ALA B 44 10.41 3.68 -15.74
CA ALA B 44 9.67 3.01 -14.67
C ALA B 44 10.11 1.55 -14.52
N VAL B 45 10.14 0.83 -15.64
CA VAL B 45 10.55 -0.58 -15.63
C VAL B 45 12.08 -0.74 -15.59
N ILE B 46 12.80 0.34 -15.91
CA ILE B 46 14.26 0.31 -15.90
C ILE B 46 14.80 -0.08 -14.51
N LEU B 47 14.14 0.42 -13.45
CA LEU B 47 14.55 0.12 -12.07
C LEU B 47 14.07 -1.29 -11.65
N ALA B 48 12.99 -1.78 -12.28
CA ALA B 48 12.46 -3.11 -11.95
C ALA B 48 13.33 -4.21 -12.55
N ALA B 49 13.89 -3.94 -13.74
CA ALA B 49 14.76 -4.93 -14.42
C ALA B 49 16.01 -5.23 -13.59
N GLN B 50 16.39 -4.30 -12.70
CA GLN B 50 17.57 -4.51 -11.84
C GLN B 50 17.25 -5.49 -10.72
N ASN B 51 16.03 -5.43 -10.19
CA ASN B 51 15.60 -6.32 -9.11
C ASN B 51 15.62 -7.79 -9.55
N VAL B 52 15.36 -8.03 -10.84
CA VAL B 52 15.34 -9.40 -11.38
C VAL B 52 16.72 -9.78 -11.92
N ARG B 53 17.33 -8.90 -12.72
CA ARG B 53 18.66 -9.17 -13.30
C ARG B 53 19.72 -9.28 -12.21
N LEU B 54 19.77 -8.27 -11.34
CA LEU B 54 20.76 -8.27 -10.24
C LEU B 54 20.31 -9.20 -9.11
N GLY B 55 19.00 -9.23 -8.84
CA GLY B 55 18.48 -10.09 -7.79
C GLY B 55 18.66 -11.58 -8.09
N ASN B 56 18.77 -11.94 -9.38
CA ASN B 56 18.95 -13.35 -9.77
C ASN B 56 20.45 -13.69 -9.83
N LYS B 57 21.27 -12.70 -10.16
CA LYS B 57 22.72 -12.89 -10.25
C LYS B 57 23.28 -13.67 -9.05
N TRP B 58 22.93 -13.23 -7.84
CA TRP B 58 23.40 -13.88 -6.63
C TRP B 58 22.22 -14.40 -5.79
N LYS B 59 21.30 -15.11 -6.44
CA LYS B 59 20.14 -15.64 -5.79
C LYS B 59 20.32 -17.13 -5.49
N ALA B 60 19.21 -17.85 -5.44
CA ALA B 60 19.20 -19.29 -5.19
C ALA B 60 19.65 -20.04 -6.45
N GLN B 61 20.39 -21.14 -6.27
CA GLN B 61 20.88 -21.93 -7.40
C GLN B 61 19.78 -22.16 -8.45
N TYR B 62 18.54 -22.42 -8.00
CA TYR B 62 17.41 -22.65 -8.90
C TYR B 62 17.09 -21.38 -9.69
N TYR B 63 16.30 -21.53 -10.75
CA TYR B 63 15.90 -20.40 -11.59
C TYR B 63 14.44 -20.02 -11.33
N PHE B 64 14.10 -19.81 -10.06
CA PHE B 64 12.74 -19.44 -9.68
C PHE B 64 12.47 -17.96 -9.92
N ARG B 65 13.42 -17.10 -9.51
CA ARG B 65 13.30 -15.66 -9.69
C ARG B 65 13.22 -15.29 -11.18
N TRP B 66 13.87 -16.11 -12.03
CA TRP B 66 13.85 -15.89 -13.47
C TRP B 66 12.51 -16.31 -14.06
N ARG B 67 11.97 -17.43 -13.57
CA ARG B 67 10.67 -17.95 -14.04
C ARG B 67 9.56 -16.93 -13.79
N VAL B 68 9.49 -16.40 -12.57
CA VAL B 68 8.49 -15.41 -12.20
C VAL B 68 8.67 -14.12 -13.00
N GLY B 69 9.93 -13.80 -13.35
CA GLY B 69 10.21 -12.61 -14.12
C GLY B 69 9.50 -12.61 -15.46
N LEU B 70 9.42 -13.78 -16.09
CA LEU B 70 8.77 -13.93 -17.39
C LEU B 70 7.25 -13.99 -17.25
N GLN B 71 6.76 -14.60 -16.16
CA GLN B 71 5.32 -14.72 -15.91
C GLN B 71 4.63 -13.35 -15.93
N ALA B 72 5.26 -12.37 -15.26
CA ALA B 72 4.73 -11.01 -15.21
C ALA B 72 5.01 -10.24 -16.50
N ALA B 73 6.20 -10.46 -17.09
CA ALA B 73 6.58 -9.78 -18.33
C ALA B 73 5.55 -10.02 -19.45
N THR B 74 4.98 -11.23 -19.47
CA THR B 74 3.98 -11.60 -20.48
C THR B 74 2.63 -10.97 -20.15
N LEU B 75 2.26 -10.97 -18.86
CA LEU B 75 0.99 -10.41 -18.42
C LEU B 75 0.94 -8.89 -18.66
N VAL B 76 2.02 -8.19 -18.30
CA VAL B 76 2.11 -6.74 -18.49
C VAL B 76 2.20 -6.37 -19.98
N ALA B 77 2.63 -7.31 -20.81
CA ALA B 77 2.75 -7.06 -22.27
C ALA B 77 1.38 -7.12 -22.94
N LEU B 78 0.57 -8.11 -22.55
CA LEU B 78 -0.78 -8.26 -23.12
C LEU B 78 -1.75 -7.23 -22.53
N VAL B 79 -1.46 -6.76 -21.31
CA VAL B 79 -2.30 -5.75 -20.65
C VAL B 79 -2.16 -4.40 -21.35
N ALA B 80 -0.91 -4.02 -21.65
CA ALA B 80 -0.64 -2.75 -22.34
C ALA B 80 -1.35 -2.72 -23.70
N GLY B 81 -1.43 -3.88 -24.35
CA GLY B 81 -2.12 -3.96 -25.65
C GLY B 81 -3.63 -4.04 -25.51
N SER B 82 -4.12 -4.48 -24.34
CA SER B 82 -5.57 -4.58 -24.11
C SER B 82 -6.17 -3.21 -23.83
N PHE B 83 -5.43 -2.37 -23.09
CA PHE B 83 -5.88 -1.02 -22.75
C PHE B 83 -6.20 -0.21 -24.01
N ILE B 84 -5.25 -0.20 -24.95
CA ILE B 84 -5.43 0.54 -26.21
C ILE B 84 -6.54 -0.08 -27.05
N TYR B 85 -6.55 -1.42 -27.15
CA TYR B 85 -7.56 -2.14 -27.92
C TYR B 85 -8.98 -1.72 -27.54
N GLY B 86 -9.25 -1.59 -26.23
CA GLY B 86 -10.57 -1.20 -25.78
C GLY B 86 -11.62 -2.29 -26.00
N THR B 87 -11.28 -3.51 -25.57
CA THR B 87 -12.19 -4.65 -25.73
C THR B 87 -13.12 -4.78 -24.53
N SER B 88 -12.55 -4.68 -23.32
CA SER B 88 -13.33 -4.81 -22.09
C SER B 88 -12.54 -4.32 -20.88
N GLY B 89 -13.11 -3.36 -20.15
CA GLY B 89 -12.44 -2.82 -18.95
C GLY B 89 -12.35 -3.83 -17.82
N LYS B 90 -13.33 -4.74 -17.76
CA LYS B 90 -13.37 -5.78 -16.72
C LYS B 90 -12.15 -6.69 -16.80
N GLU B 91 -11.61 -6.87 -18.02
CA GLU B 91 -10.44 -7.72 -18.23
C GLU B 91 -9.27 -7.28 -17.35
N LEU B 92 -8.93 -5.98 -17.42
CA LEU B 92 -7.84 -5.42 -16.63
C LEU B 92 -8.10 -5.58 -15.14
N LYS B 93 -9.35 -5.35 -14.73
CA LYS B 93 -9.73 -5.47 -13.32
C LYS B 93 -9.56 -6.90 -12.82
N ALA B 94 -9.89 -7.87 -13.67
CA ALA B 94 -9.75 -9.30 -13.31
C ALA B 94 -8.29 -9.69 -13.16
N LYS B 95 -7.42 -9.13 -14.02
CA LYS B 95 -5.99 -9.41 -13.98
C LYS B 95 -5.38 -8.92 -12.66
N GLU B 96 -5.81 -7.75 -12.21
CA GLU B 96 -5.32 -7.18 -10.96
C GLU B 96 -5.72 -8.05 -9.77
N GLU B 97 -6.97 -8.55 -9.81
CA GLU B 97 -7.48 -9.41 -8.74
C GLU B 97 -6.75 -10.76 -8.74
N GLN B 98 -6.40 -11.24 -9.94
CA GLN B 98 -5.69 -12.51 -10.08
C GLN B 98 -4.36 -12.48 -9.32
N LEU B 99 -3.63 -11.38 -9.45
CA LEU B 99 -2.35 -11.21 -8.77
C LEU B 99 -2.55 -11.17 -7.25
N LYS B 100 -3.69 -10.60 -6.82
CA LYS B 100 -4.01 -10.51 -5.40
C LYS B 100 -4.03 -11.90 -4.77
N GLU B 101 -4.63 -12.87 -5.49
CA GLU B 101 -4.71 -14.25 -5.01
C GLU B 101 -3.32 -14.90 -4.99
N LYS B 102 -2.49 -14.56 -5.98
CA LYS B 102 -1.14 -15.10 -6.09
C LYS B 102 -0.29 -14.65 -4.89
N ALA B 103 -0.51 -13.42 -4.43
CA ALA B 103 0.24 -12.87 -3.28
C ALA B 103 -0.01 -13.72 -2.04
N LYS B 104 -1.28 -14.04 -1.78
CA LYS B 104 -1.65 -14.85 -0.62
C LYS B 104 -1.10 -16.27 -0.76
N MET B 105 -1.14 -16.81 -1.98
CA MET B 105 -0.64 -18.16 -2.24
C MET B 105 0.85 -18.24 -1.96
N ARG B 106 1.60 -17.24 -2.42
CA ARG B 106 3.06 -17.20 -2.21
C ARG B 106 3.38 -16.89 -0.75
N GLU B 107 2.52 -16.10 -0.10
CA GLU B 107 2.72 -15.73 1.30
C GLU B 107 2.80 -16.97 2.19
N LYS B 108 3.93 -17.12 2.89
CA LYS B 108 4.14 -18.25 3.77
C LYS B 108 3.75 -17.89 5.22
N LEU B 109 2.57 -18.32 5.63
CA LEU B 109 2.07 -18.04 6.98
C LEU B 109 2.29 -19.24 7.91
N TRP B 110 1.86 -20.43 7.46
CA TRP B 110 2.02 -21.65 8.24
C TRP B 110 3.49 -21.95 8.53
N ILE B 111 4.33 -21.78 7.50
CA ILE B 111 5.77 -22.01 7.63
C ILE B 111 6.57 -20.84 7.03
N GLN B 112 7.88 -20.90 7.17
CA GLN B 112 8.75 -19.85 6.64
C GLN B 112 9.98 -20.46 5.96
N GLU B 113 10.87 -21.05 6.77
CA GLU B 113 12.09 -21.68 6.25
C GLU B 113 12.75 -22.56 7.32
N LEU B 114 11.93 -23.31 8.06
CA LEU B 114 12.43 -24.18 9.12
C LEU B 114 13.26 -25.33 8.55
N GLU B 115 14.58 -25.13 8.52
CA GLU B 115 15.51 -26.14 8.01
C GLU B 115 16.95 -25.77 8.36
N ARG B 116 17.36 -24.57 7.96
CA ARG B 116 18.70 -24.08 8.23
C ARG B 116 18.67 -22.86 9.16
N ARG B 117 18.96 -23.08 10.43
CA ARG B 117 18.97 -21.99 11.42
C ARG B 117 20.24 -21.14 11.29
N GLU B 118 21.31 -21.76 10.78
CA GLU B 118 22.59 -21.06 10.61
C GLU B 118 22.45 -19.90 9.63
N GLU B 119 21.67 -20.11 8.56
CA GLU B 119 21.46 -19.07 7.54
C GLU B 119 21.02 -17.73 8.16
N GLU B 120 20.29 -17.79 9.27
CA GLU B 120 19.83 -16.57 9.94
C GLU B 120 21.01 -15.69 10.35
N THR B 121 22.13 -16.33 10.72
CA THR B 121 23.35 -15.62 11.13
C THR B 121 23.83 -14.64 10.06
N GLU B 122 23.64 -15.00 8.78
CA GLU B 122 24.06 -14.16 7.65
C GLU B 122 23.01 -13.09 7.32
N ALA B 123 21.73 -13.41 7.48
CA ALA B 123 20.65 -12.47 7.16
C ALA B 123 20.24 -11.60 8.37
N ARG B 124 20.81 -11.88 9.55
CA ARG B 124 20.47 -11.13 10.75
C ARG B 124 21.17 -9.77 10.80
N ARG B 125 22.43 -9.71 10.37
CA ARG B 125 23.18 -8.44 10.39
C ARG B 125 22.71 -7.52 9.26
N LYS B 126 22.26 -8.10 8.16
CA LYS B 126 21.78 -7.33 7.02
C LYS B 126 20.54 -6.49 7.36
N ARG B 127 19.66 -7.05 8.19
CA ARG B 127 18.44 -6.34 8.58
C ARG B 127 18.74 -5.13 9.46
N ALA B 128 19.70 -5.26 10.37
CA ALA B 128 20.08 -4.16 11.26
C ALA B 128 21.05 -3.18 10.58
N GLU B 129 22.16 -3.70 10.07
CA GLU B 129 23.17 -2.88 9.40
C GLU B 129 22.54 -1.95 8.36
N LEU B 130 21.81 -2.53 7.41
CA LEU B 130 21.16 -1.73 6.36
C LEU B 130 19.84 -1.15 6.85
N ALA B 131 18.84 -2.00 7.06
CA ALA B 131 17.51 -1.57 7.52
C ALA B 131 16.94 -0.48 6.61
N ARG B 132 16.85 -0.79 5.32
CA ARG B 132 16.33 0.16 4.34
C ARG B 132 15.37 -0.51 3.35
N MET B 133 14.54 0.29 2.69
CA MET B 133 13.58 -0.21 1.72
C MET B 133 13.62 0.63 0.44
N LYS B 134 14.57 0.31 -0.45
CA LYS B 134 14.74 1.03 -1.71
C LYS B 134 13.49 0.98 -2.58
N THR B 135 12.86 -0.20 -2.65
CA THR B 135 11.63 -0.38 -3.45
C THR B 135 10.56 0.64 -3.06
N LEU B 136 10.32 0.77 -1.75
CA LEU B 136 9.32 1.70 -1.25
C LEU B 136 9.83 3.15 -1.29
N GLU B 137 11.15 3.32 -1.17
CA GLU B 137 11.76 4.65 -1.20
C GLU B 137 11.65 5.29 -2.58
N ASN B 138 11.87 4.48 -3.63
CA ASN B 138 11.79 4.96 -5.01
C ASN B 138 10.42 5.55 -5.33
N GLU B 139 9.37 5.02 -4.69
CA GLU B 139 8.01 5.51 -4.89
C GLU B 139 7.90 7.01 -4.63
N GLU B 140 8.60 7.47 -3.58
CA GLU B 140 8.60 8.89 -3.23
C GLU B 140 9.18 9.74 -4.36
N GLU B 141 10.24 9.22 -5.00
CA GLU B 141 10.89 9.92 -6.11
C GLU B 141 9.91 10.14 -7.26
N ILE B 142 9.15 9.10 -7.61
CA ILE B 142 8.17 9.20 -8.70
C ILE B 142 7.03 10.15 -8.32
N LYS B 143 6.67 10.16 -7.03
CA LYS B 143 5.60 11.03 -6.53
C LYS B 143 5.98 12.50 -6.69
N ASN B 144 7.25 12.82 -6.46
CA ASN B 144 7.74 14.18 -6.58
C ASN B 144 7.55 14.70 -8.00
N LEU B 145 7.80 13.84 -8.98
CA LEU B 145 7.66 14.20 -10.39
C LEU B 145 6.20 14.52 -10.73
N GLU B 146 5.28 13.80 -10.09
CA GLU B 146 3.84 14.01 -10.31
C GLU B 146 3.45 15.43 -9.88
N LYS B 147 4.02 15.89 -8.76
CA LYS B 147 3.73 17.23 -8.25
C LYS B 147 4.12 18.31 -9.26
N GLU B 148 5.25 18.08 -9.97
CA GLU B 148 5.73 19.03 -10.98
C GLU B 148 4.67 19.28 -12.05
N LEU B 149 3.91 18.24 -12.40
CA LEU B 149 2.86 18.36 -13.42
C LEU B 149 1.84 19.42 -13.00
N SER B 150 1.32 19.30 -11.78
CA SER B 150 0.35 20.25 -11.25
C SER B 150 0.94 21.65 -11.15
N ASP B 151 2.22 21.72 -10.76
CA ASP B 151 2.92 22.99 -10.63
C ASP B 151 3.06 23.70 -11.98
N LEU B 152 3.45 22.93 -13.00
CA LEU B 152 3.61 23.45 -14.36
C LEU B 152 2.26 23.90 -14.94
N GLU B 153 1.19 23.20 -14.54
CA GLU B 153 -0.15 23.54 -15.02
C GLU B 153 -0.49 25.00 -14.72
N ASN B 154 -0.23 25.40 -13.47
CA ASN B 154 -0.48 26.78 -13.04
C ASN B 154 0.48 27.75 -13.72
N LYS B 155 1.72 27.29 -13.93
CA LYS B 155 2.75 28.11 -14.58
C LYS B 155 2.28 28.61 -15.94
N LEU B 156 1.74 27.70 -16.75
CA LEU B 156 1.25 28.04 -18.09
C LEU B 156 -0.08 28.79 -18.00
N GLY B 157 -0.94 28.36 -17.08
CA GLY B 157 -2.24 28.99 -16.91
C GLY B 157 -3.31 28.38 -17.79
N LYS B 158 -3.48 27.06 -17.69
CA LYS B 158 -4.48 26.35 -18.48
C LYS B 158 -5.83 26.34 -17.77
N LYS B 159 -5.83 25.95 -16.50
CA LYS B 159 -7.06 25.90 -15.70
C LYS B 159 -7.23 27.18 -14.89
N MET A 1 1.56 -15.32 27.41
CA MET A 1 2.74 -15.65 28.25
C MET A 1 3.78 -16.46 27.46
N SER A 2 4.44 -15.79 26.52
CA SER A 2 5.46 -16.45 25.68
C SER A 2 6.24 -15.41 24.87
N ARG A 3 7.24 -15.90 24.12
CA ARG A 3 8.07 -15.01 23.30
C ARG A 3 7.24 -14.39 22.17
N MET A 4 7.22 -13.06 22.14
CA MET A 4 6.45 -12.33 21.12
C MET A 4 7.24 -12.24 19.81
N PRO A 5 6.75 -12.87 18.74
CA PRO A 5 7.41 -12.85 17.42
C PRO A 5 7.29 -11.49 16.70
N SER A 6 6.46 -10.59 17.25
CA SER A 6 6.26 -9.26 16.67
C SER A 6 7.52 -8.41 16.78
N SER A 7 7.37 -7.10 16.53
CA SER A 7 8.50 -6.16 16.60
C SER A 7 9.45 -6.37 15.42
N PHE A 8 8.89 -6.60 14.24
CA PHE A 8 9.67 -6.82 13.02
C PHE A 8 8.98 -6.24 11.79
N ASP A 9 8.20 -5.16 12.00
CA ASP A 9 7.46 -4.51 10.90
C ASP A 9 6.60 -5.52 10.13
N VAL A 10 6.01 -6.46 10.87
CA VAL A 10 5.15 -7.48 10.25
C VAL A 10 3.74 -6.94 10.02
N THR A 11 3.23 -6.16 10.97
CA THR A 11 1.89 -5.58 10.87
C THR A 11 1.97 -4.05 10.94
N GLU A 12 2.89 -3.47 10.18
CA GLU A 12 3.08 -2.02 10.15
C GLU A 12 2.27 -1.40 9.00
N ARG A 13 0.95 -1.48 9.09
CA ARG A 13 0.06 -0.92 8.07
C ARG A 13 -1.29 -0.52 8.65
N ASP A 14 -1.29 -0.07 9.91
CA ASP A 14 -2.52 0.35 10.57
C ASP A 14 -2.92 1.76 10.14
N LEU A 15 -1.99 2.70 10.27
CA LEU A 15 -2.23 4.09 9.88
C LEU A 15 -2.43 4.19 8.37
N ASP A 16 -1.67 3.42 7.61
CA ASP A 16 -1.77 3.41 6.16
C ASP A 16 -3.16 2.98 5.69
N ASP A 17 -3.68 1.90 6.29
CA ASP A 17 -5.00 1.40 5.96
C ASP A 17 -6.08 2.44 6.26
N MET A 18 -5.94 3.13 7.40
CA MET A 18 -6.90 4.15 7.80
C MET A 18 -6.86 5.34 6.83
N THR A 19 -5.66 5.82 6.52
CA THR A 19 -5.49 6.94 5.60
C THR A 19 -5.96 6.59 4.19
N PHE A 20 -5.80 5.31 3.81
CA PHE A 20 -6.20 4.84 2.49
C PHE A 20 -7.71 5.07 2.25
N GLY A 21 -8.49 5.06 3.33
CA GLY A 21 -9.92 5.29 3.22
C GLY A 21 -10.26 6.61 2.56
N GLU A 22 -9.40 7.62 2.76
CA GLU A 22 -9.60 8.93 2.16
C GLU A 22 -8.96 9.01 0.78
N ARG A 23 -7.91 8.20 0.55
CA ARG A 23 -7.22 8.18 -0.73
C ARG A 23 -8.13 7.70 -1.86
N ILE A 24 -8.99 6.72 -1.55
CA ILE A 24 -9.93 6.18 -2.54
C ILE A 24 -10.93 7.23 -3.03
N ILE A 25 -11.14 8.28 -2.23
CA ILE A 25 -12.08 9.36 -2.59
C ILE A 25 -11.73 9.97 -3.96
N TYR A 26 -10.43 10.03 -4.27
CA TYR A 26 -9.96 10.58 -5.54
C TYR A 26 -10.60 9.83 -6.72
N HIS A 27 -10.61 8.50 -6.63
CA HIS A 27 -11.20 7.66 -7.68
C HIS A 27 -12.72 7.80 -7.69
N CYS A 28 -13.31 7.89 -6.50
CA CYS A 28 -14.76 8.03 -6.36
C CYS A 28 -15.25 9.37 -6.96
N LYS A 29 -14.37 10.36 -6.96
CA LYS A 29 -14.70 11.68 -7.50
C LYS A 29 -15.14 11.61 -8.97
N LYS A 30 -14.59 10.63 -9.70
CA LYS A 30 -14.93 10.44 -11.11
C LYS A 30 -16.43 10.18 -11.28
N GLN A 31 -16.96 9.25 -10.50
CA GLN A 31 -18.38 8.90 -10.57
C GLN A 31 -18.98 8.83 -9.16
N PRO A 32 -19.23 9.99 -8.53
CA PRO A 32 -19.79 10.07 -7.17
C PRO A 32 -21.27 9.66 -7.13
N LEU A 33 -21.75 9.34 -5.94
CA LEU A 33 -23.15 8.93 -5.74
C LEU A 33 -23.78 9.69 -4.59
N VAL A 34 -25.05 10.07 -4.76
CA VAL A 34 -25.76 10.82 -3.72
C VAL A 34 -26.37 9.88 -2.67
N PRO A 35 -27.26 8.95 -3.06
CA PRO A 35 -27.89 8.01 -2.11
C PRO A 35 -26.92 6.93 -1.63
N ILE A 36 -26.10 6.40 -2.56
CA ILE A 36 -25.14 5.36 -2.23
C ILE A 36 -23.89 5.95 -1.57
N GLY A 37 -23.43 7.10 -2.08
CA GLY A 37 -22.25 7.75 -1.54
C GLY A 37 -22.40 8.13 -0.08
N CYS A 38 -23.56 8.67 0.28
CA CYS A 38 -23.84 9.07 1.67
C CYS A 38 -23.70 7.88 2.62
N LEU A 39 -24.33 6.76 2.27
CA LEU A 39 -24.26 5.54 3.08
C LEU A 39 -22.87 4.90 3.02
N LEU A 40 -22.20 5.03 1.88
CA LEU A 40 -20.87 4.47 1.70
C LEU A 40 -19.85 5.14 2.63
N THR A 41 -19.94 6.47 2.74
CA THR A 41 -19.04 7.24 3.60
C THR A 41 -19.20 6.83 5.06
N THR A 42 -20.45 6.79 5.53
CA THR A 42 -20.76 6.40 6.91
C THR A 42 -20.40 4.94 7.17
N GLY A 43 -20.69 4.08 6.19
CA GLY A 43 -20.39 2.66 6.31
C GLY A 43 -18.90 2.35 6.30
N ALA A 44 -18.09 3.26 5.75
CA ALA A 44 -16.65 3.07 5.69
C ALA A 44 -15.96 3.63 6.93
N VAL A 45 -16.35 4.83 7.34
CA VAL A 45 -15.77 5.47 8.53
C VAL A 45 -16.16 4.73 9.82
N ILE A 46 -17.33 4.11 9.84
CA ILE A 46 -17.81 3.39 11.01
C ILE A 46 -16.84 2.26 11.41
N LEU A 47 -16.19 1.65 10.42
CA LEU A 47 -15.24 0.57 10.68
C LEU A 47 -14.07 1.07 11.54
N ALA A 48 -13.42 2.14 11.08
CA ALA A 48 -12.30 2.72 11.82
C ALA A 48 -12.76 3.33 13.15
N ALA A 49 -13.93 3.97 13.14
CA ALA A 49 -14.49 4.58 14.35
C ALA A 49 -14.69 3.54 15.44
N GLN A 50 -15.12 2.33 15.05
CA GLN A 50 -15.35 1.26 16.01
C GLN A 50 -14.08 0.91 16.77
N ASN A 51 -12.95 0.84 16.06
CA ASN A 51 -11.65 0.54 16.67
C ASN A 51 -11.26 1.63 17.66
N VAL A 52 -11.46 2.89 17.26
CA VAL A 52 -11.13 4.04 18.12
C VAL A 52 -11.99 4.03 19.39
N ARG A 53 -13.27 3.68 19.23
CA ARG A 53 -14.18 3.62 20.37
C ARG A 53 -13.70 2.62 21.42
N LEU A 54 -13.22 1.47 20.96
CA LEU A 54 -12.71 0.42 21.86
C LEU A 54 -11.53 0.94 22.67
N GLY A 55 -10.59 1.61 22.00
CA GLY A 55 -9.43 2.15 22.68
C GLY A 55 -9.79 3.22 23.69
N ASN A 56 -10.69 4.13 23.30
CA ASN A 56 -11.13 5.21 24.19
C ASN A 56 -11.88 4.65 25.40
N LYS A 57 -12.68 3.61 25.16
CA LYS A 57 -13.45 2.97 26.23
C LYS A 57 -12.53 2.45 27.33
N TRP A 58 -11.38 1.89 26.93
CA TRP A 58 -10.41 1.36 27.86
C TRP A 58 -9.75 2.49 28.65
N LYS A 59 -9.80 2.40 29.98
CA LYS A 59 -9.20 3.42 30.85
C LYS A 59 -7.69 3.33 30.83
N ALA A 60 -7.04 4.39 30.36
CA ALA A 60 -5.58 4.45 30.27
C ALA A 60 -5.05 5.84 30.65
N GLN A 61 -3.90 5.85 31.33
CA GLN A 61 -3.29 7.11 31.76
C GLN A 61 -2.63 7.84 30.57
N TYR A 62 -2.25 7.08 29.54
CA TYR A 62 -1.60 7.66 28.36
C TYR A 62 -2.54 8.63 27.65
N TYR A 63 -2.15 9.90 27.63
CA TYR A 63 -2.95 10.95 26.98
C TYR A 63 -2.47 11.19 25.54
N PHE A 64 -1.21 10.87 25.25
CA PHE A 64 -0.64 11.05 23.91
C PHE A 64 -1.55 10.46 22.83
N ARG A 65 -2.08 9.26 23.08
CA ARG A 65 -2.96 8.59 22.13
C ARG A 65 -4.23 9.41 21.87
N TRP A 66 -4.78 9.98 22.94
CA TRP A 66 -5.99 10.79 22.84
C TRP A 66 -5.68 12.16 22.20
N ARG A 67 -4.52 12.72 22.54
CA ARG A 67 -4.09 14.01 22.00
C ARG A 67 -3.98 13.97 20.48
N VAL A 68 -3.25 12.97 19.97
CA VAL A 68 -3.06 12.80 18.53
C VAL A 68 -4.39 12.50 17.84
N GLY A 69 -5.29 11.80 18.54
CA GLY A 69 -6.59 11.46 17.97
C GLY A 69 -7.40 12.71 17.63
N LEU A 70 -7.29 13.74 18.46
CA LEU A 70 -8.01 14.99 18.25
C LEU A 70 -7.56 15.65 16.95
N GLN A 71 -6.25 15.60 16.68
CA GLN A 71 -5.68 16.19 15.46
C GLN A 71 -6.25 15.51 14.21
N ALA A 72 -6.42 14.19 14.29
CA ALA A 72 -6.97 13.42 13.17
C ALA A 72 -8.46 13.71 12.99
N ALA A 73 -9.17 13.86 14.11
CA ALA A 73 -10.61 14.14 14.08
C ALA A 73 -10.90 15.47 13.38
N THR A 74 -10.11 16.50 13.70
CA THR A 74 -10.28 17.82 13.09
C THR A 74 -9.83 17.82 11.63
N LEU A 75 -8.85 16.97 11.31
CA LEU A 75 -8.33 16.86 9.94
C LEU A 75 -9.42 16.39 8.98
N VAL A 76 -10.16 15.35 9.39
CA VAL A 76 -11.24 14.80 8.56
C VAL A 76 -12.46 15.73 8.55
N ALA A 77 -12.57 16.59 9.57
CA ALA A 77 -13.69 17.53 9.67
C ALA A 77 -13.47 18.75 8.78
N LEU A 78 -12.27 19.32 8.83
CA LEU A 78 -11.93 20.49 8.02
C LEU A 78 -11.89 20.15 6.52
N VAL A 79 -11.37 18.96 6.21
CA VAL A 79 -11.29 18.51 4.81
C VAL A 79 -12.68 18.32 4.21
N ALA A 80 -13.64 17.89 5.04
CA ALA A 80 -15.01 17.69 4.59
C ALA A 80 -15.66 19.03 4.19
N GLY A 81 -15.47 20.04 5.04
CA GLY A 81 -16.03 21.36 4.77
C GLY A 81 -15.36 22.02 3.57
N SER A 82 -14.06 21.73 3.37
CA SER A 82 -13.30 22.30 2.26
C SER A 82 -13.64 21.59 0.94
N PHE A 83 -14.12 20.35 1.03
CA PHE A 83 -14.48 19.56 -0.15
C PHE A 83 -15.50 20.30 -1.01
N ILE A 84 -16.59 20.75 -0.40
CA ILE A 84 -17.64 21.49 -1.12
C ILE A 84 -17.12 22.82 -1.64
N TYR A 85 -16.18 23.43 -0.91
CA TYR A 85 -15.60 24.71 -1.31
C TYR A 85 -14.80 24.57 -2.62
N GLY A 86 -13.91 23.58 -2.66
CA GLY A 86 -13.11 23.36 -3.85
C GLY A 86 -12.12 24.49 -4.10
N THR A 87 -11.40 24.88 -3.05
CA THR A 87 -10.42 25.96 -3.14
C THR A 87 -9.01 25.45 -2.87
N SER A 88 -8.84 24.68 -1.79
CA SER A 88 -7.54 24.13 -1.42
C SER A 88 -7.23 22.86 -2.22
N GLY A 89 -6.77 23.04 -3.46
CA GLY A 89 -6.44 21.91 -4.30
C GLY A 89 -5.05 21.36 -4.02
N LYS A 90 -4.04 22.25 -4.07
CA LYS A 90 -2.66 21.86 -3.81
C LYS A 90 -2.49 21.41 -2.36
N GLU A 91 -3.21 22.05 -1.44
CA GLU A 91 -3.14 21.71 -0.02
C GLU A 91 -3.60 20.28 0.23
N LEU A 92 -4.64 19.85 -0.50
CA LEU A 92 -5.17 18.49 -0.37
C LEU A 92 -4.07 17.46 -0.59
N LYS A 93 -3.28 17.64 -1.65
CA LYS A 93 -2.18 16.74 -1.96
C LYS A 93 -1.04 16.89 -0.95
N ALA A 94 -0.79 18.13 -0.53
CA ALA A 94 0.26 18.42 0.44
C ALA A 94 -0.01 17.75 1.78
N LYS A 95 -1.29 17.74 2.19
CA LYS A 95 -1.68 17.12 3.45
C LYS A 95 -1.29 15.64 3.48
N GLU A 96 -1.51 14.95 2.36
CA GLU A 96 -1.17 13.53 2.25
C GLU A 96 0.34 13.33 2.46
N GLU A 97 1.14 14.24 1.89
CA GLU A 97 2.59 14.17 2.03
C GLU A 97 3.02 14.37 3.49
N GLN A 98 2.32 15.26 4.18
CA GLN A 98 2.59 15.55 5.60
C GLN A 98 2.36 14.31 6.46
N LEU A 99 1.24 13.61 6.19
CA LEU A 99 0.90 12.39 6.93
C LEU A 99 1.96 11.32 6.73
N LYS A 100 2.43 11.17 5.48
CA LYS A 100 3.46 10.18 5.16
C LYS A 100 4.75 10.48 5.93
N GLU A 101 5.12 11.76 5.98
CA GLU A 101 6.32 12.18 6.69
C GLU A 101 6.24 11.82 8.17
N LYS A 102 5.05 11.96 8.75
CA LYS A 102 4.83 11.63 10.16
C LYS A 102 5.18 10.17 10.45
N ALA A 103 4.75 9.27 9.55
CA ALA A 103 5.03 7.84 9.71
C ALA A 103 6.53 7.57 9.67
N LYS A 104 7.24 8.24 8.75
CA LYS A 104 8.68 8.07 8.62
C LYS A 104 9.40 8.60 9.87
N MET A 105 8.94 9.73 10.39
CA MET A 105 9.53 10.34 11.58
C MET A 105 9.35 9.43 12.79
N ARG A 106 8.18 8.78 12.89
CA ARG A 106 7.89 7.87 14.00
C ARG A 106 8.90 6.73 14.04
N GLU A 107 9.15 6.11 12.89
CA GLU A 107 10.10 5.00 12.80
C GLU A 107 11.52 5.52 12.61
N LYS A 108 12.29 5.57 13.70
CA LYS A 108 13.67 6.06 13.66
C LYS A 108 14.65 4.97 14.09
N LEU A 109 15.94 5.25 13.94
CA LEU A 109 16.99 4.31 14.32
C LEU A 109 17.30 4.40 15.81
N TRP A 110 17.40 5.64 16.32
CA TRP A 110 17.68 5.86 17.74
C TRP A 110 16.62 5.23 18.62
N ILE A 111 15.35 5.52 18.34
CA ILE A 111 14.24 4.96 19.11
C ILE A 111 13.77 3.64 18.52
N GLN A 112 13.38 2.72 19.39
CA GLN A 112 12.91 1.40 18.95
C GLN A 112 11.61 1.02 19.67
N GLU A 113 10.95 -0.03 19.16
CA GLU A 113 9.69 -0.50 19.75
C GLU A 113 9.89 -0.90 21.22
N LEU A 114 9.40 -0.04 22.12
CA LEU A 114 9.53 -0.29 23.55
C LEU A 114 8.59 -1.42 23.99
N GLU A 115 9.17 -2.62 24.12
CA GLU A 115 8.39 -3.79 24.53
C GLU A 115 9.19 -4.65 25.52
N ARG A 116 8.74 -4.65 26.77
CA ARG A 116 9.40 -5.43 27.82
C ARG A 116 9.10 -6.92 27.67
N ARG A 117 9.80 -7.75 28.45
CA ARG A 117 9.60 -9.20 28.41
C ARG A 117 8.17 -9.56 28.82
N GLU A 118 7.68 -8.90 29.86
CA GLU A 118 6.32 -9.14 30.35
C GLU A 118 5.29 -8.44 29.47
N GLU A 119 5.61 -7.22 29.03
CA GLU A 119 4.73 -6.44 28.16
C GLU A 119 4.43 -7.21 26.88
N GLU A 120 5.48 -7.71 26.22
CA GLU A 120 5.33 -8.47 24.98
C GLU A 120 4.53 -9.75 25.22
N THR A 121 4.76 -10.37 26.38
CA THR A 121 4.04 -11.59 26.76
C THR A 121 2.54 -11.34 26.82
N GLU A 122 2.17 -10.18 27.37
CA GLU A 122 0.76 -9.79 27.47
C GLU A 122 0.19 -9.42 26.10
N ALA A 123 1.02 -8.73 25.29
CA ALA A 123 0.61 -8.33 23.95
C ALA A 123 0.31 -9.54 23.08
N ARG A 124 1.16 -10.57 23.17
CA ARG A 124 0.97 -11.79 22.39
C ARG A 124 -0.29 -12.53 22.85
N ARG A 125 -0.59 -12.44 24.14
CA ARG A 125 -1.79 -13.07 24.70
C ARG A 125 -3.05 -12.40 24.15
N LYS A 126 -3.04 -11.06 24.13
CA LYS A 126 -4.18 -10.29 23.61
C LYS A 126 -4.38 -10.56 22.12
N ARG A 127 -3.26 -10.64 21.38
CA ARG A 127 -3.31 -10.91 19.94
C ARG A 127 -3.89 -12.30 19.66
N ALA A 128 -3.58 -13.26 20.53
CA ALA A 128 -4.06 -14.63 20.38
C ALA A 128 -5.60 -14.66 20.34
N GLU A 129 -6.23 -13.87 21.21
CA GLU A 129 -7.69 -13.80 21.27
C GLU A 129 -8.25 -13.14 20.00
N LEU A 130 -7.61 -12.04 19.59
CA LEU A 130 -8.03 -11.31 18.38
C LEU A 130 -7.12 -11.66 17.21
N ALA A 131 -7.06 -12.95 16.87
CA ALA A 131 -6.23 -13.42 15.76
C ALA A 131 -7.06 -13.60 14.49
N ARG A 132 -7.36 -12.48 13.83
CA ARG A 132 -8.15 -12.51 12.60
C ARG A 132 -7.73 -11.37 11.67
N MET A 133 -7.70 -11.66 10.37
CA MET A 133 -7.32 -10.66 9.37
C MET A 133 -8.54 -9.83 8.95
N LYS A 134 -8.93 -8.90 9.82
CA LYS A 134 -10.08 -8.03 9.55
C LYS A 134 -9.68 -6.89 8.62
N THR A 135 -8.57 -6.23 8.93
CA THR A 135 -8.08 -5.11 8.12
C THR A 135 -7.65 -5.61 6.74
N LEU A 136 -6.96 -6.75 6.70
CA LEU A 136 -6.49 -7.34 5.45
C LEU A 136 -7.68 -7.64 4.52
N GLU A 137 -8.71 -8.29 5.06
CA GLU A 137 -9.90 -8.62 4.29
C GLU A 137 -10.65 -7.36 3.84
N ASN A 138 -10.58 -6.30 4.67
CA ASN A 138 -11.24 -5.04 4.36
C ASN A 138 -10.75 -4.49 3.02
N GLU A 139 -9.46 -4.70 2.72
CA GLU A 139 -8.87 -4.25 1.45
C GLU A 139 -9.61 -4.86 0.27
N GLU A 140 -9.91 -6.16 0.35
CA GLU A 140 -10.63 -6.86 -0.70
C GLU A 140 -12.09 -6.42 -0.75
N GLU A 141 -12.67 -6.17 0.43
CA GLU A 141 -14.07 -5.73 0.53
C GLU A 141 -14.29 -4.44 -0.25
N ILE A 142 -13.46 -3.43 0.03
CA ILE A 142 -13.56 -2.14 -0.65
C ILE A 142 -13.17 -2.27 -2.13
N LYS A 143 -12.26 -3.21 -2.43
CA LYS A 143 -11.81 -3.45 -3.80
C LYS A 143 -12.98 -3.89 -4.69
N ASN A 144 -13.94 -4.59 -4.09
CA ASN A 144 -15.11 -5.08 -4.82
C ASN A 144 -15.84 -3.92 -5.49
N LEU A 145 -15.95 -2.78 -4.78
CA LEU A 145 -16.61 -1.59 -5.31
C LEU A 145 -15.87 -1.06 -6.55
N GLU A 146 -14.54 -1.13 -6.52
CA GLU A 146 -13.72 -0.68 -7.64
C GLU A 146 -14.04 -1.47 -8.90
N LYS A 147 -14.17 -2.80 -8.75
CA LYS A 147 -14.48 -3.67 -9.88
C LYS A 147 -15.88 -3.38 -10.41
N GLU A 148 -16.85 -3.29 -9.50
CA GLU A 148 -18.24 -3.01 -9.88
C GLU A 148 -18.36 -1.66 -10.60
N LEU A 149 -17.54 -0.69 -10.19
CA LEU A 149 -17.55 0.63 -10.81
C LEU A 149 -17.35 0.54 -12.32
N SER A 150 -16.36 -0.26 -12.74
CA SER A 150 -16.07 -0.46 -14.15
C SER A 150 -17.29 -1.02 -14.89
N ASP A 151 -17.95 -1.99 -14.26
CA ASP A 151 -19.14 -2.62 -14.83
C ASP A 151 -20.30 -1.63 -14.93
N LEU A 152 -20.40 -0.73 -13.94
CA LEU A 152 -21.46 0.28 -13.92
C LEU A 152 -21.42 1.16 -15.17
N GLU A 153 -20.21 1.50 -15.63
CA GLU A 153 -20.05 2.33 -16.83
C GLU A 153 -20.67 1.65 -18.06
N ASN A 154 -20.40 0.36 -18.21
CA ASN A 154 -20.93 -0.41 -19.33
C ASN A 154 -22.44 -0.61 -19.19
N LYS A 155 -22.89 -0.94 -17.97
CA LYS A 155 -24.31 -1.14 -17.70
C LYS A 155 -25.11 0.13 -17.96
N LEU A 156 -24.54 1.28 -17.61
CA LEU A 156 -25.20 2.57 -17.81
C LEU A 156 -25.52 2.81 -19.29
N GLY A 157 -24.59 2.42 -20.17
CA GLY A 157 -24.79 2.59 -21.59
C GLY A 157 -23.84 3.62 -22.18
N LYS A 158 -22.54 3.46 -21.91
CA LYS A 158 -21.53 4.38 -22.41
C LYS A 158 -20.81 3.79 -23.63
N LYS A 159 -20.39 2.53 -23.52
CA LYS A 159 -19.68 1.85 -24.60
C LYS A 159 -20.64 1.54 -25.76
N MET B 1 32.44 -22.87 6.93
CA MET B 1 31.82 -21.55 6.64
C MET B 1 31.19 -20.94 7.90
N SER B 2 31.66 -19.75 8.28
CA SER B 2 31.15 -19.07 9.46
C SER B 2 30.35 -17.83 9.08
N ARG B 3 29.15 -17.71 9.64
CA ARG B 3 28.26 -16.57 9.37
C ARG B 3 27.62 -16.07 10.66
N MET B 4 26.71 -15.09 10.55
CA MET B 4 26.03 -14.53 11.71
C MET B 4 24.51 -14.70 11.62
N PRO B 5 23.85 -15.14 12.71
CA PRO B 5 22.40 -15.37 12.75
C PRO B 5 21.60 -14.07 12.60
N SER B 6 20.89 -13.93 11.47
CA SER B 6 20.08 -12.74 11.20
C SER B 6 19.30 -12.91 9.89
N SER B 7 17.97 -12.94 10.00
CA SER B 7 17.10 -13.10 8.82
C SER B 7 16.37 -11.81 8.48
N PHE B 8 15.86 -11.73 7.25
CA PHE B 8 15.13 -10.55 6.79
C PHE B 8 13.76 -10.44 7.46
N ASP B 9 13.35 -9.21 7.77
CA ASP B 9 12.07 -8.96 8.42
C ASP B 9 11.50 -7.61 7.98
N VAL B 10 11.31 -7.43 6.67
CA VAL B 10 10.77 -6.19 6.12
C VAL B 10 10.07 -6.42 4.79
N THR B 11 8.93 -5.75 4.60
CA THR B 11 8.15 -5.83 3.36
C THR B 11 7.68 -7.28 3.09
N GLU B 12 6.42 -7.55 3.41
CA GLU B 12 5.85 -8.88 3.20
C GLU B 12 5.61 -9.13 1.71
N ARG B 13 4.94 -8.18 1.05
CA ARG B 13 4.64 -8.28 -0.37
C ARG B 13 5.50 -7.31 -1.17
N ASP B 14 6.63 -7.82 -1.68
CA ASP B 14 7.55 -7.00 -2.47
C ASP B 14 6.94 -6.64 -3.83
N LEU B 15 6.13 -7.55 -4.38
CA LEU B 15 5.47 -7.34 -5.67
C LEU B 15 4.54 -6.11 -5.62
N ASP B 16 4.00 -5.83 -4.43
CA ASP B 16 3.10 -4.69 -4.24
C ASP B 16 3.78 -3.38 -4.67
N ASP B 17 5.07 -3.26 -4.37
CA ASP B 17 5.83 -2.06 -4.73
C ASP B 17 5.86 -1.87 -6.26
N MET B 18 6.07 -2.97 -6.97
CA MET B 18 6.12 -2.95 -8.44
C MET B 18 4.73 -2.69 -9.03
N THR B 19 3.70 -3.31 -8.44
CA THR B 19 2.33 -3.14 -8.92
C THR B 19 1.83 -1.72 -8.69
N PHE B 20 2.41 -1.02 -7.70
CA PHE B 20 2.03 0.36 -7.38
C PHE B 20 2.25 1.28 -8.59
N GLY B 21 3.30 1.00 -9.36
CA GLY B 21 3.60 1.80 -10.54
C GLY B 21 2.56 1.64 -11.65
N GLU B 22 1.72 0.61 -11.56
CA GLU B 22 0.68 0.37 -12.56
C GLU B 22 -0.60 1.12 -12.21
N ARG B 23 -0.88 1.26 -10.91
CA ARG B 23 -2.07 1.96 -10.44
C ARG B 23 -2.02 3.44 -10.83
N ILE B 24 -0.84 4.05 -10.73
CA ILE B 24 -0.66 5.46 -11.07
C ILE B 24 -0.87 5.73 -12.57
N ILE B 25 -0.78 4.68 -13.39
CA ILE B 25 -0.97 4.81 -14.84
C ILE B 25 -2.30 5.50 -15.16
N TYR B 26 -3.34 5.17 -14.38
CA TYR B 26 -4.66 5.77 -14.57
C TYR B 26 -4.61 7.29 -14.39
N HIS B 27 -3.84 7.74 -13.39
CA HIS B 27 -3.70 9.16 -13.11
C HIS B 27 -3.06 9.87 -14.30
N CYS B 28 -1.95 9.31 -14.80
CA CYS B 28 -1.25 9.87 -15.94
C CYS B 28 -2.11 9.83 -17.20
N LYS B 29 -3.03 8.85 -17.28
CA LYS B 29 -3.92 8.71 -18.42
C LYS B 29 -4.74 9.98 -18.65
N LYS B 30 -5.03 10.71 -17.58
CA LYS B 30 -5.80 11.95 -17.66
C LYS B 30 -5.02 13.02 -18.43
N GLN B 31 -3.75 13.20 -18.07
CA GLN B 31 -2.89 14.18 -18.74
C GLN B 31 -1.57 13.54 -19.17
N PRO B 32 -1.61 12.66 -20.19
CA PRO B 32 -0.42 11.97 -20.69
C PRO B 32 0.30 12.76 -21.78
N LEU B 33 1.54 12.36 -22.06
CA LEU B 33 2.36 13.02 -23.08
C LEU B 33 3.16 11.99 -23.89
N VAL B 34 3.53 12.37 -25.11
CA VAL B 34 4.30 11.50 -25.99
C VAL B 34 5.78 11.44 -25.58
N PRO B 35 6.47 12.60 -25.54
CA PRO B 35 7.89 12.65 -25.16
C PRO B 35 8.13 12.35 -23.67
N ILE B 36 7.30 12.95 -22.81
CA ILE B 36 7.42 12.74 -21.36
C ILE B 36 6.93 11.34 -20.97
N GLY B 37 5.80 10.93 -21.52
CA GLY B 37 5.24 9.62 -21.21
C GLY B 37 6.16 8.48 -21.59
N CYS B 38 6.90 8.64 -22.70
CA CYS B 38 7.82 7.60 -23.17
C CYS B 38 8.90 7.29 -22.13
N LEU B 39 9.57 8.33 -21.63
CA LEU B 39 10.62 8.18 -20.63
C LEU B 39 10.04 7.78 -19.26
N LEU B 40 8.83 8.26 -18.96
CA LEU B 40 8.17 7.96 -17.69
C LEU B 40 7.68 6.53 -17.62
N THR B 41 7.11 6.03 -18.73
CA THR B 41 6.59 4.67 -18.79
C THR B 41 7.72 3.65 -18.95
N THR B 42 8.66 3.93 -19.85
CA THR B 42 9.80 3.03 -20.10
C THR B 42 10.75 3.00 -18.91
N GLY B 43 11.02 4.16 -18.33
CA GLY B 43 11.93 4.25 -17.20
C GLY B 43 11.31 3.79 -15.88
N ALA B 44 9.99 3.57 -15.87
CA ALA B 44 9.29 3.12 -14.66
C ALA B 44 9.66 1.68 -14.31
N VAL B 45 9.47 0.77 -15.27
CA VAL B 45 9.78 -0.64 -15.06
C VAL B 45 11.28 -0.93 -15.21
N ILE B 46 12.03 0.01 -15.80
CA ILE B 46 13.47 -0.16 -16.00
C ILE B 46 14.19 -0.54 -14.69
N LEU B 47 13.74 0.05 -13.57
CA LEU B 47 14.35 -0.23 -12.26
C LEU B 47 13.86 -1.56 -11.68
N ALA B 48 12.67 -2.02 -12.10
CA ALA B 48 12.12 -3.29 -11.60
C ALA B 48 12.69 -4.49 -12.39
N ALA B 49 12.75 -4.36 -13.71
CA ALA B 49 13.29 -5.44 -14.55
C ALA B 49 14.77 -5.70 -14.27
N GLN B 50 15.47 -4.70 -13.73
CA GLN B 50 16.89 -4.85 -13.41
C GLN B 50 17.08 -5.74 -12.19
N ASN B 51 16.22 -5.54 -11.18
CA ASN B 51 16.27 -6.33 -9.94
C ASN B 51 15.75 -7.74 -10.17
N VAL B 52 14.82 -7.89 -11.13
CA VAL B 52 14.25 -9.22 -11.44
C VAL B 52 15.26 -10.07 -12.21
N ARG B 53 16.11 -9.41 -13.01
CA ARG B 53 17.14 -10.13 -13.79
C ARG B 53 18.34 -10.47 -12.90
N LEU B 54 18.72 -9.56 -12.02
CA LEU B 54 19.86 -9.79 -11.11
C LEU B 54 19.51 -10.86 -10.08
N GLY B 55 18.29 -10.80 -9.54
CA GLY B 55 17.85 -11.77 -8.55
C GLY B 55 17.71 -13.17 -9.13
N ASN B 56 17.50 -13.26 -10.46
CA ASN B 56 17.38 -14.57 -11.12
C ASN B 56 18.75 -15.13 -11.49
N LYS B 57 19.66 -14.24 -11.91
CA LYS B 57 21.02 -14.64 -12.29
C LYS B 57 21.74 -15.29 -11.10
N TRP B 58 21.78 -14.57 -9.98
CA TRP B 58 22.45 -15.08 -8.77
C TRP B 58 21.99 -16.50 -8.40
N LYS B 59 20.70 -16.79 -8.56
CA LYS B 59 20.16 -18.10 -8.25
C LYS B 59 20.34 -19.05 -9.43
N ALA B 60 19.48 -20.05 -9.50
CA ALA B 60 19.54 -21.05 -10.58
C ALA B 60 18.20 -21.75 -10.79
N GLN B 61 17.09 -21.03 -10.61
CA GLN B 61 15.75 -21.60 -10.82
C GLN B 61 15.33 -21.45 -12.27
N TYR B 62 16.08 -22.07 -13.16
CA TYR B 62 15.78 -22.00 -14.60
C TYR B 62 14.73 -23.05 -14.98
N TYR B 63 13.56 -22.96 -14.33
CA TYR B 63 12.46 -23.88 -14.58
C TYR B 63 11.17 -23.35 -13.96
N PHE B 64 11.19 -23.12 -12.64
CA PHE B 64 10.03 -22.59 -11.93
C PHE B 64 10.04 -21.07 -11.96
N ARG B 65 11.14 -20.46 -11.50
CA ARG B 65 11.29 -19.01 -11.48
C ARG B 65 11.46 -18.47 -12.91
N TRP B 66 12.02 -19.30 -13.80
CA TRP B 66 12.23 -18.89 -15.20
C TRP B 66 10.91 -18.93 -15.97
N ARG B 67 10.03 -19.88 -15.62
CA ARG B 67 8.73 -20.00 -16.30
C ARG B 67 7.82 -18.83 -15.92
N VAL B 68 7.74 -18.53 -14.62
CA VAL B 68 6.92 -17.44 -14.13
C VAL B 68 7.50 -16.09 -14.56
N GLY B 69 8.84 -16.02 -14.59
CA GLY B 69 9.52 -14.80 -14.99
C GLY B 69 9.23 -14.43 -16.44
N LEU B 70 9.12 -15.45 -17.30
CA LEU B 70 8.83 -15.25 -18.72
C LEU B 70 7.34 -14.99 -18.96
N GLN B 71 6.50 -15.78 -18.29
CA GLN B 71 5.04 -15.65 -18.44
C GLN B 71 4.59 -14.21 -18.13
N ALA B 72 5.08 -13.67 -17.02
CA ALA B 72 4.73 -12.30 -16.62
C ALA B 72 5.36 -11.28 -17.57
N ALA B 73 6.56 -11.59 -18.06
CA ALA B 73 7.27 -10.69 -19.00
C ALA B 73 6.44 -10.44 -20.25
N THR B 74 5.78 -11.50 -20.75
CA THR B 74 4.95 -11.39 -21.95
C THR B 74 3.63 -10.68 -21.62
N LEU B 75 3.13 -10.86 -20.39
CA LEU B 75 1.89 -10.24 -19.95
C LEU B 75 2.00 -8.71 -19.99
N VAL B 76 3.14 -8.18 -19.53
CA VAL B 76 3.37 -6.73 -19.52
C VAL B 76 3.60 -6.18 -20.93
N ALA B 77 4.01 -7.07 -21.86
CA ALA B 77 4.26 -6.65 -23.25
C ALA B 77 2.95 -6.63 -24.06
N LEU B 78 2.10 -7.64 -23.86
CA LEU B 78 0.81 -7.72 -24.57
C LEU B 78 -0.21 -6.72 -24.00
N VAL B 79 -0.02 -6.31 -22.74
CA VAL B 79 -0.93 -5.35 -22.12
C VAL B 79 -0.76 -3.95 -22.73
N ALA B 80 0.42 -3.68 -23.29
CA ALA B 80 0.69 -2.38 -23.92
C ALA B 80 -0.18 -2.21 -25.16
N GLY B 81 -0.30 -3.29 -25.95
CA GLY B 81 -1.14 -3.24 -27.15
C GLY B 81 -2.62 -3.38 -26.84
N SER B 82 -2.96 -3.94 -25.67
CA SER B 82 -4.35 -4.10 -25.26
C SER B 82 -4.96 -2.78 -24.82
N PHE B 83 -4.15 -1.96 -24.12
CA PHE B 83 -4.59 -0.65 -23.64
C PHE B 83 -5.03 0.23 -24.81
N ILE B 84 -4.17 0.33 -25.83
CA ILE B 84 -4.47 1.14 -27.01
C ILE B 84 -5.64 0.55 -27.81
N TYR B 85 -5.72 -0.79 -27.85
CA TYR B 85 -6.79 -1.49 -28.57
C TYR B 85 -8.17 -0.91 -28.24
N GLY B 86 -8.39 -0.55 -26.97
CA GLY B 86 -9.67 0.00 -26.57
C GLY B 86 -10.73 -1.06 -26.34
N THR B 87 -10.37 -2.09 -25.56
CA THR B 87 -11.30 -3.18 -25.26
C THR B 87 -10.72 -4.13 -24.20
N SER B 88 -10.19 -3.55 -23.11
CA SER B 88 -9.61 -4.34 -22.03
C SER B 88 -10.11 -3.84 -20.66
N GLY B 89 -11.42 -3.79 -20.49
CA GLY B 89 -12.00 -3.33 -19.23
C GLY B 89 -12.21 -4.44 -18.21
N LYS B 90 -12.66 -5.63 -18.67
CA LYS B 90 -12.89 -6.76 -17.77
C LYS B 90 -11.58 -7.46 -17.42
N GLU B 91 -10.70 -7.62 -18.40
CA GLU B 91 -9.40 -8.28 -18.19
C GLU B 91 -8.54 -7.47 -17.21
N LEU B 92 -8.70 -6.14 -17.22
CA LEU B 92 -7.93 -5.27 -16.33
C LEU B 92 -8.16 -5.66 -14.87
N LYS B 93 -9.43 -5.77 -14.47
CA LYS B 93 -9.77 -6.15 -13.10
C LYS B 93 -9.50 -7.62 -12.84
N ALA B 94 -9.65 -8.45 -13.89
CA ALA B 94 -9.40 -9.89 -13.78
C ALA B 94 -7.94 -10.16 -13.44
N LYS B 95 -7.03 -9.43 -14.12
CA LYS B 95 -5.59 -9.59 -13.89
C LYS B 95 -5.23 -9.14 -12.47
N GLU B 96 -5.88 -8.07 -12.00
CA GLU B 96 -5.64 -7.54 -10.66
C GLU B 96 -6.00 -8.58 -9.60
N GLU B 97 -7.18 -9.19 -9.76
CA GLU B 97 -7.65 -10.20 -8.83
C GLU B 97 -6.74 -11.43 -8.86
N GLN B 98 -6.40 -11.88 -10.06
CA GLN B 98 -5.52 -13.04 -10.25
C GLN B 98 -4.19 -12.85 -9.51
N LEU B 99 -3.60 -11.65 -9.64
CA LEU B 99 -2.33 -11.35 -8.97
C LEU B 99 -2.50 -11.29 -7.45
N LYS B 100 -3.61 -10.71 -7.00
CA LYS B 100 -3.90 -10.60 -5.57
C LYS B 100 -4.06 -11.98 -4.95
N GLU B 101 -4.83 -12.84 -5.61
CA GLU B 101 -5.07 -14.21 -5.13
C GLU B 101 -3.77 -15.02 -5.17
N LYS B 102 -2.91 -14.74 -6.15
CA LYS B 102 -1.63 -15.46 -6.29
C LYS B 102 -0.71 -15.14 -5.11
N ALA B 103 -0.74 -13.88 -4.65
CA ALA B 103 0.09 -13.46 -3.51
C ALA B 103 -0.41 -14.10 -2.22
N LYS B 104 -1.73 -14.06 -2.02
CA LYS B 104 -2.34 -14.64 -0.82
C LYS B 104 -2.10 -16.14 -0.78
N MET B 105 -2.10 -16.79 -1.94
CA MET B 105 -1.86 -18.22 -2.05
C MET B 105 -0.38 -18.53 -1.78
N ARG B 106 0.51 -17.71 -2.33
CA ARG B 106 1.95 -17.88 -2.14
C ARG B 106 2.32 -17.79 -0.66
N GLU B 107 1.65 -16.88 0.06
CA GLU B 107 1.91 -16.70 1.49
C GLU B 107 1.46 -17.94 2.27
N LYS B 108 2.44 -18.71 2.76
CA LYS B 108 2.16 -19.92 3.51
C LYS B 108 1.81 -19.61 4.97
N LEU B 109 0.88 -20.38 5.53
CA LEU B 109 0.47 -20.20 6.92
C LEU B 109 1.43 -20.92 7.86
N TRP B 110 1.83 -22.14 7.47
CA TRP B 110 2.76 -22.94 8.26
C TRP B 110 4.20 -22.46 8.03
N ILE B 111 4.50 -22.08 6.78
CA ILE B 111 5.83 -21.60 6.38
C ILE B 111 6.95 -22.45 6.98
N GLN B 112 7.30 -23.53 6.28
CA GLN B 112 8.35 -24.44 6.73
C GLN B 112 9.74 -23.91 6.35
N GLU B 113 10.32 -23.12 7.25
CA GLU B 113 11.65 -22.54 7.02
C GLU B 113 12.54 -22.75 8.25
N LEU B 114 12.52 -23.96 8.80
CA LEU B 114 13.32 -24.28 9.97
C LEU B 114 14.61 -25.00 9.58
N GLU B 115 15.63 -24.23 9.22
CA GLU B 115 16.92 -24.78 8.82
C GLU B 115 18.01 -24.48 9.87
N ARG B 116 17.59 -24.42 11.14
CA ARG B 116 18.50 -24.15 12.25
C ARG B 116 19.29 -22.85 12.03
N ARG B 117 20.60 -22.96 11.77
CA ARG B 117 21.44 -21.76 11.55
C ARG B 117 21.50 -21.39 10.07
N GLU B 118 21.54 -22.41 9.21
CA GLU B 118 21.62 -22.20 7.76
C GLU B 118 20.55 -21.22 7.24
N GLU B 119 19.43 -21.12 7.95
CA GLU B 119 18.34 -20.23 7.56
C GLU B 119 18.63 -18.78 7.90
N GLU B 120 18.90 -18.50 9.18
CA GLU B 120 19.15 -17.14 9.65
C GLU B 120 20.61 -16.72 9.47
N THR B 121 21.54 -17.54 9.96
CA THR B 121 22.98 -17.26 9.89
C THR B 121 23.42 -16.81 8.49
N GLU B 122 22.92 -17.47 7.45
CA GLU B 122 23.28 -17.14 6.07
C GLU B 122 22.36 -16.07 5.44
N ALA B 123 21.21 -15.81 6.07
CA ALA B 123 20.24 -14.85 5.54
C ALA B 123 20.76 -13.40 5.51
N ARG B 124 21.70 -13.03 6.40
CA ARG B 124 22.21 -11.66 6.39
C ARG B 124 23.40 -11.48 5.45
N ARG B 125 23.97 -12.58 4.93
CA ARG B 125 25.09 -12.50 4.00
C ARG B 125 24.72 -11.61 2.82
N LYS B 126 23.45 -11.68 2.42
CA LYS B 126 22.93 -10.86 1.32
C LYS B 126 22.47 -9.51 1.84
N ARG B 127 21.98 -9.48 3.08
CA ARG B 127 21.52 -8.26 3.74
C ARG B 127 22.66 -7.25 3.89
N ALA B 128 23.89 -7.75 3.95
CA ALA B 128 25.07 -6.89 4.09
C ALA B 128 25.13 -5.84 2.99
N GLU B 129 24.83 -6.24 1.75
CA GLU B 129 24.86 -5.32 0.62
C GLU B 129 23.46 -4.83 0.25
N LEU B 130 22.65 -5.73 -0.35
CA LEU B 130 21.27 -5.43 -0.77
C LEU B 130 21.12 -3.98 -1.30
N ALA B 131 19.90 -3.42 -1.21
CA ALA B 131 19.64 -2.06 -1.66
C ALA B 131 19.42 -1.13 -0.47
N ARG B 132 20.21 -0.06 -0.40
CA ARG B 132 20.11 0.91 0.70
C ARG B 132 18.91 1.83 0.52
N MET B 133 17.76 1.40 1.07
CA MET B 133 16.51 2.19 0.99
C MET B 133 16.34 2.84 -0.39
N LYS B 134 16.55 2.05 -1.44
CA LYS B 134 16.43 2.53 -2.81
C LYS B 134 14.97 2.58 -3.25
N THR B 135 14.30 1.43 -3.16
CA THR B 135 12.88 1.33 -3.55
C THR B 135 12.00 2.19 -2.64
N LEU B 136 12.25 2.10 -1.32
CA LEU B 136 11.48 2.88 -0.34
C LEU B 136 11.55 4.37 -0.64
N GLU B 137 12.77 4.90 -0.80
CA GLU B 137 12.96 6.32 -1.09
C GLU B 137 12.40 6.68 -2.47
N ASN B 138 12.55 5.77 -3.43
CA ASN B 138 12.05 6.00 -4.78
C ASN B 138 10.55 6.29 -4.77
N GLU B 139 9.82 5.57 -3.92
CA GLU B 139 8.37 5.75 -3.79
C GLU B 139 8.02 7.20 -3.44
N GLU B 140 8.88 7.84 -2.64
CA GLU B 140 8.68 9.23 -2.23
C GLU B 140 9.04 10.19 -3.37
N GLU B 141 10.08 9.84 -4.13
CA GLU B 141 10.54 10.67 -5.25
C GLU B 141 9.48 10.76 -6.35
N ILE B 142 8.81 9.63 -6.62
CA ILE B 142 7.76 9.59 -7.65
C ILE B 142 6.47 10.23 -7.14
N LYS B 143 6.22 10.13 -5.84
CA LYS B 143 5.02 10.72 -5.23
C LYS B 143 4.98 12.22 -5.46
N ASN B 144 6.13 12.88 -5.29
CA ASN B 144 6.23 14.33 -5.49
C ASN B 144 5.95 14.69 -6.95
N LEU B 145 6.43 13.86 -7.88
CA LEU B 145 6.22 14.08 -9.31
C LEU B 145 4.74 14.04 -9.66
N GLU B 146 4.01 13.09 -9.05
CA GLU B 146 2.57 12.97 -9.29
C GLU B 146 1.83 14.22 -8.83
N LYS B 147 2.29 14.79 -7.71
CA LYS B 147 1.70 16.02 -7.17
C LYS B 147 1.91 17.19 -8.14
N GLU B 148 3.12 17.26 -8.72
CA GLU B 148 3.45 18.32 -9.67
C GLU B 148 2.65 18.19 -10.97
N LEU B 149 2.13 16.99 -11.25
CA LEU B 149 1.34 16.76 -12.46
C LEU B 149 0.22 17.78 -12.58
N SER B 150 -0.50 17.99 -11.47
CA SER B 150 -1.60 18.97 -11.45
C SER B 150 -1.06 20.39 -11.39
N ASP B 151 0.04 20.59 -10.66
CA ASP B 151 0.67 21.90 -10.53
C ASP B 151 1.09 22.46 -11.89
N LEU B 152 1.71 21.60 -12.71
CA LEU B 152 2.16 21.99 -14.03
C LEU B 152 0.98 22.15 -14.99
N GLU B 153 -0.11 21.41 -14.74
CA GLU B 153 -1.31 21.48 -15.57
C GLU B 153 -1.85 22.90 -15.62
N ASN B 154 -1.83 23.58 -14.47
CA ASN B 154 -2.30 24.97 -14.38
C ASN B 154 -1.38 25.90 -15.16
N LYS B 155 -0.07 25.64 -15.11
CA LYS B 155 0.91 26.45 -15.83
C LYS B 155 0.66 26.43 -17.33
N LEU B 156 0.26 25.26 -17.85
CA LEU B 156 -0.02 25.09 -19.27
C LEU B 156 -1.15 26.02 -19.72
N GLY B 157 -2.17 26.15 -18.87
CA GLY B 157 -3.30 27.01 -19.20
C GLY B 157 -4.49 26.22 -19.74
N LYS B 158 -4.95 25.24 -18.97
CA LYS B 158 -6.09 24.42 -19.37
C LYS B 158 -7.40 25.17 -19.18
N LYS B 159 -7.58 25.74 -17.98
CA LYS B 159 -8.80 26.49 -17.67
C LYS B 159 -8.76 27.88 -18.30
N MET A 1 2.51 -8.34 26.47
CA MET A 1 3.71 -8.83 25.75
C MET A 1 3.82 -8.24 24.34
N SER A 2 4.89 -7.49 24.10
CA SER A 2 5.11 -6.86 22.80
C SER A 2 5.66 -7.88 21.80
N ARG A 3 6.56 -8.75 22.27
CA ARG A 3 7.16 -9.77 21.42
C ARG A 3 6.46 -11.12 21.61
N MET A 4 5.44 -11.38 20.78
CA MET A 4 4.69 -12.63 20.86
C MET A 4 5.24 -13.68 19.89
N PRO A 5 5.02 -14.97 20.17
CA PRO A 5 5.49 -16.06 19.32
C PRO A 5 4.83 -16.06 17.94
N SER A 6 3.51 -15.84 17.92
CA SER A 6 2.74 -15.80 16.68
C SER A 6 2.98 -14.49 15.94
N SER A 7 2.97 -13.37 16.68
CA SER A 7 3.18 -12.05 16.09
C SER A 7 4.61 -11.89 15.59
N PHE A 8 4.75 -11.48 14.33
CA PHE A 8 6.07 -11.28 13.73
C PHE A 8 6.85 -10.19 14.47
N ASP A 9 6.17 -9.09 14.83
CA ASP A 9 6.79 -8.00 15.55
C ASP A 9 5.78 -7.29 16.46
N VAL A 10 4.97 -6.39 15.87
CA VAL A 10 3.96 -5.66 16.63
C VAL A 10 2.93 -5.00 15.71
N THR A 11 2.59 -5.67 14.60
CA THR A 11 1.61 -5.15 13.64
C THR A 11 1.96 -3.72 13.21
N GLU A 12 2.87 -3.60 12.25
CA GLU A 12 3.29 -2.30 11.75
C GLU A 12 2.59 -1.95 10.43
N ARG A 13 1.26 -1.98 10.46
CA ARG A 13 0.46 -1.66 9.27
C ARG A 13 -0.94 -1.15 9.66
N ASP A 14 -1.01 -0.40 10.76
CA ASP A 14 -2.28 0.15 11.23
C ASP A 14 -2.57 1.51 10.57
N LEU A 15 -1.60 2.42 10.67
CA LEU A 15 -1.75 3.76 10.09
C LEU A 15 -1.88 3.69 8.57
N ASP A 16 -1.09 2.80 7.94
CA ASP A 16 -1.11 2.62 6.49
C ASP A 16 -2.50 2.16 6.02
N ASP A 17 -3.07 1.18 6.74
CA ASP A 17 -4.39 0.65 6.39
C ASP A 17 -5.46 1.72 6.55
N MET A 18 -5.37 2.52 7.62
CA MET A 18 -6.34 3.58 7.87
C MET A 18 -6.29 4.66 6.78
N THR A 19 -5.08 5.12 6.45
CA THR A 19 -4.89 6.13 5.42
C THR A 19 -5.37 5.64 4.05
N PHE A 20 -5.25 4.32 3.82
CA PHE A 20 -5.67 3.72 2.55
C PHE A 20 -7.17 3.94 2.30
N GLY A 21 -7.95 4.06 3.37
CA GLY A 21 -9.38 4.26 3.23
C GLY A 21 -9.72 5.57 2.53
N GLU A 22 -8.87 6.59 2.68
CA GLU A 22 -9.10 7.89 2.05
C GLU A 22 -9.09 7.79 0.52
N ARG A 23 -8.41 6.77 -0.01
CA ARG A 23 -8.33 6.57 -1.46
C ARG A 23 -9.72 6.49 -2.10
N ILE A 24 -10.69 5.91 -1.39
CA ILE A 24 -12.05 5.78 -1.88
C ILE A 24 -12.65 7.14 -2.28
N ILE A 25 -12.30 8.19 -1.53
CA ILE A 25 -12.78 9.54 -1.81
C ILE A 25 -12.27 10.03 -3.16
N TYR A 26 -10.97 9.82 -3.41
CA TYR A 26 -10.36 10.23 -4.67
C TYR A 26 -10.87 9.39 -5.84
N HIS A 27 -11.24 8.13 -5.55
CA HIS A 27 -11.75 7.23 -6.57
C HIS A 27 -13.09 7.73 -7.12
N CYS A 28 -13.87 8.39 -6.27
CA CYS A 28 -15.17 8.94 -6.66
C CYS A 28 -15.04 10.01 -7.74
N LYS A 29 -13.86 10.61 -7.86
CA LYS A 29 -13.61 11.66 -8.86
C LYS A 29 -14.09 11.21 -10.25
N LYS A 30 -13.81 9.95 -10.59
CA LYS A 30 -14.21 9.40 -11.89
C LYS A 30 -15.74 9.22 -11.96
N GLN A 31 -16.29 8.48 -11.00
CA GLN A 31 -17.74 8.24 -10.95
C GLN A 31 -18.27 8.52 -9.54
N PRO A 32 -18.61 9.80 -9.25
CA PRO A 32 -19.11 10.20 -7.94
C PRO A 32 -20.61 9.93 -7.77
N LEU A 33 -20.98 9.48 -6.58
CA LEU A 33 -22.38 9.18 -6.26
C LEU A 33 -22.72 9.62 -4.84
N VAL A 34 -23.98 10.02 -4.64
CA VAL A 34 -24.43 10.47 -3.33
C VAL A 34 -24.95 9.31 -2.46
N PRO A 35 -25.85 8.46 -2.99
CA PRO A 35 -26.41 7.33 -2.25
C PRO A 35 -25.34 6.32 -1.81
N ILE A 36 -24.61 5.77 -2.79
CA ILE A 36 -23.57 4.78 -2.51
C ILE A 36 -22.27 5.44 -2.03
N GLY A 37 -21.97 6.63 -2.54
CA GLY A 37 -20.76 7.33 -2.14
C GLY A 37 -20.72 7.65 -0.66
N CYS A 38 -21.78 8.29 -0.17
CA CYS A 38 -21.88 8.65 1.25
C CYS A 38 -21.89 7.39 2.13
N LEU A 39 -22.63 6.37 1.69
CA LEU A 39 -22.73 5.11 2.43
C LEU A 39 -21.38 4.44 2.56
N LEU A 40 -20.59 4.46 1.48
CA LEU A 40 -19.26 3.84 1.46
C LEU A 40 -18.31 4.59 2.39
N THR A 41 -18.34 5.92 2.33
CA THR A 41 -17.47 6.76 3.16
C THR A 41 -17.78 6.56 4.65
N THR A 42 -19.07 6.64 4.99
CA THR A 42 -19.50 6.46 6.39
C THR A 42 -19.23 5.05 6.88
N GLY A 43 -19.48 4.06 6.02
CA GLY A 43 -19.25 2.67 6.38
C GLY A 43 -17.78 2.33 6.61
N ALA A 44 -16.90 3.09 5.95
CA ALA A 44 -15.45 2.87 6.10
C ALA A 44 -14.90 3.56 7.34
N VAL A 45 -15.29 4.82 7.55
CA VAL A 45 -14.83 5.59 8.71
C VAL A 45 -15.40 5.06 10.02
N ILE A 46 -16.65 4.57 9.99
CA ILE A 46 -17.30 4.03 11.18
C ILE A 46 -16.56 2.78 11.70
N LEU A 47 -15.99 1.99 10.78
CA LEU A 47 -15.26 0.79 11.16
C LEU A 47 -14.04 1.13 12.01
N ALA A 48 -13.23 2.07 11.53
CA ALA A 48 -12.02 2.50 12.25
C ALA A 48 -12.39 3.24 13.54
N ALA A 49 -13.40 4.12 13.45
CA ALA A 49 -13.86 4.89 14.61
C ALA A 49 -14.34 3.97 15.73
N GLN A 50 -15.03 2.88 15.36
CA GLN A 50 -15.53 1.92 16.34
C GLN A 50 -14.39 1.29 17.14
N ASN A 51 -13.34 0.86 16.43
CA ASN A 51 -12.18 0.25 17.06
C ASN A 51 -11.48 1.23 18.00
N VAL A 52 -11.35 2.48 17.56
CA VAL A 52 -10.71 3.52 18.36
C VAL A 52 -11.53 3.83 19.62
N ARG A 53 -12.85 3.90 19.47
CA ARG A 53 -13.75 4.18 20.59
C ARG A 53 -13.63 3.10 21.66
N LEU A 54 -13.73 1.83 21.24
CA LEU A 54 -13.63 0.70 22.17
C LEU A 54 -12.27 0.66 22.84
N GLY A 55 -11.21 0.92 22.07
CA GLY A 55 -9.86 0.91 22.60
C GLY A 55 -9.64 1.96 23.68
N ASN A 56 -9.92 3.23 23.34
CA ASN A 56 -9.76 4.33 24.29
C ASN A 56 -10.65 4.14 25.52
N LYS A 57 -11.86 3.61 25.31
CA LYS A 57 -12.80 3.36 26.41
C LYS A 57 -12.24 2.36 27.41
N TRP A 58 -11.54 1.34 26.90
CA TRP A 58 -10.96 0.31 27.76
C TRP A 58 -9.45 0.51 27.92
N LYS A 59 -9.00 1.77 27.87
CA LYS A 59 -7.58 2.10 28.01
C LYS A 59 -7.39 3.60 28.23
N ALA A 60 -7.19 4.00 29.48
CA ALA A 60 -6.99 5.41 29.82
C ALA A 60 -5.67 5.61 30.56
N GLN A 61 -4.68 6.16 29.85
CA GLN A 61 -3.36 6.42 30.43
C GLN A 61 -2.54 7.33 29.54
N TYR A 62 -2.37 6.95 28.28
CA TYR A 62 -1.60 7.74 27.32
C TYR A 62 -2.48 8.80 26.66
N TYR A 63 -2.11 10.06 26.86
CA TYR A 63 -2.86 11.18 26.28
C TYR A 63 -2.50 11.38 24.80
N PHE A 64 -1.36 10.84 24.37
CA PHE A 64 -0.91 10.96 22.99
C PHE A 64 -1.94 10.37 22.02
N ARG A 65 -2.60 9.28 22.43
CA ARG A 65 -3.62 8.64 21.61
C ARG A 65 -4.75 9.61 21.28
N TRP A 66 -5.14 10.42 22.27
CA TRP A 66 -6.21 11.40 22.08
C TRP A 66 -5.74 12.56 21.21
N ARG A 67 -4.49 12.98 21.39
CA ARG A 67 -3.91 14.08 20.63
C ARG A 67 -3.84 13.73 19.14
N VAL A 68 -3.25 12.58 18.83
CA VAL A 68 -3.11 12.12 17.45
C VAL A 68 -4.48 11.83 16.83
N GLY A 69 -5.39 11.28 17.65
CA GLY A 69 -6.73 10.96 17.17
C GLY A 69 -7.49 12.20 16.74
N LEU A 70 -7.38 13.26 17.52
CA LEU A 70 -8.06 14.53 17.22
C LEU A 70 -7.49 15.14 15.94
N GLN A 71 -6.17 15.06 15.78
CA GLN A 71 -5.50 15.60 14.59
C GLN A 71 -6.00 14.93 13.32
N ALA A 72 -6.17 13.60 13.38
CA ALA A 72 -6.66 12.84 12.23
C ALA A 72 -8.12 13.17 11.93
N ALA A 73 -8.93 13.31 12.98
CA ALA A 73 -10.35 13.63 12.84
C ALA A 73 -10.54 14.99 12.17
N THR A 74 -9.73 15.98 12.59
CA THR A 74 -9.80 17.33 12.02
C THR A 74 -9.27 17.35 10.59
N LEU A 75 -8.23 16.54 10.32
CA LEU A 75 -7.63 16.46 8.99
C LEU A 75 -8.65 15.99 7.96
N VAL A 76 -9.29 14.85 8.24
CA VAL A 76 -10.29 14.29 7.33
C VAL A 76 -11.50 15.22 7.20
N ALA A 77 -11.87 15.89 8.30
CA ALA A 77 -12.99 16.82 8.30
C ALA A 77 -12.71 18.01 7.39
N LEU A 78 -11.48 18.51 7.43
CA LEU A 78 -11.07 19.64 6.61
C LEU A 78 -11.16 19.28 5.12
N VAL A 79 -10.76 18.06 4.78
CA VAL A 79 -10.80 17.59 3.39
C VAL A 79 -12.24 17.56 2.88
N ALA A 80 -13.16 17.06 3.72
CA ALA A 80 -14.57 16.98 3.35
C ALA A 80 -15.14 18.37 3.06
N GLY A 81 -14.85 19.33 3.95
CA GLY A 81 -15.34 20.68 3.76
C GLY A 81 -14.72 21.34 2.52
N SER A 82 -13.45 21.08 2.28
CA SER A 82 -12.74 21.64 1.13
C SER A 82 -13.28 21.05 -0.18
N PHE A 83 -13.72 19.79 -0.13
CA PHE A 83 -14.27 19.11 -1.31
C PHE A 83 -15.55 19.79 -1.78
N ILE A 84 -16.49 19.98 -0.85
CA ILE A 84 -17.77 20.61 -1.17
C ILE A 84 -17.60 22.09 -1.52
N TYR A 85 -16.61 22.74 -0.92
CA TYR A 85 -16.33 24.15 -1.18
C TYR A 85 -15.73 24.35 -2.57
N GLY A 86 -14.80 23.46 -2.94
CA GLY A 86 -14.15 23.55 -4.24
C GLY A 86 -13.06 24.61 -4.27
N THR A 87 -12.24 24.65 -3.23
CA THR A 87 -11.16 25.62 -3.14
C THR A 87 -9.92 25.00 -2.49
N SER A 88 -8.75 25.60 -2.74
CA SER A 88 -7.49 25.12 -2.20
C SER A 88 -7.18 23.69 -2.65
N GLY A 89 -6.73 23.57 -3.91
CA GLY A 89 -6.41 22.26 -4.45
C GLY A 89 -5.10 21.70 -3.91
N LYS A 90 -4.09 22.55 -3.82
CA LYS A 90 -2.78 22.14 -3.30
C LYS A 90 -2.86 21.76 -1.82
N GLU A 91 -3.81 22.36 -1.10
CA GLU A 91 -4.00 22.08 0.33
C GLU A 91 -4.22 20.58 0.57
N LEU A 92 -5.11 19.98 -0.22
CA LEU A 92 -5.40 18.55 -0.10
C LEU A 92 -4.14 17.72 -0.34
N LYS A 93 -3.39 18.07 -1.40
CA LYS A 93 -2.16 17.37 -1.73
C LYS A 93 -1.16 17.44 -0.57
N ALA A 94 -1.02 18.64 0.00
CA ALA A 94 -0.11 18.86 1.14
C ALA A 94 -0.44 17.92 2.29
N LYS A 95 -1.73 17.67 2.52
CA LYS A 95 -2.17 16.78 3.60
C LYS A 95 -1.59 15.38 3.41
N GLU A 96 -1.65 14.89 2.17
CA GLU A 96 -1.12 13.56 1.84
C GLU A 96 0.39 13.53 2.02
N GLU A 97 1.07 14.61 1.63
CA GLU A 97 2.52 14.72 1.76
C GLU A 97 2.93 14.66 3.22
N GLN A 98 2.20 15.38 4.08
CA GLN A 98 2.48 15.40 5.52
C GLN A 98 2.22 14.03 6.14
N LEU A 99 1.16 13.36 5.69
CA LEU A 99 0.81 12.04 6.20
C LEU A 99 1.94 11.03 5.95
N LYS A 100 2.51 11.08 4.73
CA LYS A 100 3.61 10.19 4.37
C LYS A 100 4.82 10.42 5.28
N GLU A 101 5.13 11.70 5.53
CA GLU A 101 6.26 12.07 6.39
C GLU A 101 6.00 11.63 7.82
N LYS A 102 4.76 11.80 8.28
CA LYS A 102 4.37 11.41 9.64
C LYS A 102 4.65 9.92 9.90
N ALA A 103 4.33 9.08 8.91
CA ALA A 103 4.56 7.64 9.01
C ALA A 103 6.04 7.34 9.17
N LYS A 104 6.86 7.93 8.30
CA LYS A 104 8.31 7.74 8.34
C LYS A 104 8.89 8.22 9.67
N MET A 105 8.38 9.34 10.16
CA MET A 105 8.84 9.91 11.44
C MET A 105 8.57 8.95 12.59
N ARG A 106 7.45 8.22 12.51
CA ARG A 106 7.08 7.25 13.56
C ARG A 106 8.17 6.20 13.72
N GLU A 107 8.76 5.75 12.61
CA GLU A 107 9.82 4.75 12.64
C GLU A 107 11.07 5.30 13.33
N LYS A 108 11.71 4.47 14.14
CA LYS A 108 12.91 4.88 14.86
C LYS A 108 14.08 3.92 14.58
N LEU A 109 15.29 4.47 14.51
CA LEU A 109 16.49 3.68 14.26
C LEU A 109 17.04 3.07 15.55
N TRP A 110 16.60 3.57 16.70
CA TRP A 110 17.06 3.06 17.99
C TRP A 110 16.51 1.66 18.26
N ILE A 111 15.19 1.51 18.14
CA ILE A 111 14.51 0.23 18.36
C ILE A 111 14.69 -0.25 19.80
N GLN A 112 13.75 0.16 20.67
CA GLN A 112 13.80 -0.21 22.08
C GLN A 112 12.67 -1.18 22.43
N GLU A 113 12.97 -2.14 23.30
CA GLU A 113 12.00 -3.13 23.73
C GLU A 113 12.02 -3.30 25.25
N LEU A 114 10.82 -3.43 25.84
CA LEU A 114 10.70 -3.60 27.29
C LEU A 114 10.80 -5.07 27.68
N GLU A 115 9.75 -5.84 27.37
CA GLU A 115 9.71 -7.27 27.68
C GLU A 115 9.99 -7.53 29.16
N ARG A 116 8.99 -7.30 30.01
CA ARG A 116 9.13 -7.51 31.45
C ARG A 116 9.11 -8.99 31.80
N ARG A 117 9.48 -9.32 33.04
CA ARG A 117 9.51 -10.71 33.51
C ARG A 117 8.16 -11.39 33.29
N GLU A 118 7.10 -10.81 33.86
CA GLU A 118 5.76 -11.35 33.71
C GLU A 118 5.24 -11.20 32.28
N GLU A 119 5.73 -10.16 31.59
CA GLU A 119 5.34 -9.90 30.21
C GLU A 119 5.62 -11.10 29.29
N GLU A 120 6.77 -11.74 29.49
CA GLU A 120 7.17 -12.89 28.68
C GLU A 120 6.17 -14.05 28.82
N THR A 121 5.73 -14.32 30.05
CA THR A 121 4.78 -15.41 30.30
C THR A 121 3.32 -14.96 30.06
N GLU A 122 3.10 -13.65 29.96
CA GLU A 122 1.76 -13.12 29.74
C GLU A 122 1.15 -13.62 28.43
N ALA A 123 1.81 -13.33 27.32
CA ALA A 123 1.31 -13.74 26.00
C ALA A 123 1.83 -15.11 25.56
N ARG A 124 2.72 -15.72 26.35
CA ARG A 124 3.26 -17.04 26.00
C ARG A 124 2.14 -18.06 25.74
N ARG A 125 1.04 -17.93 26.50
CA ARG A 125 -0.10 -18.82 26.34
C ARG A 125 -1.10 -18.29 25.32
N LYS A 126 -1.22 -16.96 25.24
CA LYS A 126 -2.15 -16.30 24.31
C LYS A 126 -2.00 -16.83 22.88
N ARG A 127 -0.77 -17.23 22.50
CA ARG A 127 -0.51 -17.76 21.16
C ARG A 127 -1.44 -18.92 20.82
N ALA A 128 -1.66 -19.81 21.81
CA ALA A 128 -2.52 -20.97 21.62
C ALA A 128 -3.93 -20.59 21.15
N GLU A 129 -4.41 -19.42 21.60
CA GLU A 129 -5.74 -18.94 21.22
C GLU A 129 -5.86 -18.74 19.71
N LEU A 130 -5.18 -17.70 19.19
CA LEU A 130 -5.19 -17.40 17.76
C LEU A 130 -4.38 -16.14 17.44
N ALA A 131 -4.09 -15.96 16.15
CA ALA A 131 -3.32 -14.79 15.70
C ALA A 131 -3.72 -14.41 14.27
N ARG A 132 -4.83 -13.68 14.14
CA ARG A 132 -5.33 -13.24 12.84
C ARG A 132 -5.58 -11.74 12.80
N MET A 133 -5.76 -11.20 11.60
CA MET A 133 -6.03 -9.77 11.43
C MET A 133 -7.29 -9.54 10.59
N LYS A 134 -8.25 -8.83 11.16
CA LYS A 134 -9.51 -8.52 10.49
C LYS A 134 -9.35 -7.37 9.50
N THR A 135 -8.59 -6.34 9.91
CA THR A 135 -8.33 -5.17 9.07
C THR A 135 -7.70 -5.57 7.73
N LEU A 136 -6.84 -6.58 7.76
CA LEU A 136 -6.16 -7.07 6.55
C LEU A 136 -7.18 -7.56 5.53
N GLU A 137 -8.14 -8.38 5.97
CA GLU A 137 -9.18 -8.92 5.09
C GLU A 137 -10.10 -7.81 4.59
N ASN A 138 -10.36 -6.81 5.44
CA ASN A 138 -11.23 -5.68 5.09
C ASN A 138 -10.76 -5.00 3.81
N GLU A 139 -9.44 -4.98 3.58
CA GLU A 139 -8.87 -4.36 2.39
C GLU A 139 -9.41 -5.01 1.12
N GLU A 140 -9.71 -6.31 1.18
CA GLU A 140 -10.25 -7.04 0.04
C GLU A 140 -11.72 -6.68 -0.18
N GLU A 141 -12.48 -6.56 0.92
CA GLU A 141 -13.89 -6.22 0.84
C GLU A 141 -14.11 -4.88 0.15
N ILE A 142 -13.39 -3.85 0.61
CA ILE A 142 -13.49 -2.51 0.02
C ILE A 142 -13.03 -2.50 -1.44
N LYS A 143 -12.05 -3.35 -1.76
CA LYS A 143 -11.53 -3.44 -3.12
C LYS A 143 -12.60 -3.96 -4.08
N ASN A 144 -13.42 -4.90 -3.60
CA ASN A 144 -14.49 -5.48 -4.42
C ASN A 144 -15.51 -4.41 -4.83
N LEU A 145 -15.75 -3.44 -3.93
CA LEU A 145 -16.70 -2.36 -4.21
C LEU A 145 -16.32 -1.60 -5.48
N GLU A 146 -15.01 -1.37 -5.66
CA GLU A 146 -14.51 -0.65 -6.84
C GLU A 146 -14.88 -1.40 -8.12
N LYS A 147 -14.69 -2.72 -8.11
CA LYS A 147 -15.02 -3.55 -9.27
C LYS A 147 -16.53 -3.52 -9.54
N GLU A 148 -17.32 -3.62 -8.46
CA GLU A 148 -18.77 -3.60 -8.56
C GLU A 148 -19.26 -2.31 -9.22
N LEU A 149 -18.65 -1.19 -8.85
CA LEU A 149 -19.01 0.12 -9.40
C LEU A 149 -18.95 0.11 -10.93
N SER A 150 -17.92 -0.55 -11.48
CA SER A 150 -17.76 -0.64 -12.93
C SER A 150 -18.94 -1.37 -13.56
N ASP A 151 -19.37 -2.47 -12.92
CA ASP A 151 -20.50 -3.26 -13.40
C ASP A 151 -21.81 -2.46 -13.31
N LEU A 152 -21.92 -1.62 -12.27
CA LEU A 152 -23.11 -0.80 -12.06
C LEU A 152 -23.38 0.10 -13.27
N GLU A 153 -22.34 0.78 -13.74
CA GLU A 153 -22.46 1.66 -14.90
C GLU A 153 -22.79 0.87 -16.16
N ASN A 154 -22.08 -0.25 -16.36
CA ASN A 154 -22.29 -1.11 -17.53
C ASN A 154 -23.71 -1.69 -17.54
N LYS A 155 -24.27 -1.93 -16.35
CA LYS A 155 -25.63 -2.47 -16.21
C LYS A 155 -26.66 -1.55 -16.87
N LEU A 156 -26.45 -0.24 -16.76
CA LEU A 156 -27.36 0.75 -17.34
C LEU A 156 -27.47 0.56 -18.86
N GLY A 157 -26.34 0.27 -19.50
CA GLY A 157 -26.35 0.07 -20.95
C GLY A 157 -26.45 1.36 -21.72
N LYS A 158 -25.57 2.31 -21.41
CA LYS A 158 -25.57 3.62 -22.09
C LYS A 158 -24.66 3.59 -23.32
N LYS A 159 -23.43 3.10 -23.14
CA LYS A 159 -22.46 3.03 -24.24
C LYS A 159 -22.86 1.94 -25.24
N MET B 1 18.67 -26.49 17.69
CA MET B 1 19.21 -25.82 18.91
C MET B 1 18.36 -24.59 19.28
N SER B 2 18.29 -23.62 18.37
CA SER B 2 17.52 -22.40 18.61
C SER B 2 17.05 -21.79 17.29
N ARG B 3 15.76 -21.48 17.21
CA ARG B 3 15.18 -20.89 16.01
C ARG B 3 15.39 -19.38 15.98
N MET B 4 16.05 -18.90 14.92
CA MET B 4 16.33 -17.47 14.78
C MET B 4 15.19 -16.76 14.05
N PRO B 5 14.75 -15.60 14.56
CA PRO B 5 13.67 -14.82 13.96
C PRO B 5 14.13 -13.92 12.81
N SER B 6 15.41 -14.06 12.40
CA SER B 6 15.97 -13.24 11.30
C SER B 6 16.10 -11.78 11.70
N SER B 7 17.11 -11.11 11.16
CA SER B 7 17.35 -9.70 11.45
C SER B 7 16.81 -8.80 10.32
N PHE B 8 15.73 -9.24 9.67
CA PHE B 8 15.12 -8.48 8.58
C PHE B 8 13.60 -8.61 8.61
N ASP B 9 12.92 -7.50 8.94
CA ASP B 9 11.46 -7.50 8.99
C ASP B 9 10.87 -7.35 7.60
N VAL B 10 10.71 -8.48 6.91
CA VAL B 10 10.16 -8.49 5.54
C VAL B 10 8.71 -8.04 5.53
N THR B 11 8.41 -7.01 4.73
CA THR B 11 7.06 -6.48 4.61
C THR B 11 6.26 -7.25 3.57
N GLU B 12 4.95 -7.23 3.71
CA GLU B 12 4.06 -7.93 2.78
C GLU B 12 3.45 -6.96 1.76
N ARG B 13 4.31 -6.11 1.18
CA ARG B 13 3.87 -5.13 0.18
C ARG B 13 4.95 -4.90 -0.89
N ASP B 14 5.76 -5.91 -1.16
CA ASP B 14 6.81 -5.81 -2.17
C ASP B 14 6.21 -5.64 -3.56
N LEU B 15 5.35 -6.58 -3.95
CA LEU B 15 4.67 -6.53 -5.24
C LEU B 15 3.68 -5.38 -5.31
N ASP B 16 3.15 -4.99 -4.14
CA ASP B 16 2.20 -3.88 -4.05
C ASP B 16 2.82 -2.57 -4.56
N ASP B 17 4.10 -2.38 -4.23
CA ASP B 17 4.83 -1.18 -4.65
C ASP B 17 4.92 -1.11 -6.18
N MET B 18 5.16 -2.26 -6.80
CA MET B 18 5.28 -2.34 -8.26
C MET B 18 3.91 -2.18 -8.94
N THR B 19 2.89 -2.86 -8.40
CA THR B 19 1.54 -2.79 -8.95
C THR B 19 1.02 -1.36 -8.99
N PHE B 20 1.40 -0.56 -7.98
CA PHE B 20 0.97 0.84 -7.90
C PHE B 20 1.46 1.62 -9.13
N GLY B 21 2.69 1.33 -9.56
CA GLY B 21 3.25 1.99 -10.73
C GLY B 21 2.54 1.61 -12.03
N GLU B 22 1.77 0.52 -12.01
CA GLU B 22 1.04 0.08 -13.19
C GLU B 22 -0.36 0.70 -13.23
N ARG B 23 -0.96 0.91 -12.05
CA ARG B 23 -2.29 1.50 -11.94
C ARG B 23 -2.35 2.93 -12.52
N ILE B 24 -1.20 3.63 -12.50
CA ILE B 24 -1.13 4.98 -13.02
C ILE B 24 -1.53 5.06 -14.50
N ILE B 25 -1.34 3.96 -15.23
CA ILE B 25 -1.69 3.91 -16.65
C ILE B 25 -3.14 4.35 -16.89
N TYR B 26 -4.03 3.97 -15.96
CA TYR B 26 -5.44 4.33 -16.05
C TYR B 26 -5.63 5.85 -16.10
N HIS B 27 -4.97 6.55 -15.18
CA HIS B 27 -5.05 8.02 -15.12
C HIS B 27 -4.23 8.66 -16.25
N CYS B 28 -3.12 8.02 -16.63
CA CYS B 28 -2.26 8.52 -17.70
C CYS B 28 -3.04 8.73 -19.00
N LYS B 29 -4.06 7.89 -19.22
CA LYS B 29 -4.89 7.97 -20.42
C LYS B 29 -5.56 9.35 -20.54
N LYS B 30 -5.86 9.97 -19.39
CA LYS B 30 -6.50 11.28 -19.36
C LYS B 30 -5.64 12.33 -20.07
N GLN B 31 -4.37 12.42 -19.67
CA GLN B 31 -3.44 13.38 -20.27
C GLN B 31 -2.08 12.72 -20.54
N PRO B 32 -1.99 11.89 -21.61
CA PRO B 32 -0.77 11.20 -21.97
C PRO B 32 0.26 12.13 -22.62
N LEU B 33 1.53 11.95 -22.27
CA LEU B 33 2.62 12.76 -22.81
C LEU B 33 3.47 11.95 -23.79
N VAL B 34 4.09 12.64 -24.74
CA VAL B 34 4.93 11.98 -25.75
C VAL B 34 6.41 12.03 -25.37
N PRO B 35 6.97 13.23 -25.08
CA PRO B 35 8.38 13.38 -24.72
C PRO B 35 8.70 12.80 -23.34
N ILE B 36 8.11 13.38 -22.30
CA ILE B 36 8.32 12.92 -20.93
C ILE B 36 7.47 11.70 -20.62
N GLY B 37 6.29 11.60 -21.25
CA GLY B 37 5.40 10.47 -21.03
C GLY B 37 6.05 9.15 -21.37
N CYS B 38 6.68 9.08 -22.55
CA CYS B 38 7.35 7.86 -22.99
C CYS B 38 8.54 7.53 -22.08
N LEU B 39 9.31 8.57 -21.73
CA LEU B 39 10.47 8.41 -20.84
C LEU B 39 10.04 7.91 -19.46
N LEU B 40 8.87 8.37 -19.00
CA LEU B 40 8.34 7.98 -17.70
C LEU B 40 7.94 6.50 -17.69
N THR B 41 7.37 6.04 -18.81
CA THR B 41 6.94 4.64 -18.94
C THR B 41 8.16 3.73 -19.09
N THR B 42 9.13 4.17 -19.90
CA THR B 42 10.35 3.41 -20.13
C THR B 42 11.20 3.33 -18.86
N GLY B 43 11.28 4.46 -18.14
CA GLY B 43 12.07 4.50 -16.92
C GLY B 43 11.36 3.85 -15.73
N ALA B 44 10.04 3.66 -15.83
CA ALA B 44 9.28 3.04 -14.74
C ALA B 44 9.76 1.62 -14.47
N VAL B 45 9.80 0.79 -15.52
CA VAL B 45 10.25 -0.60 -15.39
C VAL B 45 11.78 -0.70 -15.37
N ILE B 46 12.48 0.35 -15.85
CA ILE B 46 13.93 0.34 -15.87
C ILE B 46 14.51 0.23 -14.46
N LEU B 47 13.85 0.86 -13.49
CA LEU B 47 14.30 0.82 -12.08
C LEU B 47 13.92 -0.52 -11.44
N ALA B 48 12.86 -1.16 -11.95
CA ALA B 48 12.41 -2.44 -11.40
C ALA B 48 13.33 -3.58 -11.85
N ALA B 49 13.84 -3.49 -13.08
CA ALA B 49 14.76 -4.51 -13.62
C ALA B 49 16.09 -4.50 -12.87
N GLN B 50 16.43 -3.36 -12.25
CA GLN B 50 17.69 -3.25 -11.49
C GLN B 50 17.57 -3.99 -10.15
N ASN B 51 16.38 -3.96 -9.54
CA ASN B 51 16.14 -4.63 -8.27
C ASN B 51 16.30 -6.14 -8.39
N VAL B 52 16.00 -6.68 -9.57
CA VAL B 52 16.12 -8.13 -9.80
C VAL B 52 17.51 -8.45 -10.36
N ARG B 53 17.94 -7.68 -11.35
CA ARG B 53 19.29 -7.89 -11.96
C ARG B 53 20.37 -7.77 -10.88
N LEU B 54 20.21 -6.81 -9.97
CA LEU B 54 21.18 -6.63 -8.88
C LEU B 54 21.01 -7.72 -7.84
N GLY B 55 19.77 -8.11 -7.56
CA GLY B 55 19.50 -9.16 -6.59
C GLY B 55 19.99 -10.53 -7.05
N ASN B 56 20.23 -10.68 -8.37
CA ASN B 56 20.73 -11.96 -8.91
C ASN B 56 22.23 -12.09 -8.69
N LYS B 57 22.94 -10.95 -8.64
CA LYS B 57 24.38 -10.96 -8.41
C LYS B 57 24.72 -11.65 -7.09
N TRP B 58 23.88 -11.43 -6.09
CA TRP B 58 24.07 -12.02 -4.77
C TRP B 58 23.12 -13.21 -4.58
N LYS B 59 23.05 -14.07 -5.60
CA LYS B 59 22.19 -15.24 -5.57
C LYS B 59 22.98 -16.48 -5.97
N ALA B 60 22.26 -17.50 -6.43
CA ALA B 60 22.87 -18.76 -6.86
C ALA B 60 21.81 -19.80 -7.25
N GLN B 61 20.61 -19.70 -6.66
CA GLN B 61 19.53 -20.64 -6.96
C GLN B 61 18.33 -19.92 -7.57
N TYR B 62 18.47 -19.50 -8.82
CA TYR B 62 17.39 -18.81 -9.53
C TYR B 62 16.29 -19.80 -9.92
N TYR B 63 15.27 -19.91 -9.08
CA TYR B 63 14.16 -20.82 -9.32
C TYR B 63 12.83 -20.19 -8.92
N PHE B 64 12.69 -19.86 -7.63
CA PHE B 64 11.48 -19.24 -7.11
C PHE B 64 11.36 -17.79 -7.58
N ARG B 65 12.42 -17.01 -7.33
CA ARG B 65 12.45 -15.60 -7.74
C ARG B 65 12.64 -15.46 -9.25
N TRP B 66 13.28 -16.46 -9.86
CA TRP B 66 13.52 -16.45 -11.32
C TRP B 66 12.26 -16.85 -12.10
N ARG B 67 11.43 -17.72 -11.52
CA ARG B 67 10.20 -18.17 -12.17
C ARG B 67 9.19 -17.03 -12.27
N VAL B 68 9.01 -16.30 -11.17
CA VAL B 68 8.09 -15.18 -11.13
C VAL B 68 8.54 -14.06 -12.08
N GLY B 69 9.86 -13.95 -12.28
CA GLY B 69 10.41 -12.94 -13.17
C GLY B 69 9.89 -13.09 -14.59
N LEU B 70 9.77 -14.34 -15.06
CA LEU B 70 9.27 -14.63 -16.40
C LEU B 70 7.73 -14.55 -16.45
N GLN B 71 7.07 -15.09 -15.43
CA GLN B 71 5.60 -15.08 -15.37
C GLN B 71 5.06 -13.66 -15.54
N ALA B 72 5.68 -12.71 -14.84
CA ALA B 72 5.26 -11.29 -14.92
C ALA B 72 5.74 -10.65 -16.22
N ALA B 73 6.95 -11.01 -16.66
CA ALA B 73 7.52 -10.47 -17.91
C ALA B 73 6.59 -10.73 -19.09
N THR B 74 5.97 -11.92 -19.13
CA THR B 74 5.05 -12.29 -20.21
C THR B 74 3.71 -11.58 -20.03
N LEU B 75 3.26 -11.44 -18.79
CA LEU B 75 1.98 -10.79 -18.49
C LEU B 75 2.02 -9.31 -18.87
N VAL B 76 3.13 -8.63 -18.57
CA VAL B 76 3.28 -7.21 -18.89
C VAL B 76 3.36 -6.98 -20.40
N ALA B 77 3.74 -8.02 -21.15
CA ALA B 77 3.82 -7.91 -22.62
C ALA B 77 2.43 -7.97 -23.24
N LEU B 78 1.56 -8.83 -22.69
CA LEU B 78 0.19 -8.96 -23.20
C LEU B 78 -0.69 -7.80 -22.72
N VAL B 79 -0.46 -7.33 -21.49
CA VAL B 79 -1.24 -6.22 -20.93
C VAL B 79 -0.95 -4.91 -21.69
N ALA B 80 0.26 -4.80 -22.26
CA ALA B 80 0.63 -3.60 -23.03
C ALA B 80 -0.24 -3.48 -24.28
N GLY B 81 -0.53 -4.63 -24.92
CA GLY B 81 -1.38 -4.62 -26.11
C GLY B 81 -2.87 -4.57 -25.78
N SER B 82 -3.24 -4.94 -24.55
CA SER B 82 -4.64 -4.92 -24.13
C SER B 82 -5.10 -3.49 -23.82
N PHE B 83 -4.23 -2.72 -23.16
CA PHE B 83 -4.54 -1.34 -22.80
C PHE B 83 -4.76 -0.49 -24.05
N ILE B 84 -3.83 -0.54 -25.00
CA ILE B 84 -3.92 0.23 -26.23
C ILE B 84 -5.20 -0.13 -27.01
N TYR B 85 -5.51 -1.43 -27.08
CA TYR B 85 -6.70 -1.90 -27.78
C TYR B 85 -7.96 -1.21 -27.26
N GLY B 86 -8.18 -1.25 -25.95
CA GLY B 86 -9.36 -0.63 -25.35
C GLY B 86 -10.65 -1.22 -25.88
N THR B 87 -10.72 -2.55 -25.90
CA THR B 87 -11.91 -3.25 -26.39
C THR B 87 -12.65 -3.98 -25.26
N SER B 88 -11.87 -4.57 -24.33
CA SER B 88 -12.45 -5.30 -23.21
C SER B 88 -12.12 -4.62 -21.88
N GLY B 89 -13.10 -3.87 -21.36
CA GLY B 89 -12.92 -3.17 -20.09
C GLY B 89 -13.06 -4.09 -18.88
N LYS B 90 -13.92 -5.11 -19.01
CA LYS B 90 -14.14 -6.07 -17.92
C LYS B 90 -12.89 -6.91 -17.67
N GLU B 91 -12.10 -7.15 -18.73
CA GLU B 91 -10.85 -7.92 -18.61
C GLU B 91 -9.78 -7.09 -17.89
N LEU B 92 -9.75 -5.79 -18.20
CA LEU B 92 -8.79 -4.87 -17.59
C LEU B 92 -8.85 -4.98 -16.06
N LYS B 93 -10.05 -4.83 -15.50
CA LYS B 93 -10.24 -4.92 -14.05
C LYS B 93 -9.95 -6.33 -13.55
N ALA B 94 -10.22 -7.34 -14.39
CA ALA B 94 -9.96 -8.75 -14.03
C ALA B 94 -8.47 -9.00 -13.81
N LYS B 95 -7.62 -8.22 -14.49
CA LYS B 95 -6.16 -8.37 -14.37
C LYS B 95 -5.72 -8.16 -12.92
N GLU B 96 -6.28 -7.12 -12.28
CA GLU B 96 -5.95 -6.80 -10.90
C GLU B 96 -6.46 -7.89 -9.95
N GLU B 97 -7.69 -8.35 -10.19
CA GLU B 97 -8.30 -9.39 -9.36
C GLU B 97 -7.50 -10.69 -9.44
N GLN B 98 -7.03 -11.02 -10.65
CA GLN B 98 -6.24 -12.24 -10.85
C GLN B 98 -4.88 -12.14 -10.15
N LEU B 99 -4.24 -10.97 -10.26
CA LEU B 99 -2.95 -10.75 -9.62
C LEU B 99 -3.06 -10.83 -8.09
N LYS B 100 -4.22 -10.41 -7.56
CA LYS B 100 -4.45 -10.44 -6.12
C LYS B 100 -4.30 -11.87 -5.58
N GLU B 101 -4.80 -12.84 -6.35
CA GLU B 101 -4.69 -14.25 -5.97
C GLU B 101 -3.24 -14.70 -5.90
N LYS B 102 -2.44 -14.24 -6.87
CA LYS B 102 -1.01 -14.57 -6.92
C LYS B 102 -0.29 -14.05 -5.67
N ALA B 103 -0.70 -12.88 -5.18
CA ALA B 103 -0.09 -12.29 -3.99
C ALA B 103 -0.24 -13.23 -2.79
N LYS B 104 -1.44 -13.76 -2.59
CA LYS B 104 -1.71 -14.68 -1.49
C LYS B 104 -1.03 -16.03 -1.73
N MET B 105 -1.02 -16.48 -2.99
CA MET B 105 -0.39 -17.74 -3.36
C MET B 105 1.10 -17.73 -3.03
N ARG B 106 1.79 -16.67 -3.45
CA ARG B 106 3.23 -16.52 -3.20
C ARG B 106 3.51 -16.41 -1.70
N GLU B 107 2.62 -15.71 -0.98
CA GLU B 107 2.76 -15.53 0.46
C GLU B 107 2.58 -16.86 1.19
N LYS B 108 3.68 -17.43 1.68
CA LYS B 108 3.65 -18.71 2.39
C LYS B 108 3.58 -18.49 3.90
N LEU B 109 2.36 -18.48 4.43
CA LEU B 109 2.15 -18.29 5.87
C LEU B 109 1.89 -19.62 6.56
N TRP B 110 1.05 -20.46 5.95
CA TRP B 110 0.73 -21.78 6.50
C TRP B 110 1.94 -22.71 6.42
N ILE B 111 2.51 -22.82 5.22
CA ILE B 111 3.69 -23.66 4.99
C ILE B 111 4.82 -22.85 4.36
N GLN B 112 5.86 -22.59 5.15
CA GLN B 112 7.00 -21.81 4.69
C GLN B 112 7.92 -22.64 3.79
N GLU B 113 9.01 -22.04 3.33
CA GLU B 113 9.97 -22.72 2.46
C GLU B 113 11.00 -23.49 3.29
N LEU B 114 10.53 -24.44 4.08
CA LEU B 114 11.42 -25.25 4.92
C LEU B 114 11.95 -26.46 4.15
N GLU B 115 11.13 -26.98 3.23
CA GLU B 115 11.51 -28.13 2.41
C GLU B 115 12.88 -27.92 1.74
N ARG B 116 13.15 -26.67 1.34
CA ARG B 116 14.42 -26.33 0.70
C ARG B 116 15.29 -25.51 1.65
N ARG B 117 16.46 -26.05 1.99
CA ARG B 117 17.39 -25.38 2.88
C ARG B 117 18.34 -24.48 2.09
N GLU B 118 18.78 -24.97 0.91
CA GLU B 118 19.67 -24.21 0.04
C GLU B 118 19.01 -22.93 -0.45
N GLU B 119 17.69 -22.98 -0.62
CA GLU B 119 16.92 -21.82 -1.09
C GLU B 119 16.96 -20.69 -0.05
N GLU B 120 16.93 -21.06 1.23
CA GLU B 120 16.96 -20.09 2.32
C GLU B 120 18.29 -19.34 2.37
N THR B 121 19.39 -20.07 2.23
CA THR B 121 20.73 -19.46 2.24
C THR B 121 20.96 -18.59 1.01
N GLU B 122 20.28 -18.92 -0.08
CA GLU B 122 20.41 -18.17 -1.34
C GLU B 122 19.55 -16.89 -1.34
N ALA B 123 18.39 -16.94 -0.68
CA ALA B 123 17.48 -15.79 -0.63
C ALA B 123 17.85 -14.79 0.47
N ARG B 124 18.68 -15.20 1.44
CA ARG B 124 19.07 -14.31 2.53
C ARG B 124 20.14 -13.31 2.08
N ARG B 125 20.96 -13.69 1.10
CA ARG B 125 22.03 -12.83 0.60
C ARG B 125 21.50 -11.45 0.20
N LYS B 126 20.31 -11.40 -0.41
CA LYS B 126 19.69 -10.15 -0.83
C LYS B 126 19.56 -9.17 0.33
N ARG B 127 19.09 -9.66 1.47
CA ARG B 127 18.91 -8.81 2.67
C ARG B 127 20.24 -8.63 3.41
N ALA B 128 20.97 -9.73 3.60
CA ALA B 128 22.26 -9.70 4.30
C ALA B 128 23.21 -8.68 3.68
N GLU B 129 23.35 -8.73 2.35
CA GLU B 129 24.23 -7.81 1.63
C GLU B 129 23.84 -6.35 1.92
N LEU B 130 22.57 -6.03 1.67
CA LEU B 130 22.06 -4.68 1.90
C LEU B 130 20.55 -4.68 2.07
N ALA B 131 20.08 -4.19 3.22
CA ALA B 131 18.65 -4.12 3.51
C ALA B 131 18.10 -2.72 3.21
N ARG B 132 18.12 -2.34 1.94
CA ARG B 132 17.64 -1.04 1.51
C ARG B 132 16.18 -1.12 1.04
N MET B 133 15.44 -0.02 1.24
CA MET B 133 14.04 0.05 0.83
C MET B 133 13.90 0.81 -0.49
N LYS B 134 14.65 0.35 -1.50
CA LYS B 134 14.63 0.99 -2.83
C LYS B 134 13.21 1.10 -3.38
N THR B 135 12.45 0.01 -3.27
CA THR B 135 11.06 -0.01 -3.77
C THR B 135 10.20 1.04 -3.06
N LEU B 136 10.21 1.02 -1.73
CA LEU B 136 9.43 1.97 -0.94
C LEU B 136 9.91 3.41 -1.17
N GLU B 137 11.23 3.59 -1.27
CA GLU B 137 11.82 4.91 -1.49
C GLU B 137 11.37 5.49 -2.84
N ASN B 138 11.27 4.63 -3.86
CA ASN B 138 10.85 5.06 -5.19
C ASN B 138 9.58 5.90 -5.14
N GLU B 139 8.58 5.42 -4.40
CA GLU B 139 7.31 6.15 -4.26
C GLU B 139 7.53 7.60 -3.82
N GLU B 140 8.50 7.81 -2.93
CA GLU B 140 8.81 9.16 -2.44
C GLU B 140 9.33 10.04 -3.59
N GLU B 141 10.21 9.47 -4.43
CA GLU B 141 10.78 10.21 -5.55
C GLU B 141 9.71 10.53 -6.59
N ILE B 142 9.02 9.50 -7.07
CA ILE B 142 7.96 9.67 -8.07
C ILE B 142 6.86 10.62 -7.58
N LYS B 143 6.65 10.65 -6.25
CA LYS B 143 5.64 11.52 -5.65
C LYS B 143 5.86 12.99 -6.04
N ASN B 144 7.12 13.42 -5.95
CA ASN B 144 7.49 14.79 -6.29
C ASN B 144 7.19 15.10 -7.76
N LEU B 145 7.51 14.14 -8.64
CA LEU B 145 7.26 14.30 -10.07
C LEU B 145 5.77 14.46 -10.35
N GLU B 146 4.94 13.66 -9.67
CA GLU B 146 3.49 13.72 -9.83
C GLU B 146 2.95 15.10 -9.43
N LYS B 147 3.53 15.67 -8.37
CA LYS B 147 3.13 16.99 -7.89
C LYS B 147 3.34 18.05 -8.96
N GLU B 148 4.41 17.91 -9.74
CA GLU B 148 4.72 18.86 -10.82
C GLU B 148 3.70 18.74 -11.94
N LEU B 149 3.17 17.53 -12.15
CA LEU B 149 2.16 17.30 -13.19
C LEU B 149 0.89 18.08 -12.88
N SER B 150 0.36 17.89 -11.67
CA SER B 150 -0.84 18.58 -11.24
C SER B 150 -0.64 20.10 -11.23
N ASP B 151 0.55 20.53 -10.79
CA ASP B 151 0.88 21.96 -10.75
C ASP B 151 0.96 22.55 -12.15
N LEU B 152 1.39 21.74 -13.12
CA LEU B 152 1.51 22.18 -14.51
C LEU B 152 0.18 22.72 -15.04
N GLU B 153 -0.89 21.96 -14.81
CA GLU B 153 -2.23 22.36 -15.25
C GLU B 153 -2.66 23.66 -14.58
N ASN B 154 -2.28 23.84 -13.32
CA ASN B 154 -2.62 25.04 -12.56
C ASN B 154 -2.02 26.29 -13.20
N LYS B 155 -0.70 26.27 -13.43
CA LYS B 155 -0.01 27.39 -14.03
C LYS B 155 -0.44 27.60 -15.50
N LEU B 156 -0.66 26.49 -16.21
CA LEU B 156 -1.07 26.55 -17.62
C LEU B 156 -2.40 27.29 -17.77
N GLY B 157 -3.32 27.05 -16.83
CA GLY B 157 -4.62 27.70 -16.88
C GLY B 157 -5.71 26.77 -17.39
N LYS B 158 -5.76 25.56 -16.84
CA LYS B 158 -6.77 24.58 -17.24
C LYS B 158 -7.80 24.35 -16.13
N LYS B 159 -7.30 24.11 -14.91
CA LYS B 159 -8.16 23.87 -13.76
C LYS B 159 -8.85 25.16 -13.32
N MET A 1 5.02 -13.08 26.41
CA MET A 1 4.70 -12.39 25.12
C MET A 1 5.09 -13.27 23.92
N SER A 2 4.29 -14.30 23.66
CA SER A 2 4.52 -15.22 22.54
C SER A 2 5.79 -16.06 22.77
N ARG A 3 5.87 -17.20 22.06
CA ARG A 3 7.01 -18.10 22.19
C ARG A 3 7.88 -18.05 20.93
N MET A 4 9.19 -17.84 21.11
CA MET A 4 10.13 -17.77 19.99
C MET A 4 9.83 -16.58 19.08
N PRO A 5 10.75 -16.26 18.13
CA PRO A 5 10.57 -15.12 17.21
C PRO A 5 9.41 -15.35 16.24
N SER A 6 8.20 -15.00 16.69
CA SER A 6 7.00 -15.16 15.89
C SER A 6 6.61 -13.83 15.23
N SER A 7 5.43 -13.81 14.59
CA SER A 7 4.95 -12.60 13.91
C SER A 7 4.01 -11.80 14.84
N PHE A 8 4.44 -11.63 16.10
CA PHE A 8 3.65 -10.89 17.08
C PHE A 8 4.33 -9.57 17.43
N ASP A 9 4.00 -8.52 16.68
CA ASP A 9 4.57 -7.20 16.90
C ASP A 9 3.74 -6.11 16.21
N VAL A 10 3.91 -5.99 14.89
CA VAL A 10 3.17 -4.99 14.11
C VAL A 10 3.20 -5.32 12.62
N THR A 11 2.32 -4.68 11.85
CA THR A 11 2.26 -4.88 10.41
C THR A 11 3.36 -4.09 9.67
N GLU A 12 4.04 -3.19 10.41
CA GLU A 12 5.10 -2.35 9.83
C GLU A 12 4.52 -1.31 8.86
N ARG A 13 3.22 -1.03 8.99
CA ARG A 13 2.53 -0.05 8.14
C ARG A 13 1.03 -0.01 8.47
N ASP A 14 0.71 0.22 9.74
CA ASP A 14 -0.68 0.28 10.19
C ASP A 14 -1.38 1.50 9.60
N LEU A 15 -0.75 2.67 9.72
CA LEU A 15 -1.32 3.91 9.20
C LEU A 15 -1.50 3.82 7.68
N ASP A 16 -0.53 3.21 7.01
CA ASP A 16 -0.58 3.05 5.56
C ASP A 16 -1.77 2.16 5.15
N ASP A 17 -1.98 1.09 5.90
CA ASP A 17 -3.08 0.16 5.63
C ASP A 17 -4.44 0.86 5.78
N MET A 18 -4.54 1.73 6.78
CA MET A 18 -5.79 2.47 7.04
C MET A 18 -6.02 3.51 5.95
N THR A 19 -4.99 4.31 5.66
CA THR A 19 -5.08 5.36 4.63
C THR A 19 -5.44 4.76 3.26
N PHE A 20 -5.03 3.50 3.03
CA PHE A 20 -5.31 2.83 1.76
C PHE A 20 -6.81 2.81 1.47
N GLY A 21 -7.61 2.55 2.52
CA GLY A 21 -9.06 2.52 2.36
C GLY A 21 -9.64 3.88 2.00
N GLU A 22 -8.96 4.96 2.39
CA GLU A 22 -9.41 6.31 2.09
C GLU A 22 -8.96 6.76 0.70
N ARG A 23 -7.86 6.18 0.21
CA ARG A 23 -7.33 6.51 -1.11
C ARG A 23 -8.29 6.11 -2.23
N ILE A 24 -9.14 5.11 -1.97
CA ILE A 24 -10.11 4.64 -2.97
C ILE A 24 -11.08 5.76 -3.40
N ILE A 25 -11.24 6.77 -2.55
CA ILE A 25 -12.14 7.90 -2.85
C ILE A 25 -11.80 8.53 -4.19
N TYR A 26 -10.50 8.55 -4.53
CA TYR A 26 -10.05 9.13 -5.80
C TYR A 26 -10.72 8.44 -6.98
N HIS A 27 -10.77 7.10 -6.94
CA HIS A 27 -11.40 6.32 -8.01
C HIS A 27 -12.90 6.55 -8.04
N CYS A 28 -13.50 6.72 -6.86
CA CYS A 28 -14.94 6.97 -6.73
C CYS A 28 -15.31 8.36 -7.24
N LYS A 29 -14.39 9.32 -7.11
CA LYS A 29 -14.61 10.69 -7.55
C LYS A 29 -14.84 10.77 -9.07
N LYS A 30 -14.33 9.77 -9.81
CA LYS A 30 -14.48 9.72 -11.26
C LYS A 30 -15.95 9.56 -11.65
N GLN A 31 -16.64 8.65 -10.96
CA GLN A 31 -18.06 8.40 -11.22
C GLN A 31 -18.82 8.20 -9.89
N PRO A 32 -18.96 9.29 -9.11
CA PRO A 32 -19.66 9.25 -7.82
C PRO A 32 -21.17 9.45 -7.95
N LEU A 33 -21.87 9.34 -6.82
CA LEU A 33 -23.32 9.50 -6.79
C LEU A 33 -23.77 10.27 -5.53
N VAL A 34 -25.04 10.66 -5.51
CA VAL A 34 -25.59 11.40 -4.38
C VAL A 34 -26.14 10.46 -3.29
N PRO A 35 -27.10 9.57 -3.62
CA PRO A 35 -27.69 8.64 -2.65
C PRO A 35 -26.72 7.54 -2.22
N ILE A 36 -26.16 6.81 -3.20
CA ILE A 36 -25.23 5.72 -2.91
C ILE A 36 -23.82 6.25 -2.61
N GLY A 37 -23.43 7.34 -3.28
CA GLY A 37 -22.11 7.91 -3.05
C GLY A 37 -21.92 8.39 -1.63
N CYS A 38 -22.87 9.18 -1.13
CA CYS A 38 -22.81 9.70 0.23
C CYS A 38 -22.89 8.57 1.25
N LEU A 39 -23.77 7.60 1.00
CA LEU A 39 -23.94 6.45 1.89
C LEU A 39 -22.66 5.62 1.96
N LEU A 40 -21.97 5.50 0.82
CA LEU A 40 -20.73 4.73 0.74
C LEU A 40 -19.63 5.39 1.60
N THR A 41 -19.59 6.73 1.56
CA THR A 41 -18.60 7.48 2.34
C THR A 41 -18.76 7.23 3.84
N THR A 42 -20.01 7.35 4.32
CA THR A 42 -20.31 7.13 5.73
C THR A 42 -20.09 5.67 6.13
N GLY A 43 -20.45 4.75 5.22
CA GLY A 43 -20.27 3.33 5.49
C GLY A 43 -18.82 2.90 5.49
N ALA A 44 -17.96 3.67 4.85
CA ALA A 44 -16.53 3.37 4.78
C ALA A 44 -15.78 3.91 6.00
N VAL A 45 -16.07 5.17 6.36
CA VAL A 45 -15.43 5.81 7.50
C VAL A 45 -15.80 5.13 8.82
N ILE A 46 -17.05 4.65 8.92
CA ILE A 46 -17.51 3.98 10.13
C ILE A 46 -16.73 2.68 10.40
N LEU A 47 -16.31 2.01 9.32
CA LEU A 47 -15.55 0.76 9.43
C LEU A 47 -14.20 1.02 10.09
N ALA A 48 -13.48 2.03 9.60
CA ALA A 48 -12.17 2.38 10.14
C ALA A 48 -12.28 2.86 11.59
N ALA A 49 -13.31 3.66 11.86
CA ALA A 49 -13.55 4.19 13.20
C ALA A 49 -13.83 3.06 14.19
N GLN A 50 -14.55 2.04 13.73
CA GLN A 50 -14.89 0.89 14.58
C GLN A 50 -13.63 0.18 15.05
N ASN A 51 -12.66 -0.01 14.15
CA ASN A 51 -11.41 -0.67 14.49
C ASN A 51 -10.69 0.06 15.63
N VAL A 52 -10.64 1.39 15.54
CA VAL A 52 -9.99 2.21 16.56
C VAL A 52 -10.77 2.17 17.87
N ARG A 53 -12.10 2.23 17.77
CA ARG A 53 -12.97 2.20 18.95
C ARG A 53 -12.81 0.89 19.72
N LEU A 54 -12.63 -0.22 18.99
CA LEU A 54 -12.47 -1.53 19.61
C LEU A 54 -11.28 -1.55 20.58
N GLY A 55 -10.15 -1.00 20.13
CA GLY A 55 -8.96 -0.96 20.97
C GLY A 55 -9.05 0.08 22.07
N ASN A 56 -9.68 1.23 21.76
CA ASN A 56 -9.83 2.30 22.72
C ASN A 56 -10.80 1.93 23.86
N LYS A 57 -11.71 1.00 23.58
CA LYS A 57 -12.70 0.55 24.57
C LYS A 57 -12.02 0.15 25.88
N TRP A 58 -11.02 -0.73 25.79
CA TRP A 58 -10.29 -1.18 26.96
C TRP A 58 -8.99 -0.41 27.12
N LYS A 59 -9.07 0.74 27.79
CA LYS A 59 -7.89 1.59 28.01
C LYS A 59 -8.11 2.50 29.22
N ALA A 60 -7.09 2.60 30.07
CA ALA A 60 -7.16 3.43 31.27
C ALA A 60 -5.97 4.39 31.36
N GLN A 61 -6.26 5.67 31.64
CA GLN A 61 -5.23 6.70 31.75
C GLN A 61 -4.47 6.87 30.44
N TYR A 62 -4.97 7.74 29.57
CA TYR A 62 -4.35 8.01 28.29
C TYR A 62 -4.55 9.46 27.86
N TYR A 63 -3.52 10.05 27.24
CA TYR A 63 -3.59 11.44 26.79
C TYR A 63 -3.01 11.61 25.39
N PHE A 64 -1.83 11.03 25.15
CA PHE A 64 -1.16 11.12 23.86
C PHE A 64 -2.07 10.61 22.73
N ARG A 65 -2.63 9.41 22.92
CA ARG A 65 -3.52 8.80 21.92
C ARG A 65 -4.72 9.69 21.65
N TRP A 66 -5.25 10.32 22.71
CA TRP A 66 -6.40 11.21 22.57
C TRP A 66 -6.03 12.49 21.82
N ARG A 67 -4.83 13.01 22.07
CA ARG A 67 -4.36 14.23 21.42
C ARG A 67 -4.16 13.99 19.92
N VAL A 68 -3.36 12.98 19.57
CA VAL A 68 -3.10 12.65 18.17
C VAL A 68 -4.39 12.23 17.45
N GLY A 69 -5.27 11.52 18.17
CA GLY A 69 -6.52 11.09 17.58
C GLY A 69 -7.44 12.25 17.23
N LEU A 70 -7.49 13.25 18.11
CA LEU A 70 -8.33 14.44 17.89
C LEU A 70 -7.81 15.24 16.70
N GLN A 71 -6.49 15.36 16.58
CA GLN A 71 -5.87 16.10 15.48
C GLN A 71 -6.20 15.45 14.14
N ALA A 72 -6.20 14.11 14.10
CA ALA A 72 -6.50 13.37 12.88
C ALA A 72 -8.00 13.43 12.57
N ALA A 73 -8.84 13.36 13.61
CA ALA A 73 -10.29 13.41 13.45
C ALA A 73 -10.74 14.74 12.84
N THR A 74 -10.17 15.83 13.33
CA THR A 74 -10.50 17.17 12.84
C THR A 74 -9.96 17.39 11.43
N LEU A 75 -8.80 16.78 11.13
CA LEU A 75 -8.17 16.90 9.82
C LEU A 75 -9.07 16.33 8.72
N VAL A 76 -9.60 15.12 8.95
CA VAL A 76 -10.48 14.46 7.99
C VAL A 76 -11.84 15.16 7.90
N ALA A 77 -12.21 15.89 8.96
CA ALA A 77 -13.49 16.61 8.99
C ALA A 77 -13.40 17.93 8.23
N LEU A 78 -12.33 18.69 8.48
CA LEU A 78 -12.13 19.98 7.82
C LEU A 78 -11.82 19.81 6.33
N VAL A 79 -11.06 18.76 5.99
CA VAL A 79 -10.70 18.50 4.60
C VAL A 79 -11.94 18.17 3.75
N ALA A 80 -12.92 17.51 4.39
CA ALA A 80 -14.16 17.15 3.70
C ALA A 80 -14.95 18.40 3.32
N GLY A 81 -15.05 19.35 4.26
CA GLY A 81 -15.76 20.59 4.02
C GLY A 81 -15.07 21.46 2.99
N SER A 82 -13.73 21.43 3.00
CA SER A 82 -12.94 22.22 2.05
C SER A 82 -13.06 21.67 0.63
N PHE A 83 -13.40 20.38 0.50
CA PHE A 83 -13.55 19.74 -0.80
C PHE A 83 -14.64 20.42 -1.63
N ILE A 84 -15.75 20.79 -0.99
CA ILE A 84 -16.86 21.45 -1.67
C ILE A 84 -16.43 22.80 -2.26
N TYR A 85 -15.48 23.47 -1.61
CA TYR A 85 -14.98 24.76 -2.06
C TYR A 85 -14.16 24.61 -3.34
N GLY A 86 -13.40 23.51 -3.44
CA GLY A 86 -12.58 23.25 -4.62
C GLY A 86 -11.09 23.37 -4.32
N THR A 87 -10.74 24.06 -3.24
CA THR A 87 -9.33 24.23 -2.85
C THR A 87 -8.92 23.18 -1.81
N SER A 88 -9.06 21.91 -2.18
CA SER A 88 -8.70 20.81 -1.29
C SER A 88 -7.48 20.04 -1.81
N GLY A 89 -7.38 19.89 -3.13
CA GLY A 89 -6.26 19.19 -3.74
C GLY A 89 -4.91 19.70 -3.28
N LYS A 90 -4.74 21.03 -3.30
CA LYS A 90 -3.48 21.65 -2.88
C LYS A 90 -3.15 21.29 -1.42
N GLU A 91 -4.17 21.37 -0.55
CA GLU A 91 -3.99 21.06 0.86
C GLU A 91 -3.69 19.58 1.06
N LEU A 92 -4.34 18.72 0.26
CA LEU A 92 -4.14 17.27 0.33
C LEU A 92 -2.68 16.91 0.09
N LYS A 93 -2.05 17.58 -0.89
CA LYS A 93 -0.65 17.33 -1.21
C LYS A 93 0.26 17.62 -0.01
N ALA A 94 0.01 18.76 0.65
CA ALA A 94 0.79 19.16 1.82
C ALA A 94 0.55 18.20 2.98
N LYS A 95 -0.71 17.76 3.15
CA LYS A 95 -1.06 16.84 4.22
C LYS A 95 -0.32 15.51 4.08
N GLU A 96 -0.26 15.01 2.84
CA GLU A 96 0.44 13.74 2.56
C GLU A 96 1.93 13.87 2.83
N GLU A 97 2.52 15.01 2.43
CA GLU A 97 3.94 15.26 2.62
C GLU A 97 4.30 15.28 4.11
N GLN A 98 3.47 15.97 4.90
CA GLN A 98 3.69 16.07 6.34
C GLN A 98 3.49 14.72 7.02
N LEU A 99 2.47 13.97 6.58
CA LEU A 99 2.18 12.65 7.14
C LEU A 99 3.34 11.68 6.90
N LYS A 100 3.84 11.66 5.66
CA LYS A 100 4.95 10.77 5.30
C LYS A 100 6.20 11.10 6.14
N GLU A 101 6.48 12.39 6.31
CA GLU A 101 7.63 12.83 7.09
C GLU A 101 7.47 12.47 8.57
N LYS A 102 6.26 12.71 9.11
CA LYS A 102 5.97 12.40 10.50
C LYS A 102 6.14 10.91 10.79
N ALA A 103 5.65 10.07 9.88
CA ALA A 103 5.76 8.62 10.04
C ALA A 103 7.21 8.16 10.04
N LYS A 104 8.01 8.72 9.13
CA LYS A 104 9.43 8.37 9.02
C LYS A 104 10.20 8.84 10.26
N MET A 105 9.94 10.08 10.68
CA MET A 105 10.62 10.65 11.85
C MET A 105 10.27 9.87 13.12
N ARG A 106 8.99 9.56 13.30
CA ARG A 106 8.52 8.81 14.48
C ARG A 106 9.07 7.39 14.48
N GLU A 107 9.18 6.80 13.29
CA GLU A 107 9.70 5.43 13.14
C GLU A 107 11.22 5.41 13.33
N LYS A 108 11.65 4.84 14.46
CA LYS A 108 13.08 4.75 14.77
C LYS A 108 13.40 3.40 15.41
N LEU A 109 14.52 2.80 15.00
CA LEU A 109 14.95 1.50 15.53
C LEU A 109 16.03 1.65 16.60
N TRP A 110 16.25 2.89 17.08
CA TRP A 110 17.27 3.14 18.11
C TRP A 110 16.70 2.92 19.51
N ILE A 111 15.61 3.64 19.82
CA ILE A 111 14.98 3.53 21.14
C ILE A 111 14.30 2.17 21.31
N GLN A 112 14.56 1.53 22.45
CA GLN A 112 13.98 0.21 22.75
C GLN A 112 14.42 -0.27 24.14
N GLU A 113 13.51 -0.16 25.10
CA GLU A 113 13.80 -0.58 26.48
C GLU A 113 12.95 -1.78 26.90
N LEU A 114 11.81 -1.99 26.23
CA LEU A 114 10.91 -3.11 26.52
C LEU A 114 10.33 -2.99 27.94
N GLU A 115 11.03 -3.55 28.93
CA GLU A 115 10.59 -3.49 30.33
C GLU A 115 9.17 -4.04 30.49
N ARG A 116 8.56 -3.77 31.65
CA ARG A 116 7.20 -4.23 31.95
C ARG A 116 7.12 -5.75 32.02
N ARG A 117 7.20 -6.29 33.23
CA ARG A 117 7.13 -7.73 33.45
C ARG A 117 5.68 -8.21 33.44
N GLU A 118 4.79 -7.44 34.07
CA GLU A 118 3.38 -7.79 34.13
C GLU A 118 2.72 -7.62 32.76
N GLU A 119 3.16 -6.60 32.01
CA GLU A 119 2.62 -6.34 30.68
C GLU A 119 2.85 -7.53 29.73
N GLU A 120 3.92 -8.29 29.99
CA GLU A 120 4.24 -9.46 29.17
C GLU A 120 3.09 -10.46 29.13
N THR A 121 2.48 -10.70 30.30
CA THR A 121 1.36 -11.64 30.40
C THR A 121 0.13 -11.09 29.66
N GLU A 122 -0.01 -9.76 29.64
CA GLU A 122 -1.13 -9.12 28.94
C GLU A 122 -0.99 -9.25 27.42
N ALA A 123 0.25 -9.08 26.93
CA ALA A 123 0.53 -9.20 25.50
C ALA A 123 0.27 -10.62 25.01
N ARG A 124 0.86 -11.61 25.68
CA ARG A 124 0.69 -13.01 25.30
C ARG A 124 -0.78 -13.43 25.43
N ARG A 125 -1.50 -12.83 26.39
CA ARG A 125 -2.91 -13.13 26.60
C ARG A 125 -3.72 -12.86 25.33
N LYS A 126 -3.47 -11.69 24.72
CA LYS A 126 -4.16 -11.30 23.49
C LYS A 126 -3.72 -12.20 22.32
N ARG A 127 -2.44 -12.58 22.31
CA ARG A 127 -1.90 -13.43 21.27
C ARG A 127 -2.65 -14.76 21.20
N ALA A 128 -2.75 -15.44 22.34
CA ALA A 128 -3.46 -16.72 22.43
C ALA A 128 -4.97 -16.53 22.23
N GLU A 129 -5.49 -15.39 22.68
CA GLU A 129 -6.91 -15.08 22.55
C GLU A 129 -7.35 -15.09 21.09
N LEU A 130 -6.79 -14.16 20.30
CA LEU A 130 -7.14 -14.06 18.88
C LEU A 130 -6.19 -13.11 18.14
N ALA A 131 -5.91 -13.42 16.88
CA ALA A 131 -5.02 -12.60 16.06
C ALA A 131 -5.44 -12.64 14.59
N ARG A 132 -6.08 -11.55 14.14
CA ARG A 132 -6.55 -11.46 12.75
C ARG A 132 -6.24 -10.10 12.15
N MET A 133 -6.44 -9.97 10.84
CA MET A 133 -6.19 -8.72 10.13
C MET A 133 -7.48 -8.20 9.48
N LYS A 134 -8.29 -7.49 10.28
CA LYS A 134 -9.55 -6.93 9.80
C LYS A 134 -9.31 -5.74 8.87
N THR A 135 -8.38 -4.86 9.26
CA THR A 135 -8.06 -3.68 8.47
C THR A 135 -7.48 -4.07 7.09
N LEU A 136 -6.60 -5.07 7.09
CA LEU A 136 -5.99 -5.54 5.85
C LEU A 136 -7.04 -6.12 4.91
N GLU A 137 -7.93 -6.95 5.46
CA GLU A 137 -9.00 -7.56 4.66
C GLU A 137 -10.01 -6.52 4.19
N ASN A 138 -10.22 -5.47 4.99
CA ASN A 138 -11.16 -4.40 4.67
C ASN A 138 -10.79 -3.73 3.33
N GLU A 139 -9.49 -3.64 3.06
CA GLU A 139 -9.00 -3.04 1.81
C GLU A 139 -9.57 -3.77 0.59
N GLU A 140 -9.65 -5.10 0.69
CA GLU A 140 -10.18 -5.93 -0.40
C GLU A 140 -11.71 -5.82 -0.47
N GLU A 141 -12.35 -5.69 0.71
CA GLU A 141 -13.81 -5.57 0.78
C GLU A 141 -14.30 -4.35 0.01
N ILE A 142 -13.69 -3.20 0.26
CA ILE A 142 -14.07 -1.95 -0.41
C ILE A 142 -13.69 -1.98 -1.89
N LYS A 143 -12.67 -2.77 -2.24
CA LYS A 143 -12.22 -2.87 -3.63
C LYS A 143 -13.35 -3.37 -4.54
N ASN A 144 -14.18 -4.28 -4.03
CA ASN A 144 -15.29 -4.82 -4.79
C ASN A 144 -16.27 -3.71 -5.22
N LEU A 145 -16.47 -2.73 -4.34
CA LEU A 145 -17.37 -1.61 -4.63
C LEU A 145 -16.91 -0.85 -5.88
N GLU A 146 -15.61 -0.57 -5.95
CA GLU A 146 -15.04 0.13 -7.10
C GLU A 146 -15.15 -0.72 -8.37
N LYS A 147 -14.94 -2.03 -8.22
CA LYS A 147 -15.03 -2.96 -9.35
C LYS A 147 -16.43 -2.95 -9.97
N GLU A 148 -17.45 -3.03 -9.11
CA GLU A 148 -18.84 -3.04 -9.58
C GLU A 148 -19.23 -1.66 -10.13
N LEU A 149 -18.59 -0.60 -9.61
CA LEU A 149 -18.88 0.76 -10.05
C LEU A 149 -18.79 0.88 -11.58
N SER A 150 -17.69 0.39 -12.15
CA SER A 150 -17.48 0.42 -13.60
C SER A 150 -18.48 -0.48 -14.31
N ASP A 151 -18.71 -1.67 -13.75
CA ASP A 151 -19.64 -2.64 -14.32
C ASP A 151 -21.05 -2.06 -14.44
N LEU A 152 -21.46 -1.29 -13.43
CA LEU A 152 -22.78 -0.66 -13.41
C LEU A 152 -22.95 0.29 -14.60
N GLU A 153 -21.89 1.06 -14.90
CA GLU A 153 -21.92 2.01 -16.01
C GLU A 153 -22.16 1.30 -17.34
N ASN A 154 -21.52 0.13 -17.52
CA ASN A 154 -21.69 -0.65 -18.73
C ASN A 154 -23.09 -1.23 -18.84
N LYS A 155 -23.65 -1.65 -17.70
CA LYS A 155 -24.99 -2.22 -17.66
C LYS A 155 -26.05 -1.18 -18.04
N LEU A 156 -25.84 0.06 -17.61
CA LEU A 156 -26.77 1.15 -17.91
C LEU A 156 -26.89 1.36 -19.42
N GLY A 157 -25.76 1.27 -20.12
CA GLY A 157 -25.76 1.45 -21.57
C GLY A 157 -26.03 2.89 -21.98
N LYS A 158 -25.33 3.83 -21.34
CA LYS A 158 -25.49 5.25 -21.65
C LYS A 158 -24.26 5.79 -22.38
N LYS A 159 -23.07 5.51 -21.84
CA LYS A 159 -21.82 5.97 -22.45
C LYS A 159 -21.46 5.12 -23.67
N MET B 1 18.65 -31.03 6.30
CA MET B 1 18.89 -30.20 7.51
C MET B 1 17.98 -28.96 7.53
N SER B 2 17.97 -28.26 8.66
CA SER B 2 17.15 -27.06 8.81
C SER B 2 17.91 -25.83 8.30
N ARG B 3 18.03 -25.74 6.97
CA ARG B 3 18.72 -24.62 6.33
C ARG B 3 17.73 -23.53 5.87
N MET B 4 16.56 -23.47 6.53
CA MET B 4 15.52 -22.49 6.19
C MET B 4 16.09 -21.06 6.14
N PRO B 5 15.51 -20.20 5.29
CA PRO B 5 15.94 -18.81 5.14
C PRO B 5 15.88 -18.02 6.45
N SER B 6 16.77 -17.05 6.60
CA SER B 6 16.83 -16.21 7.80
C SER B 6 15.61 -15.28 7.91
N SER B 7 15.03 -14.94 6.74
CA SER B 7 13.85 -14.06 6.69
C SER B 7 14.25 -12.60 6.88
N PHE B 8 13.46 -11.70 6.27
CA PHE B 8 13.72 -10.26 6.36
C PHE B 8 12.60 -9.55 7.10
N ASP B 9 12.98 -8.57 7.93
CA ASP B 9 12.00 -7.79 8.70
C ASP B 9 11.14 -6.91 7.79
N VAL B 10 11.73 -6.48 6.66
CA VAL B 10 11.03 -5.61 5.71
C VAL B 10 9.56 -6.00 5.53
N THR B 11 8.70 -4.99 5.41
CA THR B 11 7.27 -5.21 5.24
C THR B 11 6.99 -6.06 4.01
N GLU B 12 5.96 -6.90 4.10
CA GLU B 12 5.57 -7.79 3.00
C GLU B 12 4.67 -7.05 2.01
N ARG B 13 5.25 -6.09 1.28
CA ARG B 13 4.51 -5.30 0.30
C ARG B 13 5.41 -4.87 -0.86
N ASP B 14 6.41 -5.70 -1.19
CA ASP B 14 7.34 -5.40 -2.28
C ASP B 14 6.62 -5.49 -3.63
N LEU B 15 5.96 -6.61 -3.88
CA LEU B 15 5.22 -6.81 -5.13
C LEU B 15 4.09 -5.78 -5.24
N ASP B 16 3.49 -5.42 -4.09
CA ASP B 16 2.42 -4.43 -4.07
C ASP B 16 2.92 -3.07 -4.55
N ASP B 17 4.13 -2.70 -4.12
CA ASP B 17 4.74 -1.43 -4.53
C ASP B 17 5.02 -1.41 -6.03
N MET B 18 5.40 -2.57 -6.58
CA MET B 18 5.68 -2.68 -8.01
C MET B 18 4.38 -2.60 -8.82
N THR B 19 3.35 -3.31 -8.34
CA THR B 19 2.05 -3.30 -9.01
C THR B 19 1.34 -1.95 -8.87
N PHE B 20 1.68 -1.22 -7.80
CA PHE B 20 1.09 0.10 -7.54
C PHE B 20 1.40 1.07 -8.69
N GLY B 21 2.60 0.92 -9.27
CA GLY B 21 2.99 1.79 -10.38
C GLY B 21 2.12 1.61 -11.61
N GLU B 22 1.41 0.47 -11.70
CA GLU B 22 0.53 0.19 -12.83
C GLU B 22 -0.88 0.72 -12.57
N ARG B 23 -1.35 0.53 -11.33
CA ARG B 23 -2.69 0.99 -10.94
C ARG B 23 -2.82 2.51 -11.07
N ILE B 24 -1.76 3.23 -10.68
CA ILE B 24 -1.75 4.70 -10.75
C ILE B 24 -1.92 5.19 -12.20
N ILE B 25 -1.49 4.38 -13.16
CA ILE B 25 -1.60 4.73 -14.58
C ILE B 25 -3.06 5.00 -14.96
N TYR B 26 -3.97 4.24 -14.36
CA TYR B 26 -5.41 4.40 -14.61
C TYR B 26 -5.85 5.84 -14.38
N HIS B 27 -5.40 6.42 -13.27
CA HIS B 27 -5.74 7.81 -12.93
C HIS B 27 -4.93 8.79 -13.77
N CYS B 28 -3.63 8.50 -13.95
CA CYS B 28 -2.73 9.35 -14.73
C CYS B 28 -3.21 9.50 -16.19
N LYS B 29 -4.08 8.58 -16.65
CA LYS B 29 -4.60 8.61 -18.01
C LYS B 29 -5.32 9.94 -18.33
N LYS B 30 -5.68 10.71 -17.28
CA LYS B 30 -6.36 11.97 -17.44
C LYS B 30 -5.63 12.90 -18.40
N GLN B 31 -4.38 13.24 -18.09
CA GLN B 31 -3.58 14.12 -18.92
C GLN B 31 -2.31 13.42 -19.42
N PRO B 32 -2.43 12.62 -20.51
CA PRO B 32 -1.31 11.89 -21.09
C PRO B 32 -0.49 12.74 -22.05
N LEU B 33 0.76 12.33 -22.28
CA LEU B 33 1.65 13.06 -23.19
C LEU B 33 2.50 12.10 -24.02
N VAL B 34 3.07 12.61 -25.11
CA VAL B 34 3.89 11.81 -26.00
C VAL B 34 5.38 11.94 -25.67
N PRO B 35 5.91 13.18 -25.58
CA PRO B 35 7.33 13.42 -25.27
C PRO B 35 7.70 12.94 -23.86
N ILE B 36 7.04 13.51 -22.84
CA ILE B 36 7.30 13.14 -21.46
C ILE B 36 6.64 11.81 -21.09
N GLY B 37 5.50 11.53 -21.71
CA GLY B 37 4.79 10.29 -21.43
C GLY B 37 5.59 9.06 -21.81
N CYS B 38 6.10 9.05 -23.04
CA CYS B 38 6.91 7.92 -23.54
C CYS B 38 8.12 7.69 -22.63
N LEU B 39 8.84 8.77 -22.30
CA LEU B 39 10.02 8.68 -21.43
C LEU B 39 9.66 8.12 -20.06
N LEU B 40 8.51 8.55 -19.52
CA LEU B 40 8.03 8.09 -18.22
C LEU B 40 7.73 6.59 -18.24
N THR B 41 7.18 6.12 -19.36
CA THR B 41 6.84 4.70 -19.51
C THR B 41 8.11 3.85 -19.66
N THR B 42 9.08 4.37 -20.42
CA THR B 42 10.34 3.67 -20.65
C THR B 42 11.17 3.60 -19.36
N GLY B 43 11.14 4.69 -18.58
CA GLY B 43 11.91 4.73 -17.34
C GLY B 43 11.16 4.13 -16.15
N ALA B 44 9.87 3.84 -16.32
CA ALA B 44 9.06 3.25 -15.24
C ALA B 44 9.46 1.81 -14.97
N VAL B 45 9.63 1.02 -16.04
CA VAL B 45 10.00 -0.39 -15.92
C VAL B 45 11.51 -0.56 -15.69
N ILE B 46 12.30 0.49 -15.96
CA ILE B 46 13.75 0.43 -15.78
C ILE B 46 14.12 0.07 -14.33
N LEU B 47 13.38 0.63 -13.38
CA LEU B 47 13.63 0.36 -11.96
C LEU B 47 13.06 -1.01 -11.53
N ALA B 48 12.04 -1.49 -12.26
CA ALA B 48 11.42 -2.78 -11.95
C ALA B 48 12.29 -3.94 -12.47
N ALA B 49 12.85 -3.78 -13.67
CA ALA B 49 13.72 -4.81 -14.26
C ALA B 49 15.02 -4.97 -13.48
N GLN B 50 15.43 -3.90 -12.77
CA GLN B 50 16.67 -3.93 -11.98
C GLN B 50 16.45 -4.76 -10.71
N ASN B 51 15.27 -4.62 -10.10
CA ASN B 51 14.93 -5.37 -8.89
C ASN B 51 14.81 -6.86 -9.19
N VAL B 52 14.38 -7.20 -10.40
CA VAL B 52 14.25 -8.61 -10.80
C VAL B 52 15.64 -9.22 -11.06
N ARG B 53 16.58 -8.38 -11.50
CA ARG B 53 17.96 -8.85 -11.75
C ARG B 53 18.73 -9.05 -10.43
N LEU B 54 18.30 -8.35 -9.38
CA LEU B 54 18.95 -8.47 -8.06
C LEU B 54 18.75 -9.87 -7.50
N GLY B 55 17.53 -10.38 -7.58
CA GLY B 55 17.23 -11.71 -7.09
C GLY B 55 17.70 -12.81 -8.04
N ASN B 56 17.87 -12.47 -9.32
CA ASN B 56 18.33 -13.43 -10.32
C ASN B 56 19.87 -13.50 -10.35
N LYS B 57 20.52 -12.50 -9.76
CA LYS B 57 21.99 -12.44 -9.71
C LYS B 57 22.59 -13.75 -9.20
N TRP B 58 21.85 -14.49 -8.37
CA TRP B 58 22.32 -15.77 -7.84
C TRP B 58 21.58 -16.92 -8.53
N LYS B 59 21.33 -18.01 -7.80
CA LYS B 59 20.66 -19.18 -8.32
C LYS B 59 21.51 -19.88 -9.35
N ALA B 60 21.16 -21.12 -9.56
CA ALA B 60 21.86 -21.98 -10.52
C ALA B 60 20.89 -22.88 -11.31
N GLN B 61 19.78 -23.28 -10.70
CA GLN B 61 18.81 -24.13 -11.35
C GLN B 61 17.45 -24.02 -10.66
N TYR B 62 16.57 -23.20 -11.23
CA TYR B 62 15.25 -22.98 -10.66
C TYR B 62 14.19 -22.84 -11.75
N TYR B 63 13.41 -23.90 -11.95
CA TYR B 63 12.35 -23.89 -12.97
C TYR B 63 11.21 -22.95 -12.57
N PHE B 64 10.90 -22.90 -11.27
CA PHE B 64 9.83 -22.03 -10.77
C PHE B 64 10.15 -20.56 -11.05
N ARG B 65 11.41 -20.16 -10.80
CA ARG B 65 11.84 -18.79 -11.04
C ARG B 65 11.80 -18.46 -12.54
N TRP B 66 12.13 -19.45 -13.37
CA TRP B 66 12.12 -19.27 -14.83
C TRP B 66 10.68 -19.23 -15.36
N ARG B 67 9.78 -20.00 -14.73
CA ARG B 67 8.37 -20.04 -15.14
C ARG B 67 7.70 -18.70 -14.86
N VAL B 68 7.84 -18.20 -13.63
CA VAL B 68 7.25 -16.92 -13.24
C VAL B 68 7.92 -15.76 -13.97
N GLY B 69 9.23 -15.88 -14.20
CA GLY B 69 9.98 -14.85 -14.90
C GLY B 69 9.54 -14.70 -16.35
N LEU B 70 9.21 -15.84 -16.99
CA LEU B 70 8.77 -15.82 -18.39
C LEU B 70 7.29 -15.43 -18.50
N GLN B 71 6.45 -16.03 -17.64
CA GLN B 71 5.02 -15.75 -17.64
C GLN B 71 4.74 -14.26 -17.44
N ALA B 72 5.40 -13.66 -16.44
CA ALA B 72 5.23 -12.23 -16.15
C ALA B 72 5.86 -11.37 -17.25
N ALA B 73 6.93 -11.89 -17.87
CA ALA B 73 7.61 -11.17 -18.95
C ALA B 73 6.68 -10.99 -20.15
N THR B 74 5.91 -12.03 -20.46
CA THR B 74 4.96 -11.98 -21.59
C THR B 74 3.68 -11.22 -21.21
N LEU B 75 3.39 -11.10 -19.90
CA LEU B 75 2.20 -10.40 -19.45
C LEU B 75 2.36 -8.89 -19.64
N VAL B 76 3.55 -8.39 -19.36
CA VAL B 76 3.85 -6.96 -19.51
C VAL B 76 3.97 -6.57 -20.99
N ALA B 77 4.24 -7.57 -21.85
CA ALA B 77 4.36 -7.32 -23.30
C ALA B 77 2.98 -7.28 -23.96
N LEU B 78 2.11 -8.24 -23.60
CA LEU B 78 0.76 -8.30 -24.18
C LEU B 78 -0.13 -7.17 -23.63
N VAL B 79 0.17 -6.71 -22.41
CA VAL B 79 -0.60 -5.62 -21.80
C VAL B 79 -0.26 -4.27 -22.43
N ALA B 80 0.96 -4.17 -22.99
CA ALA B 80 1.38 -2.92 -23.65
C ALA B 80 0.59 -2.70 -24.94
N GLY B 81 0.39 -3.78 -25.70
CA GLY B 81 -0.37 -3.67 -26.96
C GLY B 81 -1.88 -3.69 -26.73
N SER B 82 -2.33 -4.23 -25.57
CA SER B 82 -3.76 -4.28 -25.25
C SER B 82 -4.26 -2.95 -24.69
N PHE B 83 -3.36 -2.17 -24.07
CA PHE B 83 -3.72 -0.89 -23.49
C PHE B 83 -4.29 0.07 -24.53
N ILE B 84 -3.63 0.15 -25.70
CA ILE B 84 -4.08 1.03 -26.78
C ILE B 84 -5.49 0.66 -27.25
N TYR B 85 -5.79 -0.64 -27.30
CA TYR B 85 -7.10 -1.11 -27.73
C TYR B 85 -8.22 -0.45 -26.92
N GLY B 86 -8.14 -0.56 -25.60
CA GLY B 86 -9.17 0.03 -24.74
C GLY B 86 -10.47 -0.74 -24.78
N THR B 87 -10.37 -2.08 -24.88
CA THR B 87 -11.55 -2.93 -24.93
C THR B 87 -11.40 -4.16 -24.02
N SER B 88 -10.70 -3.97 -22.89
CA SER B 88 -10.47 -5.05 -21.95
C SER B 88 -10.66 -4.57 -20.50
N GLY B 89 -11.86 -4.05 -20.21
CA GLY B 89 -12.15 -3.56 -18.85
C GLY B 89 -12.29 -4.70 -17.85
N LYS B 90 -12.83 -5.84 -18.32
CA LYS B 90 -13.00 -7.01 -17.45
C LYS B 90 -11.67 -7.73 -17.23
N GLU B 91 -10.90 -7.87 -18.32
CA GLU B 91 -9.59 -8.55 -18.25
C GLU B 91 -8.65 -7.84 -17.28
N LEU B 92 -8.69 -6.51 -17.28
CA LEU B 92 -7.84 -5.71 -16.39
C LEU B 92 -8.10 -6.05 -14.93
N LYS B 93 -9.38 -6.07 -14.54
CA LYS B 93 -9.77 -6.38 -13.17
C LYS B 93 -9.57 -7.88 -12.86
N ALA B 94 -9.81 -8.73 -13.86
CA ALA B 94 -9.65 -10.17 -13.69
C ALA B 94 -8.19 -10.54 -13.44
N LYS B 95 -7.29 -9.94 -14.23
CA LYS B 95 -5.86 -10.18 -14.09
C LYS B 95 -5.34 -9.65 -12.75
N GLU B 96 -5.86 -8.49 -12.33
CA GLU B 96 -5.47 -7.87 -11.08
C GLU B 96 -5.90 -8.74 -9.89
N GLU B 97 -7.14 -9.23 -9.93
CA GLU B 97 -7.65 -10.08 -8.87
C GLU B 97 -6.89 -11.41 -8.80
N GLN B 98 -6.57 -11.96 -9.97
CA GLN B 98 -5.83 -13.22 -10.04
C GLN B 98 -4.43 -13.06 -9.42
N LEU B 99 -3.79 -11.93 -9.69
CA LEU B 99 -2.47 -11.64 -9.14
C LEU B 99 -2.51 -11.58 -7.62
N LYS B 100 -3.56 -10.96 -7.08
CA LYS B 100 -3.74 -10.85 -5.64
C LYS B 100 -3.95 -12.23 -5.01
N GLU B 101 -4.73 -13.07 -5.69
CA GLU B 101 -5.00 -14.43 -5.21
C GLU B 101 -3.70 -15.24 -5.16
N LYS B 102 -2.89 -15.14 -6.21
CA LYS B 102 -1.62 -15.86 -6.29
C LYS B 102 -0.68 -15.40 -5.17
N ALA B 103 -0.72 -14.10 -4.85
CA ALA B 103 0.13 -13.55 -3.78
C ALA B 103 -0.25 -14.16 -2.42
N LYS B 104 -1.56 -14.25 -2.17
CA LYS B 104 -2.06 -14.81 -0.92
C LYS B 104 -1.75 -16.30 -0.84
N MET B 105 -1.90 -17.01 -1.96
CA MET B 105 -1.63 -18.44 -2.03
C MET B 105 -0.17 -18.75 -1.67
N ARG B 106 0.76 -18.02 -2.30
CA ARG B 106 2.19 -18.22 -2.05
C ARG B 106 2.56 -17.75 -0.63
N GLU B 107 1.98 -16.62 -0.21
CA GLU B 107 2.25 -16.05 1.10
C GLU B 107 1.71 -16.97 2.21
N LYS B 108 2.59 -17.34 3.15
CA LYS B 108 2.21 -18.20 4.26
C LYS B 108 2.69 -17.62 5.58
N LEU B 109 1.76 -17.34 6.49
CA LEU B 109 2.09 -16.77 7.80
C LEU B 109 2.15 -17.86 8.88
N TRP B 110 1.30 -18.89 8.74
CA TRP B 110 1.27 -19.98 9.71
C TRP B 110 2.62 -20.69 9.81
N ILE B 111 3.33 -20.79 8.68
CA ILE B 111 4.64 -21.44 8.66
C ILE B 111 5.66 -20.69 9.53
N GLN B 112 5.88 -21.20 10.74
CA GLN B 112 6.81 -20.58 11.68
C GLN B 112 7.64 -21.67 12.39
N GLU B 113 8.02 -21.42 13.66
CA GLU B 113 8.80 -22.39 14.43
C GLU B 113 10.23 -22.48 13.89
N LEU B 114 11.02 -23.41 14.46
CA LEU B 114 12.41 -23.62 14.05
C LEU B 114 13.31 -22.50 14.57
N GLU B 115 14.37 -22.89 15.28
CA GLU B 115 15.32 -21.92 15.84
C GLU B 115 16.63 -21.92 15.06
N ARG B 116 16.61 -21.34 13.86
CA ARG B 116 17.80 -21.28 13.02
C ARG B 116 18.77 -20.21 13.54
N ARG B 117 19.77 -20.65 14.28
CA ARG B 117 20.77 -19.73 14.85
C ARG B 117 21.95 -19.55 13.88
N GLU B 118 22.37 -20.65 13.25
CA GLU B 118 23.48 -20.61 12.31
C GLU B 118 23.16 -19.71 11.12
N GLU B 119 21.95 -19.84 10.57
CA GLU B 119 21.52 -19.03 9.43
C GLU B 119 21.37 -17.58 9.83
N GLU B 120 20.84 -17.33 11.03
CA GLU B 120 20.65 -15.96 11.52
C GLU B 120 21.99 -15.26 11.70
N THR B 121 22.96 -15.99 12.27
CA THR B 121 24.31 -15.44 12.50
C THR B 121 25.06 -15.28 11.17
N GLU B 122 24.63 -16.01 10.14
CA GLU B 122 25.26 -15.94 8.82
C GLU B 122 24.66 -14.80 7.98
N ALA B 123 23.33 -14.71 7.94
CA ALA B 123 22.63 -13.68 7.17
C ALA B 123 22.62 -12.32 7.87
N ARG B 124 22.99 -12.28 9.15
CA ARG B 124 23.02 -11.02 9.90
C ARG B 124 24.01 -10.04 9.28
N ARG B 125 25.15 -10.55 8.80
CA ARG B 125 26.18 -9.72 8.18
C ARG B 125 25.64 -9.09 6.89
N LYS B 126 24.90 -9.87 6.11
CA LYS B 126 24.31 -9.39 4.86
C LYS B 126 23.29 -8.29 5.11
N ARG B 127 22.50 -8.45 6.18
CA ARG B 127 21.47 -7.47 6.53
C ARG B 127 22.11 -6.19 7.09
N ALA B 128 23.09 -6.36 7.96
CA ALA B 128 23.79 -5.22 8.58
C ALA B 128 24.52 -4.38 7.55
N GLU B 129 25.26 -5.04 6.65
CA GLU B 129 26.01 -4.35 5.61
C GLU B 129 25.08 -3.80 4.53
N LEU B 130 24.25 -4.69 3.96
CA LEU B 130 23.31 -4.30 2.91
C LEU B 130 21.90 -4.13 3.48
N ALA B 131 21.45 -2.87 3.56
CA ALA B 131 20.12 -2.56 4.08
C ALA B 131 19.10 -2.46 2.95
N ARG B 132 19.43 -1.67 1.92
CA ARG B 132 18.55 -1.48 0.75
C ARG B 132 17.28 -0.72 1.14
N MET B 133 17.21 0.55 0.76
CA MET B 133 16.05 1.39 1.05
C MET B 133 15.63 2.18 -0.20
N LYS B 134 15.76 1.55 -1.37
CA LYS B 134 15.40 2.18 -2.64
C LYS B 134 13.89 2.09 -2.89
N THR B 135 13.34 0.89 -2.72
CA THR B 135 11.90 0.65 -2.95
C THR B 135 11.03 1.59 -2.11
N LEU B 136 11.39 1.75 -0.84
CA LEU B 136 10.62 2.62 0.07
C LEU B 136 10.74 4.08 -0.35
N GLU B 137 11.97 4.53 -0.63
CA GLU B 137 12.23 5.91 -1.05
C GLU B 137 11.63 6.20 -2.43
N ASN B 138 11.51 5.16 -3.26
CA ASN B 138 10.96 5.30 -4.61
C ASN B 138 9.56 5.91 -4.57
N GLU B 139 8.75 5.51 -3.57
CA GLU B 139 7.41 6.05 -3.41
C GLU B 139 7.43 7.58 -3.40
N GLU B 140 8.37 8.14 -2.65
CA GLU B 140 8.53 9.60 -2.56
C GLU B 140 9.12 10.17 -3.84
N GLU B 141 9.99 9.39 -4.50
CA GLU B 141 10.62 9.81 -5.74
C GLU B 141 9.59 10.11 -6.82
N ILE B 142 8.68 9.15 -7.05
CA ILE B 142 7.63 9.32 -8.06
C ILE B 142 6.55 10.30 -7.57
N LYS B 143 6.34 10.35 -6.26
CA LYS B 143 5.34 11.24 -5.67
C LYS B 143 5.68 12.71 -5.97
N ASN B 144 6.97 13.05 -5.96
CA ASN B 144 7.41 14.41 -6.25
C ASN B 144 6.94 14.86 -7.64
N LEU B 145 7.01 13.94 -8.61
CA LEU B 145 6.57 14.24 -9.97
C LEU B 145 5.05 14.41 -10.02
N GLU B 146 4.34 13.57 -9.27
CA GLU B 146 2.87 13.63 -9.20
C GLU B 146 2.42 14.93 -8.54
N LYS B 147 3.25 15.47 -7.64
CA LYS B 147 2.94 16.71 -6.94
C LYS B 147 2.68 17.84 -7.94
N GLU B 148 3.60 18.04 -8.88
CA GLU B 148 3.45 19.06 -9.90
C GLU B 148 2.46 18.64 -10.98
N LEU B 149 2.18 17.33 -11.08
CA LEU B 149 1.22 16.82 -12.06
C LEU B 149 -0.14 17.50 -11.91
N SER B 150 -0.59 17.63 -10.67
CA SER B 150 -1.88 18.27 -10.38
C SER B 150 -1.80 19.79 -10.60
N ASP B 151 -0.64 20.38 -10.35
CA ASP B 151 -0.43 21.81 -10.53
C ASP B 151 -0.18 22.18 -11.99
N LEU B 152 0.25 21.20 -12.81
CA LEU B 152 0.54 21.44 -14.22
C LEU B 152 -0.60 22.17 -14.92
N GLU B 153 -1.78 21.55 -14.96
CA GLU B 153 -2.93 22.14 -15.59
C GLU B 153 -3.57 23.23 -14.71
N ASN B 154 -3.42 23.12 -13.39
CA ASN B 154 -3.98 24.10 -12.47
C ASN B 154 -3.31 25.47 -12.66
N LYS B 155 -1.97 25.50 -12.55
CA LYS B 155 -1.21 26.72 -12.72
C LYS B 155 -1.25 27.20 -14.18
N LEU B 156 -1.22 26.24 -15.12
CA LEU B 156 -1.26 26.55 -16.54
C LEU B 156 -2.51 27.37 -16.89
N GLY B 157 -3.63 27.01 -16.30
CA GLY B 157 -4.88 27.71 -16.55
C GLY B 157 -5.97 26.80 -17.10
N LYS B 158 -6.13 25.63 -16.47
CA LYS B 158 -7.14 24.66 -16.90
C LYS B 158 -8.27 24.57 -15.87
N LYS B 159 -7.90 24.39 -14.61
CA LYS B 159 -8.89 24.28 -13.53
C LYS B 159 -9.45 25.65 -13.17
N MET A 1 -7.46 -7.57 33.32
CA MET A 1 -6.54 -8.64 32.84
C MET A 1 -6.57 -8.74 31.31
N SER A 2 -5.52 -8.22 30.67
CA SER A 2 -5.42 -8.26 29.22
C SER A 2 -4.62 -9.48 28.75
N ARG A 3 -5.25 -10.65 28.81
CA ARG A 3 -4.61 -11.90 28.42
C ARG A 3 -5.15 -12.40 27.07
N MET A 4 -6.42 -12.12 26.79
CA MET A 4 -7.06 -12.54 25.54
C MET A 4 -6.29 -12.03 24.33
N PRO A 5 -5.80 -12.94 23.46
CA PRO A 5 -5.04 -12.59 22.26
C PRO A 5 -5.87 -11.77 21.27
N SER A 6 -5.75 -10.46 21.34
CA SER A 6 -6.49 -9.55 20.44
C SER A 6 -5.84 -8.17 20.41
N SER A 7 -5.73 -7.55 21.59
CA SER A 7 -5.13 -6.22 21.70
C SER A 7 -3.63 -6.28 21.38
N PHE A 8 -2.97 -7.34 21.83
CA PHE A 8 -1.54 -7.52 21.59
C PHE A 8 -1.26 -7.73 20.10
N ASP A 9 -0.76 -6.69 19.44
CA ASP A 9 -0.45 -6.76 18.01
C ASP A 9 0.83 -5.99 17.69
N VAL A 10 1.84 -6.71 17.20
CA VAL A 10 3.13 -6.10 16.85
C VAL A 10 3.08 -5.46 15.45
N THR A 11 2.08 -5.85 14.65
CA THR A 11 1.92 -5.30 13.29
C THR A 11 1.96 -3.78 13.28
N GLU A 12 2.71 -3.22 12.33
CA GLU A 12 2.83 -1.77 12.21
C GLU A 12 2.10 -1.26 10.96
N ARG A 13 0.97 -1.89 10.63
CA ARG A 13 0.18 -1.51 9.47
C ARG A 13 -1.24 -1.08 9.87
N ASP A 14 -1.50 -0.95 11.18
CA ASP A 14 -2.82 -0.56 11.67
C ASP A 14 -3.20 0.82 11.14
N LEU A 15 -2.30 1.79 11.32
CA LEU A 15 -2.53 3.16 10.84
C LEU A 15 -2.52 3.21 9.31
N ASP A 16 -1.72 2.34 8.69
CA ASP A 16 -1.62 2.28 7.24
C ASP A 16 -2.96 1.87 6.61
N ASP A 17 -3.64 0.91 7.25
CA ASP A 17 -4.94 0.44 6.76
C ASP A 17 -5.98 1.55 6.83
N MET A 18 -5.95 2.32 7.93
CA MET A 18 -6.90 3.42 8.11
C MET A 18 -6.69 4.50 7.06
N THR A 19 -5.43 4.87 6.82
CA THR A 19 -5.10 5.88 5.81
C THR A 19 -5.42 5.38 4.41
N PHE A 20 -5.30 4.06 4.20
CA PHE A 20 -5.59 3.46 2.90
C PHE A 20 -7.05 3.66 2.51
N GLY A 21 -7.94 3.64 3.51
CA GLY A 21 -9.36 3.83 3.26
C GLY A 21 -9.69 5.19 2.67
N GLU A 22 -8.82 6.18 2.91
CA GLU A 22 -9.02 7.54 2.39
C GLU A 22 -9.06 7.55 0.86
N ARG A 23 -8.44 6.55 0.22
CA ARG A 23 -8.41 6.44 -1.24
C ARG A 23 -9.83 6.35 -1.82
N ILE A 24 -10.79 5.91 -1.02
CA ILE A 24 -12.18 5.79 -1.46
C ILE A 24 -12.73 7.13 -1.97
N ILE A 25 -12.24 8.23 -1.39
CA ILE A 25 -12.68 9.57 -1.78
C ILE A 25 -12.12 9.94 -3.17
N TYR A 26 -10.91 9.46 -3.47
CA TYR A 26 -10.26 9.74 -4.75
C TYR A 26 -11.11 9.23 -5.92
N HIS A 27 -11.54 7.98 -5.86
CA HIS A 27 -12.36 7.39 -6.92
C HIS A 27 -13.74 8.06 -6.98
N CYS A 28 -14.22 8.53 -5.82
CA CYS A 28 -15.52 9.20 -5.74
C CYS A 28 -15.57 10.45 -6.62
N LYS A 29 -14.40 11.07 -6.84
CA LYS A 29 -14.30 12.29 -7.66
C LYS A 29 -14.94 12.07 -9.03
N LYS A 30 -14.70 10.90 -9.63
CA LYS A 30 -15.24 10.58 -10.95
C LYS A 30 -16.77 10.58 -10.92
N GLN A 31 -17.36 9.75 -10.06
CA GLN A 31 -18.81 9.66 -9.95
C GLN A 31 -19.24 9.60 -8.48
N PRO A 32 -19.42 10.78 -7.85
CA PRO A 32 -19.83 10.88 -6.44
C PRO A 32 -21.32 10.61 -6.26
N LEU A 33 -21.64 9.65 -5.40
CA LEU A 33 -23.04 9.29 -5.12
C LEU A 33 -23.45 9.71 -3.72
N VAL A 34 -24.74 9.95 -3.54
CA VAL A 34 -25.28 10.37 -2.25
C VAL A 34 -25.78 9.18 -1.43
N PRO A 35 -26.67 8.32 -2.01
CA PRO A 35 -27.22 7.15 -1.31
C PRO A 35 -26.15 6.10 -1.00
N ILE A 36 -25.49 5.60 -2.04
CA ILE A 36 -24.44 4.58 -1.87
C ILE A 36 -23.12 5.21 -1.40
N GLY A 37 -22.88 6.47 -1.78
CA GLY A 37 -21.66 7.14 -1.38
C GLY A 37 -21.55 7.31 0.13
N CYS A 38 -22.66 7.74 0.76
CA CYS A 38 -22.68 7.93 2.20
C CYS A 38 -22.47 6.61 2.93
N LEU A 39 -23.12 5.54 2.44
CA LEU A 39 -23.01 4.21 3.02
C LEU A 39 -21.58 3.67 2.86
N LEU A 40 -20.91 4.04 1.76
CA LEU A 40 -19.55 3.59 1.50
C LEU A 40 -18.56 4.25 2.47
N THR A 41 -18.71 5.55 2.68
CA THR A 41 -17.82 6.30 3.58
C THR A 41 -18.09 5.90 5.04
N THR A 42 -19.34 5.98 5.46
CA THR A 42 -19.73 5.63 6.84
C THR A 42 -19.44 4.16 7.14
N GLY A 43 -19.74 3.28 6.17
CA GLY A 43 -19.51 1.85 6.34
C GLY A 43 -18.03 1.50 6.45
N ALA A 44 -17.16 2.34 5.90
CA ALA A 44 -15.73 2.10 5.93
C ALA A 44 -15.09 2.70 7.19
N VAL A 45 -15.46 3.93 7.52
CA VAL A 45 -14.91 4.62 8.70
C VAL A 45 -15.40 3.97 10.00
N ILE A 46 -16.60 3.39 9.99
CA ILE A 46 -17.17 2.75 11.18
C ILE A 46 -16.27 1.62 11.68
N LEU A 47 -15.64 0.89 10.75
CA LEU A 47 -14.75 -0.22 11.11
C LEU A 47 -13.60 0.27 11.99
N ALA A 48 -12.93 1.33 11.55
CA ALA A 48 -11.81 1.91 12.30
C ALA A 48 -12.30 2.58 13.59
N ALA A 49 -13.45 3.25 13.50
CA ALA A 49 -14.04 3.94 14.65
C ALA A 49 -14.41 2.95 15.76
N GLN A 50 -14.84 1.75 15.37
CA GLN A 50 -15.23 0.72 16.33
C GLN A 50 -14.06 0.34 17.25
N ASN A 51 -12.84 0.41 16.72
CA ASN A 51 -11.65 0.07 17.51
C ASN A 51 -11.49 1.01 18.71
N VAL A 52 -11.60 2.32 18.47
CA VAL A 52 -11.47 3.31 19.53
C VAL A 52 -12.73 3.38 20.39
N ARG A 53 -13.90 3.12 19.79
CA ARG A 53 -15.16 3.16 20.51
C ARG A 53 -15.25 2.02 21.52
N LEU A 54 -15.00 0.79 21.05
CA LEU A 54 -15.04 -0.39 21.91
C LEU A 54 -13.89 -0.35 22.93
N GLY A 55 -12.71 0.09 22.50
CA GLY A 55 -11.56 0.17 23.38
C GLY A 55 -11.69 1.27 24.41
N ASN A 56 -12.56 2.25 24.14
CA ASN A 56 -12.77 3.38 25.06
C ASN A 56 -13.16 2.90 26.46
N LYS A 57 -14.10 1.95 26.51
CA LYS A 57 -14.57 1.41 27.80
C LYS A 57 -13.42 0.76 28.58
N TRP A 58 -12.50 0.12 27.86
CA TRP A 58 -11.35 -0.52 28.49
C TRP A 58 -10.04 0.14 28.06
N LYS A 59 -9.95 1.46 28.29
CA LYS A 59 -8.76 2.23 27.92
C LYS A 59 -7.63 1.98 28.91
N ALA A 60 -7.58 2.77 29.99
CA ALA A 60 -6.54 2.64 31.02
C ALA A 60 -5.16 2.44 30.41
N GLN A 61 -4.78 3.30 29.47
CA GLN A 61 -3.48 3.21 28.82
C GLN A 61 -2.84 4.58 28.64
N TYR A 62 -3.31 5.34 27.65
CA TYR A 62 -2.78 6.67 27.37
C TYR A 62 -3.87 7.61 26.87
N TYR A 63 -3.72 8.90 27.15
CA TYR A 63 -4.69 9.91 26.72
C TYR A 63 -4.19 10.66 25.48
N PHE A 64 -2.93 10.46 25.10
CA PHE A 64 -2.36 11.12 23.93
C PHE A 64 -3.02 10.64 22.64
N ARG A 65 -3.48 9.38 22.63
CA ARG A 65 -4.15 8.81 21.47
C ARG A 65 -5.39 9.63 21.09
N TRP A 66 -6.04 10.20 22.11
CA TRP A 66 -7.24 11.02 21.90
C TRP A 66 -6.92 12.25 21.05
N ARG A 67 -5.74 12.83 21.28
CA ARG A 67 -5.31 14.02 20.54
C ARG A 67 -5.18 13.72 19.06
N VAL A 68 -4.33 12.75 18.71
CA VAL A 68 -4.12 12.37 17.31
C VAL A 68 -5.43 11.92 16.66
N GLY A 69 -6.30 11.26 17.43
CA GLY A 69 -7.57 10.81 16.90
C GLY A 69 -8.45 11.97 16.46
N LEU A 70 -8.51 13.02 17.29
CA LEU A 70 -9.31 14.20 16.98
C LEU A 70 -8.70 14.95 15.78
N GLN A 71 -7.37 15.01 15.74
CA GLN A 71 -6.67 15.69 14.65
C GLN A 71 -6.99 15.03 13.30
N ALA A 72 -7.05 13.70 13.30
CA ALA A 72 -7.36 12.95 12.08
C ALA A 72 -8.81 13.19 11.65
N ALA A 73 -9.72 13.22 12.63
CA ALA A 73 -11.15 13.44 12.35
C ALA A 73 -11.37 14.81 11.72
N THR A 74 -10.66 15.83 12.23
CA THR A 74 -10.78 17.19 11.69
C THR A 74 -10.10 17.31 10.33
N LEU A 75 -8.99 16.58 10.15
CA LEU A 75 -8.25 16.60 8.89
C LEU A 75 -9.12 16.09 7.74
N VAL A 76 -9.71 14.91 7.93
CA VAL A 76 -10.57 14.31 6.90
C VAL A 76 -11.81 15.19 6.65
N ALA A 77 -12.31 15.82 7.71
CA ALA A 77 -13.48 16.70 7.60
C ALA A 77 -13.16 17.90 6.71
N LEU A 78 -11.96 18.46 6.87
CA LEU A 78 -11.52 19.60 6.06
C LEU A 78 -11.43 19.22 4.58
N VAL A 79 -11.01 17.99 4.30
CA VAL A 79 -10.89 17.50 2.93
C VAL A 79 -12.26 17.52 2.25
N ALA A 80 -13.28 17.01 2.94
CA ALA A 80 -14.65 16.98 2.41
C ALA A 80 -15.13 18.39 2.07
N GLY A 81 -14.88 19.34 2.99
CA GLY A 81 -15.29 20.71 2.77
C GLY A 81 -14.58 21.35 1.59
N SER A 82 -13.28 21.04 1.45
CA SER A 82 -12.48 21.57 0.35
C SER A 82 -12.94 21.01 -1.00
N PHE A 83 -13.41 19.77 -0.99
CA PHE A 83 -13.90 19.11 -2.21
C PHE A 83 -15.05 19.90 -2.83
N ILE A 84 -16.08 20.19 -2.02
CA ILE A 84 -17.24 20.94 -2.50
C ILE A 84 -16.90 22.41 -2.74
N TYR A 85 -15.94 22.94 -1.98
CA TYR A 85 -15.53 24.34 -2.12
C TYR A 85 -14.83 24.57 -3.46
N GLY A 86 -13.90 23.67 -3.80
CA GLY A 86 -13.17 23.80 -5.05
C GLY A 86 -12.18 24.95 -5.03
N THR A 87 -11.39 25.03 -3.95
CA THR A 87 -10.40 26.09 -3.80
C THR A 87 -9.04 25.52 -3.36
N SER A 88 -7.99 25.91 -4.07
CA SER A 88 -6.63 25.46 -3.78
C SER A 88 -6.50 23.94 -3.96
N GLY A 89 -6.17 23.52 -5.19
CA GLY A 89 -6.02 22.11 -5.48
C GLY A 89 -4.75 21.53 -4.88
N LYS A 90 -3.64 22.26 -5.02
CA LYS A 90 -2.35 21.82 -4.49
C LYS A 90 -2.39 21.70 -2.96
N GLU A 91 -3.20 22.54 -2.32
CA GLU A 91 -3.34 22.53 -0.86
C GLU A 91 -3.73 21.13 -0.38
N LEU A 92 -4.75 20.54 -1.01
CA LEU A 92 -5.22 19.21 -0.65
C LEU A 92 -4.10 18.18 -0.80
N LYS A 93 -3.38 18.25 -1.92
CA LYS A 93 -2.27 17.33 -2.18
C LYS A 93 -1.25 17.38 -1.04
N ALA A 94 -0.89 18.59 -0.61
CA ALA A 94 0.06 18.78 0.48
C ALA A 94 -0.42 18.08 1.75
N LYS A 95 -1.74 18.14 2.01
CA LYS A 95 -2.33 17.49 3.17
C LYS A 95 -2.03 15.99 3.18
N GLU A 96 -2.11 15.37 1.99
CA GLU A 96 -1.83 13.95 1.86
C GLU A 96 -0.35 13.66 2.13
N GLU A 97 0.52 14.53 1.63
CA GLU A 97 1.96 14.38 1.83
C GLU A 97 2.33 14.44 3.31
N GLN A 98 1.62 15.30 4.06
CA GLN A 98 1.86 15.45 5.49
C GLN A 98 1.59 14.13 6.22
N LEU A 99 0.51 13.45 5.84
CA LEU A 99 0.15 12.17 6.45
C LEU A 99 1.27 11.16 6.28
N LYS A 100 1.82 11.08 5.06
CA LYS A 100 2.92 10.16 4.76
C LYS A 100 4.17 10.52 5.57
N GLU A 101 4.42 11.83 5.71
CA GLU A 101 5.58 12.30 6.46
C GLU A 101 5.48 11.89 7.94
N LYS A 102 4.26 11.98 8.49
CA LYS A 102 4.03 11.61 9.89
C LYS A 102 4.38 10.15 10.14
N ALA A 103 4.00 9.27 9.21
CA ALA A 103 4.28 7.84 9.32
C ALA A 103 5.78 7.57 9.31
N LYS A 104 6.47 8.15 8.32
CA LYS A 104 7.92 7.99 8.19
C LYS A 104 8.65 8.54 9.41
N MET A 105 8.19 9.71 9.90
CA MET A 105 8.80 10.35 11.06
C MET A 105 8.64 9.48 12.31
N ARG A 106 7.46 8.86 12.46
CA ARG A 106 7.19 8.00 13.61
C ARG A 106 8.18 6.84 13.67
N GLU A 107 8.48 6.24 12.52
CA GLU A 107 9.42 5.12 12.45
C GLU A 107 10.86 5.63 12.55
N LYS A 108 11.53 5.29 13.65
CA LYS A 108 12.91 5.70 13.88
C LYS A 108 13.87 4.53 13.68
N LEU A 109 15.06 4.82 13.16
CA LEU A 109 16.08 3.79 12.92
C LEU A 109 16.45 3.09 14.22
N TRP A 110 16.61 3.86 15.30
CA TRP A 110 16.95 3.31 16.61
C TRP A 110 15.68 2.82 17.32
N ILE A 111 14.73 3.74 17.53
CA ILE A 111 13.46 3.44 18.19
C ILE A 111 13.67 3.09 19.67
N GLN A 112 12.64 3.34 20.48
CA GLN A 112 12.70 3.06 21.92
C GLN A 112 11.92 1.79 22.25
N GLU A 113 12.65 0.74 22.61
CA GLU A 113 12.05 -0.54 22.97
C GLU A 113 12.26 -0.85 24.45
N LEU A 114 11.17 -0.80 25.22
CA LEU A 114 11.24 -1.08 26.65
C LEU A 114 10.20 -2.11 27.06
N GLU A 115 10.63 -3.38 27.11
CA GLU A 115 9.76 -4.49 27.48
C GLU A 115 10.49 -5.48 28.39
N ARG A 116 9.79 -5.98 29.40
CA ARG A 116 10.38 -6.94 30.35
C ARG A 116 10.66 -8.29 29.69
N ARG A 117 11.73 -8.94 30.12
CA ARG A 117 12.12 -10.25 29.58
C ARG A 117 10.98 -11.26 29.70
N GLU A 118 10.18 -11.15 30.77
CA GLU A 118 9.05 -12.04 30.97
C GLU A 118 8.02 -11.88 29.86
N GLU A 119 7.74 -10.62 29.51
CA GLU A 119 6.78 -10.31 28.44
C GLU A 119 7.25 -10.87 27.10
N GLU A 120 8.57 -10.86 26.89
CA GLU A 120 9.14 -11.39 25.65
C GLU A 120 8.77 -12.86 25.47
N THR A 121 8.88 -13.62 26.56
CA THR A 121 8.52 -15.04 26.56
C THR A 121 7.01 -15.21 26.46
N GLU A 122 6.28 -14.29 27.12
CA GLU A 122 4.82 -14.31 27.10
C GLU A 122 4.29 -14.20 25.67
N ALA A 123 4.85 -13.26 24.91
CA ALA A 123 4.46 -13.07 23.51
C ALA A 123 4.85 -14.27 22.66
N ARG A 124 6.00 -14.87 23.00
CA ARG A 124 6.50 -16.04 22.27
C ARG A 124 5.46 -17.17 22.27
N ARG A 125 4.84 -17.40 23.43
CA ARG A 125 3.81 -18.43 23.56
C ARG A 125 2.57 -18.08 22.75
N LYS A 126 2.20 -16.79 22.77
CA LYS A 126 1.04 -16.32 22.02
C LYS A 126 1.20 -16.54 20.52
N ARG A 127 2.43 -16.40 20.02
CA ARG A 127 2.72 -16.59 18.61
C ARG A 127 2.32 -18.00 18.15
N ALA A 128 2.89 -19.01 18.82
CA ALA A 128 2.59 -20.40 18.49
C ALA A 128 1.14 -20.76 18.85
N GLU A 129 0.62 -20.13 19.90
CA GLU A 129 -0.76 -20.36 20.35
C GLU A 129 -1.76 -19.99 19.25
N LEU A 130 -1.80 -18.71 18.89
CA LEU A 130 -2.72 -18.23 17.85
C LEU A 130 -2.51 -16.74 17.57
N ALA A 131 -2.48 -16.39 16.28
CA ALA A 131 -2.30 -15.00 15.86
C ALA A 131 -3.61 -14.42 15.33
N ARG A 132 -4.08 -13.34 15.96
CA ARG A 132 -5.33 -12.70 15.57
C ARG A 132 -5.07 -11.47 14.69
N MET A 133 -5.57 -11.53 13.45
CA MET A 133 -5.40 -10.43 12.51
C MET A 133 -6.55 -10.42 11.48
N LYS A 134 -7.78 -10.28 11.99
CA LYS A 134 -8.97 -10.27 11.14
C LYS A 134 -9.13 -8.92 10.41
N THR A 135 -8.60 -7.85 11.02
CA THR A 135 -8.68 -6.51 10.42
C THR A 135 -8.18 -6.50 8.98
N LEU A 136 -7.11 -7.26 8.71
CA LEU A 136 -6.54 -7.34 7.37
C LEU A 136 -7.57 -7.87 6.37
N GLU A 137 -8.19 -9.00 6.71
CA GLU A 137 -9.21 -9.61 5.84
C GLU A 137 -10.40 -8.67 5.65
N ASN A 138 -10.77 -7.96 6.72
CA ASN A 138 -11.90 -7.02 6.66
C ASN A 138 -11.59 -5.86 5.72
N GLU A 139 -10.33 -5.42 5.69
CA GLU A 139 -9.91 -4.32 4.83
C GLU A 139 -9.98 -4.70 3.35
N GLU A 140 -9.80 -6.00 3.05
CA GLU A 140 -9.86 -6.49 1.67
C GLU A 140 -11.24 -6.26 1.04
N GLU A 141 -12.28 -6.16 1.88
CA GLU A 141 -13.64 -5.94 1.41
C GLU A 141 -13.75 -4.70 0.53
N ILE A 142 -12.97 -3.66 0.84
CA ILE A 142 -12.98 -2.41 0.07
C ILE A 142 -12.67 -2.64 -1.41
N LYS A 143 -11.81 -3.63 -1.70
CA LYS A 143 -11.43 -3.96 -3.07
C LYS A 143 -12.65 -4.39 -3.88
N ASN A 144 -13.52 -5.20 -3.28
CA ASN A 144 -14.73 -5.68 -3.95
C ASN A 144 -15.68 -4.52 -4.22
N LEU A 145 -15.81 -3.61 -3.25
CA LEU A 145 -16.69 -2.44 -3.39
C LEU A 145 -16.25 -1.58 -4.57
N GLU A 146 -14.94 -1.44 -4.76
CA GLU A 146 -14.39 -0.65 -5.85
C GLU A 146 -14.83 -1.21 -7.21
N LYS A 147 -14.72 -2.53 -7.36
CA LYS A 147 -15.12 -3.20 -8.60
C LYS A 147 -16.62 -3.04 -8.83
N GLU A 148 -17.41 -3.16 -7.76
CA GLU A 148 -18.86 -3.02 -7.84
C GLU A 148 -19.23 -1.66 -8.43
N LEU A 149 -18.55 -0.60 -7.99
CA LEU A 149 -18.80 0.76 -8.47
C LEU A 149 -18.58 0.84 -9.99
N SER A 150 -17.58 0.11 -10.49
CA SER A 150 -17.27 0.09 -11.91
C SER A 150 -18.46 -0.42 -12.72
N ASP A 151 -19.11 -1.47 -12.20
CA ASP A 151 -20.28 -2.06 -12.85
C ASP A 151 -21.45 -1.07 -12.89
N LEU A 152 -21.53 -0.20 -11.87
CA LEU A 152 -22.60 0.80 -11.79
C LEU A 152 -22.64 1.66 -13.06
N GLU A 153 -21.47 2.03 -13.57
CA GLU A 153 -21.37 2.84 -14.78
C GLU A 153 -21.97 2.10 -15.97
N ASN A 154 -21.71 0.80 -16.07
CA ASN A 154 -22.23 -0.02 -17.16
C ASN A 154 -23.76 -0.02 -17.16
N LYS A 155 -24.35 0.00 -15.96
CA LYS A 155 -25.80 0.02 -15.81
C LYS A 155 -26.41 1.29 -16.43
N LEU A 156 -25.70 2.42 -16.27
CA LEU A 156 -26.16 3.69 -16.82
C LEU A 156 -26.33 3.62 -18.33
N GLY A 157 -25.40 2.94 -19.00
CA GLY A 157 -25.46 2.79 -20.45
C GLY A 157 -24.66 3.85 -21.18
N LYS A 158 -23.38 3.97 -20.83
CA LYS A 158 -22.50 4.95 -21.46
C LYS A 158 -21.47 4.26 -22.34
N LYS A 159 -20.79 3.24 -21.80
CA LYS A 159 -19.78 2.50 -22.54
C LYS A 159 -20.41 1.34 -23.32
N MET B 1 27.64 -14.62 18.17
CA MET B 1 26.41 -14.68 17.33
C MET B 1 25.25 -13.94 17.99
N SER B 2 24.63 -13.03 17.23
CA SER B 2 23.50 -12.25 17.75
C SER B 2 22.45 -12.05 16.66
N ARG B 3 21.19 -11.91 17.09
CA ARG B 3 20.08 -11.71 16.17
C ARG B 3 20.11 -10.31 15.56
N MET B 4 20.24 -10.25 14.23
CA MET B 4 20.30 -8.98 13.51
C MET B 4 18.93 -8.29 13.51
N PRO B 5 18.92 -6.94 13.62
CA PRO B 5 17.67 -6.16 13.63
C PRO B 5 16.96 -6.20 12.28
N SER B 6 15.62 -6.16 12.32
CA SER B 6 14.80 -6.19 11.11
C SER B 6 14.97 -4.89 10.31
N SER B 7 15.89 -4.90 9.36
CA SER B 7 16.15 -3.73 8.52
C SER B 7 15.47 -3.88 7.15
N PHE B 8 15.75 -4.99 6.47
CA PHE B 8 15.17 -5.26 5.17
C PHE B 8 13.72 -5.72 5.30
N ASP B 9 13.52 -6.75 6.13
CA ASP B 9 12.18 -7.32 6.37
C ASP B 9 11.62 -8.00 5.13
N VAL B 10 10.73 -8.97 5.35
CA VAL B 10 10.11 -9.71 4.26
C VAL B 10 8.61 -9.38 4.16
N THR B 11 8.31 -8.13 3.84
CA THR B 11 6.93 -7.67 3.72
C THR B 11 6.27 -8.24 2.46
N GLU B 12 4.94 -8.37 2.49
CA GLU B 12 4.19 -8.89 1.36
C GLU B 12 3.54 -7.75 0.56
N ARG B 13 4.25 -6.64 0.43
CA ARG B 13 3.75 -5.47 -0.31
C ARG B 13 4.71 -5.05 -1.43
N ASP B 14 5.79 -5.81 -1.63
CA ASP B 14 6.77 -5.50 -2.68
C ASP B 14 6.12 -5.61 -4.05
N LEU B 15 5.44 -6.74 -4.30
CA LEU B 15 4.76 -6.97 -5.58
C LEU B 15 3.62 -5.97 -5.77
N ASP B 16 2.95 -5.63 -4.66
CA ASP B 16 1.84 -4.68 -4.68
C ASP B 16 2.31 -3.30 -5.17
N ASP B 17 3.50 -2.90 -4.71
CA ASP B 17 4.08 -1.61 -5.10
C ASP B 17 4.26 -1.54 -6.61
N MET B 18 4.69 -2.66 -7.21
CA MET B 18 4.90 -2.74 -8.66
C MET B 18 3.58 -2.53 -9.40
N THR B 19 2.53 -3.24 -8.96
CA THR B 19 1.21 -3.12 -9.58
C THR B 19 0.72 -1.67 -9.58
N PHE B 20 1.05 -0.93 -8.51
CA PHE B 20 0.66 0.47 -8.39
C PHE B 20 1.24 1.28 -9.56
N GLY B 21 2.49 1.00 -9.91
CA GLY B 21 3.14 1.70 -11.01
C GLY B 21 2.54 1.36 -12.36
N GLU B 22 1.76 0.27 -12.43
CA GLU B 22 1.13 -0.14 -13.68
C GLU B 22 -0.26 0.49 -13.84
N ARG B 23 -0.92 0.73 -12.71
CA ARG B 23 -2.27 1.34 -12.72
C ARG B 23 -2.23 2.81 -13.16
N ILE B 24 -1.04 3.39 -13.25
CA ILE B 24 -0.87 4.79 -13.67
C ILE B 24 -1.35 5.01 -15.11
N ILE B 25 -1.51 3.92 -15.87
CA ILE B 25 -1.97 4.00 -17.27
C ILE B 25 -3.20 4.91 -17.41
N TYR B 26 -4.12 4.81 -16.45
CA TYR B 26 -5.33 5.62 -16.47
C TYR B 26 -4.98 7.11 -16.49
N HIS B 27 -4.04 7.53 -15.63
CA HIS B 27 -3.61 8.92 -15.57
C HIS B 27 -2.84 9.31 -16.83
N CYS B 28 -1.97 8.41 -17.30
CA CYS B 28 -1.17 8.65 -18.51
C CYS B 28 -2.08 8.88 -19.73
N LYS B 29 -3.18 8.15 -19.79
CA LYS B 29 -4.13 8.27 -20.90
C LYS B 29 -4.72 9.68 -20.96
N LYS B 30 -5.01 10.26 -19.79
CA LYS B 30 -5.56 11.61 -19.71
C LYS B 30 -4.62 12.63 -20.34
N GLN B 31 -3.34 12.57 -19.96
CA GLN B 31 -2.34 13.49 -20.49
C GLN B 31 -1.09 12.74 -20.94
N PRO B 32 -1.10 12.23 -22.19
CA PRO B 32 0.03 11.49 -22.74
C PRO B 32 1.15 12.40 -23.26
N LEU B 33 2.38 12.10 -22.86
CA LEU B 33 3.54 12.91 -23.27
C LEU B 33 4.54 12.06 -24.06
N VAL B 34 5.32 12.72 -24.92
CA VAL B 34 6.31 12.04 -25.74
C VAL B 34 7.70 12.06 -25.09
N PRO B 35 8.30 13.26 -24.87
CA PRO B 35 9.63 13.36 -24.25
C PRO B 35 9.65 12.89 -22.79
N ILE B 36 8.80 13.51 -21.96
CA ILE B 36 8.74 13.15 -20.54
C ILE B 36 7.90 11.88 -20.33
N GLY B 37 6.83 11.74 -21.11
CA GLY B 37 5.97 10.58 -21.00
C GLY B 37 6.72 9.27 -21.22
N CYS B 38 7.37 9.16 -22.37
CA CYS B 38 8.14 7.95 -22.70
C CYS B 38 9.26 7.71 -21.69
N LEU B 39 9.89 8.79 -21.23
CA LEU B 39 10.97 8.69 -20.25
C LEU B 39 10.47 8.09 -18.94
N LEU B 40 9.27 8.48 -18.52
CA LEU B 40 8.67 7.97 -17.29
C LEU B 40 8.17 6.53 -17.47
N THR B 41 7.59 6.26 -18.64
CA THR B 41 7.06 4.93 -18.95
C THR B 41 8.19 3.89 -18.99
N THR B 42 9.27 4.23 -19.70
CA THR B 42 10.42 3.33 -19.84
C THR B 42 11.24 3.29 -18.55
N GLY B 43 11.38 4.45 -17.89
CA GLY B 43 12.15 4.53 -16.65
C GLY B 43 11.55 3.70 -15.52
N ALA B 44 10.26 3.36 -15.62
CA ALA B 44 9.59 2.57 -14.59
C ALA B 44 10.09 1.12 -14.60
N VAL B 45 10.17 0.54 -15.79
CA VAL B 45 10.64 -0.84 -15.95
C VAL B 45 12.17 -0.94 -15.79
N ILE B 46 12.87 0.14 -16.15
CA ILE B 46 14.33 0.17 -16.04
C ILE B 46 14.79 -0.07 -14.59
N LEU B 47 14.05 0.51 -13.64
CA LEU B 47 14.37 0.37 -12.21
C LEU B 47 13.85 -0.96 -11.65
N ALA B 48 12.78 -1.51 -12.24
CA ALA B 48 12.21 -2.78 -11.78
C ALA B 48 13.05 -3.97 -12.24
N ALA B 49 13.55 -3.90 -13.48
CA ALA B 49 14.38 -4.98 -14.03
C ALA B 49 15.70 -5.12 -13.28
N GLN B 50 16.13 -4.06 -12.59
CA GLN B 50 17.37 -4.09 -11.82
C GLN B 50 17.18 -4.83 -10.50
N ASN B 51 15.99 -4.69 -9.89
CA ASN B 51 15.68 -5.35 -8.62
C ASN B 51 15.61 -6.87 -8.78
N VAL B 52 15.25 -7.35 -9.98
CA VAL B 52 15.15 -8.79 -10.23
C VAL B 52 16.49 -9.33 -10.75
N ARG B 53 17.08 -8.61 -11.72
CA ARG B 53 18.38 -9.02 -12.30
C ARG B 53 19.45 -9.14 -11.21
N LEU B 54 19.59 -8.11 -10.40
CA LEU B 54 20.58 -8.11 -9.31
C LEU B 54 20.09 -8.91 -8.11
N GLY B 55 18.77 -8.88 -7.87
CA GLY B 55 18.21 -9.62 -6.74
C GLY B 55 18.32 -11.13 -6.89
N ASN B 56 18.42 -11.63 -8.13
CA ASN B 56 18.53 -13.07 -8.39
C ASN B 56 19.99 -13.53 -8.46
N LYS B 57 20.91 -12.59 -8.67
CA LYS B 57 22.34 -12.89 -8.80
C LYS B 57 22.96 -13.44 -7.50
N TRP B 58 22.76 -12.73 -6.38
CA TRP B 58 23.36 -13.15 -5.11
C TRP B 58 22.49 -14.16 -4.36
N LYS B 59 22.21 -15.30 -5.00
CA LYS B 59 21.40 -16.35 -4.38
C LYS B 59 22.30 -17.47 -3.84
N ALA B 60 22.12 -18.69 -4.37
CA ALA B 60 22.92 -19.84 -3.93
C ALA B 60 22.96 -20.96 -4.99
N GLN B 61 21.88 -21.12 -5.77
CA GLN B 61 21.80 -22.14 -6.81
C GLN B 61 20.37 -22.28 -7.34
N TYR B 62 20.16 -21.80 -8.56
CA TYR B 62 18.84 -21.87 -9.20
C TYR B 62 17.80 -21.01 -8.48
N TYR B 63 16.72 -20.67 -9.18
CA TYR B 63 15.65 -19.85 -8.61
C TYR B 63 14.33 -20.08 -9.36
N PHE B 64 13.25 -20.23 -8.59
CA PHE B 64 11.91 -20.45 -9.17
C PHE B 64 11.29 -19.15 -9.68
N ARG B 65 11.84 -18.01 -9.27
CA ARG B 65 11.33 -16.71 -9.70
C ARG B 65 11.35 -16.57 -11.23
N TRP B 66 12.25 -17.31 -11.89
CA TRP B 66 12.36 -17.26 -13.34
C TRP B 66 11.04 -17.67 -14.00
N ARG B 67 10.33 -18.63 -13.38
CA ARG B 67 9.05 -19.10 -13.90
C ARG B 67 8.05 -17.95 -14.03
N VAL B 68 7.82 -17.24 -12.92
CA VAL B 68 6.89 -16.12 -12.90
C VAL B 68 7.42 -14.94 -13.74
N GLY B 69 8.74 -14.91 -13.96
CA GLY B 69 9.34 -13.83 -14.74
C GLY B 69 8.68 -13.67 -16.10
N LEU B 70 8.43 -14.78 -16.79
CA LEU B 70 7.78 -14.76 -18.10
C LEU B 70 6.28 -14.55 -17.98
N GLN B 71 5.67 -15.14 -16.95
CA GLN B 71 4.22 -15.02 -16.72
C GLN B 71 3.81 -13.54 -16.66
N ALA B 72 4.58 -12.74 -15.92
CA ALA B 72 4.29 -11.31 -15.80
C ALA B 72 4.70 -10.55 -17.07
N ALA B 73 5.84 -10.95 -17.65
CA ALA B 73 6.33 -10.31 -18.89
C ALA B 73 5.29 -10.39 -20.00
N THR B 74 4.60 -11.53 -20.08
CA THR B 74 3.56 -11.73 -21.10
C THR B 74 2.28 -10.97 -20.74
N LEU B 75 1.95 -10.96 -19.45
CA LEU B 75 0.76 -10.26 -18.95
C LEU B 75 0.84 -8.75 -19.26
N VAL B 76 2.01 -8.17 -19.02
CA VAL B 76 2.23 -6.74 -19.27
C VAL B 76 2.35 -6.44 -20.78
N ALA B 77 2.69 -7.47 -21.56
CA ALA B 77 2.83 -7.30 -23.02
C ALA B 77 1.46 -7.38 -23.71
N LEU B 78 0.61 -8.31 -23.28
CA LEU B 78 -0.73 -8.46 -23.85
C LEU B 78 -1.66 -7.34 -23.39
N VAL B 79 -1.42 -6.84 -22.16
CA VAL B 79 -2.25 -5.75 -21.61
C VAL B 79 -1.92 -4.42 -22.29
N ALA B 80 -0.67 -4.29 -22.77
CA ALA B 80 -0.25 -3.05 -23.45
C ALA B 80 -1.01 -2.88 -24.77
N GLY B 81 -1.16 -3.97 -25.52
CA GLY B 81 -1.89 -3.92 -26.78
C GLY B 81 -3.40 -3.97 -26.59
N SER B 82 -3.86 -4.48 -25.44
CA SER B 82 -5.31 -4.55 -25.15
C SER B 82 -5.86 -3.17 -24.79
N PHE B 83 -5.02 -2.34 -24.15
CA PHE B 83 -5.44 -0.99 -23.76
C PHE B 83 -5.81 -0.16 -24.98
N ILE B 84 -4.96 -0.19 -26.01
CA ILE B 84 -5.21 0.55 -27.24
C ILE B 84 -6.40 -0.05 -28.01
N TYR B 85 -6.55 -1.37 -27.93
CA TYR B 85 -7.63 -2.07 -28.62
C TYR B 85 -9.00 -1.55 -28.18
N GLY B 86 -9.28 -1.65 -26.87
CA GLY B 86 -10.56 -1.20 -26.34
C GLY B 86 -11.62 -2.27 -26.39
N THR B 87 -11.27 -3.46 -25.90
CA THR B 87 -12.20 -4.60 -25.88
C THR B 87 -13.19 -4.49 -24.72
N SER B 88 -12.66 -4.33 -23.50
CA SER B 88 -13.49 -4.22 -22.31
C SER B 88 -12.68 -3.67 -21.14
N GLY B 89 -13.19 -2.60 -20.53
CA GLY B 89 -12.50 -1.99 -19.38
C GLY B 89 -12.51 -2.88 -18.15
N LYS B 90 -13.55 -3.71 -18.02
CA LYS B 90 -13.67 -4.62 -16.89
C LYS B 90 -12.53 -5.65 -16.85
N GLU B 91 -11.97 -5.96 -18.03
CA GLU B 91 -10.87 -6.92 -18.13
C GLU B 91 -9.72 -6.54 -17.19
N LEU B 92 -9.39 -5.25 -17.16
CA LEU B 92 -8.32 -4.74 -16.31
C LEU B 92 -8.56 -5.10 -14.84
N LYS B 93 -9.81 -4.93 -14.40
CA LYS B 93 -10.18 -5.24 -13.02
C LYS B 93 -10.03 -6.73 -12.72
N ALA B 94 -10.35 -7.56 -13.72
CA ALA B 94 -10.24 -9.02 -13.58
C ALA B 94 -8.78 -9.44 -13.43
N LYS B 95 -7.90 -8.84 -14.25
CA LYS B 95 -6.48 -9.13 -14.20
C LYS B 95 -5.88 -8.71 -12.86
N GLU B 96 -6.37 -7.60 -12.32
CA GLU B 96 -5.91 -7.08 -11.03
C GLU B 96 -6.21 -8.08 -9.91
N GLU B 97 -7.44 -8.63 -9.93
CA GLU B 97 -7.85 -9.61 -8.93
C GLU B 97 -7.06 -10.91 -9.08
N GLN B 98 -6.77 -11.30 -10.32
CA GLN B 98 -6.02 -12.52 -10.59
C GLN B 98 -4.64 -12.47 -9.93
N LEU B 99 -3.96 -11.32 -10.09
CA LEU B 99 -2.63 -11.13 -9.50
C LEU B 99 -2.71 -11.09 -7.98
N LYS B 100 -3.81 -10.52 -7.46
CA LYS B 100 -4.02 -10.42 -6.02
C LYS B 100 -4.00 -11.80 -5.37
N GLU B 101 -4.61 -12.78 -6.05
CA GLU B 101 -4.65 -14.16 -5.54
C GLU B 101 -3.24 -14.76 -5.50
N LYS B 102 -2.43 -14.45 -6.52
CA LYS B 102 -1.06 -14.95 -6.59
C LYS B 102 -0.24 -14.52 -5.38
N ALA B 103 -0.51 -13.30 -4.88
CA ALA B 103 0.21 -12.76 -3.71
C ALA B 103 -0.03 -13.65 -2.49
N LYS B 104 -1.32 -13.89 -2.17
CA LYS B 104 -1.69 -14.72 -1.03
C LYS B 104 -1.15 -16.15 -1.19
N MET B 105 -1.19 -16.66 -2.42
CA MET B 105 -0.70 -18.00 -2.71
C MET B 105 0.80 -18.13 -2.38
N ARG B 106 1.57 -17.12 -2.77
CA ARG B 106 3.02 -17.10 -2.51
C ARG B 106 3.30 -16.91 -1.03
N GLU B 107 2.45 -16.14 -0.34
CA GLU B 107 2.62 -15.88 1.08
C GLU B 107 2.60 -17.18 1.88
N LYS B 108 3.73 -17.49 2.53
CA LYS B 108 3.85 -18.71 3.33
C LYS B 108 3.56 -18.44 4.80
N LEU B 109 2.37 -18.85 5.24
CA LEU B 109 1.95 -18.65 6.62
C LEU B 109 2.10 -19.93 7.44
N TRP B 110 1.70 -21.06 6.86
CA TRP B 110 1.79 -22.36 7.54
C TRP B 110 3.24 -22.76 7.78
N ILE B 111 4.03 -22.79 6.70
CA ILE B 111 5.44 -23.15 6.80
C ILE B 111 6.33 -22.08 6.19
N GLN B 112 7.29 -21.58 6.97
CA GLN B 112 8.21 -20.55 6.51
C GLN B 112 9.39 -21.16 5.75
N GLU B 113 9.94 -20.42 4.80
CA GLU B 113 11.07 -20.88 4.00
C GLU B 113 12.39 -20.58 4.71
N LEU B 114 13.18 -21.64 4.93
CA LEU B 114 14.48 -21.51 5.60
C LEU B 114 15.59 -22.13 4.78
N GLU B 115 16.57 -21.32 4.39
CA GLU B 115 17.71 -21.79 3.59
C GLU B 115 18.91 -22.11 4.48
N ARG B 116 19.96 -22.66 3.87
CA ARG B 116 21.19 -23.01 4.59
C ARG B 116 21.80 -21.78 5.26
N ARG B 117 22.73 -22.01 6.19
CA ARG B 117 23.39 -20.90 6.89
C ARG B 117 24.47 -20.25 6.01
N GLU B 118 24.85 -20.92 4.92
CA GLU B 118 25.87 -20.40 4.01
C GLU B 118 25.42 -19.08 3.40
N GLU B 119 24.14 -19.00 3.02
CA GLU B 119 23.57 -17.79 2.44
C GLU B 119 23.34 -16.72 3.51
N GLU B 120 23.04 -17.15 4.74
CA GLU B 120 22.80 -16.22 5.84
C GLU B 120 24.03 -15.35 6.11
N THR B 121 25.20 -15.98 6.21
CA THR B 121 26.44 -15.29 6.46
C THR B 121 26.76 -14.28 5.34
N GLU B 122 26.22 -14.50 4.15
CA GLU B 122 26.44 -13.61 3.01
C GLU B 122 25.48 -12.42 3.04
N ALA B 123 24.18 -12.70 3.24
CA ALA B 123 23.16 -11.65 3.26
C ALA B 123 23.21 -10.80 4.54
N ARG B 124 23.87 -11.31 5.60
CA ARG B 124 23.96 -10.57 6.86
C ARG B 124 24.94 -9.40 6.73
N ARG B 125 25.97 -9.56 5.91
CA ARG B 125 26.98 -8.52 5.71
C ARG B 125 26.33 -7.24 5.18
N LYS B 126 25.43 -7.37 4.20
CA LYS B 126 24.74 -6.22 3.63
C LYS B 126 23.78 -5.59 4.63
N ARG B 127 23.01 -6.43 5.33
CA ARG B 127 22.05 -5.95 6.33
C ARG B 127 22.76 -5.18 7.43
N ALA B 128 23.86 -5.74 7.94
CA ALA B 128 24.64 -5.11 8.99
C ALA B 128 25.27 -3.80 8.52
N GLU B 129 25.66 -3.76 7.24
CA GLU B 129 26.28 -2.57 6.65
C GLU B 129 25.46 -1.31 6.94
N LEU B 130 24.18 -1.32 6.54
CA LEU B 130 23.30 -0.18 6.77
C LEU B 130 21.83 -0.59 6.64
N ALA B 131 20.98 0.09 7.41
CA ALA B 131 19.54 -0.19 7.39
C ALA B 131 18.79 0.88 6.60
N ARG B 132 18.42 0.55 5.36
CA ARG B 132 17.69 1.48 4.50
C ARG B 132 16.85 0.75 3.46
N MET B 133 15.71 1.34 3.11
CA MET B 133 14.81 0.75 2.12
C MET B 133 14.82 1.57 0.83
N LYS B 134 15.62 1.13 -0.14
CA LYS B 134 15.74 1.82 -1.43
C LYS B 134 14.43 1.79 -2.21
N THR B 135 13.78 0.62 -2.24
CA THR B 135 12.51 0.47 -2.95
C THR B 135 11.47 1.47 -2.44
N LEU B 136 11.30 1.52 -1.12
CA LEU B 136 10.34 2.44 -0.51
C LEU B 136 10.74 3.90 -0.75
N GLU B 137 12.05 4.16 -0.80
CA GLU B 137 12.55 5.50 -1.03
C GLU B 137 12.27 5.97 -2.46
N ASN B 138 12.49 5.06 -3.42
CA ASN B 138 12.25 5.35 -4.83
C ASN B 138 10.79 5.77 -5.08
N GLU B 139 9.87 5.19 -4.33
CA GLU B 139 8.44 5.51 -4.46
C GLU B 139 8.21 7.01 -4.28
N GLU B 140 8.93 7.61 -3.32
CA GLU B 140 8.81 9.04 -3.05
C GLU B 140 9.35 9.86 -4.22
N GLU B 141 10.43 9.37 -4.84
CA GLU B 141 11.04 10.05 -5.98
C GLU B 141 10.06 10.18 -7.14
N ILE B 142 9.28 9.12 -7.40
CA ILE B 142 8.30 9.15 -8.49
C ILE B 142 7.19 10.17 -8.21
N LYS B 143 6.91 10.41 -6.92
CA LYS B 143 5.90 11.36 -6.51
C LYS B 143 6.35 12.80 -6.77
N ASN B 144 7.65 13.06 -6.56
CA ASN B 144 8.22 14.39 -6.79
C ASN B 144 8.03 14.81 -8.24
N LEU B 145 8.30 13.89 -9.16
CA LEU B 145 8.16 14.15 -10.60
C LEU B 145 6.68 14.35 -10.96
N GLU B 146 5.80 13.62 -10.28
CA GLU B 146 4.36 13.72 -10.51
C GLU B 146 3.84 15.12 -10.14
N LYS B 147 4.44 15.71 -9.10
CA LYS B 147 4.05 17.05 -8.64
C LYS B 147 4.21 18.09 -9.74
N GLU B 148 5.17 17.86 -10.65
CA GLU B 148 5.43 18.77 -11.75
C GLU B 148 4.18 18.96 -12.63
N LEU B 149 3.36 17.91 -12.72
CA LEU B 149 2.13 17.97 -13.52
C LEU B 149 1.21 19.09 -13.03
N SER B 150 1.09 19.23 -11.70
CA SER B 150 0.26 20.27 -11.11
C SER B 150 0.87 21.66 -11.31
N ASP B 151 2.21 21.71 -11.40
CA ASP B 151 2.91 22.98 -11.59
C ASP B 151 2.93 23.39 -13.08
N LEU B 152 2.57 22.47 -13.97
CA LEU B 152 2.55 22.76 -15.41
C LEU B 152 1.67 23.97 -15.72
N GLU B 153 0.41 23.90 -15.29
CA GLU B 153 -0.54 24.98 -15.50
C GLU B 153 -0.05 26.28 -14.84
N ASN B 154 0.63 26.14 -13.70
CA ASN B 154 1.16 27.30 -12.98
C ASN B 154 2.31 27.95 -13.74
N LYS B 155 3.21 27.11 -14.29
CA LYS B 155 4.35 27.59 -15.04
C LYS B 155 3.93 28.32 -16.32
N LEU B 156 3.09 27.64 -17.12
CA LEU B 156 2.59 28.21 -18.38
C LEU B 156 1.72 29.43 -18.12
N GLY B 157 0.92 29.38 -17.05
CA GLY B 157 0.04 30.48 -16.72
C GLY B 157 -1.31 30.38 -17.39
N LYS B 158 -1.85 29.15 -17.47
CA LYS B 158 -3.15 28.91 -18.09
C LYS B 158 -4.22 28.63 -17.03
N LYS B 159 -3.91 27.70 -16.13
CA LYS B 159 -4.84 27.33 -15.06
C LYS B 159 -4.25 27.67 -13.69
N MET A 1 -6.81 -10.63 31.76
CA MET A 1 -6.10 -11.95 31.81
C MET A 1 -5.12 -12.10 30.65
N SER A 2 -3.88 -12.47 30.97
CA SER A 2 -2.84 -12.65 29.96
C SER A 2 -3.03 -13.97 29.20
N ARG A 3 -3.55 -15.00 29.89
CA ARG A 3 -3.79 -16.30 29.28
C ARG A 3 -5.01 -16.25 28.35
N MET A 4 -4.80 -15.77 27.13
CA MET A 4 -5.87 -15.66 26.15
C MET A 4 -5.31 -15.35 24.75
N PRO A 5 -4.96 -16.40 23.98
CA PRO A 5 -4.42 -16.24 22.63
C PRO A 5 -5.44 -15.68 21.65
N SER A 6 -5.05 -14.65 20.90
CA SER A 6 -5.94 -14.01 19.93
C SER A 6 -5.16 -13.37 18.78
N SER A 7 -4.55 -12.21 19.06
CA SER A 7 -3.78 -11.49 18.05
C SER A 7 -2.98 -10.34 18.67
N PHE A 8 -1.75 -10.16 18.18
CA PHE A 8 -0.87 -9.08 18.67
C PHE A 8 -0.67 -8.04 17.58
N ASP A 9 -1.51 -7.00 17.59
CA ASP A 9 -1.43 -5.93 16.60
C ASP A 9 -0.31 -4.96 16.93
N VAL A 10 0.91 -5.31 16.53
CA VAL A 10 2.09 -4.48 16.77
C VAL A 10 2.93 -4.35 15.49
N THR A 11 2.28 -3.92 14.42
CA THR A 11 2.96 -3.76 13.13
C THR A 11 3.12 -2.29 12.76
N GLU A 12 4.12 -1.99 11.92
CA GLU A 12 4.39 -0.62 11.49
C GLU A 12 3.34 -0.16 10.47
N ARG A 13 2.78 -1.11 9.71
CA ARG A 13 1.78 -0.78 8.70
C ARG A 13 0.35 -1.05 9.20
N ASP A 14 0.15 -0.94 10.52
CA ASP A 14 -1.17 -1.15 11.12
C ASP A 14 -2.12 0.00 10.76
N LEU A 15 -1.59 1.23 10.84
CA LEU A 15 -2.37 2.43 10.52
C LEU A 15 -2.63 2.55 9.02
N ASP A 16 -1.75 1.92 8.21
CA ASP A 16 -1.88 1.96 6.76
C ASP A 16 -3.27 1.49 6.30
N ASP A 17 -3.83 0.50 7.00
CA ASP A 17 -5.15 -0.03 6.68
C ASP A 17 -6.23 1.04 6.82
N MET A 18 -6.11 1.87 7.86
CA MET A 18 -7.08 2.95 8.10
C MET A 18 -6.95 4.05 7.05
N THR A 19 -5.71 4.45 6.75
CA THR A 19 -5.45 5.49 5.76
C THR A 19 -5.84 5.03 4.36
N PHE A 20 -5.88 3.71 4.15
CA PHE A 20 -6.25 3.14 2.85
C PHE A 20 -7.64 3.60 2.40
N GLY A 21 -8.52 3.88 3.37
CA GLY A 21 -9.87 4.33 3.05
C GLY A 21 -9.90 5.61 2.23
N GLU A 22 -8.87 6.45 2.38
CA GLU A 22 -8.79 7.72 1.64
C GLU A 22 -8.76 7.49 0.12
N ARG A 23 -8.18 6.35 -0.29
CA ARG A 23 -8.07 6.02 -1.71
C ARG A 23 -9.44 5.81 -2.37
N ILE A 24 -10.40 5.28 -1.61
CA ILE A 24 -11.74 5.03 -2.14
C ILE A 24 -12.44 6.33 -2.55
N ILE A 25 -12.08 7.45 -1.90
CA ILE A 25 -12.66 8.75 -2.20
C ILE A 25 -12.27 9.23 -3.60
N TYR A 26 -11.04 8.92 -4.01
CA TYR A 26 -10.54 9.33 -5.33
C TYR A 26 -11.46 8.86 -6.46
N HIS A 27 -11.74 7.54 -6.51
CA HIS A 27 -12.61 6.99 -7.54
C HIS A 27 -14.06 7.41 -7.33
N CYS A 28 -14.45 7.63 -6.06
CA CYS A 28 -15.81 8.04 -5.73
C CYS A 28 -16.11 9.45 -6.25
N LYS A 29 -15.07 10.29 -6.33
CA LYS A 29 -15.22 11.67 -6.80
C LYS A 29 -15.76 11.71 -8.24
N LYS A 30 -15.47 10.67 -9.02
CA LYS A 30 -15.94 10.58 -10.41
C LYS A 30 -17.46 10.71 -10.48
N GLN A 31 -18.17 9.88 -9.71
CA GLN A 31 -19.63 9.91 -9.69
C GLN A 31 -20.16 9.61 -8.28
N PRO A 32 -20.05 10.60 -7.36
CA PRO A 32 -20.53 10.44 -5.98
C PRO A 32 -22.05 10.50 -5.88
N LEU A 33 -22.64 9.46 -5.27
CA LEU A 33 -24.08 9.38 -5.11
C LEU A 33 -24.51 9.85 -3.72
N VAL A 34 -25.80 10.11 -3.56
CA VAL A 34 -26.35 10.57 -2.29
C VAL A 34 -26.76 9.40 -1.39
N PRO A 35 -27.67 8.51 -1.86
CA PRO A 35 -28.12 7.36 -1.07
C PRO A 35 -27.05 6.30 -0.86
N ILE A 36 -26.44 5.83 -1.95
CA ILE A 36 -25.40 4.81 -1.88
C ILE A 36 -24.05 5.41 -1.47
N GLY A 37 -23.80 6.66 -1.88
CA GLY A 37 -22.55 7.32 -1.55
C GLY A 37 -22.39 7.52 -0.05
N CYS A 38 -23.46 7.98 0.61
CA CYS A 38 -23.44 8.21 2.05
C CYS A 38 -23.21 6.90 2.80
N LEU A 39 -23.90 5.85 2.38
CA LEU A 39 -23.77 4.52 3.00
C LEU A 39 -22.36 3.96 2.79
N LEU A 40 -21.76 4.26 1.64
CA LEU A 40 -20.41 3.78 1.31
C LEU A 40 -19.38 4.45 2.21
N THR A 41 -19.49 5.76 2.39
CA THR A 41 -18.57 6.53 3.23
C THR A 41 -18.74 6.17 4.71
N THR A 42 -19.98 6.23 5.20
CA THR A 42 -20.28 5.92 6.59
C THR A 42 -19.95 4.46 6.92
N GLY A 43 -20.30 3.55 6.01
CA GLY A 43 -20.02 2.14 6.22
C GLY A 43 -18.53 1.81 6.26
N ALA A 44 -17.72 2.62 5.58
CA ALA A 44 -16.27 2.41 5.55
C ALA A 44 -15.59 3.03 6.77
N VAL A 45 -15.95 4.28 7.10
CA VAL A 45 -15.37 4.98 8.24
C VAL A 45 -15.78 4.36 9.57
N ILE A 46 -17.00 3.83 9.64
CA ILE A 46 -17.50 3.21 10.86
C ILE A 46 -16.68 1.98 11.25
N LEU A 47 -16.21 1.23 10.25
CA LEU A 47 -15.41 0.03 10.50
C LEU A 47 -14.10 0.39 11.21
N ALA A 48 -13.40 1.40 10.69
CA ALA A 48 -12.13 1.84 11.27
C ALA A 48 -12.37 2.56 12.61
N ALA A 49 -13.44 3.34 12.68
CA ALA A 49 -13.78 4.08 13.90
C ALA A 49 -14.17 3.14 15.04
N GLN A 50 -14.81 2.01 14.68
CA GLN A 50 -15.24 1.01 15.66
C GLN A 50 -14.06 0.47 16.47
N ASN A 51 -12.87 0.42 15.85
CA ASN A 51 -11.67 -0.08 16.52
C ASN A 51 -11.35 0.73 17.78
N VAL A 52 -11.37 2.06 17.66
CA VAL A 52 -11.09 2.94 18.78
C VAL A 52 -12.34 3.19 19.63
N ARG A 53 -13.52 3.17 18.99
CA ARG A 53 -14.78 3.39 19.70
C ARG A 53 -15.01 2.30 20.75
N LEU A 54 -14.83 1.04 20.34
CA LEU A 54 -15.01 -0.10 21.24
C LEU A 54 -13.91 -0.14 22.30
N GLY A 55 -12.67 0.16 21.88
CA GLY A 55 -11.55 0.16 22.81
C GLY A 55 -11.63 1.27 23.85
N ASN A 56 -12.40 2.33 23.55
CA ASN A 56 -12.56 3.45 24.47
C ASN A 56 -13.16 3.01 25.80
N LYS A 57 -14.13 2.09 25.75
CA LYS A 57 -14.79 1.59 26.96
C LYS A 57 -13.77 1.01 27.95
N TRP A 58 -12.73 0.36 27.43
CA TRP A 58 -11.69 -0.23 28.27
C TRP A 58 -10.33 0.40 27.96
N LYS A 59 -10.10 1.60 28.52
CA LYS A 59 -8.85 2.30 28.31
C LYS A 59 -7.99 2.26 29.58
N ALA A 60 -8.02 3.34 30.38
CA ALA A 60 -7.24 3.42 31.63
C ALA A 60 -5.81 2.90 31.44
N GLN A 61 -5.13 3.42 30.42
CA GLN A 61 -3.75 3.00 30.14
C GLN A 61 -2.97 4.10 29.40
N TYR A 62 -3.45 4.45 28.20
CA TYR A 62 -2.79 5.48 27.40
C TYR A 62 -3.78 6.56 26.97
N TYR A 63 -3.37 7.83 27.11
CA TYR A 63 -4.20 8.96 26.75
C TYR A 63 -3.65 9.67 25.50
N PHE A 64 -2.33 9.64 25.32
CA PHE A 64 -1.69 10.28 24.18
C PHE A 64 -2.20 9.70 22.85
N ARG A 65 -2.43 8.38 22.83
CA ARG A 65 -2.93 7.71 21.63
C ARG A 65 -4.30 8.26 21.24
N TRP A 66 -5.10 8.63 22.23
CA TRP A 66 -6.44 9.19 21.99
C TRP A 66 -6.35 10.64 21.52
N ARG A 67 -5.34 11.36 22.03
CA ARG A 67 -5.14 12.77 21.67
C ARG A 67 -4.94 12.92 20.16
N VAL A 68 -4.01 12.15 19.60
CA VAL A 68 -3.73 12.19 18.16
C VAL A 68 -4.96 11.79 17.35
N GLY A 69 -5.79 10.90 17.90
CA GLY A 69 -7.00 10.47 17.22
C GLY A 69 -7.94 11.63 16.94
N LEU A 70 -8.04 12.55 17.88
CA LEU A 70 -8.91 13.72 17.74
C LEU A 70 -8.47 14.58 16.54
N GLN A 71 -7.15 14.73 16.39
CA GLN A 71 -6.60 15.52 15.28
C GLN A 71 -6.95 14.88 13.94
N ALA A 72 -6.94 13.55 13.89
CA ALA A 72 -7.28 12.81 12.68
C ALA A 72 -8.76 12.98 12.32
N ALA A 73 -9.61 12.96 13.35
CA ALA A 73 -11.06 13.12 13.15
C ALA A 73 -11.38 14.50 12.57
N THR A 74 -10.68 15.52 13.05
CA THR A 74 -10.89 16.89 12.57
C THR A 74 -10.29 17.08 11.18
N LEU A 75 -9.16 16.39 10.93
CA LEU A 75 -8.49 16.47 9.64
C LEU A 75 -9.38 15.95 8.52
N VAL A 76 -9.94 14.75 8.69
CA VAL A 76 -10.81 14.16 7.69
C VAL A 76 -12.07 15.02 7.48
N ALA A 77 -12.55 15.64 8.55
CA ALA A 77 -13.73 16.51 8.47
C ALA A 77 -13.44 17.73 7.61
N LEU A 78 -12.24 18.28 7.76
CA LEU A 78 -11.81 19.46 6.99
C LEU A 78 -11.72 19.12 5.50
N VAL A 79 -11.32 17.89 5.19
CA VAL A 79 -11.19 17.43 3.80
C VAL A 79 -12.54 17.53 3.08
N ALA A 80 -13.61 17.11 3.76
CA ALA A 80 -14.96 17.15 3.20
C ALA A 80 -15.35 18.59 2.86
N GLY A 81 -15.07 19.51 3.78
CA GLY A 81 -15.38 20.92 3.56
C GLY A 81 -14.61 21.50 2.39
N SER A 82 -13.35 21.07 2.23
CA SER A 82 -12.50 21.55 1.14
C SER A 82 -13.02 21.05 -0.21
N PHE A 83 -13.57 19.83 -0.23
CA PHE A 83 -14.10 19.24 -1.46
C PHE A 83 -15.24 20.09 -2.02
N ILE A 84 -16.24 20.39 -1.18
CA ILE A 84 -17.38 21.21 -1.59
C ILE A 84 -16.95 22.65 -1.90
N TYR A 85 -15.91 23.13 -1.21
CA TYR A 85 -15.41 24.48 -1.42
C TYR A 85 -14.81 24.64 -2.82
N GLY A 86 -14.01 23.67 -3.24
CA GLY A 86 -13.39 23.72 -4.55
C GLY A 86 -12.32 24.79 -4.64
N THR A 87 -11.42 24.81 -3.65
CA THR A 87 -10.34 25.79 -3.62
C THR A 87 -9.02 25.15 -3.18
N SER A 88 -7.93 25.56 -3.83
CA SER A 88 -6.60 25.04 -3.51
C SER A 88 -6.50 23.55 -3.84
N GLY A 89 -6.05 23.24 -5.06
CA GLY A 89 -5.91 21.85 -5.47
C GLY A 89 -4.72 21.17 -4.83
N LYS A 90 -3.57 21.85 -4.83
CA LYS A 90 -2.35 21.31 -4.23
C LYS A 90 -2.48 21.16 -2.71
N GLU A 91 -3.38 21.95 -2.11
CA GLU A 91 -3.61 21.89 -0.66
C GLU A 91 -3.91 20.46 -0.21
N LEU A 92 -4.87 19.82 -0.88
CA LEU A 92 -5.26 18.45 -0.55
C LEU A 92 -4.07 17.50 -0.71
N LYS A 93 -3.31 17.68 -1.79
CA LYS A 93 -2.14 16.84 -2.05
C LYS A 93 -1.13 16.96 -0.90
N ALA A 94 -0.84 18.19 -0.49
CA ALA A 94 0.10 18.45 0.60
C ALA A 94 -0.42 17.88 1.91
N LYS A 95 -1.74 17.98 2.13
CA LYS A 95 -2.37 17.47 3.35
C LYS A 95 -2.12 15.96 3.50
N GLU A 96 -2.31 15.22 2.41
CA GLU A 96 -2.10 13.77 2.42
C GLU A 96 -0.61 13.45 2.54
N GLU A 97 0.23 14.22 1.86
CA GLU A 97 1.68 14.02 1.91
C GLU A 97 2.20 14.18 3.33
N GLN A 98 1.69 15.20 4.04
CA GLN A 98 2.08 15.48 5.42
C GLN A 98 1.93 14.23 6.30
N LEU A 99 0.86 13.46 6.06
CA LEU A 99 0.61 12.24 6.82
C LEU A 99 1.77 11.25 6.67
N LYS A 100 2.27 11.11 5.44
CA LYS A 100 3.38 10.21 5.15
C LYS A 100 4.64 10.66 5.87
N GLU A 101 4.91 11.97 5.85
CA GLU A 101 6.08 12.54 6.50
C GLU A 101 6.04 12.29 8.02
N LYS A 102 4.85 12.44 8.61
CA LYS A 102 4.67 12.23 10.05
C LYS A 102 5.01 10.78 10.43
N ALA A 103 4.54 9.83 9.61
CA ALA A 103 4.79 8.41 9.87
C ALA A 103 6.30 8.11 9.86
N LYS A 104 6.99 8.65 8.86
CA LYS A 104 8.44 8.45 8.74
C LYS A 104 9.18 9.10 9.90
N MET A 105 8.73 10.30 10.30
CA MET A 105 9.35 11.03 11.40
C MET A 105 9.20 10.26 12.71
N ARG A 106 8.02 9.68 12.93
CA ARG A 106 7.76 8.90 14.14
C ARG A 106 8.71 7.71 14.27
N GLU A 107 9.01 7.06 13.14
CA GLU A 107 9.91 5.91 13.12
C GLU A 107 11.36 6.38 13.27
N LYS A 108 11.97 6.04 14.41
CA LYS A 108 13.36 6.43 14.68
C LYS A 108 14.11 5.32 15.40
N LEU A 109 15.44 5.27 15.20
CA LEU A 109 16.28 4.26 15.84
C LEU A 109 16.32 4.44 17.35
N TRP A 110 16.45 5.68 17.80
CA TRP A 110 16.49 6.00 19.24
C TRP A 110 15.20 5.56 19.93
N ILE A 111 14.06 5.75 19.25
CA ILE A 111 12.77 5.37 19.80
C ILE A 111 12.62 3.85 19.81
N GLN A 112 12.64 3.26 21.01
CA GLN A 112 12.50 1.82 21.16
C GLN A 112 11.18 1.46 21.83
N GLU A 113 10.63 0.29 21.46
CA GLU A 113 9.36 -0.18 22.03
C GLU A 113 9.59 -0.81 23.41
N LEU A 114 8.90 -0.26 24.42
CA LEU A 114 9.03 -0.76 25.79
C LEU A 114 8.34 -2.12 25.93
N GLU A 115 9.14 -3.14 26.26
CA GLU A 115 8.62 -4.50 26.44
C GLU A 115 9.04 -5.08 27.77
N ARG A 116 8.10 -5.12 28.72
CA ARG A 116 8.37 -5.64 30.06
C ARG A 116 8.33 -7.18 30.08
N ARG A 117 8.83 -7.76 31.18
CA ARG A 117 8.86 -9.22 31.33
C ARG A 117 7.47 -9.83 31.11
N GLU A 118 6.43 -9.11 31.55
CA GLU A 118 5.05 -9.58 31.38
C GLU A 118 4.65 -9.56 29.90
N GLU A 119 5.04 -8.49 29.20
CA GLU A 119 4.73 -8.36 27.77
C GLU A 119 5.32 -9.53 26.97
N GLU A 120 6.48 -10.02 27.41
CA GLU A 120 7.13 -11.15 26.74
C GLU A 120 6.24 -12.39 26.82
N THR A 121 5.69 -12.64 28.01
CA THR A 121 4.80 -13.78 28.23
C THR A 121 3.48 -13.60 27.48
N GLU A 122 3.00 -12.35 27.43
CA GLU A 122 1.75 -12.02 26.73
C GLU A 122 1.82 -12.45 25.27
N ALA A 123 2.96 -12.15 24.62
CA ALA A 123 3.17 -12.52 23.22
C ALA A 123 3.17 -14.04 23.05
N ARG A 124 3.79 -14.74 24.01
CA ARG A 124 3.86 -16.20 23.96
C ARG A 124 2.46 -16.81 23.94
N ARG A 125 1.56 -16.25 24.75
CA ARG A 125 0.18 -16.73 24.81
C ARG A 125 -0.51 -16.58 23.46
N LYS A 126 -0.40 -15.38 22.87
CA LYS A 126 -1.00 -15.11 21.56
C LYS A 126 -0.42 -16.04 20.49
N ARG A 127 0.89 -16.31 20.57
CA ARG A 127 1.58 -17.17 19.61
C ARG A 127 0.85 -18.51 19.44
N ALA A 128 0.22 -18.99 20.52
CA ALA A 128 -0.51 -20.26 20.48
C ALA A 128 -1.56 -20.27 19.36
N GLU A 129 -2.36 -19.21 19.29
CA GLU A 129 -3.39 -19.08 18.26
C GLU A 129 -2.94 -18.19 17.10
N LEU A 130 -1.68 -17.72 17.14
CA LEU A 130 -1.13 -16.86 16.09
C LEU A 130 -1.83 -15.50 16.06
N ALA A 131 -1.26 -14.58 15.29
CA ALA A 131 -1.82 -13.23 15.16
C ALA A 131 -2.97 -13.21 14.16
N ARG A 132 -4.20 -13.25 14.69
CA ARG A 132 -5.39 -13.23 13.85
C ARG A 132 -5.90 -11.81 13.63
N MET A 133 -5.43 -11.17 12.56
CA MET A 133 -5.83 -9.81 12.23
C MET A 133 -7.01 -9.80 11.27
N LYS A 134 -8.21 -9.60 11.81
CA LYS A 134 -9.42 -9.57 10.98
C LYS A 134 -9.57 -8.23 10.24
N THR A 135 -9.01 -7.16 10.83
CA THR A 135 -9.08 -5.83 10.21
C THR A 135 -8.48 -5.84 8.81
N LEU A 136 -7.34 -6.53 8.66
CA LEU A 136 -6.66 -6.63 7.35
C LEU A 136 -7.55 -7.36 6.34
N GLU A 137 -8.18 -8.44 6.77
CA GLU A 137 -9.06 -9.23 5.91
C GLU A 137 -10.26 -8.38 5.46
N ASN A 138 -10.86 -7.66 6.40
CA ASN A 138 -12.00 -6.80 6.11
C ASN A 138 -11.61 -5.65 5.17
N GLU A 139 -10.35 -5.22 5.25
CA GLU A 139 -9.86 -4.13 4.40
C GLU A 139 -9.92 -4.50 2.91
N GLU A 140 -9.84 -5.80 2.60
CA GLU A 140 -9.89 -6.27 1.22
C GLU A 140 -11.28 -6.04 0.59
N GLU A 141 -12.31 -5.95 1.45
CA GLU A 141 -13.69 -5.74 0.98
C GLU A 141 -13.82 -4.45 0.15
N ILE A 142 -13.01 -3.43 0.49
CA ILE A 142 -13.06 -2.15 -0.24
C ILE A 142 -12.85 -2.34 -1.74
N LYS A 143 -12.04 -3.34 -2.12
CA LYS A 143 -11.77 -3.63 -3.52
C LYS A 143 -13.05 -4.05 -4.26
N ASN A 144 -13.84 -4.91 -3.63
CA ASN A 144 -15.10 -5.38 -4.21
C ASN A 144 -16.07 -4.23 -4.39
N LEU A 145 -16.17 -3.36 -3.38
CA LEU A 145 -17.06 -2.20 -3.44
C LEU A 145 -16.66 -1.26 -4.57
N GLU A 146 -15.35 -1.07 -4.75
CA GLU A 146 -14.84 -0.21 -5.82
C GLU A 146 -15.23 -0.75 -7.19
N LYS A 147 -15.13 -2.07 -7.36
CA LYS A 147 -15.49 -2.72 -8.62
C LYS A 147 -16.94 -2.41 -9.00
N GLU A 148 -17.83 -2.43 -8.00
CA GLU A 148 -19.25 -2.14 -8.22
C GLU A 148 -19.43 -0.74 -8.83
N LEU A 149 -18.68 0.24 -8.30
CA LEU A 149 -18.75 1.60 -8.80
C LEU A 149 -18.40 1.67 -10.28
N SER A 150 -17.44 0.84 -10.70
CA SER A 150 -17.02 0.77 -12.11
C SER A 150 -18.17 0.29 -12.99
N ASP A 151 -18.95 -0.68 -12.49
CA ASP A 151 -20.08 -1.22 -13.23
C ASP A 151 -21.13 -0.15 -13.49
N LEU A 152 -21.29 0.78 -12.55
CA LEU A 152 -22.26 1.87 -12.67
C LEU A 152 -22.02 2.66 -13.96
N GLU A 153 -20.75 2.86 -14.31
CA GLU A 153 -20.39 3.60 -15.52
C GLU A 153 -20.95 2.92 -16.76
N ASN A 154 -20.85 1.59 -16.80
CA ASN A 154 -21.36 0.80 -17.93
C ASN A 154 -22.86 0.99 -18.09
N LYS A 155 -23.57 1.13 -16.96
CA LYS A 155 -25.03 1.31 -16.97
C LYS A 155 -25.42 2.55 -17.77
N LEU A 156 -24.62 3.61 -17.64
CA LEU A 156 -24.89 4.86 -18.35
C LEU A 156 -24.93 4.65 -19.87
N GLY A 157 -24.01 3.82 -20.37
CA GLY A 157 -23.95 3.54 -21.79
C GLY A 157 -22.69 4.08 -22.45
N LYS A 158 -21.54 3.73 -21.87
CA LYS A 158 -20.25 4.19 -22.40
C LYS A 158 -19.47 3.03 -23.01
N LYS A 159 -19.35 1.94 -22.25
CA LYS A 159 -18.63 0.75 -22.71
C LYS A 159 -19.60 -0.39 -22.99
N MET B 1 31.17 -4.89 14.39
CA MET B 1 29.91 -5.23 13.68
C MET B 1 28.74 -4.40 14.20
N SER B 2 28.08 -3.69 13.28
CA SER B 2 26.95 -2.84 13.64
C SER B 2 25.62 -3.52 13.26
N ARG B 3 24.52 -2.76 13.34
CA ARG B 3 23.20 -3.29 13.01
C ARG B 3 22.45 -2.34 12.08
N MET B 4 21.71 -2.90 11.13
CA MET B 4 20.92 -2.11 10.19
C MET B 4 19.63 -1.60 10.81
N PRO B 5 19.26 -0.34 10.53
CA PRO B 5 18.03 0.27 11.06
C PRO B 5 16.78 -0.42 10.53
N SER B 6 15.70 -0.36 11.31
CA SER B 6 14.43 -0.97 10.91
C SER B 6 13.80 -0.18 9.76
N SER B 7 14.23 -0.49 8.54
CA SER B 7 13.73 0.19 7.34
C SER B 7 13.07 -0.79 6.38
N PHE B 8 13.80 -1.83 5.99
CA PHE B 8 13.29 -2.84 5.06
C PHE B 8 11.98 -3.44 5.57
N ASP B 9 12.07 -4.26 6.62
CA ASP B 9 10.90 -4.92 7.21
C ASP B 9 10.23 -5.87 6.21
N VAL B 10 10.40 -7.16 6.41
CA VAL B 10 9.83 -8.17 5.52
C VAL B 10 8.32 -7.98 5.35
N THR B 11 7.93 -7.48 4.18
CA THR B 11 6.52 -7.24 3.87
C THR B 11 6.13 -7.87 2.55
N GLU B 12 4.82 -7.97 2.31
CA GLU B 12 4.30 -8.55 1.06
C GLU B 12 3.63 -7.47 0.21
N ARG B 13 4.23 -6.28 0.19
CA ARG B 13 3.69 -5.15 -0.58
C ARG B 13 4.63 -4.75 -1.73
N ASP B 14 5.74 -5.48 -1.90
CA ASP B 14 6.69 -5.18 -2.98
C ASP B 14 6.05 -5.40 -4.35
N LEU B 15 5.40 -6.55 -4.52
CA LEU B 15 4.73 -6.87 -5.77
C LEU B 15 3.57 -5.90 -6.03
N ASP B 16 2.92 -5.46 -4.95
CA ASP B 16 1.80 -4.53 -5.05
C ASP B 16 2.27 -3.20 -5.65
N ASP B 17 3.47 -2.76 -5.26
CA ASP B 17 4.03 -1.50 -5.77
C ASP B 17 4.21 -1.56 -7.29
N MET B 18 4.58 -2.74 -7.80
CA MET B 18 4.77 -2.93 -9.24
C MET B 18 3.45 -2.77 -9.98
N THR B 19 2.38 -3.34 -9.42
CA THR B 19 1.05 -3.25 -10.03
C THR B 19 0.60 -1.79 -10.15
N PHE B 20 1.01 -0.96 -9.19
CA PHE B 20 0.66 0.46 -9.21
C PHE B 20 1.18 1.15 -10.46
N GLY B 21 2.38 0.75 -10.92
CA GLY B 21 2.97 1.32 -12.11
C GLY B 21 2.13 1.07 -13.37
N GLU B 22 1.24 0.07 -13.32
CA GLU B 22 0.38 -0.26 -14.45
C GLU B 22 -0.93 0.52 -14.37
N ARG B 23 -1.43 0.73 -13.14
CA ARG B 23 -2.68 1.46 -12.91
C ARG B 23 -2.53 2.94 -13.31
N ILE B 24 -1.35 3.51 -13.06
CA ILE B 24 -1.08 4.91 -13.38
C ILE B 24 -1.15 5.19 -14.89
N ILE B 25 -1.06 4.13 -15.71
CA ILE B 25 -1.12 4.27 -17.16
C ILE B 25 -2.40 5.00 -17.60
N TYR B 26 -3.49 4.78 -16.85
CA TYR B 26 -4.77 5.42 -17.15
C TYR B 26 -4.63 6.95 -17.14
N HIS B 27 -3.92 7.48 -16.14
CA HIS B 27 -3.69 8.92 -16.03
C HIS B 27 -2.85 9.42 -17.20
N CYS B 28 -1.86 8.63 -17.61
CA CYS B 28 -0.99 8.99 -18.73
C CYS B 28 -1.80 9.13 -20.03
N LYS B 29 -2.85 8.32 -20.16
CA LYS B 29 -3.72 8.36 -21.35
C LYS B 29 -4.38 9.74 -21.49
N LYS B 30 -4.72 10.36 -20.37
CA LYS B 30 -5.35 11.68 -20.37
C LYS B 30 -4.44 12.72 -21.03
N GLN B 31 -3.19 12.79 -20.56
CA GLN B 31 -2.22 13.74 -21.11
C GLN B 31 -0.91 13.03 -21.44
N PRO B 32 -0.85 12.35 -22.60
CA PRO B 32 0.35 11.62 -23.04
C PRO B 32 1.42 12.55 -23.60
N LEU B 33 2.67 12.36 -23.14
CA LEU B 33 3.79 13.18 -23.59
C LEU B 33 4.75 12.36 -24.47
N VAL B 34 5.47 13.05 -25.35
CA VAL B 34 6.42 12.39 -26.26
C VAL B 34 7.80 12.26 -25.61
N PRO B 35 8.45 13.39 -25.23
CA PRO B 35 9.77 13.36 -24.60
C PRO B 35 9.73 12.87 -23.15
N ILE B 36 8.79 13.40 -22.38
CA ILE B 36 8.64 13.02 -20.98
C ILE B 36 7.91 11.68 -20.83
N GLY B 37 6.89 11.46 -21.67
CA GLY B 37 6.13 10.23 -21.63
C GLY B 37 6.97 9.00 -21.89
N CYS B 38 7.79 9.06 -22.94
CA CYS B 38 8.67 7.94 -23.30
C CYS B 38 9.68 7.67 -22.19
N LEU B 39 10.28 8.74 -21.66
CA LEU B 39 11.28 8.61 -20.59
C LEU B 39 10.65 8.07 -19.30
N LEU B 40 9.38 8.42 -19.06
CA LEU B 40 8.66 7.97 -17.87
C LEU B 40 8.25 6.51 -17.99
N THR B 41 7.78 6.11 -19.18
CA THR B 41 7.34 4.73 -19.41
C THR B 41 8.54 3.79 -19.48
N THR B 42 9.57 4.18 -20.25
CA THR B 42 10.78 3.37 -20.40
C THR B 42 11.57 3.32 -19.10
N GLY B 43 11.69 4.47 -18.43
CA GLY B 43 12.43 4.54 -17.18
C GLY B 43 11.70 3.92 -16.00
N ALA B 44 10.37 3.71 -16.14
CA ALA B 44 9.58 3.13 -15.06
C ALA B 44 10.03 1.70 -14.75
N VAL B 45 10.04 0.85 -15.78
CA VAL B 45 10.46 -0.55 -15.62
C VAL B 45 11.98 -0.69 -15.62
N ILE B 46 12.69 0.34 -16.10
CA ILE B 46 14.16 0.31 -16.15
C ILE B 46 14.75 0.15 -14.73
N LEU B 47 14.17 0.87 -13.76
CA LEU B 47 14.64 0.80 -12.38
C LEU B 47 14.08 -0.43 -11.65
N ALA B 48 12.93 -0.94 -12.09
CA ALA B 48 12.32 -2.13 -11.48
C ALA B 48 13.06 -3.39 -11.89
N ALA B 49 13.43 -3.47 -13.17
CA ALA B 49 14.17 -4.62 -13.70
C ALA B 49 15.57 -4.73 -13.10
N GLN B 50 16.10 -3.60 -12.61
CA GLN B 50 17.44 -3.58 -12.01
C GLN B 50 17.40 -4.16 -10.59
N ASN B 51 16.33 -3.87 -9.85
CA ASN B 51 16.16 -4.37 -8.49
C ASN B 51 16.01 -5.89 -8.46
N VAL B 52 15.44 -6.46 -9.53
CA VAL B 52 15.25 -7.92 -9.63
C VAL B 52 16.48 -8.56 -10.27
N ARG B 53 16.94 -7.98 -11.38
CA ARG B 53 18.14 -8.51 -12.08
C ARG B 53 19.33 -8.61 -11.13
N LEU B 54 19.48 -7.62 -10.25
CA LEU B 54 20.59 -7.63 -9.28
C LEU B 54 20.26 -8.51 -8.08
N GLY B 55 19.09 -8.29 -7.47
CA GLY B 55 18.68 -9.08 -6.32
C GLY B 55 18.61 -10.57 -6.63
N ASN B 56 18.51 -10.94 -7.91
CA ASN B 56 18.45 -12.34 -8.32
C ASN B 56 19.85 -12.88 -8.58
N LYS B 57 20.68 -12.07 -9.25
CA LYS B 57 22.06 -12.46 -9.58
C LYS B 57 22.80 -13.02 -8.37
N TRP B 58 22.53 -12.45 -7.19
CA TRP B 58 23.17 -12.90 -5.96
C TRP B 58 22.26 -13.86 -5.20
N LYS B 59 22.02 -15.04 -5.79
CA LYS B 59 21.17 -16.05 -5.19
C LYS B 59 21.99 -17.00 -4.32
N ALA B 60 21.56 -18.27 -4.27
CA ALA B 60 22.26 -19.27 -3.45
C ALA B 60 21.69 -20.69 -3.64
N GLN B 61 20.41 -20.81 -4.04
CA GLN B 61 19.80 -22.13 -4.21
C GLN B 61 18.67 -22.10 -5.25
N TYR B 62 19.02 -22.37 -6.51
CA TYR B 62 18.05 -22.41 -7.61
C TYR B 62 17.49 -21.03 -7.93
N TYR B 63 16.79 -20.94 -9.07
CA TYR B 63 16.18 -19.69 -9.51
C TYR B 63 14.67 -19.86 -9.67
N PHE B 64 13.93 -19.76 -8.56
CA PHE B 64 12.48 -19.91 -8.59
C PHE B 64 11.80 -18.67 -9.16
N ARG B 65 12.52 -17.55 -9.24
CA ARG B 65 11.98 -16.31 -9.78
C ARG B 65 11.87 -16.36 -11.32
N TRP B 66 12.49 -17.38 -11.94
CA TRP B 66 12.45 -17.51 -13.40
C TRP B 66 11.03 -17.84 -13.88
N ARG B 67 10.37 -18.78 -13.19
CA ARG B 67 9.01 -19.19 -13.55
C ARG B 67 8.07 -17.98 -13.65
N VAL B 68 7.88 -17.28 -12.53
CA VAL B 68 7.02 -16.09 -12.50
C VAL B 68 7.58 -14.96 -13.36
N GLY B 69 8.91 -14.88 -13.45
CA GLY B 69 9.56 -13.84 -14.23
C GLY B 69 9.07 -13.82 -15.67
N LEU B 70 8.89 -15.00 -16.26
CA LEU B 70 8.42 -15.10 -17.65
C LEU B 70 6.90 -14.94 -17.73
N GLN B 71 6.18 -15.58 -16.81
CA GLN B 71 4.71 -15.51 -16.76
C GLN B 71 4.23 -14.04 -16.72
N ALA B 72 4.91 -13.22 -15.91
CA ALA B 72 4.55 -11.81 -15.80
C ALA B 72 5.06 -11.01 -16.99
N ALA B 73 6.24 -11.38 -17.50
CA ALA B 73 6.84 -10.68 -18.66
C ALA B 73 5.89 -10.70 -19.86
N THR B 74 5.17 -11.82 -20.03
CA THR B 74 4.23 -11.96 -21.15
C THR B 74 2.93 -11.19 -20.87
N LEU B 75 2.52 -11.17 -19.60
CA LEU B 75 1.30 -10.46 -19.19
C LEU B 75 1.41 -8.96 -19.50
N VAL B 76 2.59 -8.38 -19.25
CA VAL B 76 2.81 -6.97 -19.50
C VAL B 76 2.88 -6.67 -21.01
N ALA B 77 3.29 -7.67 -21.80
CA ALA B 77 3.37 -7.51 -23.26
C ALA B 77 1.99 -7.60 -23.91
N LEU B 78 1.11 -8.42 -23.32
CA LEU B 78 -0.26 -8.59 -23.85
C LEU B 78 -1.15 -7.41 -23.41
N VAL B 79 -1.02 -6.99 -22.16
CA VAL B 79 -1.81 -5.86 -21.64
C VAL B 79 -1.42 -4.54 -22.32
N ALA B 80 -0.19 -4.47 -22.84
CA ALA B 80 0.28 -3.26 -23.54
C ALA B 80 -0.52 -3.06 -24.83
N GLY B 81 -0.71 -4.14 -25.58
CA GLY B 81 -1.48 -4.05 -26.83
C GLY B 81 -2.99 -4.07 -26.60
N SER B 82 -3.43 -4.59 -25.44
CA SER B 82 -4.85 -4.65 -25.11
C SER B 82 -5.37 -3.27 -24.69
N PHE B 83 -4.50 -2.44 -24.12
CA PHE B 83 -4.86 -1.10 -23.68
C PHE B 83 -5.35 -0.25 -24.87
N ILE B 84 -4.58 -0.29 -25.96
CA ILE B 84 -4.94 0.46 -27.17
C ILE B 84 -6.15 -0.15 -27.85
N TYR B 85 -6.27 -1.48 -27.79
CA TYR B 85 -7.39 -2.20 -28.39
C TYR B 85 -8.74 -1.67 -27.88
N GLY B 86 -8.92 -1.68 -26.56
CA GLY B 86 -10.17 -1.21 -25.98
C GLY B 86 -11.25 -2.26 -25.99
N THR B 87 -10.91 -3.47 -25.52
CA THR B 87 -11.86 -4.58 -25.48
C THR B 87 -12.86 -4.41 -24.33
N SER B 88 -12.35 -4.29 -23.10
CA SER B 88 -13.19 -4.14 -21.93
C SER B 88 -12.38 -3.67 -20.72
N GLY B 89 -12.85 -2.60 -20.08
CA GLY B 89 -12.14 -2.07 -18.91
C GLY B 89 -12.29 -2.95 -17.69
N LYS B 90 -13.42 -3.67 -17.58
CA LYS B 90 -13.67 -4.56 -16.45
C LYS B 90 -12.60 -5.67 -16.38
N GLU B 91 -12.04 -6.03 -17.55
CA GLU B 91 -11.01 -7.07 -17.62
C GLU B 91 -9.84 -6.74 -16.68
N LEU B 92 -9.45 -5.47 -16.64
CA LEU B 92 -8.34 -5.02 -15.79
C LEU B 92 -8.61 -5.38 -14.33
N LYS B 93 -9.85 -5.17 -13.88
CA LYS B 93 -10.26 -5.49 -12.50
C LYS B 93 -10.06 -6.98 -12.21
N ALA B 94 -10.41 -7.82 -13.19
CA ALA B 94 -10.26 -9.28 -13.04
C ALA B 94 -8.78 -9.67 -12.97
N LYS B 95 -7.96 -9.04 -13.83
CA LYS B 95 -6.53 -9.31 -13.87
C LYS B 95 -5.88 -8.96 -12.53
N GLU B 96 -6.34 -7.88 -11.90
CA GLU B 96 -5.83 -7.43 -10.63
C GLU B 96 -6.08 -8.49 -9.55
N GLU B 97 -7.30 -9.02 -9.52
CA GLU B 97 -7.67 -10.05 -8.56
C GLU B 97 -6.79 -11.30 -8.72
N GLN B 98 -6.58 -11.71 -9.96
CA GLN B 98 -5.75 -12.89 -10.26
C GLN B 98 -4.38 -12.75 -9.60
N LEU B 99 -3.80 -11.56 -9.70
CA LEU B 99 -2.48 -11.28 -9.10
C LEU B 99 -2.59 -11.27 -7.57
N LYS B 100 -3.68 -10.69 -7.05
CA LYS B 100 -3.91 -10.60 -5.62
C LYS B 100 -3.98 -12.00 -5.00
N GLU B 101 -4.68 -12.91 -5.67
CA GLU B 101 -4.82 -14.30 -5.19
C GLU B 101 -3.47 -15.01 -5.19
N LYS B 102 -2.62 -14.68 -6.17
CA LYS B 102 -1.30 -15.29 -6.27
C LYS B 102 -0.40 -14.90 -5.08
N ALA B 103 -0.58 -13.66 -4.61
CA ALA B 103 0.20 -13.16 -3.46
C ALA B 103 -0.08 -13.99 -2.21
N LYS B 104 -1.38 -14.23 -1.95
CA LYS B 104 -1.80 -15.02 -0.79
C LYS B 104 -1.34 -16.47 -0.92
N MET B 105 -1.46 -17.03 -2.13
CA MET B 105 -1.05 -18.41 -2.39
C MET B 105 0.44 -18.61 -2.15
N ARG B 106 1.25 -17.67 -2.66
CA ARG B 106 2.70 -17.73 -2.50
C ARG B 106 3.11 -17.57 -1.03
N GLU B 107 2.37 -16.74 -0.29
CA GLU B 107 2.65 -16.48 1.11
C GLU B 107 2.59 -17.78 1.93
N LYS B 108 3.72 -18.12 2.57
CA LYS B 108 3.80 -19.33 3.38
C LYS B 108 3.80 -19.00 4.87
N LEU B 109 2.64 -19.15 5.51
CA LEU B 109 2.50 -18.87 6.93
C LEU B 109 2.56 -20.14 7.77
N TRP B 110 2.09 -21.25 7.21
CA TRP B 110 2.08 -22.54 7.91
C TRP B 110 3.49 -23.01 8.24
N ILE B 111 4.35 -23.11 7.22
CA ILE B 111 5.73 -23.57 7.40
C ILE B 111 6.71 -22.71 6.62
N GLN B 112 7.99 -22.78 7.01
CA GLN B 112 9.05 -22.03 6.34
C GLN B 112 10.03 -22.97 5.65
N GLU B 113 10.87 -22.41 4.76
CA GLU B 113 11.85 -23.20 4.03
C GLU B 113 13.27 -22.82 4.42
N LEU B 114 14.08 -23.84 4.71
CA LEU B 114 15.48 -23.63 5.09
C LEU B 114 16.39 -24.64 4.39
N GLU B 115 17.60 -24.21 4.04
CA GLU B 115 18.55 -25.09 3.36
C GLU B 115 19.90 -25.13 4.09
N ARG B 116 20.64 -24.01 4.02
CA ARG B 116 21.95 -23.93 4.66
C ARG B 116 22.03 -22.79 5.66
N ARG B 117 22.95 -22.91 6.63
CA ARG B 117 23.15 -21.87 7.65
C ARG B 117 24.20 -20.85 7.17
N GLU B 118 25.10 -21.28 6.29
CA GLU B 118 26.16 -20.42 5.76
C GLU B 118 25.55 -19.15 5.17
N GLU B 119 24.46 -19.31 4.41
CA GLU B 119 23.79 -18.17 3.78
C GLU B 119 23.39 -17.13 4.83
N GLU B 120 22.91 -17.59 5.98
CA GLU B 120 22.50 -16.71 7.07
C GLU B 120 23.70 -15.94 7.61
N THR B 121 24.84 -16.64 7.73
CA THR B 121 26.08 -16.04 8.22
C THR B 121 26.60 -14.98 7.24
N GLU B 122 26.22 -15.10 5.97
CA GLU B 122 26.66 -14.17 4.94
C GLU B 122 25.76 -12.91 4.91
N ALA B 123 24.44 -13.11 5.02
CA ALA B 123 23.50 -12.01 5.00
C ALA B 123 23.49 -11.22 6.32
N ARG B 124 24.00 -11.81 7.40
CA ARG B 124 24.04 -11.12 8.69
C ARG B 124 25.16 -10.09 8.72
N ARG B 125 26.31 -10.45 8.12
CA ARG B 125 27.46 -9.54 8.07
C ARG B 125 27.17 -8.36 7.15
N LYS B 126 26.52 -8.62 6.02
CA LYS B 126 26.16 -7.58 5.07
C LYS B 126 25.08 -6.67 5.65
N ARG B 127 24.11 -7.26 6.35
CA ARG B 127 23.03 -6.50 6.97
C ARG B 127 23.50 -5.77 8.23
N ALA B 128 24.75 -5.99 8.64
CA ALA B 128 25.30 -5.35 9.83
C ALA B 128 25.76 -3.91 9.55
N GLU B 129 26.37 -3.70 8.38
CA GLU B 129 26.88 -2.36 8.01
C GLU B 129 25.80 -1.28 8.16
N LEU B 130 24.81 -1.26 7.25
CA LEU B 130 23.73 -0.27 7.29
C LEU B 130 22.96 -0.23 5.96
N ALA B 131 21.68 0.16 6.04
CA ALA B 131 20.83 0.25 4.85
C ALA B 131 19.42 0.74 5.20
N ARG B 132 18.71 1.25 4.21
CA ARG B 132 17.35 1.75 4.38
C ARG B 132 16.40 1.10 3.37
N MET B 133 15.20 1.65 3.20
CA MET B 133 14.23 1.12 2.23
C MET B 133 14.54 1.63 0.84
N LYS B 134 15.18 0.78 0.02
CA LYS B 134 15.56 1.14 -1.35
C LYS B 134 14.32 1.38 -2.20
N THR B 135 13.41 0.40 -2.22
CA THR B 135 12.18 0.50 -3.01
C THR B 135 11.29 1.65 -2.51
N LEU B 136 11.08 1.69 -1.19
CA LEU B 136 10.25 2.73 -0.58
C LEU B 136 10.79 4.13 -0.89
N GLU B 137 12.12 4.28 -0.89
CA GLU B 137 12.75 5.57 -1.18
C GLU B 137 12.46 5.99 -2.62
N ASN B 138 12.66 5.07 -3.55
CA ASN B 138 12.41 5.34 -4.98
C ASN B 138 10.95 5.72 -5.21
N GLU B 139 10.04 5.11 -4.44
CA GLU B 139 8.61 5.40 -4.56
C GLU B 139 8.34 6.87 -4.30
N GLU B 140 9.04 7.45 -3.33
CA GLU B 140 8.89 8.86 -2.99
C GLU B 140 9.45 9.74 -4.10
N GLU B 141 10.50 9.27 -4.77
CA GLU B 141 11.13 10.01 -5.87
C GLU B 141 10.14 10.21 -7.01
N ILE B 142 9.37 9.16 -7.33
CA ILE B 142 8.38 9.22 -8.41
C ILE B 142 7.32 10.30 -8.13
N LYS B 143 7.04 10.55 -6.85
CA LYS B 143 6.06 11.56 -6.44
C LYS B 143 6.49 12.95 -6.90
N ASN B 144 7.79 13.24 -6.81
CA ASN B 144 8.34 14.53 -7.23
C ASN B 144 8.04 14.78 -8.71
N LEU B 145 8.27 13.76 -9.54
CA LEU B 145 8.03 13.87 -10.98
C LEU B 145 6.54 14.02 -11.27
N GLU B 146 5.71 13.32 -10.49
CA GLU B 146 4.26 13.38 -10.65
C GLU B 146 3.75 14.78 -10.30
N LYS B 147 4.36 15.40 -9.29
CA LYS B 147 3.99 16.75 -8.85
C LYS B 147 4.08 17.76 -9.99
N GLU B 148 5.06 17.56 -10.89
CA GLU B 148 5.26 18.45 -12.03
C GLU B 148 4.00 18.57 -12.88
N LEU B 149 3.24 17.48 -12.98
CA LEU B 149 2.00 17.48 -13.76
C LEU B 149 1.03 18.53 -13.23
N SER B 150 0.84 18.56 -11.91
CA SER B 150 -0.05 19.53 -11.28
C SER B 150 0.58 20.92 -11.28
N ASP B 151 1.90 20.97 -11.08
CA ASP B 151 2.63 22.23 -11.07
C ASP B 151 2.59 22.93 -12.44
N LEU B 152 2.45 22.13 -13.51
CA LEU B 152 2.38 22.68 -14.87
C LEU B 152 1.31 23.76 -15.00
N GLU B 153 0.21 23.59 -14.27
CA GLU B 153 -0.89 24.56 -14.30
C GLU B 153 -0.38 25.95 -13.95
N ASN B 154 0.42 26.04 -12.88
CA ASN B 154 0.99 27.31 -12.45
C ASN B 154 2.16 27.72 -13.36
N LYS B 155 2.96 26.75 -13.79
CA LYS B 155 4.09 26.98 -14.66
C LYS B 155 3.70 27.79 -15.90
N LEU B 156 2.66 27.31 -16.60
CA LEU B 156 2.17 27.98 -17.80
C LEU B 156 1.50 29.31 -17.45
N GLY B 157 0.77 29.33 -16.34
CA GLY B 157 0.09 30.53 -15.91
C GLY B 157 -1.30 30.67 -16.51
N LYS B 158 -2.04 29.57 -16.53
CA LYS B 158 -3.40 29.56 -17.06
C LYS B 158 -4.43 29.38 -15.95
N LYS B 159 -4.24 28.37 -15.12
CA LYS B 159 -5.14 28.09 -14.00
C LYS B 159 -4.38 27.90 -12.69
N MET A 1 -20.54 -12.67 21.81
CA MET A 1 -19.18 -13.19 22.14
C MET A 1 -18.65 -14.07 21.01
N SER A 2 -17.58 -13.61 20.36
CA SER A 2 -16.96 -14.35 19.27
C SER A 2 -15.70 -15.10 19.74
N ARG A 3 -14.89 -14.43 20.56
CA ARG A 3 -13.66 -15.02 21.08
C ARG A 3 -12.66 -15.28 19.95
N MET A 4 -11.98 -14.23 19.49
CA MET A 4 -11.00 -14.34 18.42
C MET A 4 -9.74 -13.53 18.74
N PRO A 5 -8.56 -14.08 18.43
CA PRO A 5 -7.27 -13.41 18.69
C PRO A 5 -7.13 -12.09 17.93
N SER A 6 -6.59 -11.08 18.61
CA SER A 6 -6.40 -9.77 18.00
C SER A 6 -5.25 -9.01 18.68
N SER A 7 -5.27 -8.98 20.01
CA SER A 7 -4.25 -8.28 20.79
C SER A 7 -2.86 -8.87 20.55
N PHE A 8 -2.79 -10.14 20.12
CA PHE A 8 -1.52 -10.81 19.85
C PHE A 8 -0.59 -9.93 19.00
N ASP A 9 -1.15 -9.30 17.96
CA ASP A 9 -0.37 -8.44 17.08
C ASP A 9 -1.29 -7.71 16.09
N VAL A 10 -0.91 -6.48 15.72
CA VAL A 10 -1.70 -5.70 14.77
C VAL A 10 -1.43 -6.15 13.34
N THR A 11 -0.33 -5.67 12.75
CA THR A 11 0.05 -6.04 11.38
C THR A 11 1.45 -5.49 11.05
N GLU A 12 1.50 -4.22 10.66
CA GLU A 12 2.77 -3.57 10.31
C GLU A 12 2.54 -2.09 9.97
N ARG A 13 1.65 -1.84 9.00
CA ARG A 13 1.34 -0.48 8.59
C ARG A 13 -0.14 -0.17 8.79
N ASP A 14 -0.57 -0.17 10.06
CA ASP A 14 -1.96 0.11 10.41
C ASP A 14 -2.36 1.53 10.03
N LEU A 15 -1.46 2.48 10.25
CA LEU A 15 -1.71 3.89 9.92
C LEU A 15 -1.96 4.05 8.42
N ASP A 16 -1.13 3.39 7.61
CA ASP A 16 -1.27 3.44 6.16
C ASP A 16 -2.59 2.80 5.72
N ASP A 17 -2.97 1.71 6.40
CA ASP A 17 -4.21 0.99 6.10
C ASP A 17 -5.42 1.93 6.22
N MET A 18 -5.45 2.71 7.31
CA MET A 18 -6.55 3.65 7.55
C MET A 18 -6.54 4.77 6.50
N THR A 19 -5.34 5.21 6.11
CA THR A 19 -5.20 6.26 5.10
C THR A 19 -5.79 5.82 3.76
N PHE A 20 -5.65 4.54 3.44
CA PHE A 20 -6.16 3.98 2.19
C PHE A 20 -7.69 4.12 2.11
N GLY A 21 -8.36 4.11 3.28
CA GLY A 21 -9.79 4.25 3.31
C GLY A 21 -10.27 5.59 2.79
N GLU A 22 -9.50 6.65 3.07
CA GLU A 22 -9.84 8.00 2.63
C GLU A 22 -9.73 8.15 1.10
N ARG A 23 -8.98 7.24 0.47
CA ARG A 23 -8.79 7.26 -0.99
C ARG A 23 -10.12 7.20 -1.74
N ILE A 24 -11.15 6.60 -1.11
CA ILE A 24 -12.47 6.47 -1.73
C ILE A 24 -13.04 7.85 -2.13
N ILE A 25 -12.66 8.89 -1.39
CA ILE A 25 -13.13 10.25 -1.68
C ILE A 25 -12.74 10.68 -3.09
N TYR A 26 -11.49 10.39 -3.48
CA TYR A 26 -11.00 10.73 -4.81
C TYR A 26 -11.78 9.99 -5.89
N HIS A 27 -12.13 8.73 -5.61
CA HIS A 27 -12.90 7.91 -6.56
C HIS A 27 -14.28 8.52 -6.79
N CYS A 28 -14.91 8.99 -5.71
CA CYS A 28 -16.24 9.60 -5.79
C CYS A 28 -16.18 10.96 -6.48
N LYS A 29 -15.01 11.61 -6.45
CA LYS A 29 -14.82 12.92 -7.09
C LYS A 29 -15.26 12.90 -8.56
N LYS A 30 -14.93 11.80 -9.25
CA LYS A 30 -15.29 11.65 -10.66
C LYS A 30 -16.81 11.71 -10.85
N GLN A 31 -17.53 10.84 -10.12
CA GLN A 31 -18.98 10.79 -10.19
C GLN A 31 -19.58 10.83 -8.78
N PRO A 32 -19.74 12.04 -8.22
CA PRO A 32 -20.30 12.22 -6.86
C PRO A 32 -21.79 11.90 -6.79
N LEU A 33 -22.19 11.22 -5.72
CA LEU A 33 -23.58 10.85 -5.51
C LEU A 33 -23.97 11.00 -4.03
N VAL A 34 -25.28 11.13 -3.78
CA VAL A 34 -25.78 11.28 -2.42
C VAL A 34 -26.05 9.92 -1.76
N PRO A 35 -26.81 9.02 -2.44
CA PRO A 35 -27.15 7.70 -1.88
C PRO A 35 -25.92 6.81 -1.71
N ILE A 36 -25.19 6.57 -2.80
CA ILE A 36 -24.00 5.72 -2.75
C ILE A 36 -22.79 6.46 -2.15
N GLY A 37 -22.73 7.77 -2.36
CA GLY A 37 -21.63 8.56 -1.82
C GLY A 37 -21.58 8.54 -0.32
N CYS A 38 -22.71 8.84 0.32
CA CYS A 38 -22.80 8.86 1.79
C CYS A 38 -22.58 7.46 2.36
N LEU A 39 -23.18 6.45 1.70
CA LEU A 39 -23.05 5.05 2.14
C LEU A 39 -21.60 4.59 2.07
N LEU A 40 -20.88 5.00 1.02
CA LEU A 40 -19.48 4.63 0.84
C LEU A 40 -18.59 5.28 1.90
N THR A 41 -18.80 6.58 2.13
CA THR A 41 -18.03 7.33 3.11
C THR A 41 -18.27 6.80 4.52
N THR A 42 -19.55 6.67 4.89
CA THR A 42 -19.93 6.17 6.21
C THR A 42 -19.46 4.73 6.42
N GLY A 43 -19.61 3.90 5.37
CA GLY A 43 -19.19 2.51 5.46
C GLY A 43 -17.69 2.34 5.62
N ALA A 44 -16.92 3.30 5.13
CA ALA A 44 -15.46 3.26 5.22
C ALA A 44 -14.97 3.78 6.57
N VAL A 45 -15.52 4.92 6.99
CA VAL A 45 -15.13 5.53 8.27
C VAL A 45 -15.59 4.69 9.47
N ILE A 46 -16.75 4.06 9.35
CA ILE A 46 -17.30 3.23 10.43
C ILE A 46 -16.39 2.03 10.72
N LEU A 47 -15.77 1.49 9.68
CA LEU A 47 -14.87 0.34 9.84
C LEU A 47 -13.70 0.68 10.75
N ALA A 48 -13.05 1.83 10.49
CA ALA A 48 -11.92 2.28 11.29
C ALA A 48 -12.39 2.78 12.65
N ALA A 49 -13.56 3.43 12.68
CA ALA A 49 -14.12 3.96 13.92
C ALA A 49 -14.36 2.86 14.95
N GLN A 50 -14.75 1.67 14.46
CA GLN A 50 -15.01 0.52 15.34
C GLN A 50 -13.76 0.17 16.16
N ASN A 51 -12.59 0.20 15.50
CA ASN A 51 -11.33 -0.11 16.18
C ASN A 51 -11.05 0.91 17.28
N VAL A 52 -11.30 2.20 16.98
CA VAL A 52 -11.09 3.27 17.94
C VAL A 52 -12.06 3.16 19.12
N ARG A 53 -13.29 2.71 18.83
CA ARG A 53 -14.32 2.55 19.85
C ARG A 53 -13.85 1.61 20.96
N LEU A 54 -13.21 0.49 20.57
CA LEU A 54 -12.71 -0.48 21.53
C LEU A 54 -11.73 0.17 22.52
N GLY A 55 -10.75 0.91 21.98
CA GLY A 55 -9.78 1.59 22.81
C GLY A 55 -10.40 2.70 23.64
N ASN A 56 -11.38 3.40 23.07
CA ASN A 56 -12.06 4.49 23.76
C ASN A 56 -12.80 3.98 25.00
N LYS A 57 -13.41 2.79 24.87
CA LYS A 57 -14.14 2.17 25.98
C LYS A 57 -13.19 1.77 27.10
N TRP A 58 -12.10 1.08 26.74
CA TRP A 58 -11.11 0.63 27.72
C TRP A 58 -10.12 1.76 28.04
N LYS A 59 -10.44 2.56 29.05
CA LYS A 59 -9.59 3.67 29.46
C LYS A 59 -8.66 3.27 30.60
N ALA A 60 -7.90 4.24 31.13
CA ALA A 60 -6.96 3.99 32.21
C ALA A 60 -5.81 3.08 31.75
N GLN A 61 -5.18 3.46 30.63
CA GLN A 61 -4.08 2.69 30.08
C GLN A 61 -3.25 3.53 29.10
N TYR A 62 -3.93 4.14 28.13
CA TYR A 62 -3.27 4.97 27.13
C TYR A 62 -3.97 6.31 26.97
N TYR A 63 -3.22 7.40 27.12
CA TYR A 63 -3.77 8.74 26.98
C TYR A 63 -3.35 9.40 25.66
N PHE A 64 -2.13 9.09 25.21
CA PHE A 64 -1.61 9.65 23.96
C PHE A 64 -2.48 9.24 22.77
N ARG A 65 -2.85 7.95 22.73
CA ARG A 65 -3.70 7.43 21.65
C ARG A 65 -5.08 8.11 21.67
N TRP A 66 -5.57 8.41 22.87
CA TRP A 66 -6.86 9.06 23.03
C TRP A 66 -6.81 10.50 22.51
N ARG A 67 -5.69 11.18 22.75
CA ARG A 67 -5.50 12.56 22.31
C ARG A 67 -5.38 12.66 20.79
N VAL A 68 -4.49 11.82 20.22
CA VAL A 68 -4.28 11.82 18.77
C VAL A 68 -5.57 11.46 18.01
N GLY A 69 -6.41 10.64 18.63
CA GLY A 69 -7.66 10.25 18.00
C GLY A 69 -8.53 11.44 17.65
N LEU A 70 -8.62 12.41 18.57
CA LEU A 70 -9.42 13.61 18.35
C LEU A 70 -8.83 14.44 17.22
N GLN A 71 -7.50 14.55 17.18
CA GLN A 71 -6.80 15.31 16.15
C GLN A 71 -7.08 14.72 14.76
N ALA A 72 -7.14 13.39 14.68
CA ALA A 72 -7.40 12.71 13.41
C ALA A 72 -8.84 12.96 12.95
N ALA A 73 -9.78 12.93 13.88
CA ALA A 73 -11.20 13.17 13.58
C ALA A 73 -11.41 14.57 13.01
N THR A 74 -10.73 15.56 13.60
CA THR A 74 -10.84 16.95 13.15
C THR A 74 -10.14 17.14 11.80
N LEU A 75 -9.05 16.40 11.59
CA LEU A 75 -8.28 16.49 10.36
C LEU A 75 -9.13 16.06 9.15
N VAL A 76 -9.72 14.88 9.24
CA VAL A 76 -10.57 14.36 8.16
C VAL A 76 -11.79 15.25 7.94
N ALA A 77 -12.32 15.83 9.02
CA ALA A 77 -13.47 16.72 8.94
C ALA A 77 -13.13 17.99 8.16
N LEU A 78 -11.91 18.51 8.39
CA LEU A 78 -11.46 19.71 7.71
C LEU A 78 -11.35 19.49 6.20
N VAL A 79 -10.97 18.27 5.81
CA VAL A 79 -10.84 17.91 4.40
C VAL A 79 -12.16 18.13 3.65
N ALA A 80 -13.26 17.71 4.28
CA ALA A 80 -14.60 17.87 3.68
C ALA A 80 -14.91 19.35 3.44
N GLY A 81 -14.62 20.19 4.43
CA GLY A 81 -14.86 21.62 4.31
C GLY A 81 -13.99 22.26 3.23
N SER A 82 -12.77 21.75 3.07
CA SER A 82 -11.85 22.26 2.06
C SER A 82 -12.32 21.92 0.65
N PHE A 83 -12.92 20.74 0.48
CA PHE A 83 -13.42 20.29 -0.81
C PHE A 83 -14.51 21.23 -1.32
N ILE A 84 -15.54 21.46 -0.50
CA ILE A 84 -16.65 22.34 -0.88
C ILE A 84 -16.19 23.79 -1.04
N TYR A 85 -15.17 24.18 -0.25
CA TYR A 85 -14.65 25.54 -0.31
C TYR A 85 -13.96 25.80 -1.66
N GLY A 86 -13.03 24.93 -2.02
CA GLY A 86 -12.31 25.09 -3.28
C GLY A 86 -11.40 26.31 -3.28
N THR A 87 -10.60 26.44 -2.22
CA THR A 87 -9.68 27.58 -2.09
C THR A 87 -8.31 27.23 -2.65
N SER A 88 -7.72 26.14 -2.17
CA SER A 88 -6.40 25.71 -2.63
C SER A 88 -6.38 24.20 -2.88
N GLY A 89 -6.25 23.82 -4.15
CA GLY A 89 -6.21 22.41 -4.51
C GLY A 89 -4.89 21.76 -4.15
N LYS A 90 -3.78 22.45 -4.44
CA LYS A 90 -2.44 21.94 -4.14
C LYS A 90 -2.24 21.75 -2.64
N GLU A 91 -2.88 22.63 -1.84
CA GLU A 91 -2.77 22.55 -0.39
C GLU A 91 -3.24 21.20 0.13
N LEU A 92 -4.35 20.71 -0.42
CA LEU A 92 -4.91 19.41 -0.02
C LEU A 92 -3.87 18.30 -0.16
N LYS A 93 -3.13 18.32 -1.27
CA LYS A 93 -2.10 17.32 -1.54
C LYS A 93 -0.95 17.45 -0.52
N ALA A 94 -0.52 18.69 -0.28
CA ALA A 94 0.56 18.95 0.68
C ALA A 94 0.15 18.56 2.09
N LYS A 95 -1.10 18.84 2.46
CA LYS A 95 -1.61 18.50 3.78
C LYS A 95 -1.60 17.00 4.00
N GLU A 96 -2.04 16.24 2.99
CA GLU A 96 -2.06 14.78 3.07
C GLU A 96 -0.62 14.23 3.15
N GLU A 97 0.30 14.86 2.43
CA GLU A 97 1.70 14.44 2.43
C GLU A 97 2.28 14.52 3.83
N GLN A 98 1.96 15.60 4.56
CA GLN A 98 2.44 15.80 5.92
C GLN A 98 2.11 14.59 6.80
N LEU A 99 0.95 13.98 6.57
CA LEU A 99 0.53 12.80 7.32
C LEU A 99 1.56 11.68 7.20
N LYS A 100 2.03 11.43 5.97
CA LYS A 100 3.02 10.40 5.71
C LYS A 100 4.36 10.76 6.37
N GLU A 101 4.73 12.05 6.29
CA GLU A 101 5.97 12.53 6.88
C GLU A 101 5.97 12.31 8.40
N LYS A 102 4.82 12.57 9.04
CA LYS A 102 4.68 12.39 10.48
C LYS A 102 4.90 10.93 10.87
N ALA A 103 4.33 10.01 10.09
CA ALA A 103 4.47 8.58 10.34
C ALA A 103 5.93 8.15 10.27
N LYS A 104 6.64 8.63 9.25
CA LYS A 104 8.06 8.31 9.06
C LYS A 104 8.89 8.91 10.19
N MET A 105 8.55 10.12 10.60
CA MET A 105 9.27 10.81 11.69
C MET A 105 9.13 10.04 13.00
N ARG A 106 7.90 9.58 13.28
CA ARG A 106 7.63 8.82 14.50
C ARG A 106 8.45 7.52 14.53
N GLU A 107 8.51 6.84 13.38
CA GLU A 107 9.27 5.60 13.27
C GLU A 107 10.77 5.88 13.31
N LYS A 108 11.42 5.45 14.40
CA LYS A 108 12.85 5.66 14.57
C LYS A 108 13.58 4.33 14.76
N LEU A 109 14.88 4.33 14.48
CA LEU A 109 15.72 3.14 14.62
C LEU A 109 16.37 3.09 15.99
N TRP A 110 16.77 4.26 16.50
CA TRP A 110 17.42 4.36 17.82
C TRP A 110 16.50 3.83 18.93
N ILE A 111 15.21 4.13 18.83
CA ILE A 111 14.23 3.69 19.83
C ILE A 111 14.23 2.16 19.96
N GLN A 112 14.49 1.68 21.18
CA GLN A 112 14.53 0.25 21.44
C GLN A 112 13.13 -0.33 21.62
N GLU A 113 12.32 0.33 22.45
CA GLU A 113 10.96 -0.12 22.73
C GLU A 113 10.98 -1.51 23.36
N LEU A 114 11.27 -1.56 24.67
CA LEU A 114 11.34 -2.83 25.39
C LEU A 114 10.15 -2.99 26.35
N GLU A 115 9.99 -4.20 26.87
CA GLU A 115 8.90 -4.50 27.79
C GLU A 115 9.32 -5.59 28.78
N ARG A 116 9.65 -6.77 28.27
CA ARG A 116 10.05 -7.90 29.11
C ARG A 116 10.68 -9.01 28.26
N ARG A 117 11.64 -9.72 28.85
CA ARG A 117 12.31 -10.83 28.17
C ARG A 117 11.34 -11.98 27.91
N GLU A 118 10.45 -12.23 28.87
CA GLU A 118 9.45 -13.28 28.75
C GLU A 118 8.48 -12.97 27.61
N GLU A 119 8.04 -11.71 27.55
CA GLU A 119 7.11 -11.27 26.49
C GLU A 119 7.70 -11.52 25.11
N GLU A 120 9.02 -11.33 24.97
CA GLU A 120 9.71 -11.54 23.70
C GLU A 120 9.53 -12.98 23.23
N THR A 121 9.81 -13.93 24.13
CA THR A 121 9.66 -15.36 23.81
C THR A 121 8.18 -15.72 23.62
N GLU A 122 7.32 -15.07 24.40
CA GLU A 122 5.87 -15.30 24.31
C GLU A 122 5.35 -14.96 22.91
N ALA A 123 5.74 -13.80 22.41
CA ALA A 123 5.32 -13.34 21.08
C ALA A 123 5.80 -14.30 20.00
N ARG A 124 7.02 -14.82 20.15
CA ARG A 124 7.60 -15.75 19.17
C ARG A 124 6.71 -17.00 19.03
N ARG A 125 6.30 -17.55 20.17
CA ARG A 125 5.45 -18.74 20.19
C ARG A 125 4.05 -18.43 19.67
N LYS A 126 3.53 -17.26 20.03
CA LYS A 126 2.20 -16.83 19.60
C LYS A 126 2.15 -16.62 18.08
N ARG A 127 3.18 -15.99 17.54
CA ARG A 127 3.25 -15.73 16.09
C ARG A 127 3.30 -17.03 15.31
N ALA A 128 4.14 -17.98 15.77
CA ALA A 128 4.28 -19.28 15.10
C ALA A 128 3.02 -20.12 15.28
N GLU A 129 2.33 -19.94 16.41
CA GLU A 129 1.11 -20.68 16.71
C GLU A 129 0.01 -20.37 15.69
N LEU A 130 -0.30 -19.08 15.52
CA LEU A 130 -1.34 -18.66 14.58
C LEU A 130 -0.97 -17.34 13.89
N ALA A 131 -1.51 -17.13 12.69
CA ALA A 131 -1.26 -15.93 11.91
C ALA A 131 -2.50 -15.55 11.09
N ARG A 132 -3.08 -14.38 11.40
CA ARG A 132 -4.27 -13.91 10.70
C ARG A 132 -4.38 -12.39 10.76
N MET A 133 -4.95 -11.79 9.71
CA MET A 133 -5.12 -10.35 9.64
C MET A 133 -6.59 -9.98 9.41
N LYS A 134 -7.33 -9.82 10.50
CA LYS A 134 -8.75 -9.49 10.43
C LYS A 134 -8.97 -8.09 9.86
N THR A 135 -8.17 -7.13 10.32
CA THR A 135 -8.28 -5.74 9.85
C THR A 135 -8.10 -5.65 8.33
N LEU A 136 -7.02 -6.24 7.83
CA LEU A 136 -6.73 -6.23 6.39
C LEU A 136 -7.80 -6.98 5.60
N GLU A 137 -8.24 -8.12 6.13
CA GLU A 137 -9.27 -8.93 5.46
C GLU A 137 -10.57 -8.16 5.29
N ASN A 138 -10.97 -7.44 6.34
CA ASN A 138 -12.20 -6.63 6.31
C ASN A 138 -12.05 -5.44 5.36
N GLU A 139 -10.84 -4.87 5.31
CA GLU A 139 -10.56 -3.73 4.45
C GLU A 139 -10.66 -4.10 2.96
N GLU A 140 -10.41 -5.37 2.64
CA GLU A 140 -10.47 -5.85 1.26
C GLU A 140 -11.88 -5.78 0.68
N GLU A 141 -12.90 -5.63 1.54
CA GLU A 141 -14.28 -5.54 1.10
C GLU A 141 -14.51 -4.38 0.11
N ILE A 142 -13.68 -3.33 0.22
CA ILE A 142 -13.79 -2.17 -0.67
C ILE A 142 -13.63 -2.56 -2.14
N LYS A 143 -12.87 -3.61 -2.41
CA LYS A 143 -12.64 -4.08 -3.78
C LYS A 143 -13.97 -4.35 -4.50
N ASN A 144 -14.90 -5.01 -3.79
CA ASN A 144 -16.21 -5.33 -4.36
C ASN A 144 -16.98 -4.06 -4.74
N LEU A 145 -16.91 -3.05 -3.86
CA LEU A 145 -17.59 -1.78 -4.09
C LEU A 145 -17.04 -1.08 -5.33
N GLU A 146 -15.72 -1.11 -5.48
CA GLU A 146 -15.05 -0.49 -6.63
C GLU A 146 -15.51 -1.13 -7.94
N LYS A 147 -15.55 -2.46 -7.96
CA LYS A 147 -15.98 -3.20 -9.14
C LYS A 147 -17.44 -2.90 -9.48
N GLU A 148 -18.27 -2.77 -8.43
CA GLU A 148 -19.68 -2.46 -8.59
C GLU A 148 -19.87 -1.12 -9.30
N LEU A 149 -19.05 -0.14 -8.91
CA LEU A 149 -19.11 1.20 -9.51
C LEU A 149 -18.80 1.13 -11.00
N SER A 150 -17.77 0.35 -11.36
CA SER A 150 -17.37 0.18 -12.76
C SER A 150 -18.50 -0.43 -13.59
N ASP A 151 -19.16 -1.45 -13.02
CA ASP A 151 -20.26 -2.12 -13.69
C ASP A 151 -21.46 -1.19 -13.87
N LEU A 152 -21.68 -0.32 -12.87
CA LEU A 152 -22.79 0.63 -12.90
C LEU A 152 -22.65 1.59 -14.10
N GLU A 153 -21.43 2.08 -14.32
CA GLU A 153 -21.15 2.99 -15.43
C GLU A 153 -21.45 2.33 -16.77
N ASN A 154 -20.99 1.08 -16.94
CA ASN A 154 -21.22 0.33 -18.18
C ASN A 154 -22.70 0.00 -18.36
N LYS A 155 -23.39 -0.29 -17.25
CA LYS A 155 -24.81 -0.63 -17.28
C LYS A 155 -25.63 0.55 -17.81
N LEU A 156 -25.27 1.77 -17.38
CA LEU A 156 -25.96 2.98 -17.81
C LEU A 156 -25.84 3.19 -19.32
N GLY A 157 -24.63 2.91 -19.85
CA GLY A 157 -24.39 3.06 -21.27
C GLY A 157 -23.33 4.11 -21.57
N LYS A 158 -22.18 3.98 -20.92
CA LYS A 158 -21.07 4.92 -21.11
C LYS A 158 -19.91 4.26 -21.86
N LYS A 159 -19.49 3.09 -21.37
CA LYS A 159 -18.38 2.36 -21.98
C LYS A 159 -18.79 1.78 -23.34
N MET B 1 19.72 -16.89 15.70
CA MET B 1 19.10 -15.68 15.09
C MET B 1 17.62 -15.89 14.80
N SER B 2 17.32 -16.97 14.06
CA SER B 2 15.93 -17.30 13.69
C SER B 2 15.40 -16.36 12.61
N ARG B 3 15.19 -15.09 12.98
CA ARG B 3 14.68 -14.09 12.05
C ARG B 3 15.07 -12.68 12.50
N MET B 4 16.17 -12.18 11.94
CA MET B 4 16.65 -10.83 12.28
C MET B 4 15.87 -9.75 11.51
N PRO B 5 15.85 -8.51 12.04
CA PRO B 5 15.13 -7.41 11.40
C PRO B 5 15.78 -6.96 10.08
N SER B 6 15.35 -7.58 8.99
CA SER B 6 15.88 -7.27 7.66
C SER B 6 15.58 -5.82 7.26
N SER B 7 16.21 -5.35 6.18
CA SER B 7 15.99 -3.99 5.70
C SER B 7 14.52 -3.77 5.36
N PHE B 8 13.96 -4.66 4.53
CA PHE B 8 12.56 -4.56 4.13
C PHE B 8 11.61 -5.06 5.23
N ASP B 9 12.12 -5.93 6.11
CA ASP B 9 11.33 -6.47 7.23
C ASP B 9 10.12 -7.27 6.74
N VAL B 10 10.40 -8.35 6.00
CA VAL B 10 9.36 -9.23 5.45
C VAL B 10 8.11 -8.47 5.01
N THR B 11 8.30 -7.37 4.29
CA THR B 11 7.19 -6.55 3.81
C THR B 11 6.57 -7.16 2.56
N GLU B 12 5.24 -7.15 2.50
CA GLU B 12 4.52 -7.68 1.35
C GLU B 12 4.02 -6.55 0.44
N ARG B 13 4.78 -5.45 0.39
CA ARG B 13 4.43 -4.29 -0.42
C ARG B 13 5.31 -4.19 -1.67
N ASP B 14 6.43 -4.94 -1.69
CA ASP B 14 7.34 -4.92 -2.83
C ASP B 14 6.59 -5.22 -4.14
N LEU B 15 5.81 -6.30 -4.13
CA LEU B 15 5.03 -6.69 -5.30
C LEU B 15 3.90 -5.70 -5.54
N ASP B 16 3.36 -5.13 -4.46
CA ASP B 16 2.27 -4.15 -4.56
C ASP B 16 2.74 -2.91 -5.34
N ASP B 17 3.99 -2.51 -5.12
CA ASP B 17 4.56 -1.36 -5.80
C ASP B 17 4.71 -1.65 -7.30
N MET B 18 5.14 -2.88 -7.62
CA MET B 18 5.31 -3.30 -9.01
C MET B 18 3.96 -3.36 -9.73
N THR B 19 2.95 -3.91 -9.05
CA THR B 19 1.60 -4.02 -9.62
C THR B 19 0.97 -2.63 -9.77
N PHE B 20 1.38 -1.69 -8.92
CA PHE B 20 0.86 -0.32 -8.96
C PHE B 20 1.14 0.34 -10.31
N GLY B 21 2.22 -0.10 -10.97
CA GLY B 21 2.57 0.45 -12.27
C GLY B 21 1.48 0.27 -13.32
N GLU B 22 0.56 -0.68 -13.09
CA GLU B 22 -0.54 -0.93 -14.02
C GLU B 22 -1.70 0.04 -13.76
N ARG B 23 -1.96 0.32 -12.48
CA ARG B 23 -3.04 1.22 -12.07
C ARG B 23 -2.74 2.66 -12.50
N ILE B 24 -1.48 3.08 -12.38
CA ILE B 24 -1.07 4.43 -12.75
C ILE B 24 -1.26 4.70 -14.24
N ILE B 25 -1.27 3.63 -15.05
CA ILE B 25 -1.45 3.75 -16.50
C ILE B 25 -2.77 4.46 -16.84
N TYR B 26 -3.77 4.28 -15.97
CA TYR B 26 -5.09 4.89 -16.17
C TYR B 26 -4.96 6.40 -16.40
N HIS B 27 -4.18 7.06 -15.53
CA HIS B 27 -3.96 8.50 -15.63
C HIS B 27 -3.23 8.84 -16.93
N CYS B 28 -2.20 8.05 -17.26
CA CYS B 28 -1.42 8.26 -18.48
C CYS B 28 -2.32 8.15 -19.72
N LYS B 29 -3.31 7.26 -19.66
CA LYS B 29 -4.25 7.07 -20.76
C LYS B 29 -5.07 8.34 -21.00
N LYS B 30 -5.52 8.96 -19.91
CA LYS B 30 -6.30 10.19 -19.99
C LYS B 30 -5.47 11.33 -20.58
N GLN B 31 -4.23 11.46 -20.12
CA GLN B 31 -3.32 12.49 -20.60
C GLN B 31 -2.06 11.86 -21.20
N PRO B 32 -2.14 11.41 -22.46
CA PRO B 32 -1.01 10.78 -23.15
C PRO B 32 0.03 11.79 -23.62
N LEU B 33 1.30 11.51 -23.32
CA LEU B 33 2.41 12.40 -23.70
C LEU B 33 3.38 11.67 -24.62
N VAL B 34 4.01 12.41 -25.53
CA VAL B 34 4.97 11.84 -26.46
C VAL B 34 6.39 11.84 -25.87
N PRO B 35 6.96 13.02 -25.55
CA PRO B 35 8.31 13.12 -24.98
C PRO B 35 8.37 12.66 -23.52
N ILE B 36 7.39 13.09 -22.72
CA ILE B 36 7.33 12.72 -21.31
C ILE B 36 6.77 11.30 -21.13
N GLY B 37 5.78 10.95 -21.95
CA GLY B 37 5.17 9.63 -21.87
C GLY B 37 6.18 8.52 -22.12
N CYS B 38 6.95 8.65 -23.19
CA CYS B 38 7.96 7.65 -23.54
C CYS B 38 8.99 7.48 -22.41
N LEU B 39 9.43 8.60 -21.85
CA LEU B 39 10.41 8.60 -20.77
C LEU B 39 9.83 7.99 -19.49
N LEU B 40 8.52 8.15 -19.28
CA LEU B 40 7.86 7.62 -18.10
C LEU B 40 7.56 6.12 -18.26
N THR B 41 7.07 5.73 -19.44
CA THR B 41 6.74 4.34 -19.71
C THR B 41 8.00 3.46 -19.72
N THR B 42 9.05 3.95 -20.38
CA THR B 42 10.32 3.22 -20.46
C THR B 42 11.11 3.34 -19.16
N GLY B 43 11.08 4.54 -18.56
CA GLY B 43 11.79 4.77 -17.31
C GLY B 43 11.22 3.99 -16.14
N ALA B 44 9.96 3.53 -16.25
CA ALA B 44 9.33 2.77 -15.18
C ALA B 44 9.94 1.38 -15.04
N VAL B 45 10.24 0.75 -16.19
CA VAL B 45 10.85 -0.58 -16.18
C VAL B 45 12.35 -0.51 -15.89
N ILE B 46 12.96 0.67 -16.08
CA ILE B 46 14.38 0.84 -15.83
C ILE B 46 14.73 0.56 -14.36
N LEU B 47 13.87 1.02 -13.45
CA LEU B 47 14.09 0.81 -12.01
C LEU B 47 13.60 -0.58 -11.55
N ALA B 48 12.64 -1.16 -12.28
CA ALA B 48 12.11 -2.49 -11.92
C ALA B 48 13.04 -3.59 -12.43
N ALA B 49 13.43 -3.49 -13.70
CA ALA B 49 14.32 -4.49 -14.31
C ALA B 49 15.71 -4.47 -13.67
N GLN B 50 16.07 -3.35 -13.04
CA GLN B 50 17.38 -3.23 -12.38
C GLN B 50 17.38 -4.01 -11.06
N ASN B 51 16.30 -3.89 -10.30
CA ASN B 51 16.17 -4.60 -9.03
C ASN B 51 15.89 -6.08 -9.25
N VAL B 52 15.26 -6.41 -10.38
CA VAL B 52 14.94 -7.81 -10.72
C VAL B 52 16.15 -8.51 -11.34
N ARG B 53 16.99 -7.74 -12.05
CA ARG B 53 18.19 -8.29 -12.69
C ARG B 53 19.28 -8.57 -11.65
N LEU B 54 19.32 -7.76 -10.60
CA LEU B 54 20.32 -7.92 -9.54
C LEU B 54 19.97 -9.15 -8.68
N GLY B 55 18.68 -9.34 -8.42
CA GLY B 55 18.24 -10.48 -7.63
C GLY B 55 18.26 -11.79 -8.41
N ASN B 56 18.24 -11.71 -9.76
CA ASN B 56 18.27 -12.90 -10.61
C ASN B 56 19.71 -13.31 -10.94
N LYS B 57 20.55 -12.32 -11.27
CA LYS B 57 21.95 -12.58 -11.61
C LYS B 57 22.74 -13.10 -10.40
N TRP B 58 22.22 -12.84 -9.19
CA TRP B 58 22.87 -13.29 -7.96
C TRP B 58 22.06 -14.40 -7.30
N LYS B 59 22.50 -15.64 -7.52
CA LYS B 59 21.87 -16.80 -6.98
C LYS B 59 22.92 -17.67 -6.31
N ALA B 60 22.46 -18.52 -5.44
CA ALA B 60 23.34 -19.43 -4.70
C ALA B 60 23.00 -20.91 -4.98
N GLN B 61 21.74 -21.21 -5.31
CA GLN B 61 21.33 -22.59 -5.59
C GLN B 61 20.09 -22.67 -6.47
N TYR B 62 18.94 -22.25 -5.92
CA TYR B 62 17.68 -22.30 -6.65
C TYR B 62 17.56 -21.19 -7.69
N TYR B 63 16.84 -21.50 -8.78
CA TYR B 63 16.62 -20.56 -9.86
C TYR B 63 15.13 -20.22 -9.98
N PHE B 64 14.47 -20.02 -8.84
CA PHE B 64 13.05 -19.69 -8.80
C PHE B 64 12.81 -18.26 -9.29
N ARG B 65 13.79 -17.37 -9.04
CA ARG B 65 13.69 -15.98 -9.45
C ARG B 65 13.45 -15.85 -10.95
N TRP B 66 13.97 -16.81 -11.73
CA TRP B 66 13.78 -16.80 -13.19
C TRP B 66 12.36 -17.23 -13.56
N ARG B 67 11.79 -18.16 -12.79
CA ARG B 67 10.44 -18.66 -13.03
C ARG B 67 9.44 -17.49 -13.01
N VAL B 68 9.43 -16.74 -11.92
CA VAL B 68 8.52 -15.60 -11.78
C VAL B 68 8.99 -14.41 -12.63
N GLY B 69 10.32 -14.26 -12.76
CA GLY B 69 10.88 -13.18 -13.55
C GLY B 69 10.43 -13.22 -15.00
N LEU B 70 10.37 -14.42 -15.57
CA LEU B 70 9.95 -14.60 -16.97
C LEU B 70 8.42 -14.57 -17.09
N GLN B 71 7.74 -15.26 -16.18
CA GLN B 71 6.27 -15.32 -16.18
C GLN B 71 5.65 -13.92 -16.19
N ALA B 72 6.22 -13.02 -15.37
CA ALA B 72 5.73 -11.64 -15.29
C ALA B 72 6.19 -10.82 -16.49
N ALA B 73 7.42 -11.08 -16.97
CA ALA B 73 7.96 -10.36 -18.13
C ALA B 73 7.09 -10.57 -19.36
N THR B 74 6.58 -11.80 -19.52
CA THR B 74 5.72 -12.13 -20.66
C THR B 74 4.30 -11.57 -20.47
N LEU B 75 3.83 -11.59 -19.21
CA LEU B 75 2.49 -11.08 -18.89
C LEU B 75 2.37 -9.59 -19.21
N VAL B 76 3.42 -8.81 -18.89
CA VAL B 76 3.42 -7.37 -19.16
C VAL B 76 3.44 -7.09 -20.66
N ALA B 77 4.01 -8.01 -21.44
CA ALA B 77 4.07 -7.84 -22.91
C ALA B 77 2.72 -8.17 -23.56
N LEU B 78 1.98 -9.10 -22.95
CA LEU B 78 0.66 -9.49 -23.48
C LEU B 78 -0.39 -8.45 -23.11
N VAL B 79 -0.34 -7.95 -21.86
CA VAL B 79 -1.29 -6.93 -21.41
C VAL B 79 -1.10 -5.61 -22.18
N ALA B 80 0.12 -5.38 -22.67
CA ALA B 80 0.41 -4.17 -23.44
C ALA B 80 -0.36 -4.17 -24.76
N GLY B 81 -0.40 -5.33 -25.42
CA GLY B 81 -1.14 -5.45 -26.68
C GLY B 81 -2.64 -5.57 -26.47
N SER B 82 -3.05 -5.96 -25.25
CA SER B 82 -4.49 -6.10 -24.93
C SER B 82 -5.16 -4.73 -24.88
N PHE B 83 -4.44 -3.73 -24.36
CA PHE B 83 -4.96 -2.37 -24.26
C PHE B 83 -5.37 -1.85 -25.64
N ILE B 84 -4.55 -2.16 -26.65
CA ILE B 84 -4.82 -1.73 -28.03
C ILE B 84 -6.14 -2.32 -28.54
N TYR B 85 -6.35 -3.61 -28.28
CA TYR B 85 -7.56 -4.30 -28.71
C TYR B 85 -8.82 -3.58 -28.21
N GLY B 86 -8.95 -3.42 -26.89
CA GLY B 86 -10.09 -2.76 -26.32
C GLY B 86 -11.34 -3.65 -26.35
N THR B 87 -11.19 -4.88 -25.88
CA THR B 87 -12.31 -5.84 -25.86
C THR B 87 -13.29 -5.50 -24.75
N SER B 88 -12.77 -5.28 -23.53
CA SER B 88 -13.61 -4.95 -22.39
C SER B 88 -12.77 -4.46 -21.22
N GLY B 89 -13.14 -3.30 -20.67
CA GLY B 89 -12.41 -2.73 -19.54
C GLY B 89 -12.54 -3.55 -18.26
N LYS B 90 -13.67 -4.25 -18.12
CA LYS B 90 -13.92 -5.08 -16.94
C LYS B 90 -12.87 -6.20 -16.81
N GLU B 91 -12.40 -6.71 -17.96
CA GLU B 91 -11.40 -7.77 -17.98
C GLU B 91 -10.16 -7.36 -17.20
N LEU B 92 -9.70 -6.13 -17.40
CA LEU B 92 -8.52 -5.60 -16.72
C LEU B 92 -8.68 -5.70 -15.20
N LYS B 93 -9.87 -5.33 -14.71
CA LYS B 93 -10.17 -5.39 -13.28
C LYS B 93 -10.03 -6.80 -12.74
N ALA B 94 -10.45 -7.79 -13.54
CA ALA B 94 -10.35 -9.20 -13.15
C ALA B 94 -8.91 -9.69 -13.25
N LYS B 95 -8.20 -9.22 -14.28
CA LYS B 95 -6.80 -9.60 -14.50
C LYS B 95 -5.95 -9.23 -13.29
N GLU B 96 -6.16 -8.02 -12.76
CA GLU B 96 -5.43 -7.54 -11.59
C GLU B 96 -5.74 -8.40 -10.37
N GLU B 97 -7.03 -8.72 -10.18
CA GLU B 97 -7.47 -9.55 -9.05
C GLU B 97 -6.82 -10.93 -9.11
N GLN B 98 -6.73 -11.51 -10.31
CA GLN B 98 -6.12 -12.83 -10.49
C GLN B 98 -4.72 -12.87 -9.86
N LEU B 99 -3.94 -11.82 -10.11
CA LEU B 99 -2.59 -11.72 -9.56
C LEU B 99 -2.64 -11.44 -8.05
N LYS B 100 -3.61 -10.63 -7.63
CA LYS B 100 -3.78 -10.29 -6.22
C LYS B 100 -4.02 -11.54 -5.38
N GLU B 101 -4.91 -12.42 -5.87
CA GLU B 101 -5.23 -13.66 -5.17
C GLU B 101 -4.03 -14.62 -5.19
N LYS B 102 -3.23 -14.54 -6.26
CA LYS B 102 -2.04 -15.38 -6.38
C LYS B 102 -0.99 -15.04 -5.32
N ALA B 103 -0.98 -13.78 -4.89
CA ALA B 103 -0.02 -13.33 -3.85
C ALA B 103 -0.16 -14.16 -2.59
N LYS B 104 -1.39 -14.32 -2.11
CA LYS B 104 -1.67 -15.11 -0.91
C LYS B 104 -1.16 -16.54 -1.06
N MET B 105 -1.35 -17.11 -2.25
CA MET B 105 -0.89 -18.47 -2.54
C MET B 105 0.64 -18.57 -2.44
N ARG B 106 1.33 -17.55 -2.96
CA ARG B 106 2.79 -17.51 -2.92
C ARG B 106 3.32 -17.45 -1.48
N GLU B 107 2.63 -16.69 -0.64
CA GLU B 107 3.03 -16.54 0.77
C GLU B 107 2.94 -17.89 1.50
N LYS B 108 4.09 -18.35 2.01
CA LYS B 108 4.14 -19.62 2.73
C LYS B 108 4.52 -19.41 4.20
N LEU B 109 3.54 -19.53 5.08
CA LEU B 109 3.76 -19.37 6.52
C LEU B 109 3.97 -20.71 7.21
N TRP B 110 3.19 -21.71 6.79
CA TRP B 110 3.30 -23.06 7.37
C TRP B 110 4.71 -23.62 7.21
N ILE B 111 5.29 -23.46 6.02
CA ILE B 111 6.64 -23.95 5.74
C ILE B 111 7.57 -22.80 5.34
N GLN B 112 8.71 -22.71 6.02
CA GLN B 112 9.69 -21.66 5.73
C GLN B 112 10.96 -22.25 5.11
N GLU B 113 11.50 -23.30 5.73
CA GLU B 113 12.72 -23.97 5.25
C GLU B 113 13.96 -23.07 5.42
N LEU B 114 14.75 -23.37 6.44
CA LEU B 114 15.97 -22.61 6.71
C LEU B 114 17.20 -23.38 6.24
N GLU B 115 17.97 -22.76 5.35
CA GLU B 115 19.18 -23.40 4.80
C GLU B 115 20.24 -23.58 5.88
N ARG B 116 20.78 -22.47 6.39
CA ARG B 116 21.80 -22.52 7.44
C ARG B 116 21.62 -21.39 8.44
N ARG B 117 22.23 -21.55 9.62
CA ARG B 117 22.16 -20.54 10.67
C ARG B 117 23.28 -19.51 10.51
N GLU B 118 24.42 -19.94 9.95
CA GLU B 118 25.56 -19.06 9.72
C GLU B 118 25.23 -18.02 8.66
N GLU B 119 24.37 -18.40 7.70
CA GLU B 119 23.95 -17.49 6.63
C GLU B 119 23.32 -16.23 7.20
N GLU B 120 22.48 -16.40 8.24
CA GLU B 120 21.81 -15.27 8.89
C GLU B 120 22.83 -14.31 9.49
N THR B 121 23.89 -14.87 10.08
CA THR B 121 24.95 -14.06 10.69
C THR B 121 25.60 -13.12 9.68
N GLU B 122 25.71 -13.58 8.44
CA GLU B 122 26.30 -12.77 7.37
C GLU B 122 25.31 -11.71 6.88
N ALA B 123 24.05 -12.12 6.69
CA ALA B 123 23.02 -11.19 6.22
C ALA B 123 22.74 -10.07 7.23
N ARG B 124 23.03 -10.31 8.52
CA ARG B 124 22.80 -9.30 9.55
C ARG B 124 23.97 -8.33 9.63
N ARG B 125 25.20 -8.85 9.54
CA ARG B 125 26.41 -8.02 9.59
C ARG B 125 26.42 -7.01 8.44
N LYS B 126 26.17 -7.49 7.22
CA LYS B 126 26.13 -6.62 6.05
C LYS B 126 24.96 -5.64 6.12
N ARG B 127 23.81 -6.13 6.58
CA ARG B 127 22.61 -5.30 6.72
C ARG B 127 22.83 -4.16 7.72
N ALA B 128 23.57 -4.44 8.80
CA ALA B 128 23.85 -3.44 9.82
C ALA B 128 24.36 -2.13 9.22
N GLU B 129 25.17 -2.24 8.16
CA GLU B 129 25.72 -1.07 7.47
C GLU B 129 24.62 -0.14 6.97
N LEU B 130 23.69 -0.69 6.18
CA LEU B 130 22.59 0.10 5.62
C LEU B 130 21.31 -0.08 6.44
N ALA B 131 20.70 -1.27 6.36
CA ALA B 131 19.47 -1.56 7.10
C ALA B 131 18.33 -0.62 6.69
N ARG B 132 18.18 -0.41 5.37
CA ARG B 132 17.14 0.46 4.85
C ARG B 132 16.56 -0.10 3.55
N MET B 133 15.35 0.36 3.20
CA MET B 133 14.69 -0.09 1.98
C MET B 133 14.84 0.95 0.87
N LYS B 134 15.73 0.64 -0.09
CA LYS B 134 15.98 1.54 -1.22
C LYS B 134 14.77 1.63 -2.14
N THR B 135 14.19 0.48 -2.48
CA THR B 135 13.02 0.43 -3.36
C THR B 135 11.85 1.19 -2.74
N LEU B 136 11.58 0.92 -1.45
CA LEU B 136 10.49 1.58 -0.74
C LEU B 136 10.66 3.09 -0.74
N GLU B 137 11.89 3.54 -0.46
CA GLU B 137 12.20 4.97 -0.43
C GLU B 137 12.03 5.61 -1.81
N ASN B 138 12.33 4.85 -2.86
CA ASN B 138 12.21 5.33 -4.24
C ASN B 138 10.82 5.87 -4.54
N GLU B 139 9.79 5.26 -3.92
CA GLU B 139 8.40 5.69 -4.14
C GLU B 139 8.24 7.19 -3.90
N GLU B 140 8.93 7.72 -2.89
CA GLU B 140 8.86 9.14 -2.56
C GLU B 140 9.41 10.00 -3.71
N GLU B 141 10.46 9.51 -4.37
CA GLU B 141 11.06 10.22 -5.49
C GLU B 141 10.09 10.33 -6.67
N ILE B 142 9.35 9.24 -6.94
CA ILE B 142 8.38 9.23 -8.04
C ILE B 142 7.26 10.27 -7.80
N LYS B 143 7.00 10.59 -6.53
CA LYS B 143 5.97 11.56 -6.16
C LYS B 143 6.28 12.94 -6.76
N ASN B 144 7.57 13.29 -6.82
CA ASN B 144 8.01 14.56 -7.39
C ASN B 144 7.53 14.72 -8.83
N LEU B 145 7.63 13.62 -9.60
CA LEU B 145 7.20 13.63 -10.99
C LEU B 145 5.69 13.82 -11.09
N GLU B 146 4.95 13.21 -10.17
CA GLU B 146 3.49 13.32 -10.13
C GLU B 146 3.07 14.76 -9.83
N LYS B 147 3.87 15.46 -9.01
CA LYS B 147 3.59 16.85 -8.65
C LYS B 147 3.48 17.73 -9.90
N GLU B 148 4.25 17.39 -10.93
CA GLU B 148 4.24 18.15 -12.18
C GLU B 148 2.84 18.21 -12.79
N LEU B 149 2.06 17.12 -12.61
CA LEU B 149 0.70 17.06 -13.14
C LEU B 149 -0.17 18.16 -12.53
N SER B 150 -0.04 18.36 -11.22
CA SER B 150 -0.81 19.39 -10.52
C SER B 150 -0.34 20.79 -10.94
N ASP B 151 0.97 20.98 -10.99
CA ASP B 151 1.56 22.27 -11.39
C ASP B 151 1.24 22.59 -12.85
N LEU B 152 1.02 21.55 -13.66
CA LEU B 152 0.72 21.72 -15.08
C LEU B 152 -0.42 22.71 -15.29
N GLU B 153 -1.47 22.60 -14.47
CA GLU B 153 -2.62 23.49 -14.55
C GLU B 153 -2.24 24.92 -14.17
N ASN B 154 -1.52 25.05 -13.05
CA ASN B 154 -1.09 26.37 -12.56
C ASN B 154 -0.27 27.12 -13.61
N LYS B 155 0.77 26.46 -14.13
CA LYS B 155 1.64 27.07 -15.15
C LYS B 155 0.89 27.32 -16.46
N LEU B 156 -0.12 26.49 -16.76
CA LEU B 156 -0.91 26.63 -17.98
C LEU B 156 -1.64 27.98 -18.01
N GLY B 157 -2.17 28.37 -16.85
CA GLY B 157 -2.89 29.63 -16.76
C GLY B 157 -4.38 29.50 -17.00
N LYS B 158 -4.78 28.54 -17.84
CA LYS B 158 -6.19 28.33 -18.15
C LYS B 158 -6.91 27.65 -17.00
N LYS B 159 -6.32 26.55 -16.51
CA LYS B 159 -6.90 25.80 -15.39
C LYS B 159 -6.45 26.38 -14.05
N MET A 1 -5.28 -11.39 22.83
CA MET A 1 -4.33 -12.52 22.64
C MET A 1 -4.07 -12.81 21.15
N SER A 2 -3.62 -11.77 20.43
CA SER A 2 -3.35 -11.90 19.00
C SER A 2 -2.12 -12.76 18.72
N ARG A 3 -2.35 -13.90 18.07
CA ARG A 3 -1.28 -14.83 17.71
C ARG A 3 -0.55 -14.37 16.45
N MET A 4 -1.25 -14.49 15.31
CA MET A 4 -0.69 -14.11 14.00
C MET A 4 0.34 -15.14 13.55
N PRO A 5 0.36 -15.48 12.24
CA PRO A 5 1.30 -16.46 11.68
C PRO A 5 2.75 -16.18 12.09
N SER A 6 3.14 -14.91 12.03
CA SER A 6 4.50 -14.51 12.40
C SER A 6 4.68 -14.49 13.92
N SER A 7 5.93 -14.50 14.37
CA SER A 7 6.24 -14.49 15.80
C SER A 7 5.54 -13.32 16.51
N PHE A 8 5.73 -12.11 15.98
CA PHE A 8 5.11 -10.92 16.55
C PHE A 8 4.80 -9.90 15.46
N ASP A 9 5.82 -9.51 14.69
CA ASP A 9 5.66 -8.54 13.60
C ASP A 9 5.13 -7.20 14.10
N VAL A 10 4.97 -6.25 13.18
CA VAL A 10 4.46 -4.92 13.52
C VAL A 10 3.78 -4.27 12.31
N THR A 11 2.73 -3.50 12.58
CA THR A 11 1.98 -2.81 11.53
C THR A 11 2.72 -1.56 11.06
N GLU A 12 3.55 -1.74 10.02
CA GLU A 12 4.32 -0.63 9.47
C GLU A 12 3.43 0.39 8.77
N ARG A 13 2.43 -0.10 8.02
CA ARG A 13 1.51 0.77 7.30
C ARG A 13 0.16 0.84 8.00
N ASP A 14 0.17 0.96 9.33
CA ASP A 14 -1.05 1.04 10.11
C ASP A 14 -1.83 2.32 9.77
N LEU A 15 -1.13 3.46 9.82
CA LEU A 15 -1.75 4.75 9.50
C LEU A 15 -2.08 4.84 8.01
N ASP A 16 -1.29 4.15 7.18
CA ASP A 16 -1.50 4.15 5.73
C ASP A 16 -2.89 3.59 5.39
N ASP A 17 -3.29 2.52 6.08
CA ASP A 17 -4.60 1.90 5.86
C ASP A 17 -5.73 2.85 6.27
N MET A 18 -5.49 3.63 7.33
CA MET A 18 -6.49 4.58 7.82
C MET A 18 -6.65 5.75 6.84
N THR A 19 -5.53 6.23 6.31
CA THR A 19 -5.55 7.34 5.34
C THR A 19 -6.12 6.90 3.99
N PHE A 20 -6.17 5.58 3.76
CA PHE A 20 -6.69 5.02 2.51
C PHE A 20 -8.12 5.52 2.25
N GLY A 21 -8.90 5.70 3.33
CA GLY A 21 -10.26 6.18 3.19
C GLY A 21 -10.34 7.57 2.57
N GLU A 22 -9.30 8.38 2.78
CA GLU A 22 -9.25 9.73 2.24
C GLU A 22 -8.92 9.70 0.74
N ARG A 23 -8.09 8.73 0.34
CA ARG A 23 -7.70 8.59 -1.07
C ARG A 23 -8.88 8.20 -1.95
N ILE A 24 -9.74 7.31 -1.46
CA ILE A 24 -10.90 6.86 -2.23
C ILE A 24 -11.92 7.99 -2.44
N ILE A 25 -11.84 9.05 -1.63
CA ILE A 25 -12.75 10.18 -1.74
C ILE A 25 -12.69 10.80 -3.14
N TYR A 26 -11.49 10.81 -3.74
CA TYR A 26 -11.29 11.36 -5.07
C TYR A 26 -12.19 10.65 -6.10
N HIS A 27 -12.33 9.33 -5.96
CA HIS A 27 -13.16 8.54 -6.86
C HIS A 27 -14.62 8.99 -6.77
N CYS A 28 -15.11 9.17 -5.54
CA CYS A 28 -16.48 9.61 -5.31
C CYS A 28 -16.69 11.06 -5.77
N LYS A 29 -15.62 11.87 -5.67
CA LYS A 29 -15.66 13.27 -6.08
C LYS A 29 -16.25 13.42 -7.49
N LYS A 30 -15.89 12.49 -8.38
CA LYS A 30 -16.39 12.52 -9.75
C LYS A 30 -17.84 12.05 -9.80
N GLN A 31 -18.77 13.01 -9.80
CA GLN A 31 -20.21 12.73 -9.83
C GLN A 31 -20.62 11.86 -8.64
N PRO A 32 -20.63 12.44 -7.42
CA PRO A 32 -21.00 11.73 -6.20
C PRO A 32 -22.51 11.50 -6.09
N LEU A 33 -22.90 10.38 -5.49
CA LEU A 33 -24.31 10.04 -5.31
C LEU A 33 -24.73 10.20 -3.85
N VAL A 34 -26.05 10.25 -3.63
CA VAL A 34 -26.59 10.40 -2.28
C VAL A 34 -26.66 9.06 -1.53
N PRO A 35 -27.36 8.05 -2.09
CA PRO A 35 -27.49 6.73 -1.44
C PRO A 35 -26.17 5.99 -1.31
N ILE A 36 -25.50 5.74 -2.44
CA ILE A 36 -24.21 5.03 -2.42
C ILE A 36 -23.09 5.89 -1.86
N GLY A 37 -23.17 7.21 -2.07
CA GLY A 37 -22.15 8.11 -1.56
C GLY A 37 -22.07 8.10 -0.04
N CYS A 38 -23.23 8.17 0.61
CA CYS A 38 -23.29 8.14 2.07
C CYS A 38 -22.79 6.80 2.62
N LEU A 39 -23.16 5.72 1.95
CA LEU A 39 -22.75 4.37 2.36
C LEU A 39 -21.24 4.18 2.18
N LEU A 40 -20.67 4.87 1.18
CA LEU A 40 -19.24 4.77 0.90
C LEU A 40 -18.41 5.49 1.97
N THR A 41 -18.87 6.68 2.37
CA THR A 41 -18.16 7.48 3.37
C THR A 41 -18.45 6.97 4.78
N THR A 42 -19.73 6.96 5.16
CA THR A 42 -20.16 6.50 6.48
C THR A 42 -19.80 5.03 6.70
N GLY A 43 -20.07 4.20 5.70
CA GLY A 43 -19.77 2.77 5.79
C GLY A 43 -18.29 2.47 5.95
N ALA A 44 -17.43 3.40 5.51
CA ALA A 44 -15.98 3.21 5.61
C ALA A 44 -15.43 3.75 6.93
N VAL A 45 -15.92 4.92 7.34
CA VAL A 45 -15.47 5.55 8.59
C VAL A 45 -15.89 4.76 9.83
N ILE A 46 -17.03 4.07 9.75
CA ILE A 46 -17.53 3.28 10.89
C ILE A 46 -16.53 2.19 11.29
N LEU A 47 -15.78 1.66 10.31
CA LEU A 47 -14.79 0.62 10.59
C LEU A 47 -13.68 1.16 11.49
N ALA A 48 -13.09 2.28 11.10
CA ALA A 48 -12.03 2.92 11.88
C ALA A 48 -12.56 3.47 13.19
N ALA A 49 -13.79 3.99 13.16
CA ALA A 49 -14.44 4.54 14.35
C ALA A 49 -14.63 3.48 15.43
N GLN A 50 -14.88 2.24 15.00
CA GLN A 50 -15.09 1.12 15.94
C GLN A 50 -13.82 0.84 16.74
N ASN A 51 -12.65 0.94 16.08
CA ASN A 51 -11.37 0.70 16.72
C ASN A 51 -11.16 1.67 17.89
N VAL A 52 -11.33 2.96 17.63
CA VAL A 52 -11.18 3.98 18.67
C VAL A 52 -12.30 3.90 19.71
N ARG A 53 -13.48 3.44 19.28
CA ARG A 53 -14.63 3.30 20.16
C ARG A 53 -14.34 2.29 21.28
N LEU A 54 -13.60 1.22 20.94
CA LEU A 54 -13.24 0.19 21.91
C LEU A 54 -12.46 0.79 23.08
N GLY A 55 -11.50 1.67 22.77
CA GLY A 55 -10.71 2.32 23.80
C GLY A 55 -11.51 3.30 24.62
N ASN A 56 -12.44 4.00 23.96
CA ASN A 56 -13.31 4.98 24.63
C ASN A 56 -14.22 4.30 25.64
N LYS A 57 -14.92 3.25 25.19
CA LYS A 57 -15.83 2.50 26.06
C LYS A 57 -15.06 1.77 27.15
N TRP A 58 -14.02 1.03 26.75
CA TRP A 58 -13.19 0.29 27.70
C TRP A 58 -11.95 1.10 28.09
N LYS A 59 -12.06 1.84 29.19
CA LYS A 59 -10.96 2.67 29.68
C LYS A 59 -9.94 1.83 30.44
N ALA A 60 -8.66 2.06 30.17
CA ALA A 60 -7.59 1.32 30.84
C ALA A 60 -6.72 2.27 31.68
N GLN A 61 -5.99 3.15 31.00
CA GLN A 61 -5.10 4.10 31.67
C GLN A 61 -4.48 5.09 30.67
N TYR A 62 -4.01 4.57 29.54
CA TYR A 62 -3.38 5.39 28.50
C TYR A 62 -4.23 6.60 28.15
N TYR A 63 -3.69 7.80 28.40
CA TYR A 63 -4.38 9.05 28.11
C TYR A 63 -3.86 9.70 26.82
N PHE A 64 -2.60 9.42 26.47
CA PHE A 64 -1.99 9.97 25.26
C PHE A 64 -2.74 9.51 24.01
N ARG A 65 -3.28 8.29 24.05
CA ARG A 65 -4.03 7.73 22.93
C ARG A 65 -5.23 8.63 22.59
N TRP A 66 -5.83 9.22 23.61
CA TRP A 66 -6.98 10.11 23.43
C TRP A 66 -6.57 11.39 22.71
N ARG A 67 -5.36 11.88 23.03
CA ARG A 67 -4.85 13.12 22.42
C ARG A 67 -4.69 12.94 20.91
N VAL A 68 -3.97 11.89 20.50
CA VAL A 68 -3.75 11.61 19.08
C VAL A 68 -5.07 11.26 18.38
N GLY A 69 -5.97 10.57 19.10
CA GLY A 69 -7.26 10.21 18.53
C GLY A 69 -8.10 11.43 18.17
N LEU A 70 -8.12 12.42 19.07
CA LEU A 70 -8.88 13.65 18.86
C LEU A 70 -8.31 14.42 17.67
N GLN A 71 -6.97 14.44 17.55
CA GLN A 71 -6.30 15.13 16.45
C GLN A 71 -6.70 14.54 15.10
N ALA A 72 -6.86 13.21 15.06
CA ALA A 72 -7.25 12.52 13.84
C ALA A 72 -8.68 12.87 13.45
N ALA A 73 -9.58 12.94 14.44
CA ALA A 73 -10.98 13.28 14.22
C ALA A 73 -11.12 14.69 13.66
N THR A 74 -10.31 15.62 14.16
CA THR A 74 -10.34 17.01 13.69
C THR A 74 -9.70 17.13 12.31
N LEU A 75 -8.69 16.30 12.03
CA LEU A 75 -8.01 16.32 10.75
C LEU A 75 -8.96 15.92 9.61
N VAL A 76 -9.68 14.81 9.79
CA VAL A 76 -10.62 14.33 8.79
C VAL A 76 -11.75 15.35 8.57
N ALA A 77 -12.10 16.08 9.63
CA ALA A 77 -13.15 17.10 9.55
C ALA A 77 -12.68 18.31 8.77
N LEU A 78 -11.39 18.66 8.96
CA LEU A 78 -10.80 19.81 8.27
C LEU A 78 -10.76 19.57 6.76
N VAL A 79 -10.24 18.41 6.35
CA VAL A 79 -10.17 18.06 4.93
C VAL A 79 -11.56 17.94 4.31
N ALA A 80 -12.54 17.50 5.12
CA ALA A 80 -13.92 17.36 4.66
C ALA A 80 -14.49 18.71 4.25
N GLY A 81 -14.22 19.75 5.05
CA GLY A 81 -14.69 21.09 4.74
C GLY A 81 -14.06 21.64 3.48
N SER A 82 -12.77 21.31 3.27
CA SER A 82 -12.04 21.75 2.09
C SER A 82 -12.66 21.18 0.81
N PHE A 83 -13.22 19.96 0.92
CA PHE A 83 -13.85 19.30 -0.22
C PHE A 83 -14.94 20.17 -0.84
N ILE A 84 -15.86 20.65 0.01
CA ILE A 84 -16.96 21.49 -0.46
C ILE A 84 -16.47 22.92 -0.76
N TYR A 85 -15.40 23.34 -0.08
CA TYR A 85 -14.84 24.69 -0.28
C TYR A 85 -14.32 24.86 -1.70
N GLY A 86 -13.43 23.96 -2.12
CA GLY A 86 -12.86 24.03 -3.46
C GLY A 86 -12.04 25.29 -3.68
N THR A 87 -11.13 25.57 -2.75
CA THR A 87 -10.27 26.75 -2.84
C THR A 87 -8.81 26.35 -3.07
N SER A 88 -8.29 25.49 -2.20
CA SER A 88 -6.90 25.04 -2.31
C SER A 88 -6.84 23.57 -2.75
N GLY A 89 -6.54 23.36 -4.03
CA GLY A 89 -6.45 22.01 -4.57
C GLY A 89 -5.16 21.33 -4.20
N LYS A 90 -4.03 22.01 -4.42
CA LYS A 90 -2.72 21.46 -4.08
C LYS A 90 -2.58 21.22 -2.58
N GLU A 91 -3.19 22.10 -1.77
CA GLU A 91 -3.13 21.98 -0.32
C GLU A 91 -3.72 20.64 0.15
N LEU A 92 -4.85 20.25 -0.46
CA LEU A 92 -5.51 18.99 -0.11
C LEU A 92 -4.54 17.81 -0.21
N LYS A 93 -3.76 17.78 -1.29
CA LYS A 93 -2.77 16.72 -1.50
C LYS A 93 -1.63 16.83 -0.50
N ALA A 94 -1.17 18.06 -0.26
CA ALA A 94 -0.09 18.31 0.69
C ALA A 94 -0.48 17.94 2.11
N LYS A 95 -1.75 18.19 2.47
CA LYS A 95 -2.26 17.87 3.80
C LYS A 95 -2.06 16.39 4.12
N GLU A 96 -2.46 15.52 3.19
CA GLU A 96 -2.32 14.07 3.38
C GLU A 96 -0.84 13.67 3.37
N GLU A 97 -0.05 14.31 2.50
CA GLU A 97 1.38 14.03 2.40
C GLU A 97 2.08 14.33 3.73
N GLN A 98 1.73 15.47 4.34
CA GLN A 98 2.31 15.85 5.63
C GLN A 98 2.10 14.77 6.68
N LEU A 99 0.92 14.14 6.66
CA LEU A 99 0.59 13.07 7.60
C LEU A 99 1.60 11.92 7.49
N LYS A 100 2.02 11.61 6.25
CA LYS A 100 2.99 10.55 6.01
C LYS A 100 4.31 10.83 6.71
N GLU A 101 4.75 12.10 6.65
CA GLU A 101 5.99 12.51 7.29
C GLU A 101 5.88 12.41 8.81
N LYS A 102 4.69 12.73 9.34
CA LYS A 102 4.43 12.67 10.78
C LYS A 102 4.67 11.25 11.31
N ALA A 103 4.20 10.25 10.56
CA ALA A 103 4.36 8.85 10.96
C ALA A 103 5.84 8.47 11.00
N LYS A 104 6.60 8.92 9.99
CA LYS A 104 8.03 8.64 9.92
C LYS A 104 8.77 9.28 11.10
N MET A 105 8.43 10.53 11.40
CA MET A 105 9.04 11.26 12.51
C MET A 105 8.71 10.60 13.85
N ARG A 106 7.46 10.17 14.01
CA ARG A 106 7.01 9.51 15.24
C ARG A 106 7.83 8.24 15.49
N GLU A 107 8.07 7.46 14.44
CA GLU A 107 8.85 6.23 14.56
C GLU A 107 10.28 6.53 14.98
N LYS A 108 10.67 6.01 16.14
CA LYS A 108 12.01 6.23 16.68
C LYS A 108 12.57 4.97 17.34
N LEU A 109 13.89 4.87 17.39
CA LEU A 109 14.56 3.73 18.01
C LEU A 109 14.46 3.79 19.54
N TRP A 110 14.49 5.01 20.07
CA TRP A 110 14.40 5.22 21.53
C TRP A 110 13.06 4.72 22.07
N ILE A 111 11.96 5.20 21.47
CA ILE A 111 10.62 4.80 21.90
C ILE A 111 10.32 3.37 21.50
N GLN A 112 10.20 2.49 22.50
CA GLN A 112 9.91 1.07 22.26
C GLN A 112 8.93 0.53 23.30
N GLU A 113 8.37 -0.64 23.02
CA GLU A 113 7.42 -1.29 23.92
C GLU A 113 8.15 -1.89 25.12
N LEU A 114 7.93 -1.31 26.30
CA LEU A 114 8.56 -1.80 27.54
C LEU A 114 8.02 -3.17 27.91
N GLU A 115 8.91 -4.18 27.90
CA GLU A 115 8.53 -5.55 28.24
C GLU A 115 9.55 -6.19 29.19
N ARG A 116 9.04 -6.77 30.28
CA ARG A 116 9.88 -7.44 31.26
C ARG A 116 10.06 -8.91 30.92
N ARG A 117 10.87 -9.62 31.69
CA ARG A 117 11.12 -11.05 31.48
C ARG A 117 9.82 -11.84 31.59
N GLU A 118 9.08 -11.62 32.67
CA GLU A 118 7.80 -12.31 32.89
C GLU A 118 6.74 -11.80 31.90
N GLU A 119 6.78 -10.49 31.61
CA GLU A 119 5.83 -9.88 30.68
C GLU A 119 5.91 -10.55 29.30
N GLU A 120 7.14 -10.79 28.84
CA GLU A 120 7.35 -11.43 27.54
C GLU A 120 6.76 -12.83 27.51
N THR A 121 6.96 -13.58 28.60
CA THR A 121 6.43 -14.94 28.71
C THR A 121 4.91 -14.95 28.55
N GLU A 122 4.25 -14.02 29.25
CA GLU A 122 2.79 -13.92 29.19
C GLU A 122 2.33 -13.55 27.78
N ALA A 123 3.05 -12.62 27.14
CA ALA A 123 2.73 -12.19 25.78
C ALA A 123 2.72 -13.38 24.82
N ARG A 124 3.70 -14.27 24.98
CA ARG A 124 3.83 -15.46 24.14
C ARG A 124 2.64 -16.41 24.34
N ARG A 125 2.19 -16.54 25.59
CA ARG A 125 1.06 -17.40 25.93
C ARG A 125 -0.20 -16.98 25.18
N LYS A 126 -0.47 -15.67 25.18
CA LYS A 126 -1.64 -15.13 24.50
C LYS A 126 -1.44 -15.13 22.97
N ARG A 127 -0.18 -15.15 22.54
CA ARG A 127 0.16 -15.17 21.12
C ARG A 127 -0.22 -16.49 20.42
N ALA A 128 -0.88 -17.41 21.13
CA ALA A 128 -1.23 -18.70 20.56
C ALA A 128 -2.72 -18.85 20.17
N GLU A 129 -3.62 -18.00 20.69
CA GLU A 129 -5.06 -18.18 20.40
C GLU A 129 -5.67 -17.21 19.36
N LEU A 130 -5.88 -15.94 19.74
CA LEU A 130 -6.54 -14.96 18.86
C LEU A 130 -5.67 -14.53 17.66
N ALA A 131 -6.14 -13.47 16.96
CA ALA A 131 -5.47 -12.89 15.77
C ALA A 131 -6.33 -13.05 14.52
N ARG A 132 -7.23 -12.11 14.29
CA ARG A 132 -8.12 -12.14 13.13
C ARG A 132 -7.90 -10.89 12.27
N MET A 133 -7.54 -11.10 11.01
CA MET A 133 -7.29 -9.99 10.08
C MET A 133 -8.59 -9.50 9.45
N LYS A 134 -9.39 -8.78 10.24
CA LYS A 134 -10.65 -8.23 9.75
C LYS A 134 -10.43 -6.92 9.01
N THR A 135 -9.69 -5.99 9.65
CA THR A 135 -9.39 -4.69 9.05
C THR A 135 -8.60 -4.84 7.76
N LEU A 136 -7.64 -5.78 7.74
CA LEU A 136 -6.82 -6.02 6.56
C LEU A 136 -7.67 -6.57 5.42
N GLU A 137 -8.64 -7.43 5.75
CA GLU A 137 -9.54 -8.02 4.76
C GLU A 137 -10.46 -6.96 4.15
N ASN A 138 -10.77 -5.91 4.92
CA ASN A 138 -11.64 -4.83 4.44
C ASN A 138 -11.09 -4.21 3.15
N GLU A 139 -9.76 -4.24 2.99
CA GLU A 139 -9.12 -3.69 1.78
C GLU A 139 -9.67 -4.37 0.52
N GLU A 140 -10.00 -5.65 0.64
CA GLU A 140 -10.56 -6.42 -0.47
C GLU A 140 -12.05 -6.13 -0.63
N GLU A 141 -12.73 -5.93 0.50
CA GLU A 141 -14.17 -5.63 0.49
C GLU A 141 -14.45 -4.33 -0.24
N ILE A 142 -13.69 -3.28 0.09
CA ILE A 142 -13.85 -1.97 -0.54
C ILE A 142 -13.54 -2.03 -2.04
N LYS A 143 -12.61 -2.92 -2.42
CA LYS A 143 -12.24 -3.09 -3.82
C LYS A 143 -13.43 -3.56 -4.64
N ASN A 144 -14.28 -4.40 -4.05
CA ASN A 144 -15.47 -4.91 -4.72
C ASN A 144 -16.39 -3.76 -5.14
N LEU A 145 -16.53 -2.77 -4.26
CA LEU A 145 -17.37 -1.60 -4.54
C LEU A 145 -16.87 -0.88 -5.80
N GLU A 146 -15.55 -0.75 -5.92
CA GLU A 146 -14.95 -0.10 -7.09
C GLU A 146 -15.27 -0.88 -8.36
N LYS A 147 -15.21 -2.22 -8.26
CA LYS A 147 -15.50 -3.09 -9.39
C LYS A 147 -16.94 -2.88 -9.86
N GLU A 148 -17.86 -2.75 -8.91
CA GLU A 148 -19.28 -2.54 -9.23
C GLU A 148 -19.46 -1.23 -10.00
N LEU A 149 -18.68 -0.20 -9.62
CA LEU A 149 -18.76 1.10 -10.29
C LEU A 149 -18.39 0.95 -11.76
N SER A 150 -17.35 0.16 -12.05
CA SER A 150 -16.89 -0.09 -13.41
C SER A 150 -18.02 -0.69 -14.25
N ASP A 151 -18.76 -1.64 -13.67
CA ASP A 151 -19.87 -2.29 -14.35
C ASP A 151 -21.04 -1.31 -14.56
N LEU A 152 -21.15 -0.32 -13.67
CA LEU A 152 -22.23 0.67 -13.77
C LEU A 152 -22.20 1.39 -15.13
N GLU A 153 -21.00 1.63 -15.66
CA GLU A 153 -20.85 2.30 -16.95
C GLU A 153 -21.49 1.48 -18.06
N ASN A 154 -21.28 0.16 -18.03
CA ASN A 154 -21.85 -0.75 -19.03
C ASN A 154 -23.36 -0.74 -18.95
N LYS A 155 -23.90 -0.80 -17.73
CA LYS A 155 -25.34 -0.79 -17.51
C LYS A 155 -25.96 0.53 -17.97
N LEU A 156 -25.24 1.63 -17.73
CA LEU A 156 -25.71 2.95 -18.12
C LEU A 156 -25.97 3.04 -19.63
N GLY A 157 -25.08 2.42 -20.42
CA GLY A 157 -25.23 2.43 -21.86
C GLY A 157 -23.97 2.89 -22.58
N LYS A 158 -23.19 3.77 -21.93
CA LYS A 158 -21.96 4.29 -22.51
C LYS A 158 -20.96 3.16 -22.80
N LYS A 159 -20.72 2.31 -21.80
CA LYS A 159 -19.79 1.19 -21.95
C LYS A 159 -20.50 -0.04 -22.52
N MET B 1 25.54 -3.76 11.59
CA MET B 1 24.29 -4.56 11.43
C MET B 1 23.07 -3.65 11.24
N SER B 2 23.14 -2.79 10.21
CA SER B 2 22.05 -1.87 9.90
C SER B 2 21.73 -1.89 8.41
N ARG B 3 20.51 -2.32 8.09
CA ARG B 3 20.07 -2.40 6.69
C ARG B 3 18.54 -2.36 6.59
N MET B 4 17.90 -3.48 6.90
CA MET B 4 16.44 -3.59 6.85
C MET B 4 15.86 -3.72 8.26
N PRO B 5 14.52 -3.63 8.39
CA PRO B 5 13.84 -3.74 9.70
C PRO B 5 14.32 -4.94 10.52
N SER B 6 14.47 -4.72 11.83
CA SER B 6 14.92 -5.79 12.74
C SER B 6 13.73 -6.50 13.38
N SER B 7 12.62 -5.77 13.57
CA SER B 7 11.41 -6.33 14.17
C SER B 7 10.73 -7.35 13.23
N PHE B 8 11.20 -7.42 11.97
CA PHE B 8 10.64 -8.35 10.98
C PHE B 8 9.26 -7.89 10.53
N ASP B 9 9.22 -7.25 9.36
CA ASP B 9 7.97 -6.75 8.80
C ASP B 9 7.40 -7.70 7.73
N VAL B 10 8.25 -8.60 7.22
CA VAL B 10 7.86 -9.58 6.19
C VAL B 10 7.93 -8.99 4.78
N THR B 11 7.52 -7.72 4.64
CA THR B 11 7.53 -7.04 3.34
C THR B 11 6.67 -7.80 2.32
N GLU B 12 5.35 -7.75 2.54
CA GLU B 12 4.40 -8.42 1.66
C GLU B 12 3.97 -7.52 0.50
N ARG B 13 4.15 -6.19 0.67
CA ARG B 13 3.78 -5.23 -0.38
C ARG B 13 4.94 -4.99 -1.35
N ASP B 14 5.95 -5.87 -1.36
CA ASP B 14 7.09 -5.73 -2.26
C ASP B 14 6.63 -5.80 -3.71
N LEU B 15 5.85 -6.84 -4.03
CA LEU B 15 5.33 -7.02 -5.39
C LEU B 15 4.24 -6.00 -5.69
N ASP B 16 3.53 -5.55 -4.65
CA ASP B 16 2.46 -4.57 -4.80
C ASP B 16 3.01 -3.25 -5.34
N ASP B 17 4.17 -2.84 -4.82
CA ASP B 17 4.83 -1.60 -5.26
C ASP B 17 5.24 -1.70 -6.73
N MET B 18 5.66 -2.90 -7.15
CA MET B 18 6.09 -3.15 -8.53
C MET B 18 4.88 -3.10 -9.46
N THR B 19 3.78 -3.72 -9.05
CA THR B 19 2.55 -3.76 -9.84
C THR B 19 1.86 -2.39 -9.86
N PHE B 20 2.20 -1.52 -8.89
CA PHE B 20 1.61 -0.18 -8.81
C PHE B 20 1.85 0.62 -10.09
N GLY B 21 2.96 0.34 -10.77
CA GLY B 21 3.28 1.04 -12.00
C GLY B 21 2.25 0.83 -13.10
N GLU B 22 1.38 -0.19 -12.96
CA GLU B 22 0.35 -0.48 -13.96
C GLU B 22 -0.89 0.38 -13.72
N ARG B 23 -1.30 0.52 -12.46
CA ARG B 23 -2.48 1.31 -12.10
C ARG B 23 -2.31 2.77 -12.50
N ILE B 24 -1.11 3.33 -12.29
CA ILE B 24 -0.83 4.72 -12.63
C ILE B 24 -0.97 4.98 -14.13
N ILE B 25 -0.80 3.94 -14.95
CA ILE B 25 -0.91 4.08 -16.40
C ILE B 25 -2.30 4.60 -16.80
N TYR B 26 -3.33 4.24 -16.02
CA TYR B 26 -4.69 4.68 -16.29
C TYR B 26 -4.77 6.22 -16.33
N HIS B 27 -4.11 6.87 -15.37
CA HIS B 27 -4.08 8.32 -15.30
C HIS B 27 -3.29 8.91 -16.47
N CYS B 28 -2.17 8.28 -16.81
CA CYS B 28 -1.33 8.72 -17.93
C CYS B 28 -2.07 8.64 -19.25
N LYS B 29 -3.01 7.68 -19.35
CA LYS B 29 -3.80 7.51 -20.57
C LYS B 29 -4.55 8.78 -20.93
N LYS B 30 -5.08 9.47 -19.92
CA LYS B 30 -5.82 10.71 -20.14
C LYS B 30 -4.93 11.78 -20.79
N GLN B 31 -3.72 11.95 -20.25
CA GLN B 31 -2.77 12.92 -20.77
C GLN B 31 -1.50 12.23 -21.26
N PRO B 32 -1.54 11.66 -22.48
CA PRO B 32 -0.38 10.96 -23.08
C PRO B 32 0.73 11.92 -23.50
N LEU B 33 1.97 11.43 -23.47
CA LEU B 33 3.13 12.23 -23.86
C LEU B 33 4.01 11.48 -24.86
N VAL B 34 4.61 12.24 -25.79
CA VAL B 34 5.47 11.65 -26.81
C VAL B 34 6.95 11.73 -26.41
N PRO B 35 7.46 12.93 -26.06
CA PRO B 35 8.86 13.12 -25.65
C PRO B 35 9.10 12.63 -24.22
N ILE B 36 8.29 13.12 -23.28
CA ILE B 36 8.42 12.73 -21.87
C ILE B 36 7.84 11.35 -21.63
N GLY B 37 6.77 11.01 -22.35
CA GLY B 37 6.13 9.71 -22.21
C GLY B 37 7.09 8.55 -22.44
N CYS B 38 7.98 8.69 -23.42
CA CYS B 38 8.95 7.65 -23.73
C CYS B 38 9.81 7.32 -22.52
N LEU B 39 10.30 8.37 -21.84
CA LEU B 39 11.13 8.20 -20.65
C LEU B 39 10.29 7.76 -19.45
N LEU B 40 9.03 8.18 -19.42
CA LEU B 40 8.13 7.83 -18.32
C LEU B 40 7.71 6.36 -18.38
N THR B 41 7.47 5.86 -19.60
CA THR B 41 7.07 4.46 -19.79
C THR B 41 8.28 3.52 -19.80
N THR B 42 9.29 3.85 -20.60
CA THR B 42 10.50 3.04 -20.70
C THR B 42 11.34 3.11 -19.42
N GLY B 43 11.54 4.32 -18.91
CA GLY B 43 12.32 4.50 -17.69
C GLY B 43 11.62 4.00 -16.43
N ALA B 44 10.30 3.76 -16.51
CA ALA B 44 9.54 3.29 -15.35
C ALA B 44 9.95 1.87 -14.97
N VAL B 45 9.85 0.95 -15.92
CA VAL B 45 10.21 -0.46 -15.68
C VAL B 45 11.73 -0.68 -15.76
N ILE B 46 12.46 0.30 -16.32
CA ILE B 46 13.92 0.20 -16.46
C ILE B 46 14.59 -0.15 -15.12
N LEU B 47 14.05 0.39 -14.02
CA LEU B 47 14.60 0.12 -12.69
C LEU B 47 14.14 -1.25 -12.15
N ALA B 48 12.99 -1.73 -12.62
CA ALA B 48 12.47 -3.03 -12.19
C ALA B 48 13.21 -4.18 -12.89
N ALA B 49 13.46 -4.01 -14.19
CA ALA B 49 14.17 -5.02 -14.97
C ALA B 49 15.66 -5.07 -14.60
N GLN B 50 16.18 -3.96 -14.04
CA GLN B 50 17.58 -3.90 -13.64
C GLN B 50 17.83 -4.84 -12.45
N ASN B 51 16.92 -4.82 -11.47
CA ASN B 51 17.03 -5.67 -10.30
C ASN B 51 16.70 -7.13 -10.63
N VAL B 52 15.81 -7.33 -11.61
CA VAL B 52 15.41 -8.68 -12.02
C VAL B 52 16.50 -9.33 -12.88
N ARG B 53 17.23 -8.51 -13.65
CA ARG B 53 18.30 -9.02 -14.51
C ARG B 53 19.58 -9.27 -13.71
N LEU B 54 19.81 -8.46 -12.68
CA LEU B 54 21.01 -8.63 -11.83
C LEU B 54 20.93 -9.94 -11.05
N GLY B 55 19.73 -10.32 -10.62
CA GLY B 55 19.55 -11.55 -9.87
C GLY B 55 19.84 -12.79 -10.71
N ASN B 56 19.74 -12.68 -12.04
CA ASN B 56 20.03 -13.81 -12.93
C ASN B 56 21.53 -14.08 -13.02
N LYS B 57 22.34 -13.02 -12.90
CA LYS B 57 23.80 -13.14 -12.96
C LYS B 57 24.33 -14.00 -11.81
N TRP B 58 23.60 -14.02 -10.68
CA TRP B 58 23.99 -14.80 -9.51
C TRP B 58 23.07 -16.00 -9.33
N LYS B 59 23.48 -17.15 -9.85
CA LYS B 59 22.71 -18.37 -9.76
C LYS B 59 23.57 -19.58 -10.10
N ALA B 60 23.32 -20.65 -9.36
CA ALA B 60 24.06 -21.91 -9.55
C ALA B 60 23.33 -23.09 -8.87
N GLN B 61 22.00 -23.00 -8.74
CA GLN B 61 21.22 -24.06 -8.11
C GLN B 61 19.79 -24.09 -8.65
N TYR B 62 19.65 -23.97 -9.98
CA TYR B 62 18.34 -23.98 -10.63
C TYR B 62 17.42 -22.90 -10.06
N TYR B 63 17.41 -21.74 -10.71
CA TYR B 63 16.59 -20.62 -10.26
C TYR B 63 15.10 -20.90 -10.49
N PHE B 64 14.38 -21.17 -9.40
CA PHE B 64 12.94 -21.44 -9.46
C PHE B 64 12.15 -20.15 -9.70
N ARG B 65 12.63 -19.05 -9.10
CA ARG B 65 11.99 -17.75 -9.25
C ARG B 65 12.01 -17.28 -10.71
N TRP B 66 12.97 -17.80 -11.49
CA TRP B 66 13.08 -17.43 -12.91
C TRP B 66 11.82 -17.86 -13.68
N ARG B 67 11.20 -18.96 -13.25
CA ARG B 67 9.98 -19.46 -13.89
C ARG B 67 8.90 -18.37 -13.93
N VAL B 68 8.53 -17.89 -12.74
CA VAL B 68 7.52 -16.83 -12.63
C VAL B 68 8.08 -15.50 -13.11
N GLY B 69 9.39 -15.28 -12.93
CA GLY B 69 10.03 -14.06 -13.36
C GLY B 69 9.78 -13.76 -14.83
N LEU B 70 9.84 -14.81 -15.65
CA LEU B 70 9.61 -14.67 -17.10
C LEU B 70 8.10 -14.61 -17.41
N GLN B 71 7.29 -15.39 -16.70
CA GLN B 71 5.85 -15.40 -16.90
C GLN B 71 5.26 -14.00 -16.83
N ALA B 72 5.72 -13.22 -15.85
CA ALA B 72 5.25 -11.83 -15.69
C ALA B 72 5.86 -10.92 -16.75
N ALA B 73 7.14 -11.15 -17.06
CA ALA B 73 7.85 -10.35 -18.07
C ALA B 73 7.12 -10.43 -19.41
N THR B 74 6.61 -11.61 -19.75
CA THR B 74 5.88 -11.80 -21.00
C THR B 74 4.46 -11.22 -20.91
N LEU B 75 3.86 -11.32 -19.71
CA LEU B 75 2.51 -10.81 -19.48
C LEU B 75 2.45 -9.29 -19.71
N VAL B 76 3.50 -8.58 -19.29
CA VAL B 76 3.55 -7.13 -19.46
C VAL B 76 3.73 -6.75 -20.94
N ALA B 77 4.38 -7.63 -21.71
CA ALA B 77 4.60 -7.39 -23.15
C ALA B 77 3.33 -7.68 -23.95
N LEU B 78 2.54 -8.66 -23.49
CA LEU B 78 1.29 -9.02 -24.16
C LEU B 78 0.19 -8.00 -23.84
N VAL B 79 0.13 -7.57 -22.58
CA VAL B 79 -0.88 -6.58 -22.15
C VAL B 79 -0.65 -5.23 -22.85
N ALA B 80 0.59 -4.97 -23.27
CA ALA B 80 0.91 -3.72 -23.97
C ALA B 80 0.16 -3.66 -25.31
N GLY B 81 0.18 -4.78 -26.04
CA GLY B 81 -0.52 -4.84 -27.32
C GLY B 81 -2.03 -5.00 -27.15
N SER B 82 -2.46 -5.47 -25.96
CA SER B 82 -3.89 -5.65 -25.68
C SER B 82 -4.57 -4.30 -25.47
N PHE B 83 -3.85 -3.36 -24.84
CA PHE B 83 -4.38 -2.02 -24.59
C PHE B 83 -4.87 -1.37 -25.89
N ILE B 84 -4.10 -1.55 -26.97
CA ILE B 84 -4.45 -1.00 -28.27
C ILE B 84 -5.72 -1.68 -28.82
N TYR B 85 -5.78 -3.00 -28.71
CA TYR B 85 -6.94 -3.77 -29.19
C TYR B 85 -8.24 -3.22 -28.64
N GLY B 86 -8.32 -3.08 -27.31
CA GLY B 86 -9.53 -2.56 -26.69
C GLY B 86 -10.65 -3.60 -26.65
N THR B 87 -10.32 -4.80 -26.18
CA THR B 87 -11.30 -5.88 -26.10
C THR B 87 -12.33 -5.63 -25.01
N SER B 88 -11.86 -5.43 -23.78
CA SER B 88 -12.74 -5.17 -22.65
C SER B 88 -11.97 -4.61 -21.46
N GLY B 89 -12.43 -3.46 -20.95
CA GLY B 89 -11.76 -2.83 -19.81
C GLY B 89 -11.94 -3.63 -18.53
N LYS B 90 -13.05 -4.36 -18.41
CA LYS B 90 -13.32 -5.18 -17.23
C LYS B 90 -12.27 -6.28 -17.06
N GLU B 91 -11.70 -6.74 -18.18
CA GLU B 91 -10.68 -7.78 -18.15
C GLU B 91 -9.53 -7.43 -17.21
N LEU B 92 -9.11 -6.16 -17.25
CA LEU B 92 -8.02 -5.67 -16.39
C LEU B 92 -8.34 -5.92 -14.92
N LYS B 93 -9.54 -5.52 -14.50
CA LYS B 93 -9.97 -5.68 -13.10
C LYS B 93 -9.95 -7.15 -12.69
N ALA B 94 -10.37 -8.04 -13.60
CA ALA B 94 -10.39 -9.49 -13.32
C ALA B 94 -8.97 -10.04 -13.23
N LYS B 95 -8.09 -9.57 -14.12
CA LYS B 95 -6.70 -10.02 -14.13
C LYS B 95 -5.98 -9.58 -12.87
N GLU B 96 -6.31 -8.38 -12.37
CA GLU B 96 -5.71 -7.84 -11.16
C GLU B 96 -5.99 -8.75 -9.97
N GLU B 97 -7.25 -9.18 -9.83
CA GLU B 97 -7.65 -10.07 -8.73
C GLU B 97 -6.91 -11.39 -8.81
N GLN B 98 -6.72 -11.90 -10.03
CA GLN B 98 -6.01 -13.17 -10.25
C GLN B 98 -4.62 -13.12 -9.61
N LEU B 99 -3.92 -11.99 -9.81
CA LEU B 99 -2.59 -11.80 -9.25
C LEU B 99 -2.67 -11.60 -7.74
N LYS B 100 -3.70 -10.87 -7.30
CA LYS B 100 -3.89 -10.61 -5.86
C LYS B 100 -4.05 -11.91 -5.09
N GLU B 101 -4.90 -12.80 -5.62
CA GLU B 101 -5.14 -14.10 -4.98
C GLU B 101 -3.91 -15.00 -5.11
N LYS B 102 -3.17 -14.85 -6.20
CA LYS B 102 -1.95 -15.64 -6.44
C LYS B 102 -0.88 -15.32 -5.39
N ALA B 103 -0.84 -14.07 -4.93
CA ALA B 103 0.16 -13.66 -3.92
C ALA B 103 -0.12 -14.35 -2.58
N LYS B 104 -1.39 -14.44 -2.20
CA LYS B 104 -1.79 -15.08 -0.95
C LYS B 104 -1.51 -16.59 -1.00
N MET B 105 -1.63 -17.17 -2.20
CA MET B 105 -1.39 -18.59 -2.39
C MET B 105 0.11 -18.88 -2.47
N ARG B 106 0.86 -17.97 -3.10
CA ARG B 106 2.31 -18.14 -3.24
C ARG B 106 3.02 -18.08 -1.88
N GLU B 107 2.65 -17.09 -1.06
CA GLU B 107 3.25 -16.92 0.26
C GLU B 107 2.76 -18.01 1.22
N LYS B 108 3.71 -18.77 1.78
CA LYS B 108 3.38 -19.84 2.71
C LYS B 108 4.16 -19.68 4.02
N LEU B 109 3.43 -19.62 5.13
CA LEU B 109 4.05 -19.48 6.45
C LEU B 109 4.15 -20.82 7.18
N TRP B 110 3.27 -21.76 6.81
CA TRP B 110 3.25 -23.10 7.43
C TRP B 110 4.56 -23.84 7.12
N ILE B 111 5.01 -23.76 5.87
CA ILE B 111 6.24 -24.44 5.46
C ILE B 111 7.46 -23.51 5.58
N GLN B 112 7.64 -22.93 6.77
CA GLN B 112 8.75 -22.04 7.03
C GLN B 112 9.70 -22.64 8.07
N GLU B 113 10.64 -23.46 7.60
CA GLU B 113 11.60 -24.11 8.49
C GLU B 113 13.01 -23.58 8.25
N LEU B 114 13.63 -23.04 9.29
CA LEU B 114 14.98 -22.50 9.19
C LEU B 114 16.02 -23.55 9.58
N GLU B 115 16.41 -24.37 8.61
CA GLU B 115 17.40 -25.43 8.83
C GLU B 115 18.81 -24.84 8.90
N ARG B 116 19.14 -23.96 7.95
CA ARG B 116 20.45 -23.33 7.91
C ARG B 116 20.57 -22.21 8.95
N ARG B 117 21.31 -22.48 10.01
CA ARG B 117 21.51 -21.49 11.09
C ARG B 117 22.75 -20.64 10.81
N GLU B 118 23.82 -21.29 10.35
CA GLU B 118 25.07 -20.59 10.04
C GLU B 118 24.87 -19.58 8.91
N GLU B 119 24.00 -19.90 7.95
CA GLU B 119 23.71 -19.00 6.84
C GLU B 119 23.16 -17.67 7.35
N GLU B 120 22.24 -17.74 8.32
CA GLU B 120 21.65 -16.54 8.91
C GLU B 120 22.71 -15.69 9.59
N THR B 121 23.63 -16.36 10.31
CA THR B 121 24.72 -15.68 11.02
C THR B 121 25.70 -15.02 10.04
N GLU B 122 25.78 -15.57 8.82
CA GLU B 122 26.69 -15.03 7.81
C GLU B 122 26.02 -13.93 6.97
N ALA B 123 24.79 -14.18 6.52
CA ALA B 123 24.05 -13.20 5.71
C ALA B 123 23.82 -11.88 6.44
N ARG B 124 23.87 -11.90 7.78
CA ARG B 124 23.67 -10.69 8.57
C ARG B 124 24.91 -9.81 8.54
N ARG B 125 26.09 -10.43 8.47
CA ARG B 125 27.36 -9.70 8.42
C ARG B 125 27.43 -8.85 7.16
N LYS B 126 27.14 -9.47 6.00
CA LYS B 126 27.15 -8.77 4.73
C LYS B 126 26.00 -7.77 4.65
N ARG B 127 24.87 -8.13 5.27
CA ARG B 127 23.69 -7.27 5.29
C ARG B 127 24.05 -5.86 5.77
N ALA B 128 24.85 -5.79 6.85
CA ALA B 128 25.28 -4.51 7.41
C ALA B 128 25.65 -3.52 6.30
N GLU B 129 26.38 -3.99 5.30
CA GLU B 129 26.78 -3.16 4.16
C GLU B 129 25.68 -3.13 3.09
N LEU B 130 25.29 -4.34 2.63
CA LEU B 130 24.25 -4.52 1.61
C LEU B 130 23.69 -3.20 1.06
N ALA B 131 22.67 -2.65 1.73
CA ALA B 131 22.06 -1.40 1.30
C ALA B 131 20.98 -0.93 2.29
N ARG B 132 20.38 0.23 2.00
CA ARG B 132 19.33 0.78 2.84
C ARG B 132 17.96 0.61 2.19
N MET B 133 16.96 1.36 2.67
CA MET B 133 15.60 1.27 2.13
C MET B 133 15.48 2.11 0.85
N LYS B 134 15.91 1.53 -0.27
CA LYS B 134 15.87 2.22 -1.56
C LYS B 134 14.48 2.14 -2.19
N THR B 135 13.95 0.90 -2.29
CA THR B 135 12.63 0.67 -2.87
C THR B 135 11.55 1.54 -2.21
N LEU B 136 11.50 1.50 -0.87
CA LEU B 136 10.53 2.29 -0.12
C LEU B 136 10.66 3.79 -0.42
N GLU B 137 11.90 4.27 -0.47
CA GLU B 137 12.16 5.68 -0.75
C GLU B 137 11.78 6.03 -2.19
N ASN B 138 11.94 5.07 -3.10
CA ASN B 138 11.60 5.28 -4.52
C ASN B 138 10.13 5.68 -4.69
N GLU B 139 9.25 5.09 -3.87
CA GLU B 139 7.82 5.39 -3.93
C GLU B 139 7.55 6.90 -3.76
N GLU B 140 8.33 7.54 -2.88
CA GLU B 140 8.17 8.97 -2.63
C GLU B 140 8.72 9.78 -3.80
N GLU B 141 9.81 9.31 -4.40
CA GLU B 141 10.43 9.99 -5.54
C GLU B 141 9.48 10.08 -6.74
N ILE B 142 8.75 8.99 -7.00
CA ILE B 142 7.79 8.96 -8.11
C ILE B 142 6.53 9.77 -7.77
N LYS B 143 6.14 9.75 -6.49
CA LYS B 143 4.97 10.48 -6.03
C LYS B 143 5.15 11.99 -6.22
N ASN B 144 6.38 12.48 -5.98
CA ASN B 144 6.68 13.90 -6.13
C ASN B 144 6.47 14.36 -7.57
N LEU B 145 6.84 13.50 -8.54
CA LEU B 145 6.68 13.81 -9.96
C LEU B 145 5.21 14.01 -10.32
N GLU B 146 4.31 13.28 -9.65
CA GLU B 146 2.88 13.38 -9.89
C GLU B 146 2.37 14.81 -9.59
N LYS B 147 2.96 15.45 -8.58
CA LYS B 147 2.57 16.81 -8.18
C LYS B 147 2.75 17.80 -9.34
N GLU B 148 3.80 17.60 -10.14
CA GLU B 148 4.09 18.48 -11.28
C GLU B 148 2.90 18.55 -12.25
N LEU B 149 2.14 17.46 -12.35
CA LEU B 149 0.98 17.40 -13.24
C LEU B 149 0.00 18.54 -12.93
N SER B 150 -0.20 18.79 -11.64
CA SER B 150 -1.11 19.86 -11.19
C SER B 150 -0.52 21.23 -11.52
N ASP B 151 0.80 21.36 -11.35
CA ASP B 151 1.49 22.61 -11.63
C ASP B 151 1.52 22.93 -13.12
N LEU B 152 1.39 21.90 -13.96
CA LEU B 152 1.39 22.06 -15.42
C LEU B 152 0.32 23.07 -15.88
N GLU B 153 -0.78 23.16 -15.14
CA GLU B 153 -1.86 24.08 -15.48
C GLU B 153 -1.32 25.50 -15.61
N ASN B 154 -0.55 25.94 -14.60
CA ASN B 154 0.04 27.28 -14.60
C ASN B 154 1.21 27.35 -15.58
N LYS B 155 1.97 26.25 -15.68
CA LYS B 155 3.12 26.17 -16.58
C LYS B 155 2.72 26.51 -18.01
N LEU B 156 1.60 25.95 -18.46
CA LEU B 156 1.09 26.19 -19.81
C LEU B 156 0.55 27.61 -19.95
N GLY B 157 -0.10 28.11 -18.91
CA GLY B 157 -0.66 29.46 -18.93
C GLY B 157 -2.18 29.48 -18.94
N LYS B 158 -2.81 28.33 -19.18
CA LYS B 158 -4.27 28.24 -19.21
C LYS B 158 -4.88 28.59 -17.86
N LYS B 159 -4.36 27.97 -16.79
CA LYS B 159 -4.85 28.22 -15.44
C LYS B 159 -3.69 28.52 -14.49
N MET A 1 -9.08 -9.14 29.25
CA MET A 1 -7.81 -9.93 29.31
C MET A 1 -6.67 -9.19 28.61
N SER A 2 -5.52 -9.08 29.29
CA SER A 2 -4.36 -8.41 28.73
C SER A 2 -3.70 -9.26 27.63
N ARG A 3 -3.40 -10.52 27.98
CA ARG A 3 -2.77 -11.44 27.02
C ARG A 3 -3.81 -12.40 26.43
N MET A 4 -4.88 -11.82 25.86
CA MET A 4 -5.95 -12.63 25.26
C MET A 4 -5.52 -13.18 23.91
N PRO A 5 -6.13 -14.31 23.48
CA PRO A 5 -5.81 -14.95 22.20
C PRO A 5 -6.00 -14.00 21.01
N SER A 6 -4.89 -13.40 20.56
CA SER A 6 -4.91 -12.47 19.43
C SER A 6 -3.50 -11.98 19.05
N SER A 7 -2.49 -12.83 19.30
CA SER A 7 -1.09 -12.50 18.98
C SER A 7 -0.76 -11.04 19.36
N PHE A 8 -0.73 -10.15 18.36
CA PHE A 8 -0.44 -8.73 18.58
C PHE A 8 -0.74 -7.90 17.33
N ASP A 9 -0.40 -8.45 16.15
CA ASP A 9 -0.63 -7.78 14.87
C ASP A 9 0.16 -6.48 14.77
N VAL A 10 1.48 -6.60 14.74
CA VAL A 10 2.37 -5.44 14.64
C VAL A 10 2.73 -5.17 13.18
N THR A 11 2.11 -4.15 12.60
CA THR A 11 2.35 -3.78 11.20
C THR A 11 3.03 -2.43 11.10
N GLU A 12 4.05 -2.34 10.24
CA GLU A 12 4.78 -1.10 10.04
C GLU A 12 3.91 -0.05 9.35
N ARG A 13 3.03 -0.52 8.45
CA ARG A 13 2.13 0.38 7.72
C ARG A 13 0.73 0.38 8.34
N ASP A 14 0.68 0.48 9.68
CA ASP A 14 -0.59 0.49 10.40
C ASP A 14 -1.37 1.78 10.09
N LEU A 15 -0.68 2.92 10.16
CA LEU A 15 -1.30 4.22 9.87
C LEU A 15 -1.78 4.28 8.42
N ASP A 16 -1.05 3.61 7.52
CA ASP A 16 -1.40 3.57 6.10
C ASP A 16 -2.78 2.95 5.89
N ASP A 17 -3.08 1.89 6.65
CA ASP A 17 -4.36 1.21 6.56
C ASP A 17 -5.51 2.13 6.93
N MET A 18 -5.29 2.97 7.95
CA MET A 18 -6.30 3.92 8.41
C MET A 18 -6.47 5.08 7.42
N THR A 19 -5.34 5.56 6.88
CA THR A 19 -5.35 6.66 5.92
C THR A 19 -5.92 6.23 4.56
N PHE A 20 -6.01 4.91 4.34
CA PHE A 20 -6.55 4.37 3.08
C PHE A 20 -7.96 4.90 2.80
N GLY A 21 -8.72 5.14 3.88
CA GLY A 21 -10.08 5.65 3.74
C GLY A 21 -10.14 6.99 3.02
N GLU A 22 -9.04 7.75 3.07
CA GLU A 22 -8.98 9.06 2.42
C GLU A 22 -8.74 8.91 0.91
N ARG A 23 -7.96 7.89 0.54
CA ARG A 23 -7.63 7.64 -0.87
C ARG A 23 -8.88 7.29 -1.68
N ILE A 24 -9.77 6.47 -1.11
CA ILE A 24 -11.00 6.07 -1.79
C ILE A 24 -11.94 7.27 -2.04
N ILE A 25 -11.78 8.34 -1.26
CA ILE A 25 -12.61 9.54 -1.41
C ILE A 25 -12.43 10.15 -2.81
N TYR A 26 -11.20 10.08 -3.34
CA TYR A 26 -10.91 10.63 -4.67
C TYR A 26 -11.79 9.98 -5.73
N HIS A 27 -12.04 8.67 -5.59
CA HIS A 27 -12.88 7.94 -6.54
C HIS A 27 -14.29 8.53 -6.57
N CYS A 28 -14.84 8.81 -5.39
CA CYS A 28 -16.16 9.39 -5.27
C CYS A 28 -16.17 10.86 -5.70
N LYS A 29 -15.02 11.53 -5.53
CA LYS A 29 -14.89 12.94 -5.90
C LYS A 29 -15.28 13.16 -7.36
N LYS A 30 -14.91 12.22 -8.24
CA LYS A 30 -15.23 12.32 -9.66
C LYS A 30 -16.74 12.32 -9.88
N GLN A 31 -17.43 11.30 -9.35
CA GLN A 31 -18.89 11.20 -9.48
C GLN A 31 -19.52 10.83 -8.14
N PRO A 32 -19.72 11.82 -7.26
CA PRO A 32 -20.32 11.61 -5.93
C PRO A 32 -21.82 11.38 -6.00
N LEU A 33 -22.34 10.58 -5.06
CA LEU A 33 -23.77 10.28 -5.00
C LEU A 33 -24.30 10.45 -3.58
N VAL A 34 -25.63 10.49 -3.46
CA VAL A 34 -26.27 10.66 -2.16
C VAL A 34 -26.45 9.32 -1.43
N PRO A 35 -27.11 8.32 -2.06
CA PRO A 35 -27.33 7.01 -1.43
C PRO A 35 -26.05 6.18 -1.27
N ILE A 36 -25.35 5.95 -2.39
CA ILE A 36 -24.12 5.16 -2.36
C ILE A 36 -22.92 5.98 -1.89
N GLY A 37 -22.89 7.26 -2.23
CA GLY A 37 -21.79 8.13 -1.83
C GLY A 37 -21.66 8.25 -0.31
N CYS A 38 -22.76 8.59 0.35
CA CYS A 38 -22.77 8.74 1.80
C CYS A 38 -22.54 7.39 2.49
N LEU A 39 -23.15 6.33 1.95
CA LEU A 39 -23.00 4.99 2.51
C LEU A 39 -21.55 4.52 2.46
N LEU A 40 -20.84 4.86 1.38
CA LEU A 40 -19.44 4.48 1.21
C LEU A 40 -18.56 5.17 2.25
N THR A 41 -18.78 6.47 2.44
CA THR A 41 -18.01 7.25 3.40
C THR A 41 -18.28 6.79 4.83
N THR A 42 -19.56 6.66 5.18
CA THR A 42 -19.96 6.22 6.52
C THR A 42 -19.48 4.80 6.80
N GLY A 43 -19.61 3.91 5.81
CA GLY A 43 -19.19 2.54 5.97
C GLY A 43 -17.69 2.39 6.18
N ALA A 44 -16.91 3.33 5.64
CA ALA A 44 -15.45 3.29 5.75
C ALA A 44 -14.99 3.88 7.09
N VAL A 45 -15.56 5.04 7.46
CA VAL A 45 -15.20 5.70 8.71
C VAL A 45 -15.68 4.93 9.94
N ILE A 46 -16.85 4.29 9.82
CA ILE A 46 -17.42 3.52 10.93
C ILE A 46 -16.52 2.34 11.32
N LEU A 47 -15.83 1.76 10.33
CA LEU A 47 -14.94 0.63 10.57
C LEU A 47 -13.81 1.02 11.54
N ALA A 48 -13.15 2.15 11.25
CA ALA A 48 -12.07 2.64 12.08
C ALA A 48 -12.60 3.22 13.39
N ALA A 49 -13.74 3.91 13.32
CA ALA A 49 -14.36 4.52 14.49
C ALA A 49 -14.74 3.46 15.53
N GLN A 50 -15.13 2.28 15.07
CA GLN A 50 -15.51 1.18 15.96
C GLN A 50 -14.36 0.83 16.92
N ASN A 51 -13.14 0.78 16.37
CA ASN A 51 -11.96 0.48 17.18
C ASN A 51 -11.72 1.55 18.24
N VAL A 52 -11.87 2.82 17.83
CA VAL A 52 -11.68 3.95 18.74
C VAL A 52 -12.72 3.92 19.87
N ARG A 53 -13.97 3.61 19.52
CA ARG A 53 -15.06 3.53 20.50
C ARG A 53 -14.78 2.45 21.53
N LEU A 54 -14.26 1.31 21.07
CA LEU A 54 -13.94 0.19 21.97
C LEU A 54 -12.91 0.61 23.01
N GLY A 55 -11.84 1.28 22.55
CA GLY A 55 -10.80 1.74 23.47
C GLY A 55 -11.30 2.84 24.39
N ASN A 56 -12.19 3.69 23.89
CA ASN A 56 -12.75 4.79 24.68
C ASN A 56 -13.52 4.24 25.87
N LYS A 57 -14.37 3.25 25.62
CA LYS A 57 -15.18 2.62 26.68
C LYS A 57 -14.28 1.89 27.68
N TRP A 58 -13.29 1.16 27.15
CA TRP A 58 -12.36 0.41 27.99
C TRP A 58 -11.08 1.23 28.24
N LYS A 59 -11.24 2.35 28.96
CA LYS A 59 -10.10 3.22 29.27
C LYS A 59 -9.56 2.91 30.67
N ALA A 60 -8.23 2.80 30.76
CA ALA A 60 -7.57 2.51 32.04
C ALA A 60 -6.73 3.70 32.50
N GLN A 61 -5.77 4.11 31.67
CA GLN A 61 -4.90 5.23 32.00
C GLN A 61 -4.46 6.00 30.75
N TYR A 62 -4.10 5.27 29.69
CA TYR A 62 -3.65 5.88 28.43
C TYR A 62 -4.56 7.02 28.00
N TYR A 63 -4.03 8.24 28.03
CA TYR A 63 -4.79 9.43 27.65
C TYR A 63 -4.30 9.99 26.30
N PHE A 64 -3.05 9.67 25.93
CA PHE A 64 -2.48 10.14 24.67
C PHE A 64 -3.29 9.65 23.47
N ARG A 65 -3.93 8.49 23.63
CA ARG A 65 -4.75 7.91 22.56
C ARG A 65 -5.89 8.87 22.17
N TRP A 66 -6.40 9.60 23.16
CA TRP A 66 -7.48 10.56 22.94
C TRP A 66 -6.98 11.76 22.12
N ARG A 67 -5.73 12.17 22.38
CA ARG A 67 -5.13 13.29 21.68
C ARG A 67 -4.98 12.98 20.18
N VAL A 68 -4.32 11.86 19.87
CA VAL A 68 -4.12 11.45 18.48
C VAL A 68 -5.46 11.19 17.78
N GLY A 69 -6.42 10.63 18.52
CA GLY A 69 -7.73 10.36 17.96
C GLY A 69 -8.46 11.63 17.56
N LEU A 70 -8.38 12.65 18.41
CA LEU A 70 -9.02 13.93 18.15
C LEU A 70 -8.37 14.63 16.95
N GLN A 71 -7.04 14.54 16.88
CA GLN A 71 -6.29 15.15 15.77
C GLN A 71 -6.70 14.54 14.44
N ALA A 72 -6.93 13.23 14.42
CA ALA A 72 -7.34 12.53 13.21
C ALA A 72 -8.78 12.89 12.83
N ALA A 73 -9.64 13.00 13.85
CA ALA A 73 -11.04 13.36 13.63
C ALA A 73 -11.18 14.75 13.03
N THR A 74 -10.36 15.69 13.50
CA THR A 74 -10.37 17.07 13.00
C THR A 74 -9.79 17.13 11.59
N LEU A 75 -8.80 16.27 11.32
CA LEU A 75 -8.15 16.23 10.01
C LEU A 75 -9.14 15.77 8.93
N VAL A 76 -9.85 14.67 9.19
CA VAL A 76 -10.83 14.14 8.24
C VAL A 76 -11.99 15.11 8.05
N ALA A 77 -12.26 15.94 9.06
CA ALA A 77 -13.33 16.92 9.00
C ALA A 77 -12.90 18.16 8.20
N LEU A 78 -11.62 18.53 8.35
CA LEU A 78 -11.05 19.69 7.64
C LEU A 78 -11.03 19.44 6.14
N VAL A 79 -10.55 18.26 5.73
CA VAL A 79 -10.48 17.91 4.31
C VAL A 79 -11.87 17.90 3.67
N ALA A 80 -12.89 17.55 4.47
CA ALA A 80 -14.27 17.51 3.98
C ALA A 80 -14.78 18.91 3.68
N GLY A 81 -14.48 19.86 4.59
CA GLY A 81 -14.90 21.24 4.40
C GLY A 81 -14.28 21.86 3.17
N SER A 82 -12.98 21.61 2.97
CA SER A 82 -12.25 22.14 1.81
C SER A 82 -12.70 21.45 0.53
N PHE A 83 -13.15 20.19 0.65
CA PHE A 83 -13.62 19.41 -0.49
C PHE A 83 -14.78 20.13 -1.21
N ILE A 84 -15.79 20.51 -0.43
CA ILE A 84 -16.95 21.21 -0.98
C ILE A 84 -16.62 22.66 -1.32
N TYR A 85 -15.66 23.24 -0.58
CA TYR A 85 -15.24 24.63 -0.80
C TYR A 85 -14.60 24.79 -2.17
N GLY A 86 -13.70 23.87 -2.53
CA GLY A 86 -13.02 23.93 -3.81
C GLY A 86 -11.96 25.01 -3.84
N THR A 87 -11.10 25.04 -2.81
CA THR A 87 -10.03 26.04 -2.72
C THR A 87 -8.70 25.37 -2.37
N SER A 88 -7.64 25.79 -3.05
CA SER A 88 -6.29 25.26 -2.82
C SER A 88 -6.23 23.76 -3.12
N GLY A 89 -6.03 23.44 -4.40
CA GLY A 89 -5.95 22.05 -4.81
C GLY A 89 -4.69 21.36 -4.30
N LYS A 90 -3.54 22.02 -4.47
CA LYS A 90 -2.26 21.48 -4.01
C LYS A 90 -2.24 21.31 -2.50
N GLU A 91 -2.92 22.21 -1.79
CA GLU A 91 -2.98 22.15 -0.32
C GLU A 91 -3.57 20.82 0.15
N LEU A 92 -4.66 20.38 -0.49
CA LEU A 92 -5.31 19.12 -0.14
C LEU A 92 -4.31 17.96 -0.20
N LYS A 93 -3.52 17.91 -1.27
CA LYS A 93 -2.52 16.85 -1.44
C LYS A 93 -1.45 16.96 -0.36
N ALA A 94 -0.95 18.19 -0.14
CA ALA A 94 0.08 18.43 0.87
C ALA A 94 -0.40 17.99 2.26
N LYS A 95 -1.69 18.20 2.54
CA LYS A 95 -2.28 17.83 3.82
C LYS A 95 -2.09 16.34 4.09
N GLU A 96 -2.38 15.51 3.08
CA GLU A 96 -2.22 14.06 3.20
C GLU A 96 -0.73 13.68 3.26
N GLU A 97 0.11 14.46 2.56
CA GLU A 97 1.55 14.22 2.55
C GLU A 97 2.11 14.29 3.96
N GLN A 98 1.72 15.34 4.70
CA GLN A 98 2.17 15.54 6.08
C GLN A 98 1.83 14.34 6.94
N LEU A 99 0.65 13.75 6.72
CA LEU A 99 0.21 12.58 7.48
C LEU A 99 1.21 11.42 7.32
N LYS A 100 1.67 11.22 6.08
CA LYS A 100 2.64 10.15 5.79
C LYS A 100 3.97 10.43 6.49
N GLU A 101 4.40 11.71 6.46
CA GLU A 101 5.65 12.11 7.10
C GLU A 101 5.60 11.87 8.60
N LYS A 102 4.43 12.13 9.20
CA LYS A 102 4.24 11.93 10.64
C LYS A 102 4.46 10.48 11.02
N ALA A 103 3.92 9.56 10.21
CA ALA A 103 4.08 8.13 10.47
C ALA A 103 5.55 7.72 10.42
N LYS A 104 6.27 8.25 9.43
CA LYS A 104 7.70 7.95 9.28
C LYS A 104 8.49 8.47 10.48
N MET A 105 8.16 9.69 10.93
CA MET A 105 8.83 10.30 12.06
C MET A 105 8.58 9.51 13.35
N ARG A 106 7.35 9.01 13.50
CA ARG A 106 6.96 8.23 14.68
C ARG A 106 7.85 7.00 14.83
N GLU A 107 8.04 6.28 13.73
CA GLU A 107 8.88 5.08 13.72
C GLU A 107 10.35 5.44 13.90
N LYS A 108 10.94 4.99 15.01
CA LYS A 108 12.35 5.28 15.30
C LYS A 108 13.05 4.07 15.91
N LEU A 109 14.38 4.10 15.92
CA LEU A 109 15.18 3.02 16.47
C LEU A 109 15.22 3.08 18.00
N TRP A 110 15.40 4.29 18.54
CA TRP A 110 15.46 4.50 19.99
C TRP A 110 14.19 3.97 20.66
N ILE A 111 13.03 4.42 20.18
CA ILE A 111 11.75 3.99 20.74
C ILE A 111 11.49 2.52 20.42
N GLN A 112 11.26 1.72 21.47
CA GLN A 112 11.01 0.29 21.31
C GLN A 112 9.90 -0.18 22.24
N GLU A 113 9.33 -1.35 21.94
CA GLU A 113 8.25 -1.92 22.75
C GLU A 113 8.79 -2.40 24.10
N LEU A 114 8.10 -2.01 25.17
CA LEU A 114 8.49 -2.41 26.53
C LEU A 114 7.80 -3.72 26.91
N GLU A 115 8.42 -4.84 26.55
CA GLU A 115 7.88 -6.15 26.84
C GLU A 115 8.52 -6.76 28.09
N ARG A 116 7.68 -7.28 28.99
CA ARG A 116 8.15 -7.89 30.23
C ARG A 116 8.44 -9.38 30.04
N ARG A 117 9.25 -9.94 30.94
CA ARG A 117 9.61 -11.36 30.89
C ARG A 117 8.36 -12.24 30.76
N GLU A 118 7.33 -11.92 31.56
CA GLU A 118 6.08 -12.66 31.54
C GLU A 118 5.36 -12.49 30.21
N GLU A 119 5.42 -11.29 29.65
CA GLU A 119 4.78 -10.98 28.37
C GLU A 119 5.30 -11.91 27.26
N GLU A 120 6.60 -12.23 27.31
CA GLU A 120 7.20 -13.12 26.31
C GLU A 120 6.58 -14.50 26.34
N THR A 121 6.42 -15.05 27.56
CA THR A 121 5.83 -16.37 27.73
C THR A 121 4.34 -16.38 27.36
N GLU A 122 3.64 -15.31 27.76
CA GLU A 122 2.21 -15.18 27.48
C GLU A 122 1.95 -14.90 26.00
N ALA A 123 2.93 -14.31 25.32
CA ALA A 123 2.79 -13.98 23.90
C ALA A 123 2.47 -15.23 23.07
N ARG A 124 3.16 -16.33 23.35
CA ARG A 124 2.95 -17.59 22.63
C ARG A 124 1.51 -18.08 22.82
N ARG A 125 0.95 -17.87 24.02
CA ARG A 125 -0.43 -18.28 24.31
C ARG A 125 -1.42 -17.55 23.40
N LYS A 126 -1.14 -16.27 23.15
CA LYS A 126 -2.01 -15.45 22.30
C LYS A 126 -1.99 -15.95 20.84
N ARG A 127 -0.79 -16.28 20.35
CA ARG A 127 -0.64 -16.78 18.98
C ARG A 127 -1.15 -18.22 18.84
N ALA A 128 -1.19 -18.94 19.97
CA ALA A 128 -1.64 -20.34 19.99
C ALA A 128 -2.97 -20.55 19.27
N GLU A 129 -4.00 -19.84 19.69
CA GLU A 129 -5.33 -19.99 19.09
C GLU A 129 -5.61 -18.94 18.01
N LEU A 130 -5.77 -17.68 18.42
CA LEU A 130 -6.07 -16.60 17.48
C LEU A 130 -4.79 -15.99 16.89
N ALA A 131 -4.88 -15.60 15.62
CA ALA A 131 -3.75 -15.00 14.90
C ALA A 131 -4.18 -14.56 13.49
N ARG A 132 -5.19 -13.69 13.43
CA ARG A 132 -5.70 -13.20 12.15
C ARG A 132 -5.70 -11.67 12.09
N MET A 133 -5.85 -11.12 10.89
CA MET A 133 -5.87 -9.68 10.69
C MET A 133 -7.17 -9.24 9.99
N LYS A 134 -8.22 -9.04 10.79
CA LYS A 134 -9.52 -8.63 10.27
C LYS A 134 -9.44 -7.32 9.49
N THR A 135 -8.62 -6.38 9.99
CA THR A 135 -8.44 -5.08 9.35
C THR A 135 -7.99 -5.24 7.90
N LEU A 136 -7.06 -6.17 7.65
CA LEU A 136 -6.55 -6.43 6.30
C LEU A 136 -7.66 -6.93 5.38
N GLU A 137 -8.54 -7.79 5.91
CA GLU A 137 -9.65 -8.35 5.13
C GLU A 137 -10.60 -7.23 4.69
N ASN A 138 -10.97 -6.35 5.62
CA ASN A 138 -11.86 -5.24 5.33
C ASN A 138 -11.22 -4.27 4.33
N GLU A 139 -9.89 -4.11 4.43
CA GLU A 139 -9.15 -3.23 3.52
C GLU A 139 -9.19 -3.74 2.08
N GLU A 140 -9.21 -5.07 1.91
CA GLU A 140 -9.24 -5.69 0.59
C GLU A 140 -10.66 -5.67 0.00
N GLU A 141 -11.67 -5.57 0.88
CA GLU A 141 -13.07 -5.56 0.43
C GLU A 141 -13.37 -4.38 -0.51
N ILE A 142 -12.59 -3.31 -0.40
CA ILE A 142 -12.77 -2.12 -1.25
C ILE A 142 -12.67 -2.47 -2.74
N LYS A 143 -11.86 -3.49 -3.06
CA LYS A 143 -11.68 -3.92 -4.45
C LYS A 143 -13.03 -4.25 -5.11
N ASN A 144 -13.89 -4.95 -4.36
CA ASN A 144 -15.22 -5.33 -4.86
C ASN A 144 -16.08 -4.09 -5.15
N LEU A 145 -16.03 -3.12 -4.23
CA LEU A 145 -16.80 -1.88 -4.38
C LEU A 145 -16.36 -1.11 -5.64
N GLU A 146 -15.04 -1.03 -5.85
CA GLU A 146 -14.49 -0.33 -7.01
C GLU A 146 -14.92 -1.02 -8.31
N LYS A 147 -14.87 -2.36 -8.31
CA LYS A 147 -15.26 -3.15 -9.48
C LYS A 147 -16.69 -2.86 -9.88
N GLU A 148 -17.59 -2.80 -8.89
CA GLU A 148 -19.00 -2.54 -9.14
C GLU A 148 -19.19 -1.17 -9.81
N LEU A 149 -18.41 -0.18 -9.36
CA LEU A 149 -18.49 1.17 -9.93
C LEU A 149 -18.24 1.14 -11.44
N SER A 150 -17.25 0.35 -11.87
CA SER A 150 -16.93 0.21 -13.28
C SER A 150 -18.08 -0.46 -14.04
N ASP A 151 -18.66 -1.50 -13.43
CA ASP A 151 -19.78 -2.22 -14.03
C ASP A 151 -21.00 -1.32 -14.20
N LEU A 152 -21.18 -0.37 -13.27
CA LEU A 152 -22.30 0.56 -13.32
C LEU A 152 -22.30 1.37 -14.61
N GLU A 153 -21.10 1.79 -15.04
CA GLU A 153 -20.97 2.57 -16.27
C GLU A 153 -21.47 1.79 -17.48
N ASN A 154 -21.14 0.50 -17.53
CA ASN A 154 -21.57 -0.38 -18.62
C ASN A 154 -23.08 -0.56 -18.60
N LYS A 155 -23.63 -0.79 -17.40
CA LYS A 155 -25.06 -0.98 -17.23
C LYS A 155 -25.83 0.29 -17.60
N LEU A 156 -25.23 1.45 -17.31
CA LEU A 156 -25.86 2.74 -17.60
C LEU A 156 -26.14 2.88 -19.10
N GLY A 157 -25.25 2.36 -19.94
CA GLY A 157 -25.42 2.44 -21.38
C GLY A 157 -24.17 2.91 -22.10
N LYS A 158 -23.26 3.58 -21.38
CA LYS A 158 -22.02 4.08 -21.98
C LYS A 158 -21.24 2.96 -22.64
N LYS A 159 -21.03 1.86 -21.92
CA LYS A 159 -20.30 0.71 -22.45
C LYS A 159 -21.24 -0.45 -22.76
N MET B 1 28.28 -7.06 11.68
CA MET B 1 27.04 -7.80 11.30
C MET B 1 25.80 -6.97 11.55
N SER B 2 24.71 -7.28 10.81
CA SER B 2 23.44 -6.56 10.95
C SER B 2 23.55 -5.12 10.47
N ARG B 3 22.39 -4.48 10.26
CA ARG B 3 22.36 -3.10 9.79
C ARG B 3 20.92 -2.56 9.78
N MET B 4 20.06 -3.19 8.99
CA MET B 4 18.66 -2.77 8.87
C MET B 4 17.86 -3.16 10.12
N PRO B 5 17.33 -2.16 10.86
CA PRO B 5 16.55 -2.39 12.08
C PRO B 5 15.13 -2.88 11.80
N SER B 6 14.43 -2.22 10.87
CA SER B 6 13.07 -2.58 10.52
C SER B 6 12.85 -2.55 9.00
N SER B 7 13.65 -3.35 8.28
CA SER B 7 13.55 -3.43 6.83
C SER B 7 13.21 -4.85 6.39
N PHE B 8 14.01 -5.81 6.84
CA PHE B 8 13.77 -7.22 6.49
C PHE B 8 12.78 -7.86 7.47
N ASP B 9 11.49 -7.72 7.16
CA ASP B 9 10.43 -8.27 8.00
C ASP B 9 9.34 -8.90 7.15
N VAL B 10 9.74 -9.74 6.19
CA VAL B 10 8.81 -10.41 5.29
C VAL B 10 8.03 -9.40 4.44
N THR B 11 8.59 -9.06 3.28
CA THR B 11 7.96 -8.10 2.37
C THR B 11 6.74 -8.73 1.68
N GLU B 12 5.56 -8.49 2.25
CA GLU B 12 4.32 -9.02 1.69
C GLU B 12 3.77 -8.11 0.59
N ARG B 13 3.99 -6.79 0.74
CA ARG B 13 3.52 -5.82 -0.25
C ARG B 13 4.63 -5.44 -1.24
N ASP B 14 5.61 -6.32 -1.41
CA ASP B 14 6.72 -6.07 -2.33
C ASP B 14 6.23 -6.02 -3.78
N LEU B 15 5.51 -7.07 -4.19
CA LEU B 15 4.97 -7.15 -5.54
C LEU B 15 3.88 -6.11 -5.77
N ASP B 16 3.15 -5.77 -4.70
CA ASP B 16 2.08 -4.78 -4.78
C ASP B 16 2.63 -3.41 -5.17
N ASP B 17 3.75 -3.02 -4.54
CA ASP B 17 4.39 -1.74 -4.82
C ASP B 17 4.96 -1.70 -6.24
N MET B 18 5.41 -2.87 -6.71
CA MET B 18 5.99 -2.98 -8.06
C MET B 18 4.90 -2.92 -9.13
N THR B 19 3.76 -3.53 -8.85
CA THR B 19 2.63 -3.55 -9.79
C THR B 19 1.92 -2.18 -9.87
N PHE B 20 2.19 -1.32 -8.88
CA PHE B 20 1.57 0.02 -8.83
C PHE B 20 1.86 0.81 -10.12
N GLY B 21 3.04 0.58 -10.71
CA GLY B 21 3.41 1.28 -11.94
C GLY B 21 2.50 0.98 -13.12
N GLU B 22 1.70 -0.10 -13.01
CA GLU B 22 0.79 -0.49 -14.08
C GLU B 22 -0.55 0.24 -13.94
N ARG B 23 -1.00 0.44 -12.70
CA ARG B 23 -2.27 1.13 -12.43
C ARG B 23 -2.19 2.61 -12.80
N ILE B 24 -1.03 3.22 -12.60
CA ILE B 24 -0.82 4.63 -12.92
C ILE B 24 -0.92 4.90 -14.43
N ILE B 25 -0.77 3.84 -15.25
CA ILE B 25 -0.85 3.97 -16.70
C ILE B 25 -2.20 4.56 -17.13
N TYR B 26 -3.25 4.25 -16.37
CA TYR B 26 -4.60 4.76 -16.65
C TYR B 26 -4.60 6.29 -16.72
N HIS B 27 -3.91 6.93 -15.77
CA HIS B 27 -3.82 8.39 -15.73
C HIS B 27 -3.05 8.92 -16.94
N CYS B 28 -1.99 8.20 -17.32
CA CYS B 28 -1.16 8.59 -18.46
C CYS B 28 -1.98 8.60 -19.75
N LYS B 29 -2.97 7.70 -19.84
CA LYS B 29 -3.83 7.60 -21.01
C LYS B 29 -4.56 8.92 -21.28
N LYS B 30 -4.99 9.59 -20.20
CA LYS B 30 -5.70 10.86 -20.31
C LYS B 30 -4.78 11.95 -20.91
N GLN B 31 -3.56 12.05 -20.38
CA GLN B 31 -2.60 13.04 -20.87
C GLN B 31 -1.32 12.37 -21.35
N PRO B 32 -1.35 11.76 -22.56
CA PRO B 32 -0.18 11.08 -23.14
C PRO B 32 0.82 12.05 -23.77
N LEU B 33 2.10 11.71 -23.67
CA LEU B 33 3.17 12.54 -24.23
C LEU B 33 4.16 11.70 -25.03
N VAL B 34 4.85 12.34 -25.98
CA VAL B 34 5.83 11.65 -26.81
C VAL B 34 7.23 11.68 -26.19
N PRO B 35 7.79 12.89 -25.94
CA PRO B 35 9.14 13.02 -25.34
C PRO B 35 9.16 12.63 -23.86
N ILE B 36 8.20 13.15 -23.09
CA ILE B 36 8.11 12.86 -21.66
C ILE B 36 7.47 11.49 -21.42
N GLY B 37 6.42 11.19 -22.20
CA GLY B 37 5.73 9.91 -22.05
C GLY B 37 6.64 8.72 -22.29
N CYS B 38 7.52 8.82 -23.29
CA CYS B 38 8.45 7.74 -23.61
C CYS B 38 9.39 7.47 -22.44
N LEU B 39 9.99 8.53 -21.89
CA LEU B 39 10.90 8.40 -20.76
C LEU B 39 10.18 7.93 -19.49
N LEU B 40 8.90 8.29 -19.37
CA LEU B 40 8.09 7.89 -18.21
C LEU B 40 7.69 6.42 -18.29
N THR B 41 7.31 5.97 -19.49
CA THR B 41 6.89 4.58 -19.70
C THR B 41 8.11 3.64 -19.72
N THR B 42 9.11 4.00 -20.52
CA THR B 42 10.33 3.19 -20.65
C THR B 42 11.14 3.20 -19.35
N GLY B 43 11.29 4.38 -18.75
CA GLY B 43 12.05 4.51 -17.51
C GLY B 43 11.34 3.94 -16.29
N ALA B 44 10.02 3.72 -16.39
CA ALA B 44 9.24 3.18 -15.27
C ALA B 44 9.68 1.76 -14.93
N VAL B 45 9.64 0.88 -15.93
CA VAL B 45 10.04 -0.53 -15.75
C VAL B 45 11.55 -0.71 -15.78
N ILE B 46 12.28 0.30 -16.28
CA ILE B 46 13.75 0.22 -16.36
C ILE B 46 14.37 -0.13 -15.00
N LEU B 47 13.79 0.37 -13.92
CA LEU B 47 14.30 0.09 -12.57
C LEU B 47 13.80 -1.26 -12.04
N ALA B 48 12.63 -1.71 -12.50
CA ALA B 48 12.08 -3.00 -12.06
C ALA B 48 12.78 -4.16 -12.75
N ALA B 49 13.06 -4.00 -14.05
CA ALA B 49 13.75 -5.04 -14.83
C ALA B 49 15.23 -5.13 -14.44
N GLN B 50 15.78 -4.03 -13.90
CA GLN B 50 17.19 -4.01 -13.47
C GLN B 50 17.35 -4.77 -12.16
N ASN B 51 16.39 -4.59 -11.24
CA ASN B 51 16.43 -5.27 -9.95
C ASN B 51 16.04 -6.75 -10.08
N VAL B 52 15.22 -7.05 -11.09
CA VAL B 52 14.78 -8.44 -11.32
C VAL B 52 15.86 -9.21 -12.10
N ARG B 53 16.59 -8.50 -12.96
CA ARG B 53 17.67 -9.13 -13.75
C ARG B 53 18.91 -9.38 -12.89
N LEU B 54 19.15 -8.49 -11.91
CA LEU B 54 20.30 -8.64 -11.01
C LEU B 54 20.05 -9.76 -10.00
N GLY B 55 18.84 -9.79 -9.45
CA GLY B 55 18.48 -10.81 -8.48
C GLY B 55 18.39 -12.19 -9.10
N ASN B 56 18.14 -12.27 -10.42
CA ASN B 56 18.05 -13.56 -11.11
C ASN B 56 19.42 -13.98 -11.65
N LYS B 57 19.97 -13.19 -12.57
CA LYS B 57 21.28 -13.47 -13.16
C LYS B 57 22.32 -13.78 -12.08
N TRP B 58 22.19 -13.13 -10.93
CA TRP B 58 23.10 -13.34 -9.81
C TRP B 58 22.35 -13.97 -8.64
N LYS B 59 22.48 -15.29 -8.50
CA LYS B 59 21.82 -16.04 -7.45
C LYS B 59 22.83 -16.88 -6.67
N ALA B 60 22.36 -17.95 -6.06
CA ALA B 60 23.24 -18.84 -5.28
C ALA B 60 23.22 -20.27 -5.82
N GLN B 61 22.08 -20.73 -6.37
CA GLN B 61 21.98 -22.08 -6.92
C GLN B 61 20.75 -22.24 -7.81
N TYR B 62 19.57 -22.23 -7.21
CA TYR B 62 18.31 -22.40 -7.93
C TYR B 62 17.97 -21.17 -8.78
N TYR B 63 17.30 -21.41 -9.91
CA TYR B 63 16.91 -20.34 -10.83
C TYR B 63 15.39 -20.18 -10.86
N PHE B 64 14.78 -20.23 -9.67
CA PHE B 64 13.32 -20.09 -9.55
C PHE B 64 12.85 -18.68 -9.90
N ARG B 65 13.72 -17.69 -9.69
CA ARG B 65 13.38 -16.29 -9.98
C ARG B 65 13.05 -16.11 -11.47
N TRP B 66 13.65 -16.95 -12.33
CA TRP B 66 13.40 -16.87 -13.77
C TRP B 66 11.95 -17.25 -14.10
N ARG B 67 11.37 -18.15 -13.30
CA ARG B 67 9.99 -18.59 -13.50
C ARG B 67 9.03 -17.40 -13.40
N VAL B 68 9.10 -16.69 -12.29
CA VAL B 68 8.24 -15.52 -12.06
C VAL B 68 8.68 -14.33 -12.93
N GLY B 69 10.00 -14.20 -13.13
CA GLY B 69 10.53 -13.11 -13.93
C GLY B 69 10.05 -13.17 -15.38
N LEU B 70 9.97 -14.37 -15.94
CA LEU B 70 9.51 -14.55 -17.31
C LEU B 70 7.98 -14.52 -17.40
N GLN B 71 7.31 -15.18 -16.44
CA GLN B 71 5.84 -15.21 -16.41
C GLN B 71 5.25 -13.80 -16.44
N ALA B 72 5.83 -12.90 -15.65
CA ALA B 72 5.37 -11.51 -15.60
C ALA B 72 5.84 -10.72 -16.83
N ALA B 73 7.07 -11.01 -17.28
CA ALA B 73 7.64 -10.31 -18.46
C ALA B 73 6.76 -10.53 -19.69
N THR B 74 6.19 -11.73 -19.82
CA THR B 74 5.32 -12.07 -20.94
C THR B 74 3.95 -11.44 -20.78
N LEU B 75 3.46 -11.41 -19.54
CA LEU B 75 2.14 -10.84 -19.23
C LEU B 75 2.11 -9.34 -19.55
N VAL B 76 3.18 -8.63 -19.18
CA VAL B 76 3.28 -7.19 -19.43
C VAL B 76 3.43 -6.89 -20.92
N ALA B 77 4.00 -7.84 -21.67
CA ALA B 77 4.19 -7.67 -23.13
C ALA B 77 2.87 -7.91 -23.88
N LEU B 78 2.05 -8.84 -23.38
CA LEU B 78 0.75 -9.14 -24.01
C LEU B 78 -0.28 -8.07 -23.65
N VAL B 79 -0.28 -7.63 -22.40
CA VAL B 79 -1.21 -6.58 -21.95
C VAL B 79 -0.91 -5.24 -22.62
N ALA B 80 0.35 -5.04 -23.03
CA ALA B 80 0.75 -3.80 -23.70
C ALA B 80 0.04 -3.67 -25.05
N GLY B 81 -0.03 -4.79 -25.78
CA GLY B 81 -0.71 -4.78 -27.08
C GLY B 81 -2.22 -4.89 -26.95
N SER B 82 -2.70 -5.38 -25.80
CA SER B 82 -4.15 -5.51 -25.55
C SER B 82 -4.78 -4.14 -25.29
N PHE B 83 -4.00 -3.23 -24.70
CA PHE B 83 -4.48 -1.88 -24.41
C PHE B 83 -4.95 -1.18 -25.69
N ILE B 84 -4.18 -1.33 -26.77
CA ILE B 84 -4.52 -0.73 -28.06
C ILE B 84 -5.78 -1.39 -28.64
N TYR B 85 -5.83 -2.72 -28.58
CA TYR B 85 -6.96 -3.48 -29.09
C TYR B 85 -8.29 -2.96 -28.52
N GLY B 86 -8.37 -2.86 -27.19
CA GLY B 86 -9.59 -2.38 -26.56
C GLY B 86 -10.71 -3.40 -26.61
N THR B 87 -10.40 -4.63 -26.22
CA THR B 87 -11.39 -5.71 -26.22
C THR B 87 -12.41 -5.54 -25.09
N SER B 88 -11.92 -5.35 -23.86
CA SER B 88 -12.80 -5.17 -22.71
C SER B 88 -12.03 -4.56 -21.53
N GLY B 89 -12.55 -3.47 -21.00
CA GLY B 89 -11.91 -2.80 -19.86
C GLY B 89 -12.00 -3.62 -18.58
N LYS B 90 -13.07 -4.42 -18.45
CA LYS B 90 -13.27 -5.25 -17.27
C LYS B 90 -12.14 -6.28 -17.10
N GLU B 91 -11.54 -6.69 -18.23
CA GLU B 91 -10.45 -7.66 -18.22
C GLU B 91 -9.33 -7.21 -17.27
N LEU B 92 -8.98 -5.92 -17.32
CA LEU B 92 -7.93 -5.37 -16.48
C LEU B 92 -8.25 -5.57 -15.00
N LYS B 93 -9.50 -5.29 -14.63
CA LYS B 93 -9.95 -5.44 -13.23
C LYS B 93 -9.89 -6.91 -12.80
N ALA B 94 -10.18 -7.82 -13.74
CA ALA B 94 -10.15 -9.26 -13.45
C ALA B 94 -8.72 -9.73 -13.24
N LYS B 95 -7.80 -9.22 -14.07
CA LYS B 95 -6.38 -9.58 -13.96
C LYS B 95 -5.80 -9.14 -12.62
N GLU B 96 -6.29 -8.00 -12.11
CA GLU B 96 -5.84 -7.47 -10.83
C GLU B 96 -6.12 -8.46 -9.70
N GLU B 97 -7.34 -9.01 -9.69
CA GLU B 97 -7.73 -9.98 -8.68
C GLU B 97 -6.92 -11.27 -8.82
N GLN B 98 -6.68 -11.69 -10.06
CA GLN B 98 -5.90 -12.91 -10.33
C GLN B 98 -4.53 -12.84 -9.65
N LEU B 99 -3.87 -11.68 -9.77
CA LEU B 99 -2.57 -11.47 -9.16
C LEU B 99 -2.70 -11.31 -7.64
N LYS B 100 -3.78 -10.65 -7.21
CA LYS B 100 -4.04 -10.44 -5.79
C LYS B 100 -4.17 -11.78 -5.05
N GLU B 101 -4.94 -12.70 -5.63
CA GLU B 101 -5.14 -14.02 -5.05
C GLU B 101 -3.86 -14.85 -5.13
N LYS B 102 -3.08 -14.64 -6.20
CA LYS B 102 -1.82 -15.36 -6.39
C LYS B 102 -0.81 -14.98 -5.31
N ALA B 103 -0.83 -13.71 -4.89
CA ALA B 103 0.08 -13.23 -3.84
C ALA B 103 -0.19 -13.93 -2.51
N LYS B 104 -1.47 -14.10 -2.18
CA LYS B 104 -1.88 -14.78 -0.95
C LYS B 104 -1.53 -16.26 -1.01
N MET B 105 -1.76 -16.88 -2.18
CA MET B 105 -1.47 -18.30 -2.38
C MET B 105 0.02 -18.58 -2.23
N ARG B 106 0.84 -17.77 -2.89
CA ARG B 106 2.30 -17.93 -2.83
C ARG B 106 2.82 -17.66 -1.42
N GLU B 107 2.22 -16.68 -0.74
CA GLU B 107 2.61 -16.32 0.62
C GLU B 107 2.15 -17.38 1.62
N LYS B 108 3.08 -18.24 2.06
CA LYS B 108 2.78 -19.30 3.00
C LYS B 108 3.67 -19.22 4.23
N LEU B 109 3.06 -19.12 5.41
CA LEU B 109 3.80 -19.03 6.67
C LEU B 109 3.85 -20.38 7.40
N TRP B 110 3.00 -21.33 6.97
CA TRP B 110 2.95 -22.65 7.60
C TRP B 110 3.99 -23.60 6.99
N ILE B 111 4.15 -23.56 5.67
CA ILE B 111 5.10 -24.42 4.97
C ILE B 111 6.54 -23.98 5.17
N GLN B 112 6.76 -22.66 5.32
CA GLN B 112 8.10 -22.12 5.52
C GLN B 112 8.72 -22.64 6.81
N GLU B 113 9.88 -23.29 6.69
CA GLU B 113 10.59 -23.84 7.84
C GLU B 113 12.05 -23.37 7.86
N LEU B 114 12.53 -23.01 9.06
CA LEU B 114 13.91 -22.55 9.21
C LEU B 114 14.81 -23.68 9.71
N GLU B 115 15.59 -24.25 8.80
CA GLU B 115 16.48 -25.35 9.13
C GLU B 115 17.94 -24.87 9.24
N ARG B 116 18.40 -24.14 8.22
CA ARG B 116 19.76 -23.62 8.20
C ARG B 116 19.92 -22.46 9.18
N ARG B 117 20.67 -22.70 10.25
CA ARG B 117 20.92 -21.66 11.27
C ARG B 117 22.20 -20.87 10.93
N GLU B 118 23.23 -21.59 10.49
CA GLU B 118 24.50 -20.96 10.14
C GLU B 118 24.31 -19.96 9.00
N GLU B 119 23.42 -20.28 8.06
CA GLU B 119 23.14 -19.39 6.93
C GLU B 119 22.60 -18.05 7.41
N GLU B 120 21.71 -18.08 8.42
CA GLU B 120 21.12 -16.86 8.97
C GLU B 120 22.21 -15.96 9.56
N THR B 121 23.14 -16.57 10.30
CA THR B 121 24.25 -15.84 10.91
C THR B 121 25.28 -15.38 9.87
N GLU B 122 25.27 -16.06 8.71
CA GLU B 122 26.19 -15.73 7.63
C GLU B 122 25.64 -14.60 6.76
N ALA B 123 24.39 -14.73 6.33
CA ALA B 123 23.74 -13.72 5.49
C ALA B 123 23.53 -12.39 6.23
N ARG B 124 23.51 -12.43 7.57
CA ARG B 124 23.33 -11.22 8.37
C ARG B 124 24.60 -10.37 8.40
N ARG B 125 25.76 -11.03 8.24
CA ARG B 125 27.05 -10.32 8.25
C ARG B 125 27.18 -9.38 7.05
N LYS B 126 26.50 -9.71 5.95
CA LYS B 126 26.52 -8.90 4.75
C LYS B 126 25.83 -7.55 5.00
N ARG B 127 24.91 -7.52 5.96
CA ARG B 127 24.19 -6.30 6.32
C ARG B 127 25.17 -5.22 6.79
N ALA B 128 26.25 -5.65 7.45
CA ALA B 128 27.28 -4.73 7.95
C ALA B 128 27.77 -3.80 6.84
N GLU B 129 27.70 -4.27 5.59
CA GLU B 129 28.14 -3.49 4.43
C GLU B 129 27.46 -2.10 4.39
N LEU B 130 26.27 -2.01 5.01
CA LEU B 130 25.50 -0.76 5.07
C LEU B 130 24.61 -0.60 3.84
N ALA B 131 23.32 -0.39 4.09
CA ALA B 131 22.33 -0.20 3.02
C ALA B 131 21.05 0.43 3.56
N ARG B 132 20.18 0.89 2.65
CA ARG B 132 18.92 1.52 3.03
C ARG B 132 17.76 0.94 2.23
N MET B 133 16.55 1.44 2.49
CA MET B 133 15.36 0.97 1.77
C MET B 133 15.13 1.84 0.53
N LYS B 134 16.07 1.74 -0.41
CA LYS B 134 16.01 2.52 -1.66
C LYS B 134 14.73 2.22 -2.43
N THR B 135 14.41 0.94 -2.59
CA THR B 135 13.21 0.52 -3.33
C THR B 135 11.96 1.18 -2.76
N LEU B 136 11.80 1.14 -1.43
CA LEU B 136 10.66 1.74 -0.77
C LEU B 136 10.72 3.27 -0.82
N GLU B 137 11.92 3.83 -0.70
CA GLU B 137 12.12 5.28 -0.75
C GLU B 137 11.82 5.84 -2.13
N ASN B 138 11.94 4.99 -3.17
CA ASN B 138 11.68 5.40 -4.56
C ASN B 138 10.26 5.98 -4.70
N GLU B 139 9.30 5.38 -4.01
CA GLU B 139 7.90 5.84 -4.07
C GLU B 139 7.80 7.35 -3.83
N GLU B 140 8.53 7.84 -2.82
CA GLU B 140 8.52 9.26 -2.49
C GLU B 140 8.99 10.12 -3.67
N GLU B 141 10.07 9.69 -4.32
CA GLU B 141 10.62 10.42 -5.47
C GLU B 141 9.59 10.51 -6.59
N ILE B 142 9.03 9.35 -6.98
CA ILE B 142 8.02 9.31 -8.04
C ILE B 142 6.81 10.19 -7.70
N LYS B 143 6.53 10.36 -6.40
CA LYS B 143 5.42 11.19 -5.95
C LYS B 143 5.60 12.65 -6.36
N ASN B 144 6.86 13.12 -6.32
CA ASN B 144 7.18 14.49 -6.71
C ASN B 144 6.78 14.75 -8.16
N LEU B 145 7.00 13.75 -9.02
CA LEU B 145 6.66 13.85 -10.44
C LEU B 145 5.16 14.05 -10.63
N GLU B 146 4.36 13.36 -9.80
CA GLU B 146 2.91 13.47 -9.86
C GLU B 146 2.45 14.90 -9.57
N LYS B 147 3.15 15.56 -8.63
CA LYS B 147 2.85 16.94 -8.26
C LYS B 147 3.07 17.89 -9.45
N GLU B 148 4.09 17.60 -10.25
CA GLU B 148 4.41 18.42 -11.42
C GLU B 148 3.24 18.48 -12.40
N LEU B 149 2.50 17.37 -12.51
CA LEU B 149 1.34 17.31 -13.40
C LEU B 149 0.33 18.39 -13.05
N SER B 150 0.05 18.55 -11.75
CA SER B 150 -0.88 19.56 -11.28
C SER B 150 -0.35 20.97 -11.54
N ASP B 151 0.97 21.13 -11.42
CA ASP B 151 1.61 22.43 -11.64
C ASP B 151 1.53 22.84 -13.12
N LEU B 152 1.50 21.85 -14.01
CA LEU B 152 1.40 22.10 -15.45
C LEU B 152 0.20 22.97 -15.79
N GLU B 153 -0.89 22.80 -15.03
CA GLU B 153 -2.11 23.59 -15.24
C GLU B 153 -1.80 25.09 -15.24
N ASN B 154 -1.11 25.54 -14.18
CA ASN B 154 -0.74 26.95 -14.07
C ASN B 154 0.34 27.31 -15.09
N LYS B 155 1.23 26.36 -15.37
CA LYS B 155 2.32 26.55 -16.32
C LYS B 155 1.79 27.01 -17.67
N LEU B 156 0.71 26.37 -18.13
CA LEU B 156 0.09 26.72 -19.42
C LEU B 156 -0.55 28.11 -19.36
N GLY B 157 -1.20 28.42 -18.23
CA GLY B 157 -1.83 29.71 -18.06
C GLY B 157 -3.35 29.64 -18.17
N LYS B 158 -3.85 28.69 -18.95
CA LYS B 158 -5.30 28.53 -19.13
C LYS B 158 -5.97 28.14 -17.82
N LYS B 159 -5.44 27.12 -17.15
CA LYS B 159 -5.99 26.66 -15.88
C LYS B 159 -5.35 27.39 -14.71
N MET A 1 -6.05 -9.65 36.28
CA MET A 1 -5.92 -10.87 35.45
C MET A 1 -5.12 -10.59 34.17
N SER A 2 -4.16 -11.48 33.87
CA SER A 2 -3.33 -11.33 32.68
C SER A 2 -3.68 -12.39 31.62
N ARG A 3 -4.92 -12.88 31.64
CA ARG A 3 -5.37 -13.88 30.69
C ARG A 3 -6.24 -13.26 29.60
N MET A 4 -5.58 -12.65 28.61
CA MET A 4 -6.28 -12.01 27.50
C MET A 4 -5.49 -12.16 26.20
N PRO A 5 -5.40 -13.40 25.67
CA PRO A 5 -4.67 -13.69 24.44
C PRO A 5 -5.53 -13.47 23.19
N SER A 6 -5.96 -12.23 22.96
CA SER A 6 -6.78 -11.89 21.81
C SER A 6 -5.92 -11.56 20.59
N SER A 7 -5.29 -10.37 20.60
CA SER A 7 -4.45 -9.94 19.49
C SER A 7 -3.36 -8.97 19.97
N PHE A 8 -3.76 -7.71 20.22
CA PHE A 8 -2.83 -6.66 20.69
C PHE A 8 -1.46 -6.78 20.03
N ASP A 9 -1.45 -6.98 18.71
CA ASP A 9 -0.20 -7.13 17.96
C ASP A 9 0.36 -5.76 17.57
N VAL A 10 1.66 -5.57 17.79
CA VAL A 10 2.32 -4.32 17.46
C VAL A 10 2.75 -4.31 16.00
N THR A 11 2.03 -3.53 15.18
CA THR A 11 2.33 -3.44 13.75
C THR A 11 2.53 -1.98 13.33
N GLU A 12 3.60 -1.74 12.57
CA GLU A 12 3.91 -0.38 12.09
C GLU A 12 3.05 -0.01 10.89
N ARG A 13 2.59 -1.02 10.13
CA ARG A 13 1.76 -0.79 8.96
C ARG A 13 0.27 -0.65 9.32
N ASP A 14 -0.05 -0.61 10.62
CA ASP A 14 -1.42 -0.47 11.08
C ASP A 14 -2.03 0.85 10.61
N LEU A 15 -1.24 1.92 10.68
CA LEU A 15 -1.68 3.25 10.25
C LEU A 15 -1.97 3.28 8.75
N ASP A 16 -1.18 2.51 7.97
CA ASP A 16 -1.35 2.44 6.52
C ASP A 16 -2.75 1.97 6.15
N ASP A 17 -3.28 1.02 6.94
CA ASP A 17 -4.62 0.47 6.70
C ASP A 17 -5.67 1.59 6.74
N MET A 18 -5.57 2.47 7.72
CA MET A 18 -6.50 3.59 7.87
C MET A 18 -6.28 4.63 6.79
N THR A 19 -5.01 4.90 6.46
CA THR A 19 -4.66 5.87 5.42
C THR A 19 -5.21 5.45 4.06
N PHE A 20 -5.34 4.14 3.85
CA PHE A 20 -5.86 3.61 2.59
C PHE A 20 -7.27 4.13 2.30
N GLY A 21 -8.06 4.34 3.36
CA GLY A 21 -9.41 4.84 3.20
C GLY A 21 -9.47 6.22 2.55
N GLU A 22 -8.38 6.98 2.66
CA GLU A 22 -8.32 8.32 2.07
C GLU A 22 -8.10 8.25 0.56
N ARG A 23 -7.33 7.24 0.11
CA ARG A 23 -7.04 7.07 -1.31
C ARG A 23 -8.28 6.62 -2.09
N ILE A 24 -9.09 5.74 -1.50
CA ILE A 24 -10.30 5.24 -2.16
C ILE A 24 -11.33 6.35 -2.39
N ILE A 25 -11.22 7.45 -1.64
CA ILE A 25 -12.16 8.58 -1.78
C ILE A 25 -12.16 9.13 -3.20
N TYR A 26 -10.99 9.11 -3.86
CA TYR A 26 -10.86 9.62 -5.23
C TYR A 26 -11.81 8.90 -6.18
N HIS A 27 -12.02 7.60 -5.97
CA HIS A 27 -12.91 6.81 -6.83
C HIS A 27 -14.33 7.38 -6.79
N CYS A 28 -14.81 7.66 -5.57
CA CYS A 28 -16.15 8.23 -5.38
C CYS A 28 -16.20 9.69 -5.83
N LYS A 29 -15.05 10.37 -5.74
CA LYS A 29 -14.95 11.78 -6.15
C LYS A 29 -15.39 11.98 -7.60
N LYS A 30 -15.14 10.98 -8.44
CA LYS A 30 -15.51 11.04 -9.85
C LYS A 30 -17.01 11.26 -10.01
N GLN A 31 -17.81 10.39 -9.38
CA GLN A 31 -19.26 10.48 -9.44
C GLN A 31 -19.88 10.21 -8.07
N PRO A 32 -19.85 11.22 -7.17
CA PRO A 32 -20.40 11.09 -5.82
C PRO A 32 -21.94 11.12 -5.81
N LEU A 33 -22.53 10.20 -5.05
CA LEU A 33 -23.99 10.12 -4.94
C LEU A 33 -24.46 10.40 -3.52
N VAL A 34 -25.77 10.61 -3.36
CA VAL A 34 -26.34 10.89 -2.05
C VAL A 34 -26.60 9.61 -1.26
N PRO A 35 -27.31 8.62 -1.85
CA PRO A 35 -27.61 7.34 -1.19
C PRO A 35 -26.40 6.43 -1.09
N ILE A 36 -25.77 6.15 -2.24
CA ILE A 36 -24.61 5.26 -2.28
C ILE A 36 -23.35 5.98 -1.77
N GLY A 37 -23.16 7.23 -2.18
CA GLY A 37 -22.00 7.99 -1.74
C GLY A 37 -21.89 8.09 -0.22
N CYS A 38 -22.99 8.45 0.44
CA CYS A 38 -23.01 8.57 1.89
C CYS A 38 -22.77 7.22 2.56
N LEU A 39 -23.44 6.18 2.05
CA LEU A 39 -23.30 4.82 2.59
C LEU A 39 -21.86 4.32 2.45
N LEU A 40 -21.21 4.68 1.34
CA LEU A 40 -19.83 4.28 1.09
C LEU A 40 -18.86 4.93 2.07
N THR A 41 -19.04 6.24 2.29
CA THR A 41 -18.18 6.99 3.21
C THR A 41 -18.43 6.57 4.65
N THR A 42 -19.70 6.56 5.06
CA THR A 42 -20.08 6.18 6.43
C THR A 42 -19.67 4.74 6.74
N GLY A 43 -19.89 3.84 5.76
CA GLY A 43 -19.54 2.44 5.96
C GLY A 43 -18.04 2.21 6.11
N ALA A 44 -17.24 3.08 5.49
CA ALA A 44 -15.78 2.96 5.56
C ALA A 44 -15.24 3.58 6.86
N VAL A 45 -15.72 4.78 7.19
CA VAL A 45 -15.27 5.47 8.41
C VAL A 45 -15.72 4.76 9.68
N ILE A 46 -16.93 4.19 9.65
CA ILE A 46 -17.47 3.47 10.82
C ILE A 46 -16.64 2.24 11.15
N LEU A 47 -16.06 1.61 10.12
CA LEU A 47 -15.23 0.40 10.32
C LEU A 47 -14.03 0.72 11.21
N ALA A 48 -13.31 1.79 10.88
CA ALA A 48 -12.14 2.20 11.65
C ALA A 48 -12.55 2.86 12.97
N ALA A 49 -13.63 3.65 12.92
CA ALA A 49 -14.14 4.34 14.12
C ALA A 49 -14.58 3.34 15.19
N GLN A 50 -15.08 2.18 14.76
CA GLN A 50 -15.55 1.14 15.69
C GLN A 50 -14.43 0.74 16.65
N ASN A 51 -13.22 0.59 16.13
CA ASN A 51 -12.07 0.21 16.94
C ASN A 51 -11.80 1.25 18.03
N VAL A 52 -11.88 2.54 17.65
CA VAL A 52 -11.66 3.63 18.58
C VAL A 52 -12.76 3.68 19.64
N ARG A 53 -14.01 3.45 19.21
CA ARG A 53 -15.15 3.45 20.11
C ARG A 53 -15.02 2.35 21.17
N LEU A 54 -14.55 1.17 20.75
CA LEU A 54 -14.36 0.05 21.65
C LEU A 54 -13.32 0.38 22.71
N GLY A 55 -12.21 0.98 22.29
CA GLY A 55 -11.16 1.37 23.22
C GLY A 55 -11.58 2.48 24.17
N ASN A 56 -12.54 3.30 23.72
CA ASN A 56 -13.06 4.41 24.53
C ASN A 56 -13.61 3.90 25.86
N LYS A 57 -14.29 2.75 25.82
CA LYS A 57 -14.86 2.14 27.03
C LYS A 57 -13.78 1.93 28.09
N TRP A 58 -12.65 1.36 27.67
CA TRP A 58 -11.53 1.10 28.57
C TRP A 58 -10.58 2.31 28.60
N LYS A 59 -11.00 3.36 29.29
CA LYS A 59 -10.22 4.59 29.38
C LYS A 59 -9.62 4.76 30.79
N ALA A 60 -9.08 5.94 31.07
CA ALA A 60 -8.48 6.24 32.36
C ALA A 60 -7.11 5.55 32.51
N GLN A 61 -6.23 5.79 31.53
CA GLN A 61 -4.90 5.19 31.53
C GLN A 61 -3.98 5.92 30.55
N TYR A 62 -4.37 5.94 29.27
CA TYR A 62 -3.59 6.60 28.23
C TYR A 62 -4.25 7.91 27.81
N TYR A 63 -3.49 9.00 27.88
CA TYR A 63 -3.98 10.32 27.51
C TYR A 63 -3.58 10.67 26.08
N PHE A 64 -2.37 10.28 25.69
CA PHE A 64 -1.86 10.57 24.34
C PHE A 64 -2.79 10.02 23.26
N ARG A 65 -3.48 8.91 23.56
CA ARG A 65 -4.41 8.30 22.62
C ARG A 65 -5.51 9.28 22.22
N TRP A 66 -5.95 10.11 23.18
CA TRP A 66 -6.99 11.09 22.93
C TRP A 66 -6.50 12.20 22.00
N ARG A 67 -5.23 12.58 22.14
CA ARG A 67 -4.63 13.62 21.30
C ARG A 67 -4.65 13.20 19.83
N VAL A 68 -4.00 12.07 19.52
CA VAL A 68 -3.95 11.57 18.15
C VAL A 68 -5.36 11.29 17.60
N GLY A 69 -6.25 10.81 18.46
CA GLY A 69 -7.62 10.53 18.04
C GLY A 69 -8.36 11.79 17.64
N LEU A 70 -8.23 12.84 18.44
CA LEU A 70 -8.89 14.12 18.15
C LEU A 70 -8.33 14.76 16.88
N GLN A 71 -7.01 14.68 16.71
CA GLN A 71 -6.35 15.24 15.53
C GLN A 71 -6.88 14.59 14.25
N ALA A 72 -7.06 13.27 14.29
CA ALA A 72 -7.58 12.52 13.14
C ALA A 72 -9.04 12.89 12.85
N ALA A 73 -9.83 13.01 13.92
CA ALA A 73 -11.25 13.34 13.79
C ALA A 73 -11.44 14.73 13.16
N THR A 74 -10.59 15.68 13.56
CA THR A 74 -10.65 17.04 13.02
C THR A 74 -10.13 17.09 11.59
N LEU A 75 -9.13 16.26 11.29
CA LEU A 75 -8.54 16.20 9.95
C LEU A 75 -9.55 15.74 8.91
N VAL A 76 -10.24 14.62 9.21
CA VAL A 76 -11.25 14.07 8.29
C VAL A 76 -12.42 15.04 8.10
N ALA A 77 -12.73 15.81 9.15
CA ALA A 77 -13.83 16.77 9.10
C ALA A 77 -13.44 18.00 8.26
N LEU A 78 -12.20 18.45 8.42
CA LEU A 78 -11.69 19.60 7.68
C LEU A 78 -11.56 19.29 6.18
N VAL A 79 -10.95 18.14 5.86
CA VAL A 79 -10.77 17.73 4.47
C VAL A 79 -12.13 17.49 3.79
N ALA A 80 -13.11 17.02 4.56
CA ALA A 80 -14.46 16.77 4.02
C ALA A 80 -15.04 18.05 3.42
N GLY A 81 -14.94 19.15 4.16
CA GLY A 81 -15.45 20.42 3.69
C GLY A 81 -14.66 20.96 2.50
N SER A 82 -13.37 20.63 2.44
CA SER A 82 -12.49 21.07 1.35
C SER A 82 -12.94 20.48 0.02
N PHE A 83 -13.45 19.24 0.05
CA PHE A 83 -13.91 18.56 -1.15
C PHE A 83 -15.03 19.34 -1.83
N ILE A 84 -16.08 19.65 -1.06
CA ILE A 84 -17.23 20.41 -1.59
C ILE A 84 -16.83 21.86 -1.93
N TYR A 85 -15.84 22.39 -1.22
CA TYR A 85 -15.37 23.75 -1.45
C TYR A 85 -14.72 23.87 -2.83
N GLY A 86 -13.84 22.93 -3.15
CA GLY A 86 -13.15 22.94 -4.44
C GLY A 86 -12.14 24.07 -4.55
N THR A 87 -11.28 24.20 -3.53
CA THR A 87 -10.26 25.24 -3.50
C THR A 87 -8.91 24.66 -3.07
N SER A 88 -7.84 25.09 -3.75
CA SER A 88 -6.49 24.64 -3.45
C SER A 88 -6.33 23.14 -3.74
N GLY A 89 -5.99 22.82 -4.99
CA GLY A 89 -5.80 21.43 -5.38
C GLY A 89 -4.55 20.81 -4.77
N LYS A 90 -3.42 21.50 -4.93
CA LYS A 90 -2.14 21.01 -4.39
C LYS A 90 -2.18 20.93 -2.87
N GLU A 91 -2.92 21.85 -2.24
CA GLU A 91 -3.05 21.87 -0.78
C GLU A 91 -3.62 20.55 -0.27
N LEU A 92 -4.67 20.05 -0.94
CA LEU A 92 -5.29 18.78 -0.56
C LEU A 92 -4.27 17.65 -0.53
N LYS A 93 -3.42 17.60 -1.56
CA LYS A 93 -2.39 16.57 -1.65
C LYS A 93 -1.37 16.73 -0.52
N ALA A 94 -0.97 17.98 -0.27
CA ALA A 94 -0.01 18.28 0.80
C ALA A 94 -0.56 17.89 2.17
N LYS A 95 -1.89 18.04 2.35
CA LYS A 95 -2.55 17.69 3.60
C LYS A 95 -2.30 16.21 3.95
N GLU A 96 -2.50 15.35 2.96
CA GLU A 96 -2.29 13.91 3.14
C GLU A 96 -0.80 13.59 3.25
N GLU A 97 0.02 14.36 2.53
CA GLU A 97 1.48 14.16 2.55
C GLU A 97 2.02 14.30 3.97
N GLN A 98 1.56 15.34 4.67
CA GLN A 98 1.99 15.59 6.05
C GLN A 98 1.73 14.37 6.93
N LEU A 99 0.59 13.71 6.71
CA LEU A 99 0.22 12.52 7.47
C LEU A 99 1.30 11.44 7.33
N LYS A 100 1.81 11.27 6.11
CA LYS A 100 2.86 10.28 5.84
C LYS A 100 4.15 10.63 6.59
N GLU A 101 4.49 11.93 6.58
CA GLU A 101 5.70 12.41 7.26
C GLU A 101 5.61 12.15 8.77
N LYS A 102 4.42 12.39 9.34
CA LYS A 102 4.20 12.17 10.77
C LYS A 102 4.43 10.71 11.15
N ALA A 103 3.91 9.80 10.32
CA ALA A 103 4.06 8.36 10.56
C ALA A 103 5.53 7.95 10.51
N LYS A 104 6.26 8.46 9.51
CA LYS A 104 7.67 8.15 9.36
C LYS A 104 8.49 8.69 10.53
N MET A 105 8.17 9.91 10.97
CA MET A 105 8.86 10.54 12.10
C MET A 105 8.60 9.78 13.39
N ARG A 106 7.35 9.35 13.59
CA ARG A 106 6.96 8.60 14.78
C ARG A 106 7.77 7.31 14.91
N GLU A 107 7.89 6.58 13.80
CA GLU A 107 8.65 5.33 13.79
C GLU A 107 10.15 5.60 13.86
N LYS A 108 10.79 5.11 14.91
CA LYS A 108 12.23 5.30 15.11
C LYS A 108 12.91 4.02 15.57
N LEU A 109 14.21 3.91 15.30
CA LEU A 109 14.99 2.72 15.69
C LEU A 109 15.20 2.68 17.19
N TRP A 110 15.55 3.83 17.78
CA TRP A 110 15.78 3.92 19.23
C TRP A 110 14.53 3.55 20.00
N ILE A 111 13.40 4.17 19.65
CA ILE A 111 12.13 3.89 20.33
C ILE A 111 11.40 2.72 19.66
N GLN A 112 11.59 1.53 20.22
CA GLN A 112 10.96 0.31 19.70
C GLN A 112 10.21 -0.44 20.80
N GLU A 113 9.52 -1.51 20.43
CA GLU A 113 8.76 -2.32 21.39
C GLU A 113 9.69 -2.93 22.44
N LEU A 114 9.39 -2.66 23.70
CA LEU A 114 10.19 -3.18 24.81
C LEU A 114 9.39 -4.23 25.59
N GLU A 115 8.46 -3.75 26.43
CA GLU A 115 7.60 -4.63 27.22
C GLU A 115 8.42 -5.55 28.15
N ARG A 116 7.72 -6.44 28.86
CA ARG A 116 8.38 -7.37 29.78
C ARG A 116 7.84 -8.78 29.60
N ARG A 117 8.37 -9.72 30.40
CA ARG A 117 7.95 -11.13 30.34
C ARG A 117 6.44 -11.28 30.33
N GLU A 118 5.73 -10.44 31.11
CA GLU A 118 4.27 -10.49 31.18
C GLU A 118 3.64 -10.32 29.79
N GLU A 119 4.05 -9.27 29.07
CA GLU A 119 3.53 -9.02 27.73
C GLU A 119 3.98 -10.10 26.76
N GLU A 120 5.25 -10.52 26.89
CA GLU A 120 5.81 -11.57 26.03
C GLU A 120 4.98 -12.85 26.13
N THR A 121 4.63 -13.25 27.36
CA THR A 121 3.82 -14.46 27.57
C THR A 121 2.42 -14.27 27.01
N GLU A 122 1.86 -13.06 27.17
CA GLU A 122 0.53 -12.75 26.67
C GLU A 122 0.47 -12.93 25.15
N ALA A 123 1.46 -12.35 24.45
CA ALA A 123 1.55 -12.46 23.00
C ALA A 123 1.68 -13.92 22.56
N ARG A 124 2.42 -14.70 23.35
CA ARG A 124 2.62 -16.12 23.05
C ARG A 124 1.28 -16.85 23.01
N ARG A 125 0.47 -16.65 24.06
CA ARG A 125 -0.85 -17.27 24.14
C ARG A 125 -1.80 -16.68 23.11
N LYS A 126 -1.64 -15.38 22.83
CA LYS A 126 -2.47 -14.68 21.85
C LYS A 126 -2.31 -15.28 20.45
N ARG A 127 -1.06 -15.43 20.01
CA ARG A 127 -0.77 -15.99 18.69
C ARG A 127 -1.32 -17.40 18.56
N ALA A 128 -1.10 -18.22 19.59
CA ALA A 128 -1.58 -19.60 19.60
C ALA A 128 -3.10 -19.67 19.62
N GLU A 129 -3.74 -18.77 20.39
CA GLU A 129 -5.20 -18.74 20.49
C GLU A 129 -5.82 -18.23 19.19
N LEU A 130 -5.57 -16.96 18.86
CA LEU A 130 -6.11 -16.37 17.64
C LEU A 130 -5.15 -15.32 17.06
N ALA A 131 -4.71 -15.56 15.83
CA ALA A 131 -3.79 -14.64 15.16
C ALA A 131 -4.30 -14.30 13.75
N ARG A 132 -5.47 -13.67 13.70
CA ARG A 132 -6.08 -13.28 12.42
C ARG A 132 -5.98 -11.78 12.19
N MET A 133 -5.76 -11.39 10.93
CA MET A 133 -5.65 -9.98 10.56
C MET A 133 -6.95 -9.48 9.93
N LYS A 134 -7.83 -8.93 10.76
CA LYS A 134 -9.12 -8.41 10.30
C LYS A 134 -8.95 -7.07 9.57
N THR A 135 -8.10 -6.20 10.13
CA THR A 135 -7.85 -4.87 9.54
C THR A 135 -7.31 -5.01 8.12
N LEU A 136 -6.32 -5.91 7.94
CA LEU A 136 -5.72 -6.14 6.63
C LEU A 136 -6.71 -6.80 5.67
N GLU A 137 -7.53 -7.71 6.20
CA GLU A 137 -8.53 -8.41 5.38
C GLU A 137 -9.58 -7.42 4.86
N ASN A 138 -9.95 -6.46 5.70
CA ASN A 138 -10.94 -5.44 5.32
C ASN A 138 -10.49 -4.66 4.09
N GLU A 139 -9.17 -4.48 3.96
CA GLU A 139 -8.60 -3.77 2.81
C GLU A 139 -8.90 -4.50 1.50
N GLU A 140 -9.04 -5.82 1.59
CA GLU A 140 -9.35 -6.65 0.42
C GLU A 140 -10.84 -6.59 0.09
N GLU A 141 -11.68 -6.48 1.13
CA GLU A 141 -13.13 -6.40 0.95
C GLU A 141 -13.51 -5.14 0.17
N ILE A 142 -12.96 -3.99 0.59
CA ILE A 142 -13.24 -2.71 -0.07
C ILE A 142 -12.80 -2.73 -1.54
N LYS A 143 -11.79 -3.54 -1.86
CA LYS A 143 -11.30 -3.65 -3.23
C LYS A 143 -12.41 -4.12 -4.18
N ASN A 144 -13.18 -5.11 -3.73
CA ASN A 144 -14.28 -5.65 -4.53
C ASN A 144 -15.39 -4.60 -4.68
N LEU A 145 -15.60 -3.80 -3.63
CA LEU A 145 -16.62 -2.76 -3.64
C LEU A 145 -16.34 -1.75 -4.75
N GLU A 146 -15.05 -1.39 -4.91
CA GLU A 146 -14.63 -0.44 -5.95
C GLU A 146 -14.92 -1.01 -7.34
N LYS A 147 -14.74 -2.32 -7.50
CA LYS A 147 -15.00 -3.00 -8.77
C LYS A 147 -16.44 -2.76 -9.23
N GLU A 148 -17.38 -2.77 -8.28
CA GLU A 148 -18.78 -2.56 -8.58
C GLU A 148 -19.02 -1.17 -9.18
N LEU A 149 -18.26 -0.18 -8.68
CA LEU A 149 -18.37 1.19 -9.17
C LEU A 149 -18.17 1.26 -10.68
N SER A 150 -17.23 0.45 -11.19
CA SER A 150 -16.95 0.41 -12.63
C SER A 150 -18.18 -0.02 -13.43
N ASP A 151 -18.94 -0.98 -12.89
CA ASP A 151 -20.15 -1.48 -13.54
C ASP A 151 -21.19 -0.36 -13.68
N LEU A 152 -21.29 0.49 -12.66
CA LEU A 152 -22.24 1.60 -12.67
C LEU A 152 -21.98 2.52 -13.88
N GLU A 153 -20.69 2.86 -14.08
CA GLU A 153 -20.29 3.71 -15.20
C GLU A 153 -20.69 3.09 -16.54
N ASN A 154 -20.44 1.78 -16.68
CA ASN A 154 -20.78 1.06 -17.90
C ASN A 154 -22.29 1.07 -18.14
N LYS A 155 -23.06 0.88 -17.05
CA LYS A 155 -24.52 0.87 -17.13
C LYS A 155 -25.05 2.22 -17.61
N LEU A 156 -24.43 3.30 -17.12
CA LEU A 156 -24.84 4.66 -17.49
C LEU A 156 -24.66 4.89 -18.99
N GLY A 157 -23.56 4.37 -19.55
CA GLY A 157 -23.29 4.53 -20.97
C GLY A 157 -22.01 5.28 -21.23
N LYS A 158 -20.93 4.86 -20.57
CA LYS A 158 -19.61 5.49 -20.73
C LYS A 158 -18.64 4.57 -21.46
N LYS A 159 -18.53 3.33 -20.99
CA LYS A 159 -17.63 2.35 -21.59
C LYS A 159 -18.31 1.62 -22.76
N MET B 1 34.87 -0.83 4.92
CA MET B 1 35.03 -2.30 4.72
C MET B 1 33.78 -2.91 4.08
N SER B 2 32.65 -2.82 4.78
CA SER B 2 31.38 -3.36 4.27
C SER B 2 30.42 -2.24 3.90
N ARG B 3 29.85 -1.58 4.92
CA ARG B 3 28.91 -0.48 4.70
C ARG B 3 27.83 -0.85 3.68
N MET B 4 26.92 -1.72 4.08
CA MET B 4 25.84 -2.17 3.19
C MET B 4 24.47 -1.97 3.85
N PRO B 5 23.88 -0.76 3.69
CA PRO B 5 22.57 -0.43 4.27
C PRO B 5 21.44 -1.26 3.64
N SER B 6 21.00 -2.27 4.39
CA SER B 6 19.93 -3.15 3.92
C SER B 6 18.90 -3.40 5.03
N SER B 7 17.64 -3.07 4.75
CA SER B 7 16.57 -3.25 5.73
C SER B 7 15.98 -4.66 5.65
N PHE B 8 16.63 -5.60 6.35
CA PHE B 8 16.17 -6.99 6.37
C PHE B 8 15.05 -7.17 7.39
N ASP B 9 13.81 -6.90 6.97
CA ASP B 9 12.66 -7.03 7.86
C ASP B 9 11.51 -7.79 7.18
N VAL B 10 11.86 -8.78 6.36
CA VAL B 10 10.89 -9.62 5.64
C VAL B 10 9.64 -8.83 5.22
N THR B 11 9.82 -7.84 4.35
CA THR B 11 8.72 -7.02 3.87
C THR B 11 8.01 -7.68 2.69
N GLU B 12 6.72 -7.97 2.86
CA GLU B 12 5.93 -8.60 1.81
C GLU B 12 5.08 -7.58 1.05
N ARG B 13 5.66 -6.41 0.78
CA ARG B 13 4.96 -5.35 0.06
C ARG B 13 5.75 -4.89 -1.17
N ASP B 14 6.72 -5.70 -1.61
CA ASP B 14 7.53 -5.38 -2.78
C ASP B 14 6.70 -5.54 -4.05
N LEU B 15 6.02 -6.69 -4.19
CA LEU B 15 5.18 -6.95 -5.35
C LEU B 15 4.02 -5.95 -5.42
N ASP B 16 3.50 -5.58 -4.24
CA ASP B 16 2.41 -4.62 -4.15
C ASP B 16 2.84 -3.27 -4.72
N ASP B 17 4.03 -2.82 -4.30
CA ASP B 17 4.57 -1.54 -4.77
C ASP B 17 4.85 -1.58 -6.28
N MET B 18 5.17 -2.77 -6.79
CA MET B 18 5.46 -2.95 -8.21
C MET B 18 4.20 -2.71 -9.05
N THR B 19 3.06 -3.21 -8.55
CA THR B 19 1.77 -3.05 -9.24
C THR B 19 1.37 -1.58 -9.34
N PHE B 20 1.78 -0.77 -8.35
CA PHE B 20 1.47 0.65 -8.33
C PHE B 20 1.99 1.37 -9.58
N GLY B 21 3.16 0.92 -10.07
CA GLY B 21 3.74 1.52 -11.26
C GLY B 21 2.89 1.31 -12.51
N GLU B 22 2.02 0.29 -12.48
CA GLU B 22 1.14 -0.01 -13.61
C GLU B 22 -0.18 0.75 -13.49
N ARG B 23 -0.64 0.94 -12.24
CA ARG B 23 -1.89 1.67 -11.99
C ARG B 23 -1.77 3.14 -12.37
N ILE B 24 -0.59 3.73 -12.11
CA ILE B 24 -0.34 5.14 -12.42
C ILE B 24 -0.42 5.41 -13.93
N ILE B 25 -0.20 4.37 -14.74
CA ILE B 25 -0.25 4.49 -16.19
C ILE B 25 -1.62 5.01 -16.66
N TYR B 26 -2.68 4.66 -15.93
CA TYR B 26 -4.03 5.10 -16.25
C TYR B 26 -4.10 6.63 -16.31
N HIS B 27 -3.45 7.29 -15.36
CA HIS B 27 -3.43 8.75 -15.31
C HIS B 27 -2.69 9.33 -16.51
N CYS B 28 -1.59 8.68 -16.91
CA CYS B 28 -0.80 9.12 -18.06
C CYS B 28 -1.63 9.10 -19.34
N LYS B 29 -2.59 8.17 -19.40
CA LYS B 29 -3.47 8.04 -20.57
C LYS B 29 -4.23 9.33 -20.86
N LYS B 30 -4.60 10.05 -19.79
CA LYS B 30 -5.33 11.31 -19.93
C LYS B 30 -4.53 12.32 -20.76
N GLN B 31 -3.27 12.52 -20.38
CA GLN B 31 -2.40 13.45 -21.09
C GLN B 31 -1.07 12.78 -21.45
N PRO B 32 -1.06 11.98 -22.54
CA PRO B 32 0.15 11.28 -22.98
C PRO B 32 1.13 12.20 -23.71
N LEU B 33 2.42 12.02 -23.40
CA LEU B 33 3.47 12.83 -24.02
C LEU B 33 4.34 11.99 -24.95
N VAL B 34 5.01 12.64 -25.89
CA VAL B 34 5.87 11.94 -26.84
C VAL B 34 7.31 11.81 -26.31
N PRO B 35 8.01 12.95 -26.07
CA PRO B 35 9.39 12.93 -25.57
C PRO B 35 9.46 12.52 -24.09
N ILE B 36 8.57 13.09 -23.27
CA ILE B 36 8.53 12.79 -21.85
C ILE B 36 7.80 11.47 -21.58
N GLY B 37 6.75 11.21 -22.36
CA GLY B 37 5.98 9.99 -22.20
C GLY B 37 6.81 8.75 -22.46
N CYS B 38 7.55 8.75 -23.56
CA CYS B 38 8.40 7.61 -23.92
C CYS B 38 9.47 7.36 -22.86
N LEU B 39 10.08 8.45 -22.36
CA LEU B 39 11.11 8.35 -21.33
C LEU B 39 10.54 7.87 -20.00
N LEU B 40 9.29 8.26 -19.72
CA LEU B 40 8.62 7.86 -18.48
C LEU B 40 8.18 6.40 -18.53
N THR B 41 7.67 5.98 -19.70
CA THR B 41 7.22 4.60 -19.89
C THR B 41 8.38 3.61 -19.88
N THR B 42 9.44 3.94 -20.63
CA THR B 42 10.62 3.10 -20.72
C THR B 42 11.42 3.13 -19.42
N GLY B 43 11.54 4.32 -18.82
CA GLY B 43 12.28 4.46 -17.57
C GLY B 43 11.53 3.95 -16.34
N ALA B 44 10.22 3.74 -16.47
CA ALA B 44 9.41 3.25 -15.35
C ALA B 44 9.80 1.83 -14.97
N VAL B 45 9.76 0.92 -15.93
CA VAL B 45 10.12 -0.49 -15.69
C VAL B 45 11.64 -0.69 -15.70
N ILE B 46 12.40 0.28 -16.22
CA ILE B 46 13.86 0.20 -16.27
C ILE B 46 14.45 -0.08 -14.89
N LEU B 47 13.85 0.51 -13.85
CA LEU B 47 14.33 0.31 -12.47
C LEU B 47 13.83 -1.03 -11.90
N ALA B 48 12.70 -1.52 -12.41
CA ALA B 48 12.14 -2.80 -11.95
C ALA B 48 12.94 -3.98 -12.51
N ALA B 49 13.31 -3.87 -13.79
CA ALA B 49 14.10 -4.92 -14.45
C ALA B 49 15.56 -4.88 -14.02
N GLN B 50 16.02 -3.71 -13.54
CA GLN B 50 17.41 -3.56 -13.08
C GLN B 50 17.60 -4.19 -11.70
N ASN B 51 16.59 -4.03 -10.84
CA ASN B 51 16.63 -4.58 -9.49
C ASN B 51 16.40 -6.10 -9.50
N VAL B 52 15.74 -6.61 -10.54
CA VAL B 52 15.47 -8.05 -10.65
C VAL B 52 16.63 -8.75 -11.37
N ARG B 53 17.30 -8.04 -12.26
CA ARG B 53 18.44 -8.63 -13.01
C ARG B 53 19.72 -8.58 -12.17
N LEU B 54 19.97 -7.43 -11.53
CA LEU B 54 21.15 -7.28 -10.68
C LEU B 54 21.02 -8.12 -9.41
N GLY B 55 19.80 -8.14 -8.86
CA GLY B 55 19.53 -8.93 -7.67
C GLY B 55 19.56 -10.43 -7.93
N ASN B 56 19.41 -10.84 -9.20
CA ASN B 56 19.43 -12.26 -9.56
C ASN B 56 20.86 -12.82 -9.52
N LYS B 57 21.85 -11.97 -9.82
CA LYS B 57 23.25 -12.40 -9.82
C LYS B 57 23.63 -12.99 -8.46
N TRP B 58 23.26 -12.30 -7.39
CA TRP B 58 23.54 -12.75 -6.03
C TRP B 58 22.26 -13.30 -5.38
N LYS B 59 21.93 -14.55 -5.73
CA LYS B 59 20.74 -15.19 -5.24
C LYS B 59 21.00 -16.67 -4.87
N ALA B 60 19.94 -17.47 -4.89
CA ALA B 60 20.01 -18.90 -4.56
C ALA B 60 20.24 -19.74 -5.82
N GLN B 61 21.01 -20.83 -5.68
CA GLN B 61 21.31 -21.72 -6.82
C GLN B 61 20.06 -21.99 -7.66
N TYR B 62 18.95 -22.34 -6.99
CA TYR B 62 17.69 -22.59 -7.68
C TYR B 62 17.03 -21.27 -8.08
N TYR B 63 16.42 -21.23 -9.28
CA TYR B 63 15.78 -20.01 -9.76
C TYR B 63 14.32 -20.24 -10.11
N PHE B 64 13.51 -20.56 -9.10
CA PHE B 64 12.08 -20.79 -9.28
C PHE B 64 11.35 -19.46 -9.51
N ARG B 65 11.80 -18.42 -8.81
CA ARG B 65 11.21 -17.09 -8.94
C ARG B 65 11.43 -16.52 -10.34
N TRP B 66 12.45 -17.03 -11.05
CA TRP B 66 12.75 -16.57 -12.41
C TRP B 66 11.67 -17.06 -13.37
N ARG B 67 11.15 -18.27 -13.12
CA ARG B 67 10.09 -18.85 -13.95
C ARG B 67 8.92 -17.88 -14.06
N VAL B 68 8.37 -17.50 -12.91
CA VAL B 68 7.25 -16.58 -12.84
C VAL B 68 7.64 -15.19 -13.34
N GLY B 69 8.92 -14.82 -13.12
CA GLY B 69 9.41 -13.53 -13.57
C GLY B 69 9.15 -13.30 -15.06
N LEU B 70 9.29 -14.37 -15.85
CA LEU B 70 9.05 -14.29 -17.29
C LEU B 70 7.56 -14.35 -17.62
N GLN B 71 6.80 -15.16 -16.86
CA GLN B 71 5.35 -15.29 -17.07
C GLN B 71 4.68 -13.92 -17.09
N ALA B 72 5.06 -13.07 -16.14
CA ALA B 72 4.49 -11.71 -16.06
C ALA B 72 5.08 -10.80 -17.15
N ALA B 73 6.36 -11.05 -17.50
CA ALA B 73 7.04 -10.25 -18.53
C ALA B 73 6.26 -10.28 -19.85
N THR B 74 5.68 -11.44 -20.18
CA THR B 74 4.91 -11.59 -21.41
C THR B 74 3.56 -10.89 -21.29
N LEU B 75 2.99 -10.91 -20.08
CA LEU B 75 1.70 -10.26 -19.81
C LEU B 75 1.78 -8.75 -20.05
N VAL B 76 2.89 -8.14 -19.61
CA VAL B 76 3.10 -6.70 -19.79
C VAL B 76 3.39 -6.35 -21.24
N ALA B 77 3.88 -7.33 -22.02
CA ALA B 77 4.18 -7.11 -23.44
C ALA B 77 2.91 -7.22 -24.29
N LEU B 78 2.05 -8.19 -23.97
CA LEU B 78 0.79 -8.38 -24.71
C LEU B 78 -0.27 -7.36 -24.31
N VAL B 79 -0.10 -6.73 -23.14
CA VAL B 79 -1.05 -5.71 -22.67
C VAL B 79 -0.93 -4.43 -23.51
N ALA B 80 0.26 -4.21 -24.10
CA ALA B 80 0.48 -3.03 -24.94
C ALA B 80 -0.39 -3.09 -26.19
N GLY B 81 -0.45 -4.27 -26.81
CA GLY B 81 -1.28 -4.45 -28.01
C GLY B 81 -2.76 -4.65 -27.67
N SER B 82 -3.06 -5.08 -26.44
CA SER B 82 -4.44 -5.30 -26.01
C SER B 82 -5.15 -3.97 -25.77
N PHE B 83 -4.43 -3.02 -25.16
CA PHE B 83 -4.98 -1.70 -24.88
C PHE B 83 -5.45 -1.02 -26.17
N ILE B 84 -4.62 -1.12 -27.22
CA ILE B 84 -4.95 -0.54 -28.52
C ILE B 84 -6.15 -1.26 -29.14
N TYR B 85 -6.14 -2.59 -29.07
CA TYR B 85 -7.22 -3.42 -29.62
C TYR B 85 -8.58 -2.98 -29.08
N GLY B 86 -8.71 -2.92 -27.75
CA GLY B 86 -9.97 -2.53 -27.15
C GLY B 86 -10.96 -3.67 -27.07
N THR B 87 -10.50 -4.82 -26.57
CA THR B 87 -11.34 -6.00 -26.44
C THR B 87 -12.28 -5.90 -25.24
N SER B 88 -11.72 -5.64 -24.06
CA SER B 88 -12.52 -5.52 -22.85
C SER B 88 -11.76 -4.74 -21.76
N GLY B 89 -12.37 -3.64 -21.31
CA GLY B 89 -11.74 -2.83 -20.26
C GLY B 89 -11.90 -3.43 -18.87
N LYS B 90 -13.00 -4.17 -18.65
CA LYS B 90 -13.25 -4.83 -17.37
C LYS B 90 -12.19 -5.88 -17.05
N GLU B 91 -11.59 -6.47 -18.10
CA GLU B 91 -10.57 -7.50 -17.93
C GLU B 91 -9.42 -7.01 -17.03
N LEU B 92 -9.14 -5.70 -17.09
CA LEU B 92 -8.07 -5.12 -16.28
C LEU B 92 -8.32 -5.36 -14.79
N LYS B 93 -9.55 -5.09 -14.35
CA LYS B 93 -9.93 -5.30 -12.95
C LYS B 93 -9.93 -6.79 -12.59
N ALA B 94 -10.37 -7.63 -13.52
CA ALA B 94 -10.41 -9.08 -13.30
C ALA B 94 -9.00 -9.64 -13.13
N LYS B 95 -8.07 -9.17 -13.97
CA LYS B 95 -6.68 -9.61 -13.91
C LYS B 95 -6.04 -9.21 -12.56
N GLU B 96 -6.39 -8.01 -12.09
CA GLU B 96 -5.87 -7.51 -10.82
C GLU B 96 -6.33 -8.39 -9.67
N GLU B 97 -7.61 -8.79 -9.68
CA GLU B 97 -8.17 -9.65 -8.64
C GLU B 97 -7.45 -11.00 -8.61
N GLN B 98 -7.16 -11.54 -9.80
CA GLN B 98 -6.47 -12.83 -9.91
C GLN B 98 -5.05 -12.71 -9.34
N LEU B 99 -4.39 -11.58 -9.62
CA LEU B 99 -3.04 -11.34 -9.14
C LEU B 99 -2.99 -11.34 -7.61
N LYS B 100 -4.00 -10.71 -6.99
CA LYS B 100 -4.10 -10.64 -5.54
C LYS B 100 -4.19 -12.04 -4.93
N GLU B 101 -4.97 -12.91 -5.57
CA GLU B 101 -5.15 -14.29 -5.11
C GLU B 101 -3.83 -15.06 -5.20
N LYS B 102 -3.09 -14.84 -6.29
CA LYS B 102 -1.80 -15.51 -6.49
C LYS B 102 -0.80 -15.11 -5.41
N ALA B 103 -0.86 -13.86 -4.95
CA ALA B 103 0.04 -13.37 -3.91
C ALA B 103 -0.24 -14.06 -2.58
N LYS B 104 -1.51 -14.14 -2.21
CA LYS B 104 -1.91 -14.79 -0.96
C LYS B 104 -1.58 -16.28 -0.99
N MET B 105 -1.81 -16.91 -2.14
CA MET B 105 -1.54 -18.34 -2.32
C MET B 105 -0.04 -18.63 -2.21
N ARG B 106 0.78 -17.76 -2.80
CA ARG B 106 2.23 -17.91 -2.76
C ARG B 106 2.76 -17.86 -1.33
N GLU B 107 2.31 -16.86 -0.57
CA GLU B 107 2.73 -16.70 0.82
C GLU B 107 2.18 -17.82 1.70
N LYS B 108 3.09 -18.62 2.27
CA LYS B 108 2.69 -19.73 3.13
C LYS B 108 3.31 -19.58 4.52
N LEU B 109 2.49 -19.16 5.48
CA LEU B 109 2.95 -18.97 6.86
C LEU B 109 2.76 -20.24 7.69
N TRP B 110 1.68 -20.98 7.40
CA TRP B 110 1.39 -22.22 8.12
C TRP B 110 2.51 -23.24 7.95
N ILE B 111 3.01 -23.37 6.72
CA ILE B 111 4.10 -24.31 6.42
C ILE B 111 5.40 -23.58 6.13
N GLN B 112 6.04 -23.07 7.19
CA GLN B 112 7.30 -22.34 7.06
C GLN B 112 8.48 -23.28 7.32
N GLU B 113 9.23 -23.58 6.26
CA GLU B 113 10.37 -24.49 6.37
C GLU B 113 11.69 -23.74 6.19
N LEU B 114 12.39 -23.50 7.30
CA LEU B 114 13.67 -22.80 7.29
C LEU B 114 14.78 -23.72 7.79
N GLU B 115 15.56 -24.26 6.86
CA GLU B 115 16.66 -25.17 7.20
C GLU B 115 18.01 -24.46 7.17
N ARG B 116 18.24 -23.64 6.14
CA ARG B 116 19.48 -22.90 5.99
C ARG B 116 19.70 -21.94 7.17
N ARG B 117 20.66 -22.29 8.04
CA ARG B 117 20.97 -21.46 9.22
C ARG B 117 22.04 -20.43 8.88
N GLU B 118 23.03 -20.84 8.08
CA GLU B 118 24.12 -19.94 7.68
C GLU B 118 23.58 -18.74 6.91
N GLU B 119 22.57 -18.98 6.05
CA GLU B 119 21.96 -17.92 5.26
C GLU B 119 21.39 -16.83 6.17
N GLU B 120 20.76 -17.25 7.27
CA GLU B 120 20.18 -16.32 8.25
C GLU B 120 21.27 -15.45 8.87
N THR B 121 22.40 -16.08 9.19
CA THR B 121 23.54 -15.38 9.80
C THR B 121 24.16 -14.37 8.81
N GLU B 122 23.96 -14.60 7.51
CA GLU B 122 24.49 -13.71 6.48
C GLU B 122 23.60 -12.48 6.27
N ALA B 123 22.28 -12.70 6.21
CA ALA B 123 21.32 -11.61 6.02
C ALA B 123 21.17 -10.73 7.27
N ARG B 124 21.52 -11.28 8.45
CA ARG B 124 21.41 -10.52 9.69
C ARG B 124 22.57 -9.54 9.85
N ARG B 125 23.78 -9.97 9.42
CA ARG B 125 24.97 -9.12 9.52
C ARG B 125 24.83 -7.89 8.61
N LYS B 126 24.26 -8.10 7.41
CA LYS B 126 24.07 -7.01 6.46
C LYS B 126 23.22 -5.90 7.07
N ARG B 127 22.10 -6.29 7.71
CA ARG B 127 21.21 -5.34 8.35
C ARG B 127 21.87 -4.69 9.57
N ALA B 128 22.72 -5.45 10.26
CA ALA B 128 23.43 -4.97 11.45
C ALA B 128 24.17 -3.65 11.14
N GLU B 129 24.79 -3.58 9.97
CA GLU B 129 25.52 -2.37 9.56
C GLU B 129 24.56 -1.19 9.46
N LEU B 130 23.46 -1.38 8.73
CA LEU B 130 22.46 -0.34 8.54
C LEU B 130 21.20 -0.91 7.89
N ALA B 131 20.05 -0.32 8.21
CA ALA B 131 18.78 -0.77 7.67
C ALA B 131 18.13 0.32 6.81
N ARG B 132 18.43 0.29 5.51
CA ARG B 132 17.89 1.29 4.59
C ARG B 132 16.95 0.64 3.57
N MET B 133 15.91 1.37 3.18
CA MET B 133 14.93 0.89 2.21
C MET B 133 14.94 1.78 0.97
N LYS B 134 15.92 1.56 0.09
CA LYS B 134 16.05 2.34 -1.14
C LYS B 134 14.86 2.14 -2.07
N THR B 135 14.47 0.88 -2.28
CA THR B 135 13.33 0.55 -3.14
C THR B 135 12.05 1.19 -2.61
N LEU B 136 11.84 1.10 -1.29
CA LEU B 136 10.66 1.68 -0.65
C LEU B 136 10.67 3.21 -0.76
N GLU B 137 11.86 3.81 -0.63
CA GLU B 137 12.01 5.25 -0.71
C GLU B 137 11.71 5.78 -2.12
N ASN B 138 11.89 4.91 -3.13
CA ASN B 138 11.63 5.29 -4.52
C ASN B 138 10.21 5.81 -4.70
N GLU B 139 9.26 5.23 -3.97
CA GLU B 139 7.85 5.64 -4.05
C GLU B 139 7.70 7.15 -3.87
N GLU B 140 8.47 7.73 -2.95
CA GLU B 140 8.42 9.17 -2.69
C GLU B 140 8.95 9.95 -3.89
N GLU B 141 10.05 9.47 -4.48
CA GLU B 141 10.65 10.13 -5.65
C GLU B 141 9.64 10.23 -6.79
N ILE B 142 9.02 9.09 -7.14
CA ILE B 142 8.02 9.07 -8.21
C ILE B 142 6.88 10.06 -7.95
N LYS B 143 6.52 10.23 -6.68
CA LYS B 143 5.46 11.16 -6.29
C LYS B 143 5.79 12.60 -6.70
N ASN B 144 7.08 12.96 -6.60
CA ASN B 144 7.53 14.30 -6.96
C ASN B 144 7.21 14.59 -8.43
N LEU B 145 7.46 13.61 -9.29
CA LEU B 145 7.19 13.74 -10.72
C LEU B 145 5.69 13.93 -10.98
N GLU B 146 4.87 13.21 -10.21
CA GLU B 146 3.42 13.30 -10.33
C GLU B 146 2.94 14.71 -10.01
N LYS B 147 3.57 15.34 -9.01
CA LYS B 147 3.21 16.70 -8.59
C LYS B 147 3.34 17.68 -9.76
N GLU B 148 4.41 17.53 -10.55
CA GLU B 148 4.66 18.40 -11.70
C GLU B 148 3.51 18.31 -12.71
N LEU B 149 2.89 17.13 -12.81
CA LEU B 149 1.76 16.93 -13.73
C LEU B 149 0.69 17.99 -13.49
N SER B 150 0.32 18.18 -12.22
CA SER B 150 -0.68 19.17 -11.84
C SER B 150 -0.13 20.59 -11.96
N ASP B 151 1.19 20.74 -11.74
CA ASP B 151 1.86 22.04 -11.83
C ASP B 151 1.79 22.59 -13.25
N LEU B 152 1.72 21.69 -14.25
CA LEU B 152 1.66 22.10 -15.65
C LEU B 152 0.47 23.03 -15.91
N GLU B 153 -0.64 22.81 -15.22
CA GLU B 153 -1.83 23.64 -15.36
C GLU B 153 -1.48 25.10 -15.12
N ASN B 154 -0.82 25.37 -14.00
CA ASN B 154 -0.40 26.72 -13.64
C ASN B 154 0.72 27.21 -14.58
N LYS B 155 1.58 26.27 -14.98
CA LYS B 155 2.69 26.57 -15.88
C LYS B 155 2.20 27.25 -17.17
N LEU B 156 1.12 26.71 -17.73
CA LEU B 156 0.54 27.26 -18.96
C LEU B 156 -0.16 28.60 -18.68
N GLY B 157 -0.84 28.68 -17.54
CA GLY B 157 -1.55 29.90 -17.16
C GLY B 157 -3.00 29.90 -17.60
N LYS B 158 -3.55 28.72 -17.89
CA LYS B 158 -4.95 28.60 -18.32
C LYS B 158 -5.79 27.93 -17.24
N LYS B 159 -5.32 26.79 -16.74
CA LYS B 159 -6.03 26.05 -15.70
C LYS B 159 -5.49 26.39 -14.31
N MET A 1 -4.36 -18.14 27.74
CA MET A 1 -3.49 -19.17 27.10
C MET A 1 -2.46 -18.54 26.17
N SER A 2 -2.94 -17.81 25.16
CA SER A 2 -2.08 -17.15 24.18
C SER A 2 -1.21 -18.16 23.44
N ARG A 3 -1.80 -19.29 23.06
CA ARG A 3 -1.08 -20.34 22.35
C ARG A 3 -1.52 -20.41 20.89
N MET A 4 -0.75 -19.76 20.01
CA MET A 4 -1.07 -19.74 18.58
C MET A 4 0.15 -19.34 17.76
N PRO A 5 0.24 -19.82 16.50
CA PRO A 5 1.36 -19.50 15.60
C PRO A 5 1.55 -18.00 15.36
N SER A 6 0.47 -17.22 15.56
CA SER A 6 0.52 -15.77 15.36
C SER A 6 1.71 -15.15 16.10
N SER A 7 2.56 -14.46 15.34
CA SER A 7 3.74 -13.82 15.90
C SER A 7 3.57 -12.30 15.97
N PHE A 8 4.65 -11.60 16.34
CA PHE A 8 4.61 -10.13 16.45
C PHE A 8 5.41 -9.51 15.31
N ASP A 9 4.74 -9.28 14.18
CA ASP A 9 5.38 -8.68 13.00
C ASP A 9 5.34 -7.15 13.07
N VAL A 10 4.37 -6.60 13.82
CA VAL A 10 4.21 -5.15 13.96
C VAL A 10 3.71 -4.52 12.66
N THR A 11 2.43 -4.16 12.65
CA THR A 11 1.81 -3.54 11.47
C THR A 11 2.16 -2.05 11.37
N GLU A 12 3.30 -1.76 10.75
CA GLU A 12 3.76 -0.39 10.59
C GLU A 12 3.01 0.30 9.44
N ARG A 13 2.62 -0.49 8.43
CA ARG A 13 1.90 0.04 7.27
C ARG A 13 0.38 0.01 7.49
N ASP A 14 -0.05 -0.29 8.72
CA ASP A 14 -1.49 -0.34 9.04
C ASP A 14 -2.14 1.03 8.82
N LEU A 15 -1.43 2.10 9.20
CA LEU A 15 -1.93 3.46 9.04
C LEU A 15 -2.12 3.79 7.56
N ASP A 16 -1.24 3.26 6.71
CA ASP A 16 -1.31 3.50 5.27
C ASP A 16 -2.63 2.99 4.69
N ASP A 17 -3.16 1.89 5.26
CA ASP A 17 -4.42 1.31 4.81
C ASP A 17 -5.57 2.29 5.04
N MET A 18 -5.58 2.93 6.21
CA MET A 18 -6.62 3.90 6.56
C MET A 18 -6.53 5.15 5.68
N THR A 19 -5.31 5.66 5.49
CA THR A 19 -5.09 6.84 4.65
C THR A 19 -5.47 6.57 3.20
N PHE A 20 -5.30 5.31 2.76
CA PHE A 20 -5.63 4.92 1.39
C PHE A 20 -7.12 5.13 1.11
N GLY A 21 -7.96 4.92 2.13
CA GLY A 21 -9.39 5.09 1.98
C GLY A 21 -9.77 6.51 1.55
N GLU A 22 -8.93 7.49 1.89
CA GLU A 22 -9.17 8.88 1.54
C GLU A 22 -8.64 9.18 0.13
N ARG A 23 -7.54 8.52 -0.24
CA ARG A 23 -6.93 8.72 -1.55
C ARG A 23 -7.82 8.15 -2.67
N ILE A 24 -8.44 7.00 -2.41
CA ILE A 24 -9.31 6.34 -3.38
C ILE A 24 -10.59 7.16 -3.64
N ILE A 25 -10.91 8.09 -2.74
CA ILE A 25 -12.10 8.94 -2.88
C ILE A 25 -12.13 9.64 -4.24
N TYR A 26 -10.96 9.93 -4.81
CA TYR A 26 -10.86 10.60 -6.10
C TYR A 26 -11.69 9.87 -7.17
N HIS A 27 -11.64 8.53 -7.14
CA HIS A 27 -12.39 7.71 -8.08
C HIS A 27 -13.90 7.88 -7.88
N CYS A 28 -14.32 7.87 -6.61
CA CYS A 28 -15.73 8.03 -6.26
C CYS A 28 -16.23 9.44 -6.57
N LYS A 29 -15.31 10.42 -6.54
CA LYS A 29 -15.66 11.82 -6.83
C LYS A 29 -16.39 11.95 -8.17
N LYS A 30 -16.01 11.12 -9.15
CA LYS A 30 -16.64 11.14 -10.47
C LYS A 30 -18.12 10.81 -10.38
N GLN A 31 -18.96 11.84 -10.46
CA GLN A 31 -20.41 11.67 -10.38
C GLN A 31 -20.81 11.02 -9.05
N PRO A 32 -20.85 11.81 -7.96
CA PRO A 32 -21.22 11.31 -6.63
C PRO A 32 -22.72 11.05 -6.49
N LEU A 33 -23.08 9.99 -5.77
CA LEU A 33 -24.48 9.65 -5.55
C LEU A 33 -24.95 10.07 -4.17
N VAL A 34 -26.25 10.33 -4.03
CA VAL A 34 -26.82 10.75 -2.76
C VAL A 34 -27.04 9.55 -1.84
N PRO A 35 -27.84 8.55 -2.27
CA PRO A 35 -28.12 7.35 -1.46
C PRO A 35 -26.91 6.43 -1.33
N ILE A 36 -26.21 6.20 -2.44
CA ILE A 36 -25.04 5.34 -2.45
C ILE A 36 -23.84 6.03 -1.82
N GLY A 37 -23.64 7.31 -2.16
CA GLY A 37 -22.52 8.07 -1.61
C GLY A 37 -22.54 8.13 -0.09
N CYS A 38 -23.73 8.35 0.49
CA CYS A 38 -23.89 8.42 1.94
C CYS A 38 -23.51 7.09 2.60
N LEU A 39 -23.99 5.99 2.01
CA LEU A 39 -23.71 4.65 2.52
C LEU A 39 -22.24 4.27 2.31
N LEU A 40 -21.64 4.80 1.25
CA LEU A 40 -20.23 4.52 0.94
C LEU A 40 -19.30 5.23 1.91
N THR A 41 -19.60 6.49 2.22
CA THR A 41 -18.79 7.29 3.13
C THR A 41 -18.98 6.86 4.58
N THR A 42 -20.22 6.93 5.06
CA THR A 42 -20.55 6.54 6.44
C THR A 42 -20.29 5.06 6.68
N GLY A 43 -20.65 4.23 5.70
CA GLY A 43 -20.45 2.78 5.82
C GLY A 43 -18.98 2.37 5.84
N ALA A 44 -18.12 3.21 5.25
CA ALA A 44 -16.68 2.91 5.21
C ALA A 44 -15.95 3.46 6.43
N VAL A 45 -16.25 4.72 6.79
CA VAL A 45 -15.60 5.37 7.93
C VAL A 45 -15.94 4.67 9.25
N ILE A 46 -17.13 4.05 9.32
CA ILE A 46 -17.56 3.34 10.53
C ILE A 46 -16.58 2.23 10.93
N LEU A 47 -15.96 1.60 9.93
CA LEU A 47 -14.99 0.52 10.19
C LEU A 47 -13.78 1.06 10.94
N ALA A 48 -13.17 2.13 10.40
CA ALA A 48 -12.00 2.74 11.03
C ALA A 48 -12.36 3.40 12.36
N ALA A 49 -13.52 4.06 12.40
CA ALA A 49 -13.99 4.72 13.61
C ALA A 49 -14.16 3.72 14.76
N GLN A 50 -14.67 2.53 14.44
CA GLN A 50 -14.87 1.49 15.44
C GLN A 50 -13.55 1.08 16.09
N ASN A 51 -12.52 0.91 15.26
CA ASN A 51 -11.19 0.52 15.75
C ASN A 51 -10.63 1.58 16.71
N VAL A 52 -10.75 2.86 16.32
CA VAL A 52 -10.26 3.96 17.15
C VAL A 52 -11.07 4.06 18.43
N ARG A 53 -12.39 3.90 18.32
CA ARG A 53 -13.29 3.96 19.48
C ARG A 53 -12.97 2.85 20.48
N LEU A 54 -12.54 1.69 19.97
CA LEU A 54 -12.20 0.54 20.82
C LEU A 54 -11.07 0.90 21.79
N GLY A 55 -10.02 1.53 21.25
CA GLY A 55 -8.89 1.92 22.08
C GLY A 55 -9.24 3.04 23.05
N ASN A 56 -10.03 4.00 22.58
CA ASN A 56 -10.47 5.12 23.41
C ASN A 56 -11.36 4.65 24.55
N LYS A 57 -12.28 3.73 24.24
CA LYS A 57 -13.19 3.18 25.24
C LYS A 57 -12.42 2.51 26.37
N TRP A 58 -11.51 1.60 26.00
CA TRP A 58 -10.68 0.90 26.98
C TRP A 58 -9.44 1.72 27.29
N LYS A 59 -9.60 2.72 28.17
CA LYS A 59 -8.50 3.59 28.56
C LYS A 59 -8.27 3.57 30.07
N ALA A 60 -7.11 3.06 30.48
CA ALA A 60 -6.76 2.99 31.90
C ALA A 60 -5.87 4.17 32.27
N GLN A 61 -4.85 4.42 31.45
CA GLN A 61 -3.92 5.52 31.68
C GLN A 61 -3.25 5.93 30.37
N TYR A 62 -3.90 6.84 29.64
CA TYR A 62 -3.38 7.32 28.36
C TYR A 62 -3.44 8.84 28.26
N TYR A 63 -2.34 9.44 27.82
CA TYR A 63 -2.25 10.89 27.67
C TYR A 63 -2.08 11.27 26.19
N PHE A 64 -1.07 10.68 25.55
CA PHE A 64 -0.80 10.96 24.13
C PHE A 64 -1.75 10.19 23.23
N ARG A 65 -2.15 8.99 23.66
CA ARG A 65 -3.08 8.14 22.88
C ARG A 65 -4.36 8.90 22.56
N TRP A 66 -4.92 9.57 23.56
CA TRP A 66 -6.15 10.33 23.39
C TRP A 66 -5.86 11.69 22.72
N ARG A 67 -4.67 12.24 22.97
CA ARG A 67 -4.26 13.52 22.39
C ARG A 67 -4.32 13.46 20.86
N VAL A 68 -3.63 12.47 20.29
CA VAL A 68 -3.61 12.29 18.84
C VAL A 68 -4.99 11.88 18.31
N GLY A 69 -5.73 11.11 19.11
CA GLY A 69 -7.06 10.67 18.71
C GLY A 69 -8.00 11.83 18.43
N LEU A 70 -7.98 12.83 19.32
CA LEU A 70 -8.83 14.02 19.16
C LEU A 70 -8.42 14.82 17.92
N GLN A 71 -7.11 14.93 17.70
CA GLN A 71 -6.58 15.65 16.54
C GLN A 71 -7.02 14.99 15.24
N ALA A 72 -7.05 13.65 15.23
CA ALA A 72 -7.45 12.90 14.05
C ALA A 72 -8.95 13.06 13.77
N ALA A 73 -9.75 13.09 14.84
CA ALA A 73 -11.19 13.24 14.72
C ALA A 73 -11.55 14.59 14.08
N THR A 74 -10.80 15.63 14.44
CA THR A 74 -11.03 16.97 13.89
C THR A 74 -10.49 17.09 12.46
N LEU A 75 -9.41 16.34 12.18
CA LEU A 75 -8.79 16.36 10.85
C LEU A 75 -9.74 15.81 9.79
N VAL A 76 -10.34 14.65 10.07
CA VAL A 76 -11.28 14.02 9.14
C VAL A 76 -12.49 14.91 8.87
N ALA A 77 -12.89 15.70 9.88
CA ALA A 77 -14.02 16.61 9.74
C ALA A 77 -13.63 17.83 8.91
N LEU A 78 -12.39 18.31 9.10
CA LEU A 78 -11.88 19.47 8.37
C LEU A 78 -11.79 19.18 6.87
N VAL A 79 -11.15 18.05 6.53
CA VAL A 79 -11.00 17.65 5.13
C VAL A 79 -12.35 17.42 4.47
N ALA A 80 -13.31 16.90 5.23
CA ALA A 80 -14.66 16.64 4.72
C ALA A 80 -15.34 17.95 4.30
N GLY A 81 -15.22 18.97 5.16
CA GLY A 81 -15.82 20.26 4.86
C GLY A 81 -15.12 20.97 3.71
N SER A 82 -13.82 20.70 3.55
CA SER A 82 -13.03 21.32 2.49
C SER A 82 -13.30 20.64 1.14
N PHE A 83 -13.75 19.39 1.17
CA PHE A 83 -14.04 18.63 -0.05
C PHE A 83 -15.08 19.33 -0.93
N ILE A 84 -16.08 19.95 -0.29
CA ILE A 84 -17.14 20.65 -1.01
C ILE A 84 -16.59 21.79 -1.87
N TYR A 85 -15.50 22.41 -1.40
CA TYR A 85 -14.87 23.52 -2.13
C TYR A 85 -14.21 23.01 -3.41
N GLY A 86 -13.27 22.07 -3.26
CA GLY A 86 -12.57 21.52 -4.41
C GLY A 86 -11.79 22.57 -5.18
N THR A 87 -11.02 23.38 -4.45
CA THR A 87 -10.22 24.44 -5.07
C THR A 87 -8.73 24.25 -4.79
N SER A 88 -8.38 23.99 -3.53
CA SER A 88 -6.99 23.80 -3.13
C SER A 88 -6.54 22.36 -3.41
N GLY A 89 -6.18 22.11 -4.67
CA GLY A 89 -5.72 20.78 -5.07
C GLY A 89 -4.32 20.49 -4.59
N LYS A 90 -3.41 21.45 -4.80
CA LYS A 90 -2.02 21.30 -4.38
C LYS A 90 -1.91 21.16 -2.86
N GLU A 91 -2.72 21.92 -2.13
CA GLU A 91 -2.73 21.88 -0.67
C GLU A 91 -3.10 20.48 -0.17
N LEU A 92 -4.09 19.86 -0.82
CA LEU A 92 -4.54 18.52 -0.44
C LEU A 92 -3.36 17.53 -0.44
N LYS A 93 -2.50 17.62 -1.45
CA LYS A 93 -1.33 16.75 -1.54
C LYS A 93 -0.32 17.06 -0.44
N ALA A 94 -0.09 18.36 -0.19
CA ALA A 94 0.84 18.79 0.84
C ALA A 94 0.36 18.37 2.23
N LYS A 95 -0.92 18.58 2.51
CA LYS A 95 -1.52 18.22 3.79
C LYS A 95 -1.28 16.74 4.11
N GLU A 96 -1.52 15.88 3.11
CA GLU A 96 -1.32 14.44 3.27
C GLU A 96 0.15 14.12 3.50
N GLU A 97 1.04 14.83 2.79
CA GLU A 97 2.47 14.63 2.92
C GLU A 97 2.91 14.80 4.38
N GLN A 98 2.43 15.87 5.02
CA GLN A 98 2.76 16.15 6.42
C GLN A 98 2.49 14.93 7.30
N LEU A 99 1.37 14.26 7.04
CA LEU A 99 0.99 13.07 7.81
C LEU A 99 2.05 11.97 7.66
N LYS A 100 2.51 11.74 6.43
CA LYS A 100 3.52 10.73 6.16
C LYS A 100 4.86 11.11 6.80
N GLU A 101 5.21 12.40 6.71
CA GLU A 101 6.46 12.89 7.28
C GLU A 101 6.47 12.74 8.81
N LYS A 102 5.30 12.95 9.42
CA LYS A 102 5.17 12.82 10.87
C LYS A 102 5.50 11.40 11.34
N ALA A 103 4.98 10.41 10.62
CA ALA A 103 5.23 9.01 10.95
C ALA A 103 6.72 8.67 10.86
N LYS A 104 7.38 9.20 9.82
CA LYS A 104 8.81 8.97 9.62
C LYS A 104 9.62 9.55 10.78
N MET A 105 9.28 10.77 11.20
CA MET A 105 9.97 11.44 12.30
C MET A 105 9.78 10.68 13.61
N ARG A 106 8.54 10.24 13.86
CA ARG A 106 8.23 9.48 15.08
C ARG A 106 9.03 8.19 15.15
N GLU A 107 9.18 7.51 14.00
CA GLU A 107 9.94 6.26 13.94
C GLU A 107 11.43 6.53 14.10
N LYS A 108 11.94 6.29 15.31
CA LYS A 108 13.36 6.50 15.60
C LYS A 108 13.92 5.38 16.49
N LEU A 109 15.20 5.06 16.28
CA LEU A 109 15.86 4.01 17.06
C LEU A 109 15.96 4.40 18.53
N TRP A 110 16.24 5.68 18.79
CA TRP A 110 16.37 6.19 20.16
C TRP A 110 15.04 6.04 20.91
N ILE A 111 13.94 6.40 20.25
CA ILE A 111 12.61 6.31 20.85
C ILE A 111 11.79 5.19 20.21
N GLN A 112 12.02 3.95 20.67
CA GLN A 112 11.31 2.79 20.15
C GLN A 112 10.33 2.24 21.19
N GLU A 113 10.88 1.77 22.32
CA GLU A 113 10.06 1.21 23.39
C GLU A 113 10.59 1.63 24.75
N LEU A 114 10.27 2.85 25.16
CA LEU A 114 10.70 3.37 26.46
C LEU A 114 9.83 2.83 27.60
N GLU A 115 8.59 2.45 27.26
CA GLU A 115 7.65 1.91 28.24
C GLU A 115 8.23 0.70 28.97
N ARG A 116 7.69 0.40 30.15
CA ARG A 116 8.14 -0.73 30.96
C ARG A 116 8.16 -2.03 30.15
N ARG A 117 9.25 -2.78 30.27
CA ARG A 117 9.41 -4.05 29.56
C ARG A 117 8.26 -5.01 29.87
N GLU A 118 7.65 -4.86 31.05
CA GLU A 118 6.54 -5.72 31.46
C GLU A 118 5.43 -5.71 30.43
N GLU A 119 5.12 -4.53 29.89
CA GLU A 119 4.07 -4.38 28.87
C GLU A 119 4.53 -4.96 27.54
N GLU A 120 5.79 -4.69 27.16
CA GLU A 120 6.35 -5.19 25.91
C GLU A 120 6.35 -6.73 25.89
N THR A 121 6.83 -7.33 26.97
CA THR A 121 6.88 -8.79 27.09
C THR A 121 5.47 -9.38 27.04
N GLU A 122 4.51 -8.71 27.70
CA GLU A 122 3.12 -9.15 27.72
C GLU A 122 2.51 -9.11 26.32
N ALA A 123 2.89 -8.08 25.54
CA ALA A 123 2.39 -7.92 24.18
C ALA A 123 2.61 -9.18 23.34
N ARG A 124 3.71 -9.89 23.61
CA ARG A 124 4.04 -11.12 22.88
C ARG A 124 2.89 -12.12 22.97
N ARG A 125 2.38 -12.33 24.18
CA ARG A 125 1.27 -13.25 24.41
C ARG A 125 0.01 -12.76 23.69
N LYS A 126 -0.26 -11.45 23.80
CA LYS A 126 -1.42 -10.85 23.15
C LYS A 126 -1.39 -11.06 21.64
N ARG A 127 -0.18 -11.00 21.06
CA ARG A 127 -0.01 -11.19 19.62
C ARG A 127 -0.34 -12.62 19.21
N ALA A 128 0.07 -13.59 20.04
CA ALA A 128 -0.19 -15.00 19.76
C ALA A 128 -1.69 -15.31 19.86
N GLU A 129 -2.30 -14.89 20.96
CA GLU A 129 -3.73 -15.12 21.19
C GLU A 129 -4.58 -14.40 20.13
N LEU A 130 -4.29 -13.11 19.91
CA LEU A 130 -5.02 -12.32 18.92
C LEU A 130 -4.44 -12.50 17.53
N ALA A 131 -5.14 -13.26 16.69
CA ALA A 131 -4.70 -13.52 15.32
C ALA A 131 -5.74 -13.03 14.30
N ARG A 132 -5.59 -13.48 13.04
CA ARG A 132 -6.50 -13.09 11.96
C ARG A 132 -6.33 -11.63 11.57
N MET A 133 -6.03 -11.40 10.29
CA MET A 133 -5.82 -10.05 9.77
C MET A 133 -7.15 -9.44 9.31
N LYS A 134 -7.73 -8.59 10.16
CA LYS A 134 -9.00 -7.94 9.84
C LYS A 134 -8.78 -6.72 8.94
N THR A 135 -7.76 -5.92 9.26
CA THR A 135 -7.44 -4.71 8.48
C THR A 135 -7.15 -5.07 7.03
N LEU A 136 -6.39 -6.15 6.81
CA LEU A 136 -6.05 -6.60 5.47
C LEU A 136 -7.28 -7.15 4.74
N GLU A 137 -8.12 -7.89 5.46
CA GLU A 137 -9.34 -8.47 4.88
C GLU A 137 -10.30 -7.37 4.41
N ASN A 138 -10.33 -6.25 5.14
CA ASN A 138 -11.21 -5.13 4.80
C ASN A 138 -10.93 -4.63 3.37
N GLU A 139 -9.67 -4.69 2.95
CA GLU A 139 -9.28 -4.26 1.60
C GLU A 139 -10.01 -5.06 0.53
N GLU A 140 -10.27 -6.34 0.81
CA GLU A 140 -10.99 -7.22 -0.12
C GLU A 140 -12.47 -6.83 -0.19
N GLU A 141 -13.05 -6.47 0.96
CA GLU A 141 -14.45 -6.08 1.04
C GLU A 141 -14.71 -4.84 0.18
N ILE A 142 -13.86 -3.82 0.34
CA ILE A 142 -13.99 -2.58 -0.43
C ILE A 142 -13.70 -2.80 -1.92
N LYS A 143 -12.91 -3.84 -2.23
CA LYS A 143 -12.58 -4.16 -3.62
C LYS A 143 -13.85 -4.37 -4.45
N ASN A 144 -14.85 -5.02 -3.86
CA ASN A 144 -16.11 -5.27 -4.54
C ASN A 144 -16.80 -3.96 -4.91
N LEU A 145 -16.74 -2.99 -3.99
CA LEU A 145 -17.35 -1.67 -4.21
C LEU A 145 -16.68 -0.97 -5.40
N GLU A 146 -15.35 -1.10 -5.48
CA GLU A 146 -14.59 -0.50 -6.57
C GLU A 146 -15.00 -1.08 -7.92
N LYS A 147 -15.28 -2.40 -7.93
CA LYS A 147 -15.70 -3.09 -9.15
C LYS A 147 -16.97 -2.46 -9.71
N GLU A 148 -17.94 -2.18 -8.83
CA GLU A 148 -19.20 -1.56 -9.22
C GLU A 148 -18.97 -0.17 -9.81
N LEU A 149 -18.02 0.57 -9.24
CA LEU A 149 -17.68 1.91 -9.72
C LEU A 149 -17.25 1.85 -11.18
N SER A 150 -16.45 0.84 -11.53
CA SER A 150 -15.97 0.66 -12.90
C SER A 150 -17.12 0.23 -13.81
N ASP A 151 -18.02 -0.60 -13.28
CA ASP A 151 -19.17 -1.08 -14.04
C ASP A 151 -20.07 0.09 -14.46
N LEU A 152 -20.19 1.09 -13.58
CA LEU A 152 -21.00 2.27 -13.86
C LEU A 152 -20.50 3.00 -15.10
N GLU A 153 -19.18 3.05 -15.27
CA GLU A 153 -18.56 3.71 -16.42
C GLU A 153 -19.04 3.08 -17.72
N ASN A 154 -19.06 1.74 -17.76
CA ASN A 154 -19.49 0.99 -18.94
C ASN A 154 -20.99 1.21 -19.18
N LYS A 155 -21.77 1.22 -18.09
CA LYS A 155 -23.21 1.41 -18.18
C LYS A 155 -23.55 2.77 -18.78
N LEU A 156 -22.84 3.82 -18.34
CA LEU A 156 -23.06 5.16 -18.84
C LEU A 156 -22.61 5.30 -20.29
N GLY A 157 -21.47 4.67 -20.63
CA GLY A 157 -20.95 4.70 -21.98
C GLY A 157 -19.69 5.56 -22.09
N LYS A 158 -18.77 5.39 -21.13
CA LYS A 158 -17.53 6.15 -21.12
C LYS A 158 -16.34 5.24 -21.44
N LYS A 159 -16.25 4.12 -20.73
CA LYS A 159 -15.15 3.17 -20.94
C LYS A 159 -15.69 1.81 -21.40
N MET B 1 36.62 -1.78 9.25
CA MET B 1 36.16 -1.12 7.99
C MET B 1 35.14 -1.98 7.26
N SER B 2 33.91 -1.48 7.15
CA SER B 2 32.84 -2.21 6.47
C SER B 2 31.73 -1.25 6.01
N ARG B 3 31.20 -0.47 6.94
CA ARG B 3 30.13 0.49 6.65
C ARG B 3 28.87 -0.23 6.14
N MET B 4 28.04 -0.68 7.07
CA MET B 4 26.81 -1.38 6.73
C MET B 4 25.59 -0.52 7.06
N PRO B 5 24.72 -0.25 6.06
CA PRO B 5 23.51 0.57 6.24
C PRO B 5 22.72 0.17 7.48
N SER B 6 22.12 1.16 8.15
CA SER B 6 21.34 0.91 9.35
C SER B 6 19.85 1.06 9.07
N SER B 7 19.25 0.02 8.46
CA SER B 7 17.83 0.03 8.13
C SER B 7 17.25 -1.38 8.17
N PHE B 8 16.64 -1.74 9.31
CA PHE B 8 16.04 -3.05 9.49
C PHE B 8 14.58 -3.04 9.03
N ASP B 9 14.36 -3.48 7.79
CA ASP B 9 13.01 -3.52 7.23
C ASP B 9 12.48 -4.95 7.15
N VAL B 10 11.41 -5.21 7.88
CA VAL B 10 10.79 -6.54 7.90
C VAL B 10 9.35 -6.47 7.37
N THR B 11 9.16 -5.78 6.25
CA THR B 11 7.85 -5.63 5.64
C THR B 11 7.60 -6.72 4.61
N GLU B 12 6.33 -7.13 4.48
CA GLU B 12 5.95 -8.17 3.54
C GLU B 12 5.29 -7.57 2.29
N ARG B 13 4.89 -8.44 1.36
CA ARG B 13 4.24 -8.00 0.12
C ARG B 13 5.16 -7.10 -0.72
N ASP B 14 6.15 -7.73 -1.37
CA ASP B 14 7.09 -7.01 -2.21
C ASP B 14 6.47 -6.62 -3.55
N LEU B 15 5.69 -7.55 -4.13
CA LEU B 15 5.02 -7.32 -5.41
C LEU B 15 4.03 -6.16 -5.31
N ASP B 16 3.49 -5.93 -4.11
CA ASP B 16 2.53 -4.85 -3.88
C ASP B 16 3.09 -3.50 -4.33
N ASP B 17 4.40 -3.30 -4.11
CA ASP B 17 5.06 -2.05 -4.50
C ASP B 17 5.10 -1.90 -6.01
N MET B 18 5.44 -2.99 -6.71
CA MET B 18 5.51 -2.99 -8.17
C MET B 18 4.13 -2.82 -8.79
N THR B 19 3.14 -3.53 -8.25
CA THR B 19 1.76 -3.44 -8.74
C THR B 19 1.20 -2.03 -8.59
N PHE B 20 1.66 -1.32 -7.54
CA PHE B 20 1.22 0.06 -7.29
C PHE B 20 1.55 0.97 -8.47
N GLY B 21 2.71 0.73 -9.10
CA GLY B 21 3.13 1.53 -10.23
C GLY B 21 2.24 1.35 -11.46
N GLU B 22 1.43 0.29 -11.47
CA GLU B 22 0.52 0.03 -12.59
C GLU B 22 -0.81 0.77 -12.42
N ARG B 23 -1.26 0.90 -11.16
CA ARG B 23 -2.52 1.59 -10.87
C ARG B 23 -2.45 3.07 -11.24
N ILE B 24 -1.29 3.70 -10.98
CA ILE B 24 -1.09 5.11 -11.29
C ILE B 24 -1.13 5.37 -12.80
N ILE B 25 -0.83 4.34 -13.60
CA ILE B 25 -0.84 4.47 -15.06
C ILE B 25 -2.20 4.93 -15.57
N TYR B 26 -3.28 4.49 -14.91
CA TYR B 26 -4.64 4.86 -15.30
C TYR B 26 -4.81 6.38 -15.28
N HIS B 27 -4.31 7.01 -14.21
CA HIS B 27 -4.40 8.47 -14.07
C HIS B 27 -3.45 9.18 -15.04
N CYS B 28 -2.27 8.60 -15.25
CA CYS B 28 -1.28 9.17 -16.16
C CYS B 28 -1.77 9.15 -17.61
N LYS B 29 -2.62 8.16 -17.93
CA LYS B 29 -3.17 8.03 -19.29
C LYS B 29 -3.92 9.29 -19.73
N LYS B 30 -4.50 10.00 -18.76
CA LYS B 30 -5.25 11.23 -19.04
C LYS B 30 -4.44 12.19 -19.92
N GLN B 31 -3.17 12.41 -19.57
CA GLN B 31 -2.30 13.31 -20.33
C GLN B 31 -1.08 12.56 -20.86
N PRO B 32 -1.22 11.88 -22.03
CA PRO B 32 -0.14 11.13 -22.64
C PRO B 32 0.78 12.01 -23.50
N LEU B 33 2.05 11.62 -23.60
CA LEU B 33 3.03 12.38 -24.38
C LEU B 33 3.91 11.45 -25.22
N VAL B 34 4.54 12.01 -26.25
CA VAL B 34 5.41 11.25 -27.13
C VAL B 34 6.88 11.36 -26.72
N PRO B 35 7.42 12.59 -26.58
CA PRO B 35 8.82 12.81 -26.19
C PRO B 35 9.10 12.38 -24.76
N ILE B 36 8.41 13.01 -23.80
CA ILE B 36 8.59 12.69 -22.39
C ILE B 36 7.83 11.42 -22.00
N GLY B 37 6.70 11.16 -22.68
CA GLY B 37 5.92 9.98 -22.38
C GLY B 37 6.69 8.68 -22.58
N CYS B 38 7.46 8.62 -23.67
CA CYS B 38 8.26 7.43 -23.97
C CYS B 38 9.30 7.17 -22.87
N LEU B 39 10.01 8.23 -22.48
CA LEU B 39 11.03 8.13 -21.44
C LEU B 39 10.40 7.86 -20.07
N LEU B 40 9.17 8.31 -19.87
CA LEU B 40 8.45 8.12 -18.61
C LEU B 40 7.99 6.66 -18.46
N THR B 41 7.51 6.07 -19.55
CA THR B 41 7.04 4.69 -19.54
C THR B 41 8.21 3.70 -19.55
N THR B 42 9.19 3.95 -20.41
CA THR B 42 10.36 3.08 -20.53
C THR B 42 11.28 3.23 -19.31
N GLY B 43 11.48 4.47 -18.85
CA GLY B 43 12.33 4.73 -17.70
C GLY B 43 11.68 4.37 -16.38
N ALA B 44 10.36 4.16 -16.36
CA ALA B 44 9.65 3.81 -15.13
C ALA B 44 10.05 2.42 -14.65
N VAL B 45 9.91 1.42 -15.51
CA VAL B 45 10.25 0.03 -15.18
C VAL B 45 11.75 -0.21 -15.28
N ILE B 46 12.48 0.70 -15.95
CA ILE B 46 13.93 0.57 -16.11
C ILE B 46 14.64 0.35 -14.77
N LEU B 47 14.16 1.03 -13.72
CA LEU B 47 14.77 0.90 -12.38
C LEU B 47 14.29 -0.36 -11.65
N ALA B 48 13.07 -0.82 -11.98
CA ALA B 48 12.53 -2.03 -11.34
C ALA B 48 13.11 -3.30 -11.97
N ALA B 49 13.28 -3.29 -13.30
CA ALA B 49 13.85 -4.44 -14.01
C ALA B 49 15.35 -4.59 -13.73
N GLN B 50 15.99 -3.49 -13.28
CA GLN B 50 17.41 -3.53 -12.96
C GLN B 50 17.69 -4.50 -11.81
N ASN B 51 16.81 -4.47 -10.80
CA ASN B 51 16.95 -5.35 -9.63
C ASN B 51 16.63 -6.80 -10.02
N VAL B 52 15.67 -6.98 -10.93
CA VAL B 52 15.28 -8.33 -11.39
C VAL B 52 16.39 -8.92 -12.28
N ARG B 53 17.10 -8.05 -13.00
CA ARG B 53 18.20 -8.50 -13.88
C ARG B 53 19.46 -8.84 -13.06
N LEU B 54 19.62 -8.19 -11.90
CA LEU B 54 20.78 -8.44 -11.03
C LEU B 54 20.62 -9.79 -10.34
N GLY B 55 19.39 -10.11 -9.93
CA GLY B 55 19.14 -11.38 -9.28
C GLY B 55 19.31 -12.56 -10.22
N ASN B 56 19.21 -12.31 -11.53
CA ASN B 56 19.39 -13.37 -12.53
C ASN B 56 20.87 -13.70 -12.70
N LYS B 57 21.69 -12.66 -12.80
CA LYS B 57 23.14 -12.83 -12.95
C LYS B 57 23.73 -13.56 -11.75
N TRP B 58 23.26 -13.19 -10.56
CA TRP B 58 23.74 -13.80 -9.32
C TRP B 58 22.74 -14.84 -8.80
N LYS B 59 22.89 -16.07 -9.27
CA LYS B 59 22.03 -17.16 -8.88
C LYS B 59 22.81 -18.47 -8.83
N ALA B 60 22.77 -19.12 -7.68
CA ALA B 60 23.48 -20.38 -7.46
C ALA B 60 22.56 -21.59 -7.62
N GLN B 61 21.24 -21.37 -7.55
CA GLN B 61 20.28 -22.46 -7.69
C GLN B 61 18.99 -21.97 -8.35
N TYR B 62 18.97 -22.02 -9.68
CA TYR B 62 17.80 -21.60 -10.46
C TYR B 62 16.58 -22.45 -10.10
N TYR B 63 15.41 -21.82 -10.06
CA TYR B 63 14.17 -22.53 -9.71
C TYR B 63 13.02 -22.12 -10.63
N PHE B 64 11.80 -22.56 -10.27
CA PHE B 64 10.61 -22.24 -11.05
C PHE B 64 10.31 -20.74 -11.02
N ARG B 65 10.78 -20.05 -9.97
CA ARG B 65 10.57 -18.60 -9.83
C ARG B 65 11.10 -17.83 -11.04
N TRP B 66 12.10 -18.40 -11.72
CA TRP B 66 12.66 -17.77 -12.91
C TRP B 66 11.72 -17.95 -14.11
N ARG B 67 11.17 -19.17 -14.25
CA ARG B 67 10.24 -19.47 -15.33
C ARG B 67 9.05 -18.51 -15.31
N VAL B 68 8.41 -18.41 -14.14
CA VAL B 68 7.26 -17.52 -13.96
C VAL B 68 7.66 -16.05 -14.16
N GLY B 69 8.89 -15.71 -13.77
CA GLY B 69 9.39 -14.35 -13.91
C GLY B 69 9.26 -13.84 -15.34
N LEU B 70 9.50 -14.73 -16.31
CA LEU B 70 9.39 -14.36 -17.73
C LEU B 70 7.94 -14.38 -18.20
N GLN B 71 7.17 -15.38 -17.77
CA GLN B 71 5.75 -15.51 -18.14
C GLN B 71 4.98 -14.23 -17.81
N ALA B 72 5.20 -13.71 -16.60
CA ALA B 72 4.52 -12.48 -16.17
C ALA B 72 5.15 -11.24 -16.83
N ALA B 73 6.45 -11.34 -17.17
CA ALA B 73 7.15 -10.22 -17.82
C ALA B 73 6.59 -9.94 -19.21
N THR B 74 6.14 -10.99 -19.90
CA THR B 74 5.57 -10.85 -21.24
C THR B 74 4.16 -10.22 -21.17
N LEU B 75 3.49 -10.37 -20.02
CA LEU B 75 2.16 -9.81 -19.82
C LEU B 75 2.14 -8.30 -20.08
N VAL B 76 3.24 -7.63 -19.72
CA VAL B 76 3.35 -6.17 -19.92
C VAL B 76 3.43 -5.83 -21.41
N ALA B 77 4.07 -6.70 -22.19
CA ALA B 77 4.19 -6.48 -23.64
C ALA B 77 2.88 -6.81 -24.36
N LEU B 78 2.12 -7.75 -23.82
CA LEU B 78 0.83 -8.15 -24.42
C LEU B 78 -0.26 -7.13 -24.07
N VAL B 79 -0.27 -6.68 -22.80
CA VAL B 79 -1.26 -5.69 -22.36
C VAL B 79 -0.99 -4.31 -23.01
N ALA B 80 0.25 -4.06 -23.40
CA ALA B 80 0.61 -2.79 -24.04
C ALA B 80 0.01 -2.71 -25.44
N GLY B 81 0.10 -3.80 -26.20
CA GLY B 81 -0.47 -3.82 -27.55
C GLY B 81 -1.97 -4.06 -27.54
N SER B 82 -2.51 -4.63 -26.45
CA SER B 82 -3.95 -4.90 -26.34
C SER B 82 -4.72 -3.63 -25.96
N PHE B 83 -4.02 -2.64 -25.38
CA PHE B 83 -4.64 -1.38 -24.97
C PHE B 83 -5.38 -0.73 -26.15
N ILE B 84 -4.74 -0.71 -27.31
CA ILE B 84 -5.34 -0.11 -28.51
C ILE B 84 -6.51 -0.95 -29.01
N TYR B 85 -6.40 -2.28 -28.88
CA TYR B 85 -7.46 -3.20 -29.31
C TYR B 85 -8.80 -2.87 -28.67
N GLY B 86 -8.83 -2.85 -27.33
CA GLY B 86 -10.06 -2.54 -26.62
C GLY B 86 -10.99 -3.74 -26.55
N THR B 87 -10.46 -4.89 -26.14
CA THR B 87 -11.24 -6.13 -26.04
C THR B 87 -12.26 -6.03 -24.91
N SER B 88 -11.80 -5.80 -23.68
CA SER B 88 -12.69 -5.69 -22.53
C SER B 88 -11.98 -5.02 -21.35
N GLY B 89 -12.58 -3.95 -20.84
CA GLY B 89 -12.01 -3.23 -19.70
C GLY B 89 -12.20 -3.98 -18.39
N LYS B 90 -13.29 -4.75 -18.30
CA LYS B 90 -13.59 -5.53 -17.10
C LYS B 90 -12.54 -6.62 -16.86
N GLU B 91 -11.93 -7.10 -17.95
CA GLU B 91 -10.91 -8.14 -17.87
C GLU B 91 -9.82 -7.78 -16.85
N LEU B 92 -9.49 -6.49 -16.76
CA LEU B 92 -8.46 -6.02 -15.83
C LEU B 92 -8.78 -6.45 -14.39
N LYS B 93 -10.01 -6.17 -13.95
CA LYS B 93 -10.46 -6.54 -12.60
C LYS B 93 -10.34 -8.04 -12.37
N ALA B 94 -10.65 -8.83 -13.42
CA ALA B 94 -10.57 -10.30 -13.32
C ALA B 94 -9.13 -10.75 -13.11
N LYS B 95 -8.20 -10.17 -13.89
CA LYS B 95 -6.79 -10.50 -13.79
C LYS B 95 -6.23 -10.05 -12.43
N GLU B 96 -6.69 -8.88 -11.97
CA GLU B 96 -6.26 -8.34 -10.69
C GLU B 96 -6.60 -9.31 -9.54
N GLU B 97 -7.82 -9.86 -9.57
CA GLU B 97 -8.27 -10.79 -8.55
C GLU B 97 -7.44 -12.08 -8.61
N GLN B 98 -7.13 -12.54 -9.81
CA GLN B 98 -6.34 -13.76 -10.01
C GLN B 98 -4.97 -13.61 -9.34
N LEU B 99 -4.35 -12.45 -9.52
CA LEU B 99 -3.04 -12.16 -8.93
C LEU B 99 -3.11 -12.21 -7.41
N LYS B 100 -4.18 -11.64 -6.84
CA LYS B 100 -4.39 -11.62 -5.39
C LYS B 100 -4.45 -13.05 -4.84
N GLU B 101 -5.19 -13.91 -5.54
CA GLU B 101 -5.35 -15.31 -5.12
C GLU B 101 -4.02 -16.06 -5.23
N LYS B 102 -3.26 -15.79 -6.29
CA LYS B 102 -1.97 -16.44 -6.51
C LYS B 102 -1.00 -16.13 -5.36
N ALA B 103 -1.00 -14.87 -4.90
CA ALA B 103 -0.11 -14.45 -3.81
C ALA B 103 -0.53 -15.11 -2.49
N LYS B 104 -1.85 -15.19 -2.25
CA LYS B 104 -2.38 -15.80 -1.04
C LYS B 104 -2.02 -17.29 -0.97
N MET B 105 -2.18 -17.98 -2.10
CA MET B 105 -1.86 -19.40 -2.19
C MET B 105 -0.36 -19.65 -2.01
N ARG B 106 0.45 -18.80 -2.63
CA ARG B 106 1.91 -18.91 -2.53
C ARG B 106 2.40 -18.72 -1.10
N GLU B 107 1.68 -17.91 -0.32
CA GLU B 107 2.05 -17.64 1.07
C GLU B 107 1.82 -18.88 1.94
N LYS B 108 2.88 -19.31 2.64
CA LYS B 108 2.81 -20.48 3.51
C LYS B 108 2.72 -20.05 4.97
N LEU B 109 1.49 -19.87 5.46
CA LEU B 109 1.26 -19.46 6.85
C LEU B 109 0.89 -20.66 7.73
N TRP B 110 0.09 -21.58 7.17
CA TRP B 110 -0.35 -22.77 7.89
C TRP B 110 0.83 -23.64 8.32
N ILE B 111 1.65 -24.05 7.35
CA ILE B 111 2.81 -24.89 7.64
C ILE B 111 4.06 -24.40 6.89
N GLN B 112 5.22 -24.57 7.53
CA GLN B 112 6.49 -24.15 6.94
C GLN B 112 7.62 -25.06 7.45
N GLU B 113 8.19 -25.84 6.53
CA GLU B 113 9.28 -26.76 6.88
C GLU B 113 10.62 -26.23 6.39
N LEU B 114 11.47 -25.81 7.33
CA LEU B 114 12.78 -25.28 7.00
C LEU B 114 13.87 -26.30 7.32
N GLU B 115 14.39 -26.94 6.27
CA GLU B 115 15.44 -27.95 6.42
C GLU B 115 16.78 -27.43 5.92
N ARG B 116 16.75 -26.67 4.82
CA ARG B 116 17.96 -26.11 4.21
C ARG B 116 18.82 -25.37 5.24
N ARG B 117 20.11 -25.69 5.26
CA ARG B 117 21.05 -25.04 6.18
C ARG B 117 21.69 -23.83 5.52
N GLU B 118 22.08 -23.98 4.24
CA GLU B 118 22.69 -22.88 3.49
C GLU B 118 21.75 -21.68 3.43
N GLU B 119 20.46 -21.95 3.23
CA GLU B 119 19.45 -20.89 3.16
C GLU B 119 19.44 -20.06 4.44
N GLU B 120 19.60 -20.73 5.59
CA GLU B 120 19.64 -20.06 6.89
C GLU B 120 20.83 -19.09 6.95
N THR B 121 21.95 -19.52 6.38
CA THR B 121 23.17 -18.69 6.35
C THR B 121 23.01 -17.52 5.38
N GLU B 122 22.09 -17.66 4.42
CA GLU B 122 21.84 -16.61 3.43
C GLU B 122 20.97 -15.50 4.02
N ALA B 123 19.91 -15.88 4.73
CA ALA B 123 19.01 -14.90 5.35
C ALA B 123 19.67 -14.17 6.52
N ARG B 124 20.67 -14.79 7.16
CA ARG B 124 21.36 -14.16 8.28
C ARG B 124 22.40 -13.15 7.79
N ARG B 125 23.10 -13.49 6.70
CA ARG B 125 24.11 -12.59 6.13
C ARG B 125 23.48 -11.29 5.66
N LYS B 126 22.30 -11.39 5.04
CA LYS B 126 21.57 -10.22 4.55
C LYS B 126 21.19 -9.31 5.71
N ARG B 127 20.79 -9.91 6.83
CA ARG B 127 20.40 -9.16 8.03
C ARG B 127 21.52 -8.26 8.50
N ALA B 128 22.76 -8.79 8.51
CA ALA B 128 23.94 -8.02 8.93
C ALA B 128 24.06 -6.73 8.13
N GLU B 129 23.80 -6.82 6.81
CA GLU B 129 23.88 -5.66 5.93
C GLU B 129 22.85 -4.59 6.33
N LEU B 130 21.60 -5.01 6.51
CA LEU B 130 20.52 -4.10 6.90
C LEU B 130 20.39 -2.96 5.87
N ALA B 131 20.21 -3.34 4.61
CA ALA B 131 20.07 -2.37 3.52
C ALA B 131 18.94 -1.37 3.77
N ARG B 132 19.10 -0.16 3.22
CA ARG B 132 18.11 0.90 3.37
C ARG B 132 16.82 0.57 2.64
N MET B 133 15.81 1.42 2.83
CA MET B 133 14.50 1.21 2.17
C MET B 133 14.49 1.87 0.79
N LYS B 134 14.85 1.09 -0.23
CA LYS B 134 14.89 1.59 -1.60
C LYS B 134 13.49 1.87 -2.13
N THR B 135 12.59 0.90 -1.95
CA THR B 135 11.21 1.04 -2.41
C THR B 135 10.48 2.15 -1.66
N LEU B 136 10.59 2.13 -0.33
CA LEU B 136 9.96 3.14 0.53
C LEU B 136 10.39 4.55 0.13
N GLU B 137 11.70 4.73 -0.09
CA GLU B 137 12.25 6.04 -0.47
C GLU B 137 11.82 6.41 -1.88
N ASN B 138 11.86 5.43 -2.79
CA ASN B 138 11.47 5.64 -4.19
C ASN B 138 10.05 6.21 -4.28
N GLU B 139 9.17 5.78 -3.35
CA GLU B 139 7.79 6.25 -3.32
C GLU B 139 7.72 7.78 -3.29
N GLU B 140 8.64 8.39 -2.53
CA GLU B 140 8.69 9.85 -2.42
C GLU B 140 9.20 10.48 -3.72
N GLU B 141 10.20 9.85 -4.34
CA GLU B 141 10.78 10.34 -5.59
C GLU B 141 9.72 10.42 -6.70
N ILE B 142 8.86 9.40 -6.77
CA ILE B 142 7.79 9.36 -7.78
C ILE B 142 6.64 10.31 -7.40
N LYS B 143 6.38 10.44 -6.09
CA LYS B 143 5.31 11.31 -5.60
C LYS B 143 5.51 12.75 -6.11
N ASN B 144 6.76 13.21 -6.10
CA ASN B 144 7.09 14.55 -6.56
C ASN B 144 6.78 14.72 -8.05
N LEU B 145 7.20 13.73 -8.85
CA LEU B 145 6.96 13.75 -10.29
C LEU B 145 5.46 13.69 -10.59
N GLU B 146 4.73 12.89 -9.81
CA GLU B 146 3.29 12.74 -9.96
C GLU B 146 2.58 14.08 -9.72
N LYS B 147 3.04 14.82 -8.71
CA LYS B 147 2.48 16.12 -8.38
C LYS B 147 2.74 17.14 -9.50
N GLU B 148 3.91 17.03 -10.13
CA GLU B 148 4.30 17.93 -11.22
C GLU B 148 3.33 17.82 -12.41
N LEU B 149 2.72 16.63 -12.58
CA LEU B 149 1.78 16.41 -13.67
C LEU B 149 0.67 17.48 -13.63
N SER B 150 0.05 17.65 -12.46
CA SER B 150 -1.01 18.64 -12.29
C SER B 150 -0.41 20.05 -12.25
N ASP B 151 0.83 20.17 -11.75
CA ASP B 151 1.52 21.45 -11.67
C ASP B 151 1.72 22.05 -13.06
N LEU B 152 1.94 21.19 -14.06
CA LEU B 152 2.16 21.63 -15.43
C LEU B 152 0.95 22.42 -15.95
N GLU B 153 -0.25 22.10 -15.45
CA GLU B 153 -1.47 22.79 -15.87
C GLU B 153 -1.30 24.30 -15.73
N ASN B 154 -0.86 24.74 -14.55
CA ASN B 154 -0.64 26.16 -14.28
C ASN B 154 0.66 26.64 -14.94
N LYS B 155 1.66 25.75 -14.99
CA LYS B 155 2.97 26.07 -15.59
C LYS B 155 2.79 26.53 -17.03
N LEU B 156 1.99 25.79 -17.80
CA LEU B 156 1.73 26.12 -19.20
C LEU B 156 1.00 27.45 -19.34
N GLY B 157 0.05 27.69 -18.43
CA GLY B 157 -0.73 28.92 -18.45
C GLY B 157 -2.04 28.77 -19.19
N LYS B 158 -2.67 27.59 -19.08
CA LYS B 158 -3.94 27.33 -19.74
C LYS B 158 -5.07 27.22 -18.71
N LYS B 159 -4.84 26.39 -17.67
CA LYS B 159 -5.83 26.19 -16.62
C LYS B 159 -5.20 26.36 -15.24
N MET A 1 2.07 -15.02 24.99
CA MET A 1 3.46 -14.65 24.62
C MET A 1 4.48 -15.51 25.37
N SER A 2 4.56 -16.79 24.99
CA SER A 2 5.49 -17.72 25.62
C SER A 2 6.35 -18.43 24.57
N ARG A 3 5.69 -19.02 23.57
CA ARG A 3 6.39 -19.73 22.50
C ARG A 3 6.65 -18.82 21.31
N MET A 4 7.92 -18.66 20.95
CA MET A 4 8.31 -17.81 19.83
C MET A 4 9.10 -18.61 18.79
N PRO A 5 8.40 -19.44 17.99
CA PRO A 5 9.03 -20.27 16.97
C PRO A 5 9.38 -19.47 15.70
N SER A 6 10.43 -18.65 15.80
CA SER A 6 10.89 -17.82 14.69
C SER A 6 9.71 -17.14 13.97
N SER A 7 8.80 -16.57 14.76
CA SER A 7 7.62 -15.88 14.22
C SER A 7 7.09 -14.85 15.20
N PHE A 8 7.30 -13.57 14.88
CA PHE A 8 6.83 -12.47 15.73
C PHE A 8 6.88 -11.14 14.97
N ASP A 9 5.93 -10.95 14.05
CA ASP A 9 5.86 -9.73 13.25
C ASP A 9 4.87 -8.74 13.85
N VAL A 10 5.17 -7.45 13.73
CA VAL A 10 4.31 -6.40 14.25
C VAL A 10 3.93 -5.41 13.14
N THR A 11 2.79 -4.74 13.32
CA THR A 11 2.31 -3.76 12.34
C THR A 11 2.98 -2.41 12.54
N GLU A 12 4.10 -2.19 11.86
CA GLU A 12 4.85 -0.93 11.96
C GLU A 12 4.06 0.21 11.31
N ARG A 13 3.62 0.00 10.07
CA ARG A 13 2.85 1.01 9.35
C ARG A 13 1.37 0.64 9.32
N ASP A 14 0.74 0.67 10.50
CA ASP A 14 -0.68 0.35 10.62
C ASP A 14 -1.55 1.44 9.98
N LEU A 15 -1.15 2.70 10.18
CA LEU A 15 -1.89 3.83 9.62
C LEU A 15 -1.90 3.79 8.09
N ASP A 16 -0.80 3.28 7.50
CA ASP A 16 -0.68 3.17 6.05
C ASP A 16 -1.83 2.33 5.48
N ASP A 17 -2.19 1.26 6.18
CA ASP A 17 -3.27 0.38 5.74
C ASP A 17 -4.62 1.10 5.79
N MET A 18 -4.85 1.85 6.88
CA MET A 18 -6.09 2.60 7.05
C MET A 18 -6.25 3.66 5.94
N THR A 19 -5.19 4.45 5.75
CA THR A 19 -5.20 5.50 4.72
C THR A 19 -5.34 4.89 3.32
N PHE A 20 -4.77 3.70 3.12
CA PHE A 20 -4.84 3.01 1.83
C PHE A 20 -6.30 2.78 1.42
N GLY A 21 -7.13 2.40 2.39
CA GLY A 21 -8.54 2.16 2.12
C GLY A 21 -9.28 3.42 1.71
N GLU A 22 -8.86 4.56 2.26
CA GLU A 22 -9.48 5.84 1.94
C GLU A 22 -9.09 6.33 0.53
N ARG A 23 -8.00 5.78 -0.02
CA ARG A 23 -7.54 6.16 -1.36
C ARG A 23 -8.60 5.88 -2.43
N ILE A 24 -9.49 4.92 -2.16
CA ILE A 24 -10.56 4.56 -3.11
C ILE A 24 -11.45 5.75 -3.44
N ILE A 25 -11.52 6.73 -2.54
CA ILE A 25 -12.34 7.92 -2.74
C ILE A 25 -12.03 8.61 -4.08
N TYR A 26 -10.74 8.61 -4.46
CA TYR A 26 -10.31 9.23 -5.72
C TYR A 26 -11.07 8.62 -6.91
N HIS A 27 -11.18 7.29 -6.92
CA HIS A 27 -11.88 6.59 -7.99
C HIS A 27 -13.39 6.88 -7.94
N CYS A 28 -13.94 6.89 -6.72
CA CYS A 28 -15.36 7.16 -6.52
C CYS A 28 -15.73 8.58 -6.96
N LYS A 29 -14.76 9.50 -6.85
CA LYS A 29 -14.97 10.90 -7.24
C LYS A 29 -15.38 11.01 -8.71
N LYS A 30 -14.92 10.07 -9.54
CA LYS A 30 -15.24 10.06 -10.97
C LYS A 30 -16.75 9.99 -11.19
N GLN A 31 -17.41 9.02 -10.55
CA GLN A 31 -18.85 8.85 -10.68
C GLN A 31 -19.52 8.79 -9.30
N PRO A 32 -19.70 9.96 -8.64
CA PRO A 32 -20.31 10.04 -7.32
C PRO A 32 -21.85 10.04 -7.39
N LEU A 33 -22.49 9.75 -6.26
CA LEU A 33 -23.95 9.72 -6.19
C LEU A 33 -24.46 10.35 -4.90
N VAL A 34 -25.76 10.66 -4.87
CA VAL A 34 -26.37 11.27 -3.69
C VAL A 34 -26.92 10.22 -2.72
N PRO A 35 -27.84 9.34 -3.16
CA PRO A 35 -28.42 8.30 -2.30
C PRO A 35 -27.41 7.22 -1.91
N ILE A 36 -26.79 6.59 -2.90
CA ILE A 36 -25.81 5.53 -2.66
C ILE A 36 -24.44 6.10 -2.29
N GLY A 37 -24.09 7.25 -2.89
CA GLY A 37 -22.80 7.88 -2.60
C GLY A 37 -22.67 8.28 -1.14
N CYS A 38 -23.67 9.00 -0.63
CA CYS A 38 -23.66 9.44 0.77
C CYS A 38 -23.70 8.25 1.72
N LEU A 39 -24.54 7.26 1.40
CA LEU A 39 -24.66 6.05 2.21
C LEU A 39 -23.34 5.27 2.24
N LEU A 40 -22.64 5.26 1.10
CA LEU A 40 -21.36 4.57 1.00
C LEU A 40 -20.31 5.21 1.90
N THR A 41 -20.31 6.56 1.95
CA THR A 41 -19.37 7.30 2.77
C THR A 41 -19.56 6.98 4.25
N THR A 42 -20.81 7.02 4.70
CA THR A 42 -21.15 6.73 6.10
C THR A 42 -20.87 5.26 6.44
N GLY A 43 -21.18 4.38 5.48
CA GLY A 43 -20.95 2.95 5.68
C GLY A 43 -19.48 2.58 5.73
N ALA A 44 -18.63 3.41 5.13
CA ALA A 44 -17.19 3.16 5.10
C ALA A 44 -16.50 3.73 6.35
N VAL A 45 -16.85 4.96 6.71
CA VAL A 45 -16.27 5.62 7.88
C VAL A 45 -16.68 4.93 9.18
N ILE A 46 -17.91 4.40 9.22
CA ILE A 46 -18.41 3.71 10.41
C ILE A 46 -17.57 2.47 10.74
N LEU A 47 -17.10 1.79 9.69
CA LEU A 47 -16.27 0.58 9.87
C LEU A 47 -14.92 0.94 10.49
N ALA A 48 -14.29 1.99 9.96
CA ALA A 48 -12.98 2.45 10.48
C ALA A 48 -13.12 2.95 11.92
N ALA A 49 -14.15 3.75 12.17
CA ALA A 49 -14.40 4.28 13.50
C ALA A 49 -14.67 3.17 14.51
N GLN A 50 -15.42 2.15 14.08
CA GLN A 50 -15.74 1.01 14.94
C GLN A 50 -14.48 0.25 15.34
N ASN A 51 -13.53 0.13 14.40
CA ASN A 51 -12.27 -0.57 14.66
C ASN A 51 -11.51 0.11 15.81
N VAL A 52 -11.44 1.44 15.77
CA VAL A 52 -10.76 2.21 16.81
C VAL A 52 -11.51 2.12 18.14
N ARG A 53 -12.84 2.23 18.07
CA ARG A 53 -13.69 2.17 19.26
C ARG A 53 -13.59 0.80 19.93
N LEU A 54 -13.41 -0.25 19.13
CA LEU A 54 -13.30 -1.62 19.64
C LEU A 54 -12.04 -1.77 20.49
N GLY A 55 -10.91 -1.28 19.98
CA GLY A 55 -9.64 -1.36 20.70
C GLY A 55 -9.63 -0.47 21.93
N ASN A 56 -10.16 0.74 21.80
CA ASN A 56 -10.22 1.69 22.90
C ASN A 56 -11.28 1.30 23.94
N LYS A 57 -12.23 0.44 23.53
CA LYS A 57 -13.31 -0.02 24.42
C LYS A 57 -12.78 -0.29 25.83
N TRP A 58 -11.72 -1.09 25.93
CA TRP A 58 -11.12 -1.41 27.23
C TRP A 58 -10.28 -0.24 27.73
N LYS A 59 -10.94 0.70 28.42
CA LYS A 59 -10.27 1.88 28.95
C LYS A 59 -9.86 1.68 30.41
N ALA A 60 -8.60 1.99 30.70
CA ALA A 60 -8.05 1.86 32.05
C ALA A 60 -7.33 3.14 32.46
N GLN A 61 -6.36 3.54 31.63
CA GLN A 61 -5.58 4.76 31.88
C GLN A 61 -5.53 5.63 30.63
N TYR A 62 -5.81 6.92 30.79
CA TYR A 62 -5.80 7.84 29.66
C TYR A 62 -4.38 8.11 29.17
N TYR A 63 -4.20 8.04 27.84
CA TYR A 63 -2.89 8.26 27.23
C TYR A 63 -3.01 9.18 26.01
N PHE A 64 -1.88 9.42 25.34
CA PHE A 64 -1.86 10.28 24.15
C PHE A 64 -2.61 9.65 22.97
N ARG A 65 -2.87 8.34 23.05
CA ARG A 65 -3.58 7.63 21.98
C ARG A 65 -4.88 8.34 21.61
N TRP A 66 -5.68 8.69 22.62
CA TRP A 66 -6.94 9.39 22.41
C TRP A 66 -6.71 10.81 21.88
N ARG A 67 -5.65 11.46 22.38
CA ARG A 67 -5.30 12.81 21.96
C ARG A 67 -5.01 12.87 20.45
N VAL A 68 -4.08 12.03 20.00
CA VAL A 68 -3.72 11.98 18.58
C VAL A 68 -4.91 11.54 17.71
N GLY A 69 -5.74 10.64 18.25
CA GLY A 69 -6.91 10.18 17.52
C GLY A 69 -7.88 11.31 17.21
N LEU A 70 -8.14 12.17 18.19
CA LEU A 70 -9.03 13.30 18.02
C LEU A 70 -8.45 14.31 17.03
N GLN A 71 -7.14 14.55 17.14
CA GLN A 71 -6.45 15.49 16.25
C GLN A 71 -6.56 15.03 14.79
N ALA A 72 -6.36 13.73 14.56
CA ALA A 72 -6.44 13.16 13.21
C ALA A 72 -7.86 13.26 12.66
N ALA A 73 -8.85 13.06 13.54
CA ALA A 73 -10.27 13.13 13.14
C ALA A 73 -10.64 14.52 12.63
N THR A 74 -9.95 15.55 13.15
CA THR A 74 -10.20 16.93 12.74
C THR A 74 -9.84 17.15 11.27
N LEU A 75 -8.71 16.56 10.84
CA LEU A 75 -8.25 16.70 9.46
C LEU A 75 -9.25 16.07 8.47
N VAL A 76 -9.69 14.85 8.77
CA VAL A 76 -10.64 14.15 7.91
C VAL A 76 -12.02 14.83 7.92
N ALA A 77 -12.30 15.61 8.97
CA ALA A 77 -13.58 16.29 9.09
C ALA A 77 -13.56 17.64 8.36
N LEU A 78 -12.47 18.40 8.55
CA LEU A 78 -12.34 19.71 7.90
C LEU A 78 -12.13 19.59 6.39
N VAL A 79 -11.45 18.51 5.97
CA VAL A 79 -11.19 18.28 4.54
C VAL A 79 -12.49 18.17 3.74
N ALA A 80 -13.53 17.60 4.37
CA ALA A 80 -14.83 17.44 3.72
C ALA A 80 -15.43 18.80 3.38
N GLY A 81 -15.39 19.73 4.34
CA GLY A 81 -15.92 21.06 4.13
C GLY A 81 -15.08 21.87 3.15
N SER A 82 -13.76 21.63 3.15
CA SER A 82 -12.84 22.34 2.25
C SER A 82 -13.09 21.96 0.78
N PHE A 83 -13.69 20.79 0.56
CA PHE A 83 -13.98 20.32 -0.80
C PHE A 83 -14.89 21.29 -1.55
N ILE A 84 -15.79 21.96 -0.81
CA ILE A 84 -16.72 22.93 -1.42
C ILE A 84 -15.98 24.02 -2.18
N TYR A 85 -14.79 24.41 -1.69
CA TYR A 85 -13.98 25.44 -2.33
C TYR A 85 -13.45 24.97 -3.68
N GLY A 86 -12.97 23.72 -3.73
CA GLY A 86 -12.44 23.17 -4.96
C GLY A 86 -10.94 23.38 -5.10
N THR A 87 -10.21 23.14 -4.02
CA THR A 87 -8.75 23.30 -4.02
C THR A 87 -8.08 22.19 -3.21
N SER A 88 -8.36 20.94 -3.59
CA SER A 88 -7.80 19.78 -2.91
C SER A 88 -6.44 19.38 -3.50
N GLY A 89 -6.15 19.82 -4.73
CA GLY A 89 -4.89 19.48 -5.37
C GLY A 89 -3.69 19.83 -4.52
N LYS A 90 -3.60 21.09 -4.09
CA LYS A 90 -2.49 21.55 -3.25
C LYS A 90 -2.71 21.21 -1.78
N GLU A 91 -3.97 21.28 -1.34
CA GLU A 91 -4.32 20.97 0.06
C GLU A 91 -3.90 19.55 0.44
N LEU A 92 -4.33 18.57 -0.36
CA LEU A 92 -4.01 17.17 -0.11
C LEU A 92 -2.51 16.91 -0.25
N LYS A 93 -1.88 17.53 -1.25
CA LYS A 93 -0.44 17.37 -1.48
C LYS A 93 0.37 17.77 -0.25
N ALA A 94 0.00 18.90 0.36
CA ALA A 94 0.68 19.39 1.56
C ALA A 94 0.42 18.49 2.76
N LYS A 95 -0.84 18.12 2.97
CA LYS A 95 -1.23 17.26 4.09
C LYS A 95 -0.54 15.89 3.98
N GLU A 96 -0.50 15.34 2.77
CA GLU A 96 0.12 14.04 2.53
C GLU A 96 1.60 14.07 2.93
N GLU A 97 2.33 15.07 2.45
CA GLU A 97 3.75 15.22 2.76
C GLU A 97 3.95 15.42 4.27
N GLN A 98 3.13 16.29 4.86
CA GLN A 98 3.21 16.56 6.30
C GLN A 98 3.12 15.27 7.12
N LEU A 99 2.20 14.39 6.72
CA LEU A 99 2.00 13.12 7.40
C LEU A 99 3.16 12.16 7.14
N LYS A 100 3.69 12.18 5.91
CA LYS A 100 4.81 11.31 5.53
C LYS A 100 6.06 11.66 6.35
N GLU A 101 6.34 12.96 6.48
CA GLU A 101 7.50 13.42 7.24
C GLU A 101 7.33 13.14 8.74
N LYS A 102 6.10 13.33 9.24
CA LYS A 102 5.79 13.09 10.65
C LYS A 102 6.05 11.63 11.02
N ALA A 103 5.54 10.72 10.20
CA ALA A 103 5.71 9.27 10.44
C ALA A 103 7.19 8.88 10.40
N LYS A 104 7.93 9.44 9.44
CA LYS A 104 9.36 9.16 9.31
C LYS A 104 10.13 9.60 10.54
N MET A 105 9.85 10.81 11.01
CA MET A 105 10.52 11.38 12.19
C MET A 105 10.17 10.57 13.44
N ARG A 106 8.89 10.23 13.59
CA ARG A 106 8.41 9.45 14.73
C ARG A 106 9.10 8.09 14.81
N GLU A 107 9.24 7.43 13.66
CA GLU A 107 9.88 6.12 13.59
C GLU A 107 11.37 6.24 13.92
N LYS A 108 11.78 5.62 15.03
CA LYS A 108 13.17 5.65 15.47
C LYS A 108 13.67 4.24 15.79
N LEU A 109 14.99 4.03 15.64
CA LEU A 109 15.60 2.74 15.91
C LEU A 109 16.26 2.71 17.29
N TRP A 110 16.96 3.79 17.63
CA TRP A 110 17.65 3.90 18.93
C TRP A 110 16.66 3.77 20.09
N ILE A 111 15.45 4.30 19.91
CA ILE A 111 14.42 4.25 20.96
C ILE A 111 14.08 2.81 21.34
N GLN A 112 13.77 2.60 22.62
CA GLN A 112 13.42 1.28 23.13
C GLN A 112 12.11 1.33 23.90
N GLU A 113 11.22 0.36 23.62
CA GLU A 113 9.92 0.30 24.29
C GLU A 113 10.04 -0.37 25.66
N LEU A 114 10.10 0.45 26.70
CA LEU A 114 10.20 -0.04 28.07
C LEU A 114 8.83 -0.45 28.60
N GLU A 115 8.64 -1.75 28.81
CA GLU A 115 7.37 -2.28 29.30
C GLU A 115 7.49 -2.79 30.73
N ARG A 116 6.36 -2.76 31.45
CA ARG A 116 6.32 -3.23 32.84
C ARG A 116 5.82 -4.66 32.92
N ARG A 117 5.80 -5.22 34.13
CA ARG A 117 5.34 -6.59 34.35
C ARG A 117 3.87 -6.74 33.93
N GLU A 118 3.04 -5.76 34.29
CA GLU A 118 1.63 -5.77 33.95
C GLU A 118 1.42 -5.62 32.44
N GLU A 119 2.28 -4.82 31.79
CA GLU A 119 2.19 -4.60 30.36
C GLU A 119 2.39 -5.90 29.59
N GLU A 120 3.28 -6.76 30.08
CA GLU A 120 3.55 -8.04 29.44
C GLU A 120 2.35 -8.97 29.57
N THR A 121 1.86 -9.14 30.80
CA THR A 121 0.70 -10.00 31.06
C THR A 121 -0.52 -9.57 30.25
N GLU A 122 -0.63 -8.26 30.00
CA GLU A 122 -1.75 -7.73 29.22
C GLU A 122 -1.55 -7.98 27.73
N ALA A 123 -0.32 -7.78 27.26
CA ALA A 123 0.02 -7.99 25.85
C ALA A 123 -0.17 -9.45 25.45
N ARG A 124 0.37 -10.37 26.26
CA ARG A 124 0.26 -11.80 25.99
C ARG A 124 -1.20 -12.25 26.00
N ARG A 125 -2.01 -11.64 26.86
CA ARG A 125 -3.43 -11.97 26.97
C ARG A 125 -4.17 -11.58 25.68
N LYS A 126 -3.85 -10.40 25.15
CA LYS A 126 -4.48 -9.91 23.92
C LYS A 126 -4.00 -10.71 22.71
N ARG A 127 -2.73 -11.13 22.72
CA ARG A 127 -2.15 -11.91 21.63
C ARG A 127 -2.78 -13.31 21.56
N ALA A 128 -2.90 -13.97 22.71
CA ALA A 128 -3.49 -15.31 22.78
C ALA A 128 -4.99 -15.27 22.49
N GLU A 129 -5.68 -14.28 23.07
CA GLU A 129 -7.13 -14.13 22.88
C GLU A 129 -7.45 -13.75 21.44
N LEU A 130 -6.88 -12.63 20.99
CA LEU A 130 -7.12 -12.14 19.63
C LEU A 130 -5.93 -12.46 18.72
N ALA A 131 -6.17 -13.30 17.72
CA ALA A 131 -5.13 -13.69 16.76
C ALA A 131 -5.69 -13.74 15.34
N ARG A 132 -6.01 -12.57 14.79
CA ARG A 132 -6.55 -12.46 13.44
C ARG A 132 -6.21 -11.11 12.80
N MET A 133 -6.55 -10.97 11.52
CA MET A 133 -6.28 -9.72 10.79
C MET A 133 -7.44 -9.37 9.87
N LYS A 134 -8.52 -8.85 10.46
CA LYS A 134 -9.71 -8.45 9.71
C LYS A 134 -9.49 -7.13 8.98
N THR A 135 -8.76 -6.20 9.62
CA THR A 135 -8.47 -4.90 9.03
C THR A 135 -7.79 -5.05 7.67
N LEU A 136 -6.80 -5.94 7.60
CA LEU A 136 -6.07 -6.18 6.35
C LEU A 136 -6.99 -6.79 5.29
N GLU A 137 -7.88 -7.69 5.71
CA GLU A 137 -8.82 -8.33 4.80
C GLU A 137 -9.83 -7.32 4.25
N ASN A 138 -10.28 -6.40 5.10
CA ASN A 138 -11.23 -5.37 4.71
C ASN A 138 -10.70 -4.51 3.56
N GLU A 139 -9.38 -4.29 3.53
CA GLU A 139 -8.74 -3.50 2.48
C GLU A 139 -9.03 -4.10 1.10
N GLU A 140 -9.21 -5.42 1.06
CA GLU A 140 -9.50 -6.12 -0.20
C GLU A 140 -11.00 -6.11 -0.49
N GLU A 141 -11.81 -6.20 0.58
CA GLU A 141 -13.27 -6.21 0.46
C GLU A 141 -13.78 -4.94 -0.22
N ILE A 142 -13.17 -3.79 0.11
CA ILE A 142 -13.58 -2.51 -0.47
C ILE A 142 -13.37 -2.48 -1.99
N LYS A 143 -12.42 -3.27 -2.48
CA LYS A 143 -12.14 -3.33 -3.93
C LYS A 143 -13.38 -3.77 -4.70
N ASN A 144 -14.18 -4.67 -4.12
CA ASN A 144 -15.39 -5.16 -4.77
C ASN A 144 -16.36 -4.02 -5.06
N LEU A 145 -16.47 -3.08 -4.12
CA LEU A 145 -17.35 -1.92 -4.28
C LEU A 145 -16.93 -1.08 -5.48
N GLU A 146 -15.62 -0.83 -5.60
CA GLU A 146 -15.08 -0.04 -6.71
C GLU A 146 -15.26 -0.80 -8.03
N LYS A 147 -15.15 -2.12 -7.99
CA LYS A 147 -15.31 -2.96 -9.18
C LYS A 147 -16.74 -2.85 -9.72
N GLU A 148 -17.72 -2.88 -8.81
CA GLU A 148 -19.13 -2.78 -9.19
C GLU A 148 -19.44 -1.44 -9.85
N LEU A 149 -18.72 -0.39 -9.44
CA LEU A 149 -18.93 0.95 -9.99
C LEU A 149 -18.83 0.94 -11.51
N SER A 150 -17.85 0.20 -12.04
CA SER A 150 -17.65 0.08 -13.48
C SER A 150 -18.87 -0.58 -14.15
N ASP A 151 -19.37 -1.63 -13.51
CA ASP A 151 -20.54 -2.35 -14.02
C ASP A 151 -21.77 -1.44 -14.07
N LEU A 152 -21.95 -0.63 -13.02
CA LEU A 152 -23.07 0.30 -12.93
C LEU A 152 -23.05 1.30 -14.09
N GLU A 153 -21.84 1.78 -14.42
CA GLU A 153 -21.66 2.74 -15.51
C GLU A 153 -22.15 2.15 -16.84
N ASN A 154 -21.82 0.87 -17.07
CA ASN A 154 -22.23 0.18 -18.29
C ASN A 154 -23.73 -0.09 -18.29
N LYS A 155 -24.27 -0.43 -17.11
CA LYS A 155 -25.70 -0.71 -16.97
C LYS A 155 -26.55 0.52 -17.29
N LEU A 156 -26.01 1.71 -16.99
CA LEU A 156 -26.71 2.97 -17.25
C LEU A 156 -27.11 3.09 -18.72
N GLY A 157 -26.22 2.66 -19.62
CA GLY A 157 -26.50 2.74 -21.04
C GLY A 157 -25.44 3.52 -21.81
N LYS A 158 -24.83 4.50 -21.16
CA LYS A 158 -23.79 5.32 -21.79
C LYS A 158 -22.52 4.51 -22.03
N LYS A 159 -22.05 3.83 -20.98
CA LYS A 159 -20.85 3.00 -21.07
C LYS A 159 -21.16 1.63 -21.65
N MET B 1 31.14 -12.14 11.65
CA MET B 1 29.85 -12.68 12.19
C MET B 1 28.77 -11.61 12.24
N SER B 2 27.86 -11.64 11.25
CA SER B 2 26.78 -10.68 11.18
C SER B 2 25.46 -11.30 11.68
N ARG B 3 24.65 -11.85 10.76
CA ARG B 3 23.37 -12.47 11.10
C ARG B 3 22.56 -11.58 12.04
N MET B 4 21.88 -10.58 11.47
CA MET B 4 21.07 -9.65 12.25
C MET B 4 19.62 -9.64 11.78
N PRO B 5 18.89 -10.76 12.00
CA PRO B 5 17.48 -10.88 11.59
C PRO B 5 16.53 -10.29 12.63
N SER B 6 16.64 -8.97 12.85
CA SER B 6 15.80 -8.27 13.81
C SER B 6 15.26 -6.98 13.21
N SER B 7 14.08 -7.07 12.60
CA SER B 7 13.43 -5.91 11.97
C SER B 7 14.33 -5.28 10.90
N PHE B 8 15.03 -6.13 10.14
CA PHE B 8 15.92 -5.66 9.08
C PHE B 8 15.22 -5.74 7.72
N ASP B 9 14.27 -4.83 7.49
CA ASP B 9 13.52 -4.78 6.24
C ASP B 9 12.82 -6.12 5.98
N VAL B 10 11.97 -6.51 6.93
CA VAL B 10 11.23 -7.77 6.82
C VAL B 10 9.96 -7.63 5.98
N THR B 11 9.45 -6.40 5.86
CA THR B 11 8.24 -6.13 5.08
C THR B 11 8.45 -6.49 3.62
N GLU B 12 7.44 -7.13 3.01
CA GLU B 12 7.52 -7.53 1.61
C GLU B 12 6.95 -6.44 0.70
N ARG B 13 5.62 -6.48 0.48
CA ARG B 13 4.94 -5.49 -0.37
C ARG B 13 5.73 -5.21 -1.66
N ASP B 14 6.23 -6.29 -2.28
CA ASP B 14 7.00 -6.18 -3.51
C ASP B 14 6.09 -6.09 -4.73
N LEU B 15 5.26 -7.13 -4.92
CA LEU B 15 4.32 -7.15 -6.05
C LEU B 15 3.25 -6.08 -5.90
N ASP B 16 2.82 -5.84 -4.65
CA ASP B 16 1.81 -4.83 -4.36
C ASP B 16 2.26 -3.46 -4.87
N ASP B 17 3.48 -3.07 -4.50
CA ASP B 17 4.05 -1.79 -4.92
C ASP B 17 4.28 -1.75 -6.43
N MET B 18 4.70 -2.90 -6.99
CA MET B 18 4.95 -3.00 -8.42
C MET B 18 3.67 -2.74 -9.21
N THR B 19 2.59 -3.44 -8.83
CA THR B 19 1.30 -3.28 -9.50
C THR B 19 0.74 -1.88 -9.29
N PHE B 20 1.04 -1.29 -8.11
CA PHE B 20 0.56 0.06 -7.79
C PHE B 20 1.11 1.08 -8.79
N GLY B 21 2.40 0.92 -9.16
CA GLY B 21 3.01 1.82 -10.11
C GLY B 21 2.37 1.75 -11.49
N GLU B 22 1.66 0.65 -11.78
CA GLU B 22 0.98 0.48 -13.06
C GLU B 22 -0.45 1.03 -13.00
N ARG B 23 -1.07 0.96 -11.82
CA ARG B 23 -2.44 1.45 -11.63
C ARG B 23 -2.51 2.97 -11.80
N ILE B 24 -1.43 3.67 -11.41
CA ILE B 24 -1.38 5.13 -11.53
C ILE B 24 -1.53 5.58 -12.99
N ILE B 25 -1.14 4.72 -13.93
CA ILE B 25 -1.22 5.03 -15.35
C ILE B 25 -2.66 5.43 -15.75
N TYR B 26 -3.64 4.84 -15.07
CA TYR B 26 -5.05 5.14 -15.34
C TYR B 26 -5.33 6.64 -15.22
N HIS B 27 -4.85 7.25 -14.12
CA HIS B 27 -5.04 8.68 -13.90
C HIS B 27 -4.15 9.51 -14.83
N CYS B 28 -2.93 9.01 -15.09
CA CYS B 28 -1.99 9.69 -15.98
C CYS B 28 -2.50 9.71 -17.42
N LYS B 29 -3.33 8.73 -17.78
CA LYS B 29 -3.90 8.64 -19.12
C LYS B 29 -4.73 9.88 -19.48
N LYS B 30 -5.27 10.56 -18.46
CA LYS B 30 -6.09 11.75 -18.67
C LYS B 30 -5.33 12.80 -19.51
N GLN B 31 -4.08 13.06 -19.14
CA GLN B 31 -3.26 14.03 -19.86
C GLN B 31 -1.90 13.44 -20.22
N PRO B 32 -1.83 12.67 -21.33
CA PRO B 32 -0.58 12.05 -21.79
C PRO B 32 0.28 13.00 -22.62
N LEU B 33 1.55 12.62 -22.81
CA LEU B 33 2.48 13.44 -23.59
C LEU B 33 3.33 12.58 -24.54
N VAL B 34 3.90 13.21 -25.55
CA VAL B 34 4.72 12.50 -26.53
C VAL B 34 6.22 12.58 -26.19
N PRO B 35 6.77 13.80 -25.97
CA PRO B 35 8.18 13.98 -25.62
C PRO B 35 8.53 13.43 -24.24
N ILE B 36 7.93 14.00 -23.20
CA ILE B 36 8.18 13.57 -21.83
C ILE B 36 7.37 12.32 -21.48
N GLY B 37 6.18 12.18 -22.09
CA GLY B 37 5.34 11.03 -21.82
C GLY B 37 6.00 9.72 -22.21
N CYS B 38 6.45 9.64 -23.47
CA CYS B 38 7.10 8.43 -23.98
C CYS B 38 8.35 8.09 -23.15
N LEU B 39 9.15 9.10 -22.85
CA LEU B 39 10.36 8.92 -22.05
C LEU B 39 10.03 8.37 -20.66
N LEU B 40 8.97 8.92 -20.06
CA LEU B 40 8.53 8.49 -18.73
C LEU B 40 8.05 7.03 -18.75
N THR B 41 7.40 6.64 -19.85
CA THR B 41 6.89 5.27 -20.00
C THR B 41 8.04 4.29 -20.15
N THR B 42 9.07 4.68 -20.92
CA THR B 42 10.23 3.83 -21.14
C THR B 42 11.09 3.71 -19.87
N GLY B 43 11.21 4.83 -19.14
CA GLY B 43 12.00 4.82 -17.91
C GLY B 43 11.24 4.32 -16.69
N ALA B 44 9.91 4.14 -16.82
CA ALA B 44 9.09 3.66 -15.71
C ALA B 44 9.37 2.19 -15.41
N VAL B 45 9.36 1.37 -16.45
CA VAL B 45 9.62 -0.07 -16.31
C VAL B 45 11.12 -0.38 -16.19
N ILE B 46 11.98 0.59 -16.57
CA ILE B 46 13.43 0.40 -16.51
C ILE B 46 13.89 0.06 -15.08
N LEU B 47 13.25 0.67 -14.08
CA LEU B 47 13.60 0.42 -12.68
C LEU B 47 13.04 -0.92 -12.19
N ALA B 48 11.96 -1.38 -12.83
CA ALA B 48 11.33 -2.67 -12.45
C ALA B 48 12.13 -3.85 -13.02
N ALA B 49 12.61 -3.71 -14.25
CA ALA B 49 13.39 -4.78 -14.90
C ALA B 49 14.75 -4.94 -14.23
N GLN B 50 15.24 -3.87 -13.59
CA GLN B 50 16.54 -3.93 -12.90
C GLN B 50 16.42 -4.72 -11.60
N ASN B 51 15.31 -4.52 -10.88
CA ASN B 51 15.06 -5.23 -9.63
C ASN B 51 14.85 -6.72 -9.88
N VAL B 52 14.26 -7.06 -11.02
CA VAL B 52 14.02 -8.48 -11.39
C VAL B 52 15.34 -9.16 -11.75
N ARG B 53 16.31 -8.36 -12.24
CA ARG B 53 17.63 -8.89 -12.61
C ARG B 53 18.48 -9.17 -11.36
N LEU B 54 18.19 -8.48 -10.25
CA LEU B 54 18.94 -8.69 -9.00
C LEU B 54 18.82 -10.15 -8.55
N GLY B 55 17.60 -10.66 -8.53
CA GLY B 55 17.36 -12.04 -8.15
C GLY B 55 17.67 -13.03 -9.27
N ASN B 56 17.72 -12.53 -10.51
CA ASN B 56 18.01 -13.39 -11.68
C ASN B 56 19.51 -13.69 -11.79
N LYS B 57 20.34 -12.92 -11.10
CA LYS B 57 21.80 -13.10 -11.14
C LYS B 57 22.17 -14.56 -10.94
N TRP B 58 21.79 -15.12 -9.78
CA TRP B 58 22.08 -16.51 -9.45
C TRP B 58 21.75 -16.81 -7.99
N LYS B 59 21.17 -17.98 -7.76
CA LYS B 59 20.81 -18.42 -6.43
C LYS B 59 20.65 -19.95 -6.40
N ALA B 60 19.46 -20.43 -6.78
CA ALA B 60 19.19 -21.86 -6.82
C ALA B 60 19.06 -22.37 -8.26
N GLN B 61 18.64 -21.49 -9.19
CA GLN B 61 18.48 -21.86 -10.61
C GLN B 61 17.64 -23.14 -10.79
N TYR B 62 16.76 -23.43 -9.83
CA TYR B 62 15.91 -24.63 -9.92
C TYR B 62 14.96 -24.57 -11.13
N TYR B 63 13.79 -23.93 -10.99
CA TYR B 63 12.84 -23.83 -12.10
C TYR B 63 11.70 -22.86 -11.77
N PHE B 64 11.12 -23.01 -10.58
CA PHE B 64 10.00 -22.16 -10.14
C PHE B 64 10.33 -20.67 -10.32
N ARG B 65 11.58 -20.29 -10.02
CA ARG B 65 12.02 -18.92 -10.16
C ARG B 65 11.90 -18.46 -11.61
N TRP B 66 12.46 -19.24 -12.53
CA TRP B 66 12.39 -18.91 -13.96
C TRP B 66 10.95 -19.01 -14.48
N ARG B 67 10.17 -19.92 -13.90
CA ARG B 67 8.76 -20.09 -14.30
C ARG B 67 7.98 -18.81 -14.04
N VAL B 68 8.08 -18.28 -12.83
CA VAL B 68 7.38 -17.04 -12.46
C VAL B 68 8.04 -15.83 -13.14
N GLY B 69 9.35 -15.89 -13.33
CA GLY B 69 10.07 -14.81 -13.97
C GLY B 69 9.65 -14.63 -15.42
N LEU B 70 9.41 -15.74 -16.12
CA LEU B 70 8.98 -15.71 -17.53
C LEU B 70 7.49 -15.42 -17.65
N GLN B 71 6.69 -16.05 -16.79
CA GLN B 71 5.23 -15.85 -16.79
C GLN B 71 4.88 -14.37 -16.67
N ALA B 72 5.52 -13.70 -15.71
CA ALA B 72 5.29 -12.26 -15.48
C ALA B 72 5.96 -11.42 -16.57
N ALA B 73 7.06 -11.92 -17.12
CA ALA B 73 7.79 -11.21 -18.19
C ALA B 73 6.89 -10.98 -19.41
N THR B 74 6.09 -12.00 -19.75
CA THR B 74 5.18 -11.89 -20.89
C THR B 74 3.91 -11.09 -20.53
N LEU B 75 3.61 -10.96 -19.23
CA LEU B 75 2.46 -10.19 -18.79
C LEU B 75 2.70 -8.69 -19.01
N VAL B 76 3.91 -8.24 -18.72
CA VAL B 76 4.28 -6.85 -18.90
C VAL B 76 4.46 -6.50 -20.38
N ALA B 77 4.72 -7.53 -21.21
CA ALA B 77 4.89 -7.32 -22.65
C ALA B 77 3.54 -7.26 -23.38
N LEU B 78 2.60 -8.11 -22.98
CA LEU B 78 1.28 -8.13 -23.61
C LEU B 78 0.41 -6.95 -23.16
N VAL B 79 0.78 -6.31 -22.05
CA VAL B 79 0.03 -5.15 -21.55
C VAL B 79 0.25 -3.92 -22.44
N ALA B 80 1.39 -3.89 -23.15
CA ALA B 80 1.70 -2.78 -24.05
C ALA B 80 0.74 -2.77 -25.24
N GLY B 81 0.44 -3.97 -25.77
CA GLY B 81 -0.49 -4.09 -26.89
C GLY B 81 -1.95 -4.02 -26.46
N SER B 82 -2.22 -4.31 -25.17
CA SER B 82 -3.59 -4.25 -24.63
C SER B 82 -4.02 -2.80 -24.40
N PHE B 83 -3.08 -1.96 -24.00
CA PHE B 83 -3.36 -0.54 -23.74
C PHE B 83 -3.95 0.14 -24.98
N ILE B 84 -3.27 0.01 -26.11
CA ILE B 84 -3.74 0.60 -27.37
C ILE B 84 -5.07 0.00 -27.81
N TYR B 85 -5.20 -1.33 -27.67
CA TYR B 85 -6.42 -2.03 -28.05
C TYR B 85 -7.65 -1.42 -27.39
N GLY B 86 -7.60 -1.23 -26.06
CA GLY B 86 -8.73 -0.66 -25.35
C GLY B 86 -9.97 -1.53 -25.41
N THR B 87 -9.78 -2.83 -25.23
CA THR B 87 -10.88 -3.80 -25.27
C THR B 87 -11.06 -4.49 -23.92
N SER B 88 -9.99 -5.15 -23.45
CA SER B 88 -10.01 -5.86 -22.20
C SER B 88 -10.07 -4.90 -21.00
N GLY B 89 -11.27 -4.43 -20.69
CA GLY B 89 -11.44 -3.51 -19.56
C GLY B 89 -11.63 -4.24 -18.23
N LYS B 90 -12.37 -5.36 -18.24
CA LYS B 90 -12.62 -6.13 -17.03
C LYS B 90 -11.37 -6.94 -16.64
N GLU B 91 -10.59 -7.36 -17.65
CA GLU B 91 -9.37 -8.13 -17.41
C GLU B 91 -8.39 -7.39 -16.50
N LEU B 92 -8.39 -6.06 -16.58
CA LEU B 92 -7.49 -5.24 -15.76
C LEU B 92 -7.68 -5.56 -14.28
N LYS B 93 -8.92 -5.50 -13.81
CA LYS B 93 -9.24 -5.80 -12.41
C LYS B 93 -9.19 -7.31 -12.13
N ALA B 94 -9.53 -8.11 -13.14
CA ALA B 94 -9.52 -9.58 -13.00
C ALA B 94 -8.10 -10.09 -12.76
N LYS B 95 -7.15 -9.54 -13.52
CA LYS B 95 -5.74 -9.93 -13.39
C LYS B 95 -5.21 -9.57 -12.01
N GLU B 96 -5.60 -8.40 -11.51
CA GLU B 96 -5.19 -7.94 -10.19
C GLU B 96 -5.73 -8.86 -9.10
N GLU B 97 -6.99 -9.28 -9.25
CA GLU B 97 -7.63 -10.18 -8.29
C GLU B 97 -6.96 -11.56 -8.31
N GLN B 98 -6.61 -12.03 -9.51
CA GLN B 98 -5.94 -13.33 -9.66
C GLN B 98 -4.59 -13.32 -8.96
N LEU B 99 -3.83 -12.23 -9.15
CA LEU B 99 -2.52 -12.10 -8.52
C LEU B 99 -2.64 -12.16 -7.00
N LYS B 100 -3.69 -11.53 -6.47
CA LYS B 100 -3.95 -11.53 -5.03
C LYS B 100 -4.23 -12.95 -4.53
N GLU B 101 -5.01 -13.70 -5.32
CA GLU B 101 -5.37 -15.07 -4.97
C GLU B 101 -4.12 -15.96 -4.94
N LYS B 102 -3.26 -15.81 -5.96
CA LYS B 102 -2.02 -16.57 -6.05
C LYS B 102 -1.07 -16.23 -4.90
N ALA B 103 -1.08 -14.95 -4.50
CA ALA B 103 -0.23 -14.49 -3.39
C ALA B 103 -0.67 -15.14 -2.07
N LYS B 104 -1.98 -15.17 -1.83
CA LYS B 104 -2.53 -15.77 -0.63
C LYS B 104 -2.29 -17.28 -0.59
N MET B 105 -2.41 -17.92 -1.76
CA MET B 105 -2.19 -19.36 -1.88
C MET B 105 -0.76 -19.74 -1.48
N ARG B 106 0.22 -19.03 -2.03
CA ARG B 106 1.62 -19.29 -1.72
C ARG B 106 1.97 -18.83 -0.30
N GLU B 107 1.32 -17.76 0.16
CA GLU B 107 1.56 -17.23 1.50
C GLU B 107 1.14 -18.23 2.57
N LYS B 108 2.10 -18.61 3.43
CA LYS B 108 1.85 -19.56 4.51
C LYS B 108 2.75 -19.27 5.70
N LEU B 109 2.16 -18.77 6.78
CA LEU B 109 2.91 -18.44 8.00
C LEU B 109 2.81 -19.56 9.05
N TRP B 110 2.28 -20.73 8.65
CA TRP B 110 2.13 -21.86 9.57
C TRP B 110 3.50 -22.49 9.87
N ILE B 111 4.28 -22.75 8.82
CA ILE B 111 5.60 -23.35 8.99
C ILE B 111 6.67 -22.26 9.20
N GLN B 112 6.99 -22.01 10.47
CA GLN B 112 7.98 -21.00 10.81
C GLN B 112 9.29 -21.64 11.28
N GLU B 113 9.17 -22.63 12.18
CA GLU B 113 10.34 -23.33 12.71
C GLU B 113 11.19 -23.93 11.60
N LEU B 114 12.40 -23.40 11.44
CA LEU B 114 13.33 -23.88 10.42
C LEU B 114 14.68 -24.20 11.04
N GLU B 115 15.01 -25.48 11.12
CA GLU B 115 16.28 -25.92 11.69
C GLU B 115 17.38 -25.94 10.63
N ARG B 116 18.08 -24.81 10.48
CA ARG B 116 19.15 -24.69 9.50
C ARG B 116 20.32 -23.88 10.05
N ARG B 117 21.45 -24.55 10.25
CA ARG B 117 22.66 -23.88 10.76
C ARG B 117 23.52 -23.38 9.61
N GLU B 118 23.58 -24.16 8.53
CA GLU B 118 24.36 -23.79 7.35
C GLU B 118 23.80 -22.53 6.71
N GLU B 119 22.47 -22.48 6.57
CA GLU B 119 21.79 -21.32 5.99
C GLU B 119 22.03 -20.07 6.84
N GLU B 120 22.05 -20.25 8.17
CA GLU B 120 22.27 -19.15 9.10
C GLU B 120 23.63 -18.50 8.87
N THR B 121 24.66 -19.33 8.66
CA THR B 121 26.02 -18.85 8.41
C THR B 121 26.17 -18.32 6.98
N GLU B 122 25.20 -18.64 6.11
CA GLU B 122 25.24 -18.20 4.72
C GLU B 122 24.53 -16.86 4.54
N ALA B 123 23.27 -16.79 4.96
CA ALA B 123 22.47 -15.56 4.83
C ALA B 123 22.94 -14.45 5.78
N ARG B 124 23.78 -14.79 6.75
CA ARG B 124 24.30 -13.80 7.70
C ARG B 124 25.11 -12.72 6.98
N ARG B 125 25.86 -13.13 5.94
CA ARG B 125 26.66 -12.19 5.16
C ARG B 125 25.77 -11.18 4.45
N LYS B 126 24.63 -11.65 3.94
CA LYS B 126 23.68 -10.79 3.25
C LYS B 126 23.09 -9.74 4.20
N ARG B 127 22.94 -10.11 5.48
CA ARG B 127 22.40 -9.20 6.49
C ARG B 127 23.35 -8.02 6.71
N ALA B 128 24.65 -8.30 6.76
CA ALA B 128 25.66 -7.26 6.98
C ALA B 128 25.77 -6.34 5.76
N GLU B 129 25.69 -6.93 4.56
CA GLU B 129 25.76 -6.17 3.32
C GLU B 129 24.37 -5.79 2.79
N LEU B 130 23.35 -5.88 3.65
CA LEU B 130 21.98 -5.55 3.25
C LEU B 130 21.85 -4.06 2.94
N ALA B 131 21.27 -3.76 1.77
CA ALA B 131 21.09 -2.37 1.35
C ALA B 131 19.91 -1.71 2.06
N ARG B 132 19.79 -0.40 1.90
CA ARG B 132 18.71 0.37 2.52
C ARG B 132 17.38 0.13 1.82
N MET B 133 16.34 0.87 2.22
CA MET B 133 15.01 0.73 1.61
C MET B 133 14.90 1.58 0.35
N LYS B 134 15.51 1.11 -0.74
CA LYS B 134 15.48 1.81 -2.02
C LYS B 134 14.09 1.82 -2.61
N THR B 135 13.40 0.67 -2.56
CA THR B 135 12.05 0.56 -3.09
C THR B 135 11.09 1.52 -2.38
N LEU B 136 11.21 1.61 -1.06
CA LEU B 136 10.37 2.51 -0.26
C LEU B 136 10.65 3.96 -0.61
N GLU B 137 11.94 4.30 -0.78
CA GLU B 137 12.35 5.65 -1.13
C GLU B 137 11.92 6.02 -2.55
N ASN B 138 11.91 5.03 -3.43
CA ASN B 138 11.51 5.24 -4.83
C ASN B 138 10.09 5.82 -4.92
N GLU B 139 9.21 5.40 -4.00
CA GLU B 139 7.84 5.88 -3.98
C GLU B 139 7.80 7.42 -3.88
N GLU B 140 8.66 7.97 -3.02
CA GLU B 140 8.74 9.42 -2.85
C GLU B 140 9.40 10.07 -4.07
N GLU B 141 10.37 9.37 -4.65
CA GLU B 141 11.09 9.85 -5.84
C GLU B 141 10.11 10.18 -6.96
N ILE B 142 9.17 9.26 -7.22
CA ILE B 142 8.17 9.46 -8.27
C ILE B 142 7.09 10.45 -7.82
N LYS B 143 6.79 10.45 -6.51
CA LYS B 143 5.80 11.36 -5.94
C LYS B 143 6.16 12.82 -6.23
N ASN B 144 7.46 13.13 -6.22
CA ASN B 144 7.93 14.49 -6.49
C ASN B 144 7.48 14.95 -7.87
N LEU B 145 7.66 14.08 -8.88
CA LEU B 145 7.25 14.39 -10.24
C LEU B 145 5.75 14.62 -10.31
N GLU B 146 5.00 13.79 -9.59
CA GLU B 146 3.54 13.90 -9.52
C GLU B 146 3.13 15.26 -8.95
N LYS B 147 3.91 15.75 -7.98
CA LYS B 147 3.65 17.04 -7.35
C LYS B 147 3.67 18.17 -8.38
N GLU B 148 4.71 18.17 -9.23
CA GLU B 148 4.86 19.19 -10.27
C GLU B 148 3.79 19.04 -11.35
N LEU B 149 3.21 17.84 -11.50
CA LEU B 149 2.17 17.60 -12.49
C LEU B 149 1.00 18.56 -12.29
N SER B 150 0.59 18.74 -11.03
CA SER B 150 -0.52 19.63 -10.70
C SER B 150 -0.08 21.10 -10.83
N ASP B 151 1.20 21.36 -10.54
CA ASP B 151 1.75 22.71 -10.63
C ASP B 151 2.01 23.15 -12.07
N LEU B 152 2.12 22.17 -12.99
CA LEU B 152 2.38 22.47 -14.40
C LEU B 152 1.39 23.51 -14.94
N GLU B 153 0.11 23.17 -14.92
CA GLU B 153 -0.93 24.07 -15.38
C GLU B 153 -1.20 25.20 -14.39
N ASN B 154 -0.96 24.93 -13.10
CA ASN B 154 -1.17 25.93 -12.05
C ASN B 154 -0.24 27.12 -12.25
N LYS B 155 1.07 26.85 -12.28
CA LYS B 155 2.09 27.87 -12.47
C LYS B 155 2.01 28.48 -13.87
N LEU B 156 1.73 27.63 -14.87
CA LEU B 156 1.61 28.08 -16.26
C LEU B 156 0.50 29.10 -16.41
N GLY B 157 -0.62 28.88 -15.72
CA GLY B 157 -1.75 29.78 -15.79
C GLY B 157 -2.85 29.27 -16.70
N LYS B 158 -3.22 28.00 -16.54
CA LYS B 158 -4.26 27.39 -17.34
C LYS B 158 -5.59 27.37 -16.60
N LYS B 159 -5.56 26.89 -15.35
CA LYS B 159 -6.77 26.82 -14.53
C LYS B 159 -6.90 28.07 -13.66
#